data_6PEE
#
_entry.id   6PEE
#
_cell.length_a   1.00
_cell.length_b   1.00
_cell.length_c   1.00
_cell.angle_alpha   90.00
_cell.angle_beta   90.00
_cell.angle_gamma   90.00
#
_symmetry.space_group_name_H-M   'P 1'
#
loop_
_entity.id
_entity.type
_entity.pdbx_description
1 polymer 'Protein InvG'
2 non-polymer 'LAURYL DIMETHYLAMINE-N-OXIDE'
#
_entity_poly.entity_id   1
_entity_poly.type   'polypeptide(L)'
_entity_poly.pdbx_seq_one_letter_code
;MKTHILLARVLACAALVLVTPGYSSEKIPVTGSGFVAKDDSLRTFFDAMALQLKEPVIVSKMAARKKITGNFEFHDPNAL
LEKLSLQLGLIWYFDGQAIYIYDASEMRNAVVSLRNVSLNEFNNFLKRSGLYNKNYPLRGDNRKGTFYVSGPPVYVDMVV
NAATMMDKQNDGIELGRQKIGVMRLNNTFVGDRTYNLRDQKMVIPGIATAIERLLQGEEQPLGNIVSSEPPAMPAFSANG
EKGKAANYAGGMSLQEALKQNAAAGNIKIVAYPDTNSLLVKGTAEQVHFIEMLVKALDVAKRHVELSLWIVDLNKSDLER
LGTSWSGSITIGDKLGVSLNQSSISTLDGSRFIAAVNALEEKKQATVVSRPVLLTQENVPAIFDNNRTFYTKLIGERNVA
LEHVTYGTMIRVLPRFSADGQIEMSLDIEDGNDKTPQSDTTTSVDALPEVGRTLISTIARVPHGKSLLVGGYTRDANTDT
VQSIPFLGKLPLIGSLFRYSSKNKSNVVRVFMIEPKEIVDPLTPDASESVNNILKQSGAWSGDDKLQKWVRVYLDRGQEA
IK
;
_entity_poly.pdbx_strand_id   A,B,C,D,F,G,H,I,J,K,L,M,N,O,P
#
# COMPACT_ATOMS: atom_id res chain seq x y z
N LEU A 175 -72.67 -4.40 10.20
CA LEU A 175 -71.23 -4.24 10.44
C LEU A 175 -70.87 -4.70 11.85
N GLY A 176 -69.58 -4.91 12.08
CA GLY A 176 -69.10 -5.35 13.37
C GLY A 176 -68.15 -4.35 14.02
N ARG A 177 -68.42 -4.01 15.27
CA ARG A 177 -67.56 -3.09 16.00
C ARG A 177 -66.26 -3.79 16.41
N GLN A 178 -65.18 -3.04 16.42
CA GLN A 178 -63.90 -3.57 16.89
C GLN A 178 -63.91 -3.70 18.40
N LYS A 179 -63.02 -4.55 18.91
CA LYS A 179 -62.97 -4.88 20.32
C LYS A 179 -61.56 -5.35 20.65
N ILE A 180 -61.03 -4.89 21.78
CA ILE A 180 -59.70 -5.26 22.23
C ILE A 180 -59.83 -6.18 23.42
N GLY A 181 -59.23 -7.36 23.35
CA GLY A 181 -59.25 -8.33 24.42
C GLY A 181 -57.86 -8.54 24.98
N VAL A 182 -57.79 -8.74 26.29
CA VAL A 182 -56.54 -8.99 27.01
C VAL A 182 -56.61 -10.38 27.59
N MET A 183 -55.65 -11.24 27.22
CA MET A 183 -55.65 -12.65 27.61
C MET A 183 -54.36 -12.93 28.38
N ARG A 184 -54.46 -13.10 29.69
CA ARG A 184 -53.30 -13.40 30.50
C ARG A 184 -52.95 -14.88 30.41
N LEU A 185 -51.66 -15.17 30.27
CA LEU A 185 -51.16 -16.53 30.18
C LEU A 185 -50.61 -16.96 31.52
N ASN A 186 -51.06 -18.12 32.01
CA ASN A 186 -50.69 -18.57 33.34
C ASN A 186 -49.58 -19.62 33.35
N ASN A 187 -49.37 -20.34 32.24
CA ASN A 187 -48.45 -21.47 32.25
C ASN A 187 -47.40 -21.40 31.16
N THR A 188 -47.16 -20.22 30.57
CA THR A 188 -46.14 -20.08 29.55
C THR A 188 -45.65 -18.64 29.51
N PHE A 189 -44.68 -18.40 28.64
CA PHE A 189 -44.05 -17.08 28.48
C PHE A 189 -44.37 -16.52 27.10
N VAL A 190 -44.72 -15.25 27.04
CA VAL A 190 -44.71 -14.51 25.78
C VAL A 190 -43.28 -14.07 25.50
N GLY A 191 -42.92 -13.99 24.24
CA GLY A 191 -41.60 -13.52 23.85
C GLY A 191 -40.62 -14.67 23.70
N ASP A 192 -39.54 -14.37 23.01
CA ASP A 192 -38.56 -15.37 22.61
C ASP A 192 -37.56 -15.63 23.72
N ARG A 193 -36.98 -16.83 23.70
CA ARG A 193 -35.94 -17.24 24.62
C ARG A 193 -34.64 -17.41 23.84
N THR A 194 -33.53 -16.96 24.44
CA THR A 194 -32.24 -16.96 23.78
C THR A 194 -31.20 -17.65 24.66
N TYR A 195 -30.35 -18.46 24.05
CA TYR A 195 -29.22 -19.07 24.71
C TYR A 195 -28.06 -19.19 23.72
N ASN A 196 -26.92 -19.67 24.18
CA ASN A 196 -25.70 -19.71 23.37
C ASN A 196 -25.03 -21.07 23.46
N LEU A 197 -24.40 -21.49 22.36
CA LEU A 197 -23.49 -22.64 22.37
C LEU A 197 -22.11 -22.12 21.94
N ARG A 198 -21.44 -21.45 22.87
CA ARG A 198 -20.03 -21.06 22.87
C ARG A 198 -19.62 -20.03 21.82
N ASP A 199 -20.38 -19.86 20.74
CA ASP A 199 -20.17 -18.74 19.83
C ASP A 199 -21.46 -18.23 19.21
N GLN A 200 -22.46 -19.09 19.11
CA GLN A 200 -23.63 -18.83 18.28
C GLN A 200 -24.88 -18.71 19.14
N LYS A 201 -25.81 -17.90 18.68
CA LYS A 201 -27.03 -17.60 19.41
C LYS A 201 -28.20 -18.35 18.79
N MET A 202 -29.00 -18.99 19.62
CA MET A 202 -30.21 -19.67 19.20
C MET A 202 -31.43 -18.94 19.76
N VAL A 203 -32.43 -18.71 18.91
CA VAL A 203 -33.64 -18.00 19.28
C VAL A 203 -34.83 -18.90 19.03
N ILE A 204 -35.66 -19.09 20.05
CA ILE A 204 -36.84 -19.93 19.97
C ILE A 204 -38.07 -19.02 19.93
N PRO A 205 -38.94 -19.16 18.94
CA PRO A 205 -40.12 -18.28 18.88
C PRO A 205 -41.16 -18.64 19.93
N GLY A 206 -41.73 -17.60 20.54
CA GLY A 206 -42.70 -17.77 21.60
C GLY A 206 -44.10 -17.95 21.07
N ILE A 207 -45.08 -17.69 21.93
CA ILE A 207 -46.47 -17.85 21.54
C ILE A 207 -46.95 -16.64 20.73
N ALA A 208 -46.30 -15.49 20.86
CA ALA A 208 -46.78 -14.31 20.15
C ALA A 208 -46.22 -14.19 18.75
N THR A 209 -45.21 -14.99 18.42
CA THR A 209 -44.69 -15.05 17.06
C THR A 209 -45.33 -16.18 16.26
N ALA A 210 -45.80 -17.22 16.94
CA ALA A 210 -46.43 -18.33 16.25
C ALA A 210 -47.83 -17.99 15.75
N ILE A 211 -48.62 -17.27 16.56
CA ILE A 211 -49.96 -16.91 16.11
C ILE A 211 -49.91 -15.70 15.17
N GLU A 212 -48.85 -14.89 15.25
CA GLU A 212 -48.74 -13.75 14.34
C GLU A 212 -48.41 -14.22 12.92
N ARG A 213 -47.61 -15.28 12.80
CA ARG A 213 -47.33 -15.84 11.48
C ARG A 213 -48.47 -16.70 10.96
N LEU A 214 -49.38 -17.14 11.83
CA LEU A 214 -50.52 -17.93 11.38
C LEU A 214 -51.57 -17.04 10.72
N LEU A 215 -51.69 -15.80 11.18
CA LEU A 215 -52.69 -14.86 10.69
C LEU A 215 -52.08 -13.84 9.72
N GLN A 216 -50.95 -14.19 9.11
CA GLN A 216 -50.25 -13.28 8.21
C GLN A 216 -50.80 -13.42 6.81
N GLY A 217 -50.98 -12.28 6.12
CA GLY A 217 -51.66 -12.29 4.85
C GLY A 217 -53.12 -12.61 5.06
N GLU A 218 -53.53 -13.80 4.64
CA GLU A 218 -54.76 -14.48 5.08
C GLU A 218 -56.04 -13.67 4.77
N GLU A 219 -56.31 -13.51 3.48
CA GLU A 219 -57.58 -12.93 3.05
C GLU A 219 -58.68 -13.99 3.13
N GLN A 220 -59.10 -14.33 4.35
CA GLN A 220 -60.00 -15.44 4.57
C GLN A 220 -61.16 -15.03 5.49
N PRO A 221 -62.38 -15.48 5.20
CA PRO A 221 -63.54 -15.04 6.00
C PRO A 221 -63.64 -15.71 7.37
N LEU A 222 -62.85 -15.23 8.32
CA LEU A 222 -62.87 -15.79 9.66
C LEU A 222 -64.01 -15.17 10.48
N GLY A 223 -64.78 -16.04 11.13
CA GLY A 223 -65.85 -15.60 12.01
C GLY A 223 -65.91 -16.41 13.30
N ALA A 262 -65.37 -9.89 9.55
CA ALA A 262 -64.54 -9.39 8.46
C ALA A 262 -63.63 -10.49 7.92
N ALA A 263 -62.36 -10.17 7.72
CA ALA A 263 -61.38 -11.11 7.18
C ALA A 263 -60.49 -11.63 8.29
N ALA A 264 -59.62 -12.59 7.94
CA ALA A 264 -58.66 -13.10 8.90
C ALA A 264 -57.37 -12.30 8.87
N GLY A 265 -57.23 -11.39 7.91
CA GLY A 265 -56.03 -10.63 7.72
C GLY A 265 -55.97 -9.29 8.43
N ASN A 266 -57.05 -8.87 9.07
CA ASN A 266 -57.06 -7.61 9.81
C ASN A 266 -57.03 -7.81 11.31
N ILE A 267 -56.67 -9.00 11.79
CA ILE A 267 -56.49 -9.21 13.22
C ILE A 267 -55.07 -8.85 13.60
N LYS A 268 -54.92 -8.03 14.64
CA LYS A 268 -53.62 -7.59 15.13
C LYS A 268 -53.36 -8.26 16.47
N ILE A 269 -52.19 -8.88 16.62
CA ILE A 269 -51.78 -9.53 17.85
C ILE A 269 -50.43 -8.96 18.27
N VAL A 270 -50.39 -8.37 19.46
CA VAL A 270 -49.21 -7.70 19.98
C VAL A 270 -48.93 -8.22 21.38
N ALA A 271 -47.69 -8.65 21.60
CA ALA A 271 -47.25 -9.15 22.90
C ALA A 271 -47.05 -7.99 23.86
N TYR A 272 -47.58 -8.14 25.07
CA TYR A 272 -47.34 -7.17 26.14
C TYR A 272 -46.65 -7.87 27.29
N PRO A 273 -45.31 -7.84 27.36
CA PRO A 273 -44.61 -8.66 28.35
C PRO A 273 -44.66 -8.12 29.76
N ASP A 274 -45.18 -6.91 29.98
CA ASP A 274 -45.10 -6.29 31.29
C ASP A 274 -46.12 -6.91 32.25
N THR A 275 -47.18 -7.53 31.72
CA THR A 275 -48.10 -8.31 32.54
C THR A 275 -48.30 -9.72 31.99
N ASN A 276 -47.47 -10.14 31.03
CA ASN A 276 -47.47 -11.48 30.43
C ASN A 276 -48.82 -11.83 29.83
N SER A 277 -49.20 -11.07 28.81
CA SER A 277 -50.53 -11.22 28.23
C SER A 277 -50.50 -10.76 26.78
N LEU A 278 -51.44 -11.29 26.00
CA LEU A 278 -51.60 -10.97 24.59
C LEU A 278 -52.65 -9.87 24.43
N LEU A 279 -52.49 -9.08 23.37
CA LEU A 279 -53.45 -8.04 23.02
C LEU A 279 -53.97 -8.33 21.62
N VAL A 280 -55.25 -8.68 21.53
CA VAL A 280 -55.90 -9.03 20.27
C VAL A 280 -56.92 -7.96 19.93
N LYS A 281 -56.86 -7.45 18.71
CA LYS A 281 -57.81 -6.44 18.23
C LYS A 281 -58.54 -6.99 17.02
N GLY A 282 -59.86 -7.10 17.14
CA GLY A 282 -60.67 -7.57 16.04
C GLY A 282 -62.13 -7.38 16.35
N THR A 283 -62.98 -8.09 15.63
CA THR A 283 -64.41 -8.05 15.90
C THR A 283 -64.73 -8.85 17.16
N ALA A 284 -66.00 -8.87 17.54
CA ALA A 284 -66.40 -9.61 18.74
C ALA A 284 -66.42 -11.11 18.52
N GLU A 285 -66.35 -11.57 17.27
CA GLU A 285 -66.32 -13.00 16.98
C GLU A 285 -64.90 -13.50 16.75
N GLN A 286 -63.99 -12.63 16.30
CA GLN A 286 -62.60 -13.04 16.13
C GLN A 286 -61.83 -13.02 17.44
N VAL A 287 -62.23 -12.17 18.39
CA VAL A 287 -61.57 -12.13 19.68
C VAL A 287 -61.89 -13.39 20.48
N HIS A 288 -63.15 -13.83 20.42
CA HIS A 288 -63.54 -15.10 21.03
C HIS A 288 -62.92 -16.29 20.31
N PHE A 289 -62.53 -16.13 19.04
CA PHE A 289 -61.94 -17.24 18.29
C PHE A 289 -60.49 -17.48 18.71
N ILE A 290 -59.76 -16.42 19.04
CA ILE A 290 -58.38 -16.58 19.48
C ILE A 290 -58.32 -16.94 20.96
N GLU A 291 -59.34 -16.56 21.74
CA GLU A 291 -59.36 -16.89 23.16
C GLU A 291 -59.56 -18.38 23.40
N MET A 292 -60.24 -19.07 22.47
CA MET A 292 -60.39 -20.51 22.59
C MET A 292 -59.15 -21.26 22.11
N LEU A 293 -58.33 -20.65 21.26
CA LEU A 293 -57.09 -21.28 20.83
C LEU A 293 -56.02 -21.16 21.91
N VAL A 294 -55.99 -20.03 22.61
CA VAL A 294 -54.97 -19.77 23.63
C VAL A 294 -55.13 -20.70 24.82
N LYS A 295 -56.38 -20.99 25.22
CA LYS A 295 -56.62 -21.90 26.33
C LYS A 295 -56.32 -23.36 26.01
N ALA A 296 -56.05 -23.70 24.74
CA ALA A 296 -55.61 -25.03 24.38
C ALA A 296 -54.09 -25.15 24.29
N LEU A 297 -53.40 -24.03 24.11
CA LEU A 297 -51.95 -24.01 24.07
C LEU A 297 -51.33 -23.66 25.43
N ASP A 298 -52.15 -23.49 26.46
CA ASP A 298 -51.67 -23.03 27.76
C ASP A 298 -51.88 -24.15 28.78
N VAL A 299 -50.88 -25.03 28.88
CA VAL A 299 -50.92 -26.15 29.80
C VAL A 299 -49.66 -26.15 30.65
N ALA A 300 -49.76 -26.77 31.82
CA ALA A 300 -48.64 -26.87 32.74
C ALA A 300 -47.70 -27.99 32.32
N LYS A 301 -46.40 -27.76 32.51
CA LYS A 301 -45.37 -28.68 32.06
C LYS A 301 -44.85 -29.53 33.21
N ARG A 302 -44.12 -30.58 32.84
CA ARG A 302 -43.52 -31.50 33.79
C ARG A 302 -42.00 -31.38 33.73
N HIS A 303 -41.35 -31.80 34.81
CA HIS A 303 -39.90 -31.64 34.95
C HIS A 303 -39.18 -32.94 34.65
N VAL A 304 -38.08 -32.83 33.92
CA VAL A 304 -37.21 -33.97 33.61
C VAL A 304 -35.82 -33.65 34.15
N GLU A 305 -35.24 -34.60 34.88
CA GLU A 305 -33.87 -34.49 35.34
C GLU A 305 -33.03 -35.53 34.62
N LEU A 306 -32.01 -35.08 33.90
CA LEU A 306 -31.18 -35.94 33.06
C LEU A 306 -29.84 -36.16 33.73
N SER A 307 -29.46 -37.41 33.91
CA SER A 307 -28.19 -37.79 34.52
C SER A 307 -27.40 -38.61 33.52
N LEU A 308 -26.16 -38.21 33.27
CA LEU A 308 -25.29 -38.84 32.29
C LEU A 308 -24.04 -39.37 32.98
N TRP A 309 -23.73 -40.64 32.76
CA TRP A 309 -22.56 -41.28 33.35
C TRP A 309 -21.47 -41.43 32.31
N ILE A 310 -20.24 -41.08 32.68
CA ILE A 310 -19.07 -41.24 31.84
C ILE A 310 -18.06 -42.05 32.63
N VAL A 311 -17.93 -43.34 32.31
CA VAL A 311 -17.04 -44.26 33.00
C VAL A 311 -15.80 -44.48 32.15
N ASP A 312 -14.63 -44.42 32.76
CA ASP A 312 -13.37 -44.51 32.04
C ASP A 312 -12.42 -45.36 32.85
N LEU A 313 -11.98 -46.48 32.28
CA LEU A 313 -11.06 -47.37 32.97
C LEU A 313 -9.82 -47.58 32.12
N ASN A 314 -8.71 -47.90 32.79
CA ASN A 314 -7.44 -48.16 32.15
C ASN A 314 -6.74 -49.31 32.85
N LYS A 315 -5.71 -49.83 32.20
CA LYS A 315 -4.87 -50.90 32.70
C LYS A 315 -3.64 -50.96 31.81
N SER A 316 -2.51 -51.39 32.37
CA SER A 316 -1.29 -51.40 31.59
C SER A 316 -0.31 -52.42 32.17
N ASP A 317 0.75 -52.66 31.42
CA ASP A 317 1.81 -53.61 31.79
C ASP A 317 3.00 -53.30 30.91
N LEU A 318 4.21 -53.51 31.43
CA LEU A 318 5.43 -53.16 30.71
C LEU A 318 6.61 -53.86 31.36
N GLU A 319 7.54 -54.35 30.54
CA GLU A 319 8.75 -55.00 31.05
C GLU A 319 9.83 -54.92 30.00
N ARG A 320 10.96 -54.30 30.32
CA ARG A 320 12.15 -54.31 29.47
C ARG A 320 13.31 -54.91 30.25
N LEU A 321 14.12 -55.72 29.56
CA LEU A 321 15.28 -56.36 30.20
C LEU A 321 16.27 -56.76 29.13
N GLY A 322 17.42 -56.12 29.10
CA GLY A 322 18.47 -56.48 28.17
C GLY A 322 19.36 -55.30 27.85
N THR A 323 20.39 -55.58 27.07
CA THR A 323 21.39 -54.60 26.67
C THR A 323 21.36 -54.39 25.17
N SER A 324 22.11 -53.38 24.72
CA SER A 324 22.18 -53.03 23.30
C SER A 324 23.48 -52.29 23.05
N TRP A 325 24.37 -52.88 22.26
CA TRP A 325 25.71 -52.37 22.03
C TRP A 325 25.75 -51.50 20.77
N SER A 326 26.32 -50.30 20.90
CA SER A 326 26.43 -49.37 19.78
C SER A 326 27.54 -48.37 20.10
N GLY A 327 28.66 -48.45 19.38
CA GLY A 327 29.76 -47.54 19.64
C GLY A 327 30.82 -47.60 18.57
N SER A 328 31.82 -46.73 18.71
CA SER A 328 32.96 -46.66 17.81
C SER A 328 34.27 -46.82 18.58
N ILE A 329 35.35 -47.00 17.83
CA ILE A 329 36.67 -47.23 18.42
C ILE A 329 37.71 -46.71 17.42
N THR A 330 38.94 -46.53 17.89
CA THR A 330 40.06 -46.16 17.03
C THR A 330 41.26 -47.02 17.40
N ILE A 331 41.80 -47.73 16.42
CA ILE A 331 42.85 -48.73 16.65
C ILE A 331 44.11 -48.25 15.93
N GLY A 332 45.00 -47.58 16.67
CA GLY A 332 46.32 -47.27 16.18
C GLY A 332 46.41 -46.31 15.03
N ASP A 333 45.48 -45.34 14.97
CA ASP A 333 45.40 -44.19 14.02
C ASP A 333 45.60 -44.58 12.54
N LYS A 334 45.27 -45.83 12.19
CA LYS A 334 45.30 -46.30 10.82
C LYS A 334 44.06 -47.09 10.42
N LEU A 335 43.33 -47.66 11.36
CA LEU A 335 42.08 -48.34 11.05
C LEU A 335 41.15 -48.21 12.25
N GLY A 336 39.86 -48.05 11.96
CA GLY A 336 38.86 -47.90 13.00
C GLY A 336 37.70 -48.84 12.74
N VAL A 337 37.05 -49.26 13.83
CA VAL A 337 35.96 -50.21 13.78
C VAL A 337 34.72 -49.55 14.38
N SER A 338 33.63 -49.56 13.63
CA SER A 338 32.33 -49.12 14.13
C SER A 338 31.48 -50.33 14.46
N LEU A 339 30.33 -50.09 15.08
CA LEU A 339 29.40 -51.16 15.44
C LEU A 339 28.00 -50.58 15.55
N ASN A 340 27.12 -51.01 14.63
CA ASN A 340 25.69 -50.68 14.63
C ASN A 340 25.43 -49.18 14.58
N GLN A 341 26.16 -48.48 13.72
CA GLN A 341 26.04 -47.03 13.61
C GLN A 341 25.93 -46.63 12.15
N SER A 342 25.66 -45.35 11.93
CA SER A 342 25.64 -44.76 10.60
C SER A 342 26.71 -43.69 10.45
N SER A 343 26.83 -42.79 11.43
CA SER A 343 27.86 -41.76 11.45
C SER A 343 28.97 -42.16 12.40
N ILE A 344 30.21 -42.08 11.92
CA ILE A 344 31.36 -42.57 12.67
C ILE A 344 32.30 -41.41 12.94
N SER A 345 32.28 -40.40 12.06
CA SER A 345 33.26 -39.32 12.11
C SER A 345 33.02 -38.39 13.30
N THR A 346 31.76 -38.01 13.54
CA THR A 346 31.45 -37.16 14.67
C THR A 346 31.43 -37.91 16.00
N LEU A 347 31.44 -39.25 15.97
CA LEU A 347 31.63 -40.07 17.15
C LEU A 347 32.96 -40.81 17.13
N ASP A 348 33.99 -40.21 16.55
CA ASP A 348 35.29 -40.88 16.43
C ASP A 348 36.06 -40.87 17.74
N GLY A 349 35.95 -39.80 18.52
CA GLY A 349 36.62 -39.72 19.80
C GLY A 349 35.89 -40.38 20.95
N SER A 350 34.76 -41.00 20.70
CA SER A 350 33.97 -41.66 21.74
C SER A 350 34.37 -43.13 21.86
N ARG A 351 33.55 -43.90 22.57
CA ARG A 351 33.86 -45.29 22.88
C ARG A 351 32.64 -46.17 22.65
N PHE A 352 32.72 -47.43 23.07
CA PHE A 352 31.57 -48.32 22.98
C PHE A 352 30.57 -47.99 24.09
N ILE A 353 29.28 -48.11 23.76
CA ILE A 353 28.19 -47.83 24.70
C ILE A 353 27.36 -49.10 24.82
N ALA A 354 27.13 -49.54 26.05
CA ALA A 354 26.30 -50.71 26.34
C ALA A 354 25.09 -50.22 27.13
N ALA A 355 24.05 -49.82 26.40
CA ALA A 355 22.85 -49.28 27.04
C ALA A 355 22.03 -50.41 27.63
N VAL A 356 21.89 -50.41 28.96
CA VAL A 356 21.17 -51.44 29.70
C VAL A 356 19.82 -50.89 30.09
N ASN A 357 18.78 -51.72 30.00
CA ASN A 357 17.44 -51.36 30.41
C ASN A 357 16.90 -52.41 31.37
N ALA A 358 16.26 -51.95 32.44
CA ALA A 358 15.62 -52.85 33.40
C ALA A 358 14.44 -52.11 34.01
N LEU A 359 13.25 -52.65 33.83
CA LEU A 359 12.02 -52.00 34.26
C LEU A 359 10.90 -53.03 34.30
N GLU A 360 9.93 -52.80 35.18
CA GLU A 360 8.77 -53.67 35.28
C GLU A 360 7.65 -52.84 35.91
N GLU A 361 6.64 -52.49 35.11
CA GLU A 361 5.67 -51.48 35.49
C GLU A 361 4.26 -52.03 35.43
N LYS A 362 3.44 -51.70 36.42
CA LYS A 362 2.01 -51.94 36.42
C LYS A 362 1.29 -50.60 36.55
N LYS A 363 0.02 -50.58 36.18
CA LYS A 363 -0.74 -49.34 36.18
C LYS A 363 -2.23 -49.66 36.20
N GLN A 364 -3.01 -48.72 36.72
CA GLN A 364 -4.47 -48.81 36.77
C GLN A 364 -5.03 -47.43 37.05
N ALA A 365 -6.16 -47.11 36.42
CA ALA A 365 -6.76 -45.79 36.59
C ALA A 365 -8.24 -45.88 36.28
N THR A 366 -9.07 -45.39 37.21
CA THR A 366 -10.51 -45.32 37.02
C THR A 366 -10.96 -43.88 37.20
N VAL A 367 -11.89 -43.44 36.35
CA VAL A 367 -12.49 -42.11 36.43
C VAL A 367 -13.98 -42.24 36.15
N VAL A 368 -14.80 -41.75 37.06
CA VAL A 368 -16.26 -41.75 36.90
C VAL A 368 -16.75 -40.32 37.08
N SER A 369 -17.24 -39.72 36.01
CA SER A 369 -17.76 -38.36 36.03
C SER A 369 -19.24 -38.36 35.69
N ARG A 370 -19.98 -37.38 36.20
CA ARG A 370 -21.43 -37.37 36.09
C ARG A 370 -21.98 -35.96 36.14
N PRO A 371 -22.47 -35.42 35.02
CA PRO A 371 -23.23 -34.17 35.05
C PRO A 371 -24.73 -34.39 35.18
N VAL A 372 -25.38 -33.50 35.92
CA VAL A 372 -26.81 -33.56 36.19
C VAL A 372 -27.44 -32.25 35.75
N LEU A 373 -28.59 -32.31 35.08
CA LEU A 373 -29.27 -31.13 34.55
C LEU A 373 -30.77 -31.31 34.68
N LEU A 374 -31.48 -30.22 34.99
CA LEU A 374 -32.93 -30.24 35.18
C LEU A 374 -33.60 -29.27 34.24
N THR A 375 -34.65 -29.72 33.56
CA THR A 375 -35.39 -28.88 32.63
C THR A 375 -36.83 -29.37 32.56
N GLN A 376 -37.61 -28.77 31.66
CA GLN A 376 -39.02 -29.07 31.47
C GLN A 376 -39.22 -29.79 30.14
N GLU A 377 -40.48 -30.12 29.85
CA GLU A 377 -40.81 -30.71 28.55
C GLU A 377 -40.61 -29.69 27.45
N ASN A 378 -40.07 -30.17 26.31
CA ASN A 378 -39.96 -29.42 25.06
C ASN A 378 -39.15 -28.13 25.20
N VAL A 379 -38.22 -28.09 26.14
CA VAL A 379 -37.41 -26.91 26.41
C VAL A 379 -35.94 -27.32 26.27
N PRO A 380 -35.18 -26.67 25.39
CA PRO A 380 -33.75 -27.01 25.28
C PRO A 380 -32.96 -26.44 26.44
N ALA A 381 -32.08 -27.27 27.01
CA ALA A 381 -31.26 -26.89 28.14
C ALA A 381 -29.80 -27.17 27.82
N ILE A 382 -28.91 -26.49 28.52
CA ILE A 382 -27.46 -26.60 28.31
C ILE A 382 -26.76 -26.68 29.65
N PHE A 383 -25.92 -27.70 29.81
CA PHE A 383 -24.91 -27.74 30.85
C PHE A 383 -23.54 -27.65 30.18
N ASP A 384 -22.64 -26.85 30.73
CA ASP A 384 -21.36 -26.60 30.11
C ASP A 384 -20.32 -26.42 31.20
N ASN A 385 -19.18 -27.10 31.05
CA ASN A 385 -18.07 -26.99 32.00
C ASN A 385 -16.79 -26.99 31.17
N ASN A 386 -16.32 -25.81 30.79
CA ASN A 386 -15.27 -25.70 29.79
C ASN A 386 -14.05 -25.00 30.37
N ARG A 387 -13.07 -24.78 29.49
CA ARG A 387 -11.80 -24.14 29.81
C ARG A 387 -11.31 -23.40 28.57
N THR A 388 -10.90 -22.15 28.74
CA THR A 388 -10.54 -21.29 27.62
C THR A 388 -9.05 -21.01 27.69
N PHE A 389 -8.40 -21.02 26.52
CA PHE A 389 -6.97 -20.81 26.39
C PHE A 389 -6.73 -19.64 25.46
N TYR A 390 -6.20 -18.55 25.99
CA TYR A 390 -6.02 -17.32 25.23
C TYR A 390 -4.59 -17.21 24.72
N THR A 391 -4.44 -16.80 23.47
CA THR A 391 -3.14 -16.65 22.84
C THR A 391 -3.00 -15.26 22.25
N LYS A 392 -1.76 -14.83 22.05
CA LYS A 392 -1.44 -13.48 21.60
C LYS A 392 -0.87 -13.57 20.19
N LEU A 393 -1.73 -13.38 19.19
CA LEU A 393 -1.31 -13.33 17.79
C LEU A 393 -0.87 -11.91 17.51
N ILE A 394 0.45 -11.69 17.48
CA ILE A 394 0.99 -10.34 17.37
C ILE A 394 1.01 -9.96 15.89
N GLY A 395 -0.13 -9.45 15.42
CA GLY A 395 -0.25 -8.88 14.10
C GLY A 395 -0.17 -7.37 14.17
N GLU A 396 -0.60 -6.74 13.08
CA GLU A 396 -0.61 -5.28 13.06
C GLU A 396 -1.99 -4.68 12.81
N ARG A 397 -2.86 -5.34 12.05
CA ARG A 397 -4.12 -4.73 11.62
C ARG A 397 -5.31 -5.27 12.37
N ASN A 398 -5.55 -6.56 12.18
CA ASN A 398 -6.71 -7.23 12.76
C ASN A 398 -6.18 -8.01 13.95
N VAL A 399 -5.58 -7.30 14.88
CA VAL A 399 -5.05 -7.87 16.11
C VAL A 399 -6.22 -8.41 16.91
N ALA A 400 -6.05 -9.63 17.43
CA ALA A 400 -7.17 -10.31 18.06
C ALA A 400 -6.65 -11.24 19.13
N LEU A 401 -7.49 -11.49 20.11
CA LEU A 401 -7.26 -12.53 21.10
C LEU A 401 -8.00 -13.76 20.60
N GLU A 402 -7.26 -14.72 20.07
CA GLU A 402 -7.86 -15.95 19.61
C GLU A 402 -7.85 -16.96 20.75
N HIS A 403 -8.86 -17.83 20.77
CA HIS A 403 -9.05 -18.71 21.90
C HIS A 403 -9.58 -20.06 21.43
N VAL A 404 -9.25 -21.09 22.19
CA VAL A 404 -9.80 -22.43 22.02
C VAL A 404 -10.58 -22.76 23.28
N THR A 405 -11.47 -23.75 23.18
CA THR A 405 -12.36 -24.09 24.27
C THR A 405 -12.58 -25.59 24.26
N TYR A 406 -12.51 -26.22 25.44
CA TYR A 406 -12.73 -27.65 25.55
C TYR A 406 -13.31 -27.97 26.92
N GLY A 407 -14.20 -28.94 26.97
CA GLY A 407 -14.78 -29.36 28.23
C GLY A 407 -16.05 -30.16 28.01
N THR A 408 -16.68 -30.52 29.11
CA THR A 408 -17.90 -31.31 29.10
C THR A 408 -19.08 -30.42 28.72
N MET A 409 -20.00 -30.95 27.93
CA MET A 409 -21.11 -30.15 27.41
C MET A 409 -22.25 -31.07 27.01
N ILE A 410 -23.46 -30.79 27.51
CA ILE A 410 -24.66 -31.53 27.14
C ILE A 410 -25.68 -30.52 26.65
N ARG A 411 -26.38 -30.85 25.56
CA ARG A 411 -27.55 -30.11 25.11
C ARG A 411 -28.65 -31.09 24.81
N VAL A 412 -29.74 -31.01 25.54
CA VAL A 412 -30.78 -32.03 25.51
C VAL A 412 -32.13 -31.35 25.25
N LEU A 413 -33.07 -32.11 24.69
CA LEU A 413 -34.41 -31.62 24.39
C LEU A 413 -35.38 -32.75 24.74
N PRO A 414 -35.85 -32.82 25.98
CA PRO A 414 -36.67 -33.94 26.40
C PRO A 414 -38.11 -33.79 25.96
N ARG A 415 -38.81 -34.93 25.93
CA ARG A 415 -40.19 -34.98 25.44
C ARG A 415 -40.81 -36.29 25.90
N PHE A 416 -42.01 -36.22 26.45
CA PHE A 416 -42.71 -37.41 26.89
C PHE A 416 -43.50 -38.03 25.74
N SER A 417 -43.42 -39.34 25.62
CA SER A 417 -44.18 -40.06 24.61
C SER A 417 -45.58 -40.38 25.14
N ALA A 418 -46.33 -41.19 24.41
CA ALA A 418 -47.69 -41.52 24.81
C ALA A 418 -47.74 -42.59 25.89
N ASP A 419 -46.70 -43.41 26.00
CA ASP A 419 -46.67 -44.51 26.96
C ASP A 419 -46.03 -44.13 28.28
N GLY A 420 -45.40 -42.96 28.36
CA GLY A 420 -44.67 -42.57 29.54
C GLY A 420 -43.17 -42.67 29.42
N GLN A 421 -42.65 -42.93 28.24
CA GLN A 421 -41.21 -42.96 28.01
C GLN A 421 -40.72 -41.57 27.60
N ILE A 422 -39.42 -41.35 27.80
CA ILE A 422 -38.82 -40.04 27.59
C ILE A 422 -37.86 -40.13 26.42
N GLU A 423 -38.19 -39.44 25.32
CA GLU A 423 -37.30 -39.36 24.18
C GLU A 423 -36.46 -38.10 24.25
N MET A 424 -35.18 -38.22 23.91
CA MET A 424 -34.23 -37.13 24.05
C MET A 424 -33.43 -36.95 22.77
N SER A 425 -33.06 -35.71 22.49
CA SER A 425 -32.23 -35.37 21.34
C SER A 425 -30.90 -34.85 21.88
N LEU A 426 -29.87 -35.69 21.84
CA LEU A 426 -28.65 -35.47 22.59
C LEU A 426 -27.56 -34.86 21.72
N ASP A 427 -26.68 -34.10 22.37
CA ASP A 427 -25.46 -33.54 21.78
C ASP A 427 -24.41 -33.50 22.87
N ILE A 428 -23.59 -34.55 22.94
CA ILE A 428 -22.65 -34.73 24.04
C ILE A 428 -21.24 -34.46 23.55
N GLU A 429 -20.48 -33.71 24.33
CA GLU A 429 -19.06 -33.48 24.09
C GLU A 429 -18.30 -33.66 25.39
N ASP A 430 -17.23 -34.45 25.36
CA ASP A 430 -16.37 -34.64 26.53
C ASP A 430 -14.92 -34.55 26.06
N GLY A 431 -14.26 -33.45 26.39
CA GLY A 431 -12.89 -33.23 25.97
C GLY A 431 -11.98 -32.94 27.15
N ASN A 432 -10.69 -33.13 26.94
CA ASN A 432 -9.68 -32.81 27.92
C ASN A 432 -8.40 -32.43 27.19
N ASP A 433 -7.35 -32.14 27.95
CA ASP A 433 -6.11 -31.61 27.41
C ASP A 433 -5.04 -32.71 27.44
N LYS A 434 -4.60 -33.12 26.25
CA LYS A 434 -3.50 -34.07 26.14
C LYS A 434 -2.18 -33.31 26.21
N THR A 435 -1.23 -33.87 26.96
CA THR A 435 0.03 -33.19 27.21
C THR A 435 1.18 -33.90 26.51
N PRO A 436 1.95 -33.21 25.68
CA PRO A 436 3.19 -33.78 25.16
C PRO A 436 4.32 -33.73 26.19
N GLN A 437 5.54 -34.06 25.76
CA GLN A 437 6.69 -34.10 26.65
C GLN A 437 7.01 -32.70 27.15
N SER A 438 7.20 -32.57 28.47
CA SER A 438 7.40 -31.27 29.10
C SER A 438 8.82 -30.73 28.91
N ASP A 439 9.80 -31.58 28.60
CA ASP A 439 11.19 -31.15 28.52
C ASP A 439 11.50 -30.36 27.26
N THR A 440 10.74 -30.54 26.18
CA THR A 440 10.99 -29.85 24.93
C THR A 440 10.28 -28.49 24.92
N THR A 441 10.74 -27.63 24.00
CA THR A 441 10.40 -26.21 23.93
C THR A 441 8.91 -25.99 23.63
N THR A 442 8.22 -26.93 22.98
CA THR A 442 6.83 -26.73 22.58
C THR A 442 5.82 -26.77 23.73
N SER A 443 6.27 -26.86 24.98
CA SER A 443 5.40 -26.76 26.14
C SER A 443 5.18 -25.32 26.60
N VAL A 444 5.91 -24.35 26.06
CA VAL A 444 5.75 -22.96 26.49
C VAL A 444 4.99 -22.11 25.47
N ASP A 445 4.79 -22.61 24.25
CA ASP A 445 4.01 -21.88 23.26
C ASP A 445 2.55 -22.35 23.30
N ALA A 446 1.76 -21.84 22.36
CA ALA A 446 0.31 -22.08 22.33
C ALA A 446 0.03 -23.40 21.60
N LEU A 447 0.43 -24.50 22.24
CA LEU A 447 0.12 -25.84 21.75
C LEU A 447 -0.50 -26.67 22.88
N PRO A 448 -1.77 -26.43 23.20
CA PRO A 448 -2.52 -27.42 23.99
C PRO A 448 -3.18 -28.45 23.09
N GLU A 449 -2.53 -29.58 22.80
CA GLU A 449 -3.17 -30.64 22.02
C GLU A 449 -4.46 -31.12 22.68
N VAL A 450 -5.60 -30.78 22.08
CA VAL A 450 -6.92 -31.08 22.62
C VAL A 450 -7.44 -32.36 22.00
N GLY A 451 -7.92 -33.28 22.82
CA GLY A 451 -8.64 -34.46 22.36
C GLY A 451 -10.07 -34.41 22.85
N ARG A 452 -11.00 -34.56 21.92
CA ARG A 452 -12.42 -34.46 22.20
C ARG A 452 -13.13 -35.78 21.90
N THR A 453 -14.41 -35.83 22.24
CA THR A 453 -15.25 -36.99 21.99
C THR A 453 -16.68 -36.51 21.78
N LEU A 454 -17.19 -36.65 20.57
CA LEU A 454 -18.48 -36.08 20.19
C LEU A 454 -19.46 -37.20 19.88
N ILE A 455 -20.70 -37.04 20.33
CA ILE A 455 -21.77 -38.02 20.11
C ILE A 455 -23.05 -37.23 19.85
N SER A 456 -23.75 -37.56 18.76
CA SER A 456 -25.00 -36.91 18.41
C SER A 456 -25.97 -37.97 17.93
N THR A 457 -27.06 -38.18 18.67
CA THR A 457 -27.99 -39.26 18.36
C THR A 457 -29.35 -38.93 18.98
N ILE A 458 -30.29 -39.88 18.91
CA ILE A 458 -31.61 -39.76 19.51
C ILE A 458 -31.95 -41.10 20.17
N ALA A 459 -32.31 -41.07 21.45
CA ALA A 459 -32.65 -42.29 22.17
C ALA A 459 -33.95 -42.09 22.93
N ARG A 460 -34.57 -43.21 23.33
CA ARG A 460 -35.85 -43.19 24.03
C ARG A 460 -35.83 -44.20 25.16
N VAL A 461 -35.85 -43.71 26.39
CA VAL A 461 -35.68 -44.52 27.59
C VAL A 461 -36.98 -44.49 28.38
N PRO A 462 -37.39 -45.57 29.04
CA PRO A 462 -38.50 -45.48 30.00
C PRO A 462 -38.09 -44.69 31.24
N HIS A 463 -39.08 -44.42 32.09
CA HIS A 463 -38.85 -43.60 33.28
C HIS A 463 -38.13 -44.42 34.34
N GLY A 464 -36.89 -44.04 34.63
CA GLY A 464 -36.11 -44.70 35.65
C GLY A 464 -35.13 -45.73 35.14
N LYS A 465 -35.24 -46.17 33.91
CA LYS A 465 -34.33 -47.14 33.32
C LYS A 465 -33.18 -46.40 32.66
N SER A 466 -32.33 -47.14 31.94
CA SER A 466 -31.12 -46.55 31.37
C SER A 466 -30.80 -47.18 30.02
N LEU A 467 -29.95 -46.49 29.27
CA LEU A 467 -29.52 -46.95 27.95
C LEU A 467 -28.06 -46.61 27.75
N LEU A 468 -27.38 -47.43 26.97
CA LEU A 468 -25.99 -47.20 26.59
C LEU A 468 -25.96 -46.48 25.25
N VAL A 469 -25.42 -45.27 25.22
CA VAL A 469 -25.45 -44.44 24.03
C VAL A 469 -24.18 -44.60 23.20
N GLY A 470 -23.01 -44.46 23.83
CA GLY A 470 -21.77 -44.59 23.10
C GLY A 470 -20.88 -45.67 23.69
N GLY A 471 -19.62 -45.68 23.31
CA GLY A 471 -18.70 -46.68 23.83
C GLY A 471 -17.45 -46.74 22.99
N TYR A 472 -16.40 -47.31 23.60
CA TYR A 472 -15.10 -47.49 22.98
C TYR A 472 -14.25 -48.44 23.79
N THR A 473 -13.69 -49.47 23.15
CA THR A 473 -12.72 -50.36 23.78
C THR A 473 -11.47 -50.43 22.90
N ARG A 474 -10.36 -50.81 23.51
CA ARG A 474 -9.10 -50.99 22.78
C ARG A 474 -8.20 -51.93 23.56
N ASP A 475 -7.66 -52.94 22.87
CA ASP A 475 -6.74 -53.90 23.44
C ASP A 475 -5.48 -53.97 22.58
N ALA A 476 -4.33 -54.17 23.22
CA ALA A 476 -3.07 -54.20 22.50
C ALA A 476 -2.07 -55.08 23.23
N ASN A 477 -1.15 -55.65 22.46
CA ASN A 477 -0.08 -56.50 23.00
C ASN A 477 1.05 -56.56 22.00
N THR A 478 2.18 -55.95 22.32
CA THR A 478 3.37 -56.01 21.49
C THR A 478 4.51 -56.65 22.27
N ASP A 479 5.48 -57.21 21.53
CA ASP A 479 6.68 -57.77 22.13
C ASP A 479 7.79 -57.89 21.08
N THR A 480 8.98 -57.38 21.41
CA THR A 480 10.14 -57.45 20.53
C THR A 480 11.22 -58.30 21.18
N VAL A 481 12.09 -58.88 20.36
CA VAL A 481 13.24 -59.66 20.81
C VAL A 481 14.41 -59.31 19.90
N GLN A 482 15.49 -58.78 20.48
CA GLN A 482 16.73 -58.53 19.74
C GLN A 482 17.86 -59.33 20.37
N SER A 483 18.89 -59.59 19.57
CA SER A 483 20.06 -60.32 20.05
C SER A 483 21.23 -60.07 19.11
N ILE A 484 22.41 -60.50 19.56
CA ILE A 484 23.59 -60.64 18.73
C ILE A 484 23.49 -62.06 18.17
N PRO A 485 23.84 -62.31 16.89
CA PRO A 485 23.53 -63.61 16.27
C PRO A 485 24.21 -64.82 16.90
N PHE A 486 25.49 -64.74 17.27
CA PHE A 486 26.16 -65.89 17.86
C PHE A 486 26.37 -65.76 19.36
N LEU A 487 26.67 -64.56 19.85
CA LEU A 487 26.93 -64.39 21.28
C LEU A 487 25.68 -64.44 22.13
N GLY A 488 24.50 -64.31 21.51
CA GLY A 488 23.26 -64.34 22.26
C GLY A 488 22.78 -65.72 22.67
N LYS A 489 23.48 -66.77 22.28
CA LYS A 489 23.09 -68.14 22.61
C LYS A 489 24.08 -68.81 23.56
N LEU A 490 24.98 -68.05 24.17
CA LEU A 490 25.89 -68.60 25.16
C LEU A 490 25.12 -68.94 26.44
N PRO A 491 25.56 -69.97 27.19
CA PRO A 491 24.80 -70.41 28.37
C PRO A 491 24.71 -69.40 29.51
N LEU A 492 25.85 -68.90 29.99
CA LEU A 492 25.86 -68.00 31.14
C LEU A 492 26.38 -66.61 30.78
N ILE A 493 26.98 -66.43 29.60
CA ILE A 493 27.41 -65.11 29.17
C ILE A 493 26.41 -64.46 28.21
N GLY A 494 25.55 -65.24 27.56
CA GLY A 494 24.67 -64.72 26.52
C GLY A 494 23.53 -63.83 27.00
N SER A 495 23.38 -63.66 28.31
CA SER A 495 22.35 -62.74 28.80
C SER A 495 22.75 -61.29 28.64
N LEU A 496 24.04 -61.01 28.43
CA LEU A 496 24.51 -59.65 28.26
C LEU A 496 24.33 -59.11 26.84
N PHE A 497 23.75 -59.90 25.94
CA PHE A 497 23.60 -59.48 24.55
C PHE A 497 22.17 -59.51 24.04
N ARG A 498 21.26 -60.21 24.71
CA ARG A 498 19.88 -60.25 24.27
C ARG A 498 19.12 -59.00 24.76
N TYR A 499 17.88 -58.88 24.29
CA TYR A 499 17.00 -57.78 24.67
C TYR A 499 15.58 -58.23 24.40
N SER A 500 14.65 -57.82 25.25
CA SER A 500 13.26 -58.23 25.11
C SER A 500 12.36 -57.25 25.82
N SER A 501 11.29 -56.84 25.13
CA SER A 501 10.33 -55.91 25.70
C SER A 501 8.92 -56.48 25.55
N LYS A 502 7.99 -55.91 26.31
CA LYS A 502 6.58 -56.28 26.26
C LYS A 502 5.74 -55.03 26.48
N ASN A 503 4.45 -55.15 26.19
CA ASN A 503 3.50 -54.06 26.39
C ASN A 503 2.10 -54.65 26.36
N LYS A 504 1.16 -54.00 27.07
CA LYS A 504 -0.22 -54.43 27.12
C LYS A 504 -1.07 -53.29 27.65
N SER A 505 -2.26 -53.11 27.08
CA SER A 505 -3.17 -52.06 27.54
C SER A 505 -4.60 -52.48 27.29
N ASN A 506 -5.51 -51.98 28.12
CA ASN A 506 -6.94 -52.26 27.99
C ASN A 506 -7.71 -51.02 28.43
N VAL A 507 -8.35 -50.36 27.47
CA VAL A 507 -9.07 -49.10 27.71
C VAL A 507 -10.54 -49.34 27.47
N VAL A 508 -11.40 -48.78 28.34
CA VAL A 508 -12.85 -48.87 28.21
C VAL A 508 -13.44 -47.51 28.53
N ARG A 509 -14.22 -46.94 27.60
CA ARG A 509 -15.01 -45.75 27.84
C ARG A 509 -16.44 -46.03 27.45
N VAL A 510 -17.40 -45.59 28.26
CA VAL A 510 -18.83 -45.73 27.95
C VAL A 510 -19.57 -44.45 28.33
N PHE A 511 -20.74 -44.28 27.72
CA PHE A 511 -21.62 -43.15 27.99
C PHE A 511 -23.01 -43.72 28.24
N MET A 512 -23.60 -43.38 29.38
CA MET A 512 -24.91 -43.91 29.75
C MET A 512 -25.85 -42.78 30.13
N ILE A 513 -27.14 -42.98 29.87
CA ILE A 513 -28.18 -41.97 30.05
C ILE A 513 -29.24 -42.55 30.97
N GLU A 514 -29.65 -41.77 31.97
CA GLU A 514 -30.66 -42.21 32.93
C GLU A 514 -31.57 -41.05 33.28
N PRO A 515 -32.70 -40.89 32.58
CA PRO A 515 -33.62 -39.81 32.89
C PRO A 515 -34.71 -40.23 33.87
N LYS A 516 -35.25 -39.23 34.57
CA LYS A 516 -36.35 -39.46 35.50
C LYS A 516 -37.15 -38.18 35.63
N GLU A 517 -38.34 -38.31 36.22
CA GLU A 517 -39.30 -37.22 36.31
C GLU A 517 -39.36 -36.67 37.72
N ILE A 518 -39.34 -35.34 37.83
CA ILE A 518 -39.32 -34.65 39.12
C ILE A 518 -40.71 -34.11 39.40
N VAL A 519 -41.29 -34.51 40.53
CA VAL A 519 -42.59 -34.01 40.93
C VAL A 519 -42.58 -33.30 42.28
N ASP A 520 -41.56 -33.51 43.11
CA ASP A 520 -41.51 -32.95 44.45
C ASP A 520 -40.25 -32.11 44.64
N PRO A 521 -40.29 -31.09 45.49
CA PRO A 521 -39.08 -30.31 45.78
C PRO A 521 -38.14 -31.09 46.69
N LEU A 522 -37.02 -30.45 47.03
CA LEU A 522 -35.99 -31.10 47.83
C LEU A 522 -36.43 -31.26 49.27
N THR A 523 -36.06 -32.38 49.88
CA THR A 523 -36.30 -32.61 51.30
C THR A 523 -35.06 -33.24 51.93
N PRO A 524 -34.46 -32.62 52.96
CA PRO A 524 -34.74 -31.32 53.57
C PRO A 524 -34.35 -30.15 52.68
N ASP A 525 -34.62 -28.93 53.13
CA ASP A 525 -34.51 -27.75 52.27
C ASP A 525 -33.05 -27.46 51.93
N ALA A 526 -32.87 -26.62 50.91
CA ALA A 526 -31.51 -26.27 50.47
C ALA A 526 -30.80 -25.39 51.48
N SER A 527 -31.53 -24.61 52.26
CA SER A 527 -30.93 -23.79 53.30
C SER A 527 -30.70 -24.56 54.58
N GLU A 528 -31.20 -25.79 54.68
CA GLU A 528 -30.98 -26.63 55.86
C GLU A 528 -29.81 -27.58 55.68
N SER A 529 -29.55 -28.04 54.45
CA SER A 529 -28.40 -28.90 54.21
C SER A 529 -27.10 -28.11 54.14
N VAL A 530 -27.18 -26.81 53.88
CA VAL A 530 -25.98 -25.99 53.82
C VAL A 530 -25.52 -25.62 55.23
N ASN A 531 -26.47 -25.38 56.14
CA ASN A 531 -26.12 -25.07 57.53
C ASN A 531 -25.52 -26.26 58.27
N ASN A 532 -25.70 -27.48 57.77
CA ASN A 532 -25.01 -28.62 58.34
C ASN A 532 -23.63 -28.83 57.73
N ILE A 533 -23.40 -28.32 56.53
CA ILE A 533 -22.07 -28.40 55.93
C ILE A 533 -21.13 -27.39 56.58
N LEU A 534 -21.63 -26.16 56.80
CA LEU A 534 -20.80 -25.12 57.39
C LEU A 534 -20.47 -25.39 58.85
N LYS A 535 -21.37 -26.07 59.57
CA LYS A 535 -21.08 -26.39 60.97
C LYS A 535 -20.10 -27.55 61.09
N GLN A 536 -20.13 -28.50 60.16
CA GLN A 536 -19.24 -29.65 60.25
C GLN A 536 -17.84 -29.31 59.77
N SER A 537 -17.71 -28.58 58.67
CA SER A 537 -16.40 -28.23 58.15
C SER A 537 -15.75 -27.09 58.92
N GLY A 538 -16.48 -26.37 59.74
CA GLY A 538 -15.92 -25.30 60.53
C GLY A 538 -15.88 -23.95 59.88
N ALA A 539 -16.56 -23.77 58.75
CA ALA A 539 -16.59 -22.49 58.05
C ALA A 539 -17.78 -21.63 58.45
N TRP A 540 -18.54 -22.02 59.47
CA TRP A 540 -19.76 -21.33 59.83
C TRP A 540 -19.44 -20.06 60.60
N SER A 541 -20.10 -18.96 60.22
CA SER A 541 -19.92 -17.68 60.89
C SER A 541 -21.26 -16.99 61.09
N GLY A 542 -22.27 -17.74 61.50
CA GLY A 542 -23.54 -17.14 61.87
C GLY A 542 -23.63 -16.70 63.31
N ASP A 543 -22.61 -16.99 64.10
CA ASP A 543 -22.54 -16.60 65.50
C ASP A 543 -21.66 -15.38 65.73
N ASP A 544 -21.24 -14.70 64.65
CA ASP A 544 -20.35 -13.56 64.79
C ASP A 544 -21.09 -12.37 65.36
N LYS A 545 -20.37 -11.58 66.16
CA LYS A 545 -20.99 -10.43 66.79
C LYS A 545 -21.17 -9.27 65.82
N LEU A 546 -20.29 -9.16 64.84
CA LEU A 546 -20.30 -8.04 63.91
C LEU A 546 -21.08 -8.32 62.63
N GLN A 547 -21.06 -9.55 62.13
CA GLN A 547 -21.72 -9.87 60.88
C GLN A 547 -23.17 -10.31 61.04
N LYS A 548 -23.65 -10.45 62.27
CA LYS A 548 -25.04 -10.85 62.48
C LYS A 548 -26.02 -9.71 62.28
N TRP A 549 -25.55 -8.47 62.21
CA TRP A 549 -26.44 -7.34 61.98
C TRP A 549 -26.93 -7.27 60.54
N VAL A 550 -26.20 -7.87 59.61
CA VAL A 550 -26.56 -7.84 58.20
C VAL A 550 -26.99 -9.22 57.70
N ARG A 551 -26.37 -10.29 58.18
CA ARG A 551 -26.77 -11.66 57.84
C ARG A 551 -28.13 -12.06 58.40
N VAL A 552 -28.76 -11.23 59.23
CA VAL A 552 -30.10 -11.54 59.72
C VAL A 552 -31.16 -11.20 58.67
N TYR A 553 -30.80 -10.43 57.64
CA TYR A 553 -31.74 -10.19 56.55
C TYR A 553 -31.76 -11.35 55.56
N LEU A 554 -30.59 -11.93 55.29
CA LEU A 554 -30.48 -12.98 54.27
C LEU A 554 -30.95 -14.33 54.80
N ASP A 555 -30.74 -14.60 56.08
CA ASP A 555 -31.10 -15.87 56.71
C ASP A 555 -32.41 -15.76 57.46
N ARG A 556 -33.37 -15.02 56.88
CA ARG A 556 -34.65 -14.77 57.52
C ARG A 556 -35.49 -16.04 57.63
N GLY A 557 -35.38 -16.94 56.66
CA GLY A 557 -36.11 -18.19 56.71
C GLY A 557 -35.32 -19.31 57.37
N LEU B 175 -71.17 13.99 12.27
CA LEU B 175 -69.71 13.95 12.41
C LEU B 175 -69.32 13.94 13.88
N GLY B 176 -68.06 13.58 14.15
CA GLY B 176 -67.55 13.54 15.51
C GLY B 176 -66.39 14.50 15.73
N ARG B 177 -66.49 15.30 16.79
CA ARG B 177 -65.42 16.23 17.12
C ARG B 177 -64.25 15.47 17.73
N GLN B 178 -63.04 15.96 17.44
CA GLN B 178 -61.85 15.38 18.06
C GLN B 178 -61.75 15.80 19.51
N LYS B 179 -60.99 15.02 20.27
CA LYS B 179 -60.87 15.21 21.71
C LYS B 179 -59.55 14.60 22.17
N ILE B 180 -58.84 15.32 23.04
CA ILE B 180 -57.56 14.88 23.58
C ILE B 180 -57.76 14.49 25.03
N GLY B 181 -57.38 13.26 25.37
CA GLY B 181 -57.49 12.75 26.72
C GLY B 181 -56.11 12.47 27.30
N VAL B 182 -55.96 12.74 28.59
CA VAL B 182 -54.71 12.52 29.32
C VAL B 182 -54.98 11.46 30.38
N MET B 183 -54.24 10.36 30.32
CA MET B 183 -54.45 9.21 31.19
C MET B 183 -53.18 8.96 31.99
N ARG B 184 -53.19 9.29 33.28
CA ARG B 184 -52.03 9.08 34.12
C ARG B 184 -51.96 7.62 34.57
N LEU B 185 -50.76 7.05 34.52
CA LEU B 185 -50.52 5.66 34.92
C LEU B 185 -49.94 5.65 36.32
N ASN B 186 -50.54 4.85 37.20
CA ASN B 186 -50.15 4.82 38.60
C ASN B 186 -49.25 3.65 38.97
N ASN B 187 -49.26 2.57 38.20
CA ASN B 187 -48.58 1.34 38.60
C ASN B 187 -47.62 0.82 37.53
N THR B 188 -47.22 1.64 36.56
CA THR B 188 -46.28 1.21 35.54
C THR B 188 -45.56 2.41 34.97
N PHE B 189 -44.63 2.15 34.05
CA PHE B 189 -43.80 3.16 33.42
C PHE B 189 -44.14 3.25 31.94
N VAL B 190 -44.25 4.47 31.43
CA VAL B 190 -44.22 4.70 29.99
C VAL B 190 -42.76 4.71 29.55
N GLY B 191 -42.50 4.28 28.32
CA GLY B 191 -41.17 4.31 27.78
C GLY B 191 -40.42 3.01 28.04
N ASP B 192 -39.36 2.83 27.26
CA ASP B 192 -38.62 1.58 27.23
C ASP B 192 -37.59 1.53 28.35
N ARG B 193 -37.25 0.31 28.75
CA ARG B 193 -36.22 0.05 29.74
C ARG B 193 -35.04 -0.63 29.06
N THR B 194 -33.82 -0.23 29.44
CA THR B 194 -32.61 -0.71 28.80
C THR B 194 -31.64 -1.23 29.85
N TYR B 195 -30.99 -2.37 29.55
CA TYR B 195 -29.95 -2.92 30.38
C TYR B 195 -28.92 -3.61 29.48
N ASN B 196 -27.84 -4.11 30.07
CA ASN B 196 -26.73 -4.67 29.31
C ASN B 196 -26.31 -6.02 29.87
N LEU B 197 -25.86 -6.92 28.98
CA LEU B 197 -25.16 -8.14 29.39
C LEU B 197 -23.77 -8.09 28.77
N ARG B 198 -22.90 -7.28 29.40
CA ARG B 198 -21.46 -7.22 29.23
C ARG B 198 -20.96 -6.71 27.88
N ASP B 199 -21.77 -6.80 26.82
CA ASP B 199 -21.44 -6.13 25.57
C ASP B 199 -22.66 -5.62 24.82
N GLN B 200 -23.81 -6.25 25.05
CA GLN B 200 -24.99 -6.07 24.20
C GLN B 200 -26.11 -5.41 24.98
N LYS B 201 -26.92 -4.64 24.28
CA LYS B 201 -28.00 -3.87 24.87
C LYS B 201 -29.33 -4.55 24.58
N MET B 202 -30.16 -4.67 25.61
CA MET B 202 -31.51 -5.22 25.47
C MET B 202 -32.52 -4.11 25.75
N VAL B 203 -33.53 -4.00 24.89
CA VAL B 203 -34.55 -2.97 25.00
C VAL B 203 -35.90 -3.66 25.12
N ILE B 204 -36.66 -3.30 26.15
CA ILE B 204 -37.99 -3.86 26.40
C ILE B 204 -39.02 -2.80 26.05
N PRO B 205 -40.00 -3.10 25.20
CA PRO B 205 -41.00 -2.09 24.84
C PRO B 205 -41.98 -1.84 25.96
N GLY B 206 -42.31 -0.57 26.17
CA GLY B 206 -43.20 -0.16 27.23
C GLY B 206 -44.65 -0.23 26.83
N ILE B 207 -45.49 0.51 27.56
CA ILE B 207 -46.91 0.50 27.27
C ILE B 207 -47.25 1.42 26.10
N ALA B 208 -46.38 2.39 25.77
CA ALA B 208 -46.70 3.31 24.70
C ALA B 208 -46.25 2.82 23.34
N THR B 209 -45.44 1.76 23.30
CA THR B 209 -45.05 1.13 22.05
C THR B 209 -45.95 -0.05 21.73
N ALA B 210 -46.54 -0.67 22.74
CA ALA B 210 -47.41 -1.81 22.51
C ALA B 210 -48.77 -1.39 21.94
N ILE B 211 -49.34 -0.31 22.45
CA ILE B 211 -50.63 0.15 21.93
C ILE B 211 -50.45 0.90 20.62
N GLU B 212 -49.27 1.46 20.38
CA GLU B 212 -49.03 2.16 19.11
C GLU B 212 -48.91 1.17 17.96
N ARG B 213 -48.33 0.00 18.21
CA ARG B 213 -48.27 -1.04 17.18
C ARG B 213 -49.59 -1.77 17.03
N LEU B 214 -50.47 -1.69 18.01
CA LEU B 214 -51.78 -2.35 17.89
C LEU B 214 -52.70 -1.56 16.98
N LEU B 215 -52.56 -0.23 16.96
CA LEU B 215 -53.41 0.65 16.17
C LEU B 215 -52.72 1.12 14.90
N GLN B 216 -51.73 0.36 14.43
CA GLN B 216 -50.95 0.75 13.26
C GLN B 216 -51.64 0.23 12.01
N GLY B 217 -51.67 1.06 10.96
CA GLY B 217 -52.45 0.74 9.78
C GLY B 217 -53.92 0.81 10.11
N GLU B 218 -54.58 -0.34 10.16
CA GLU B 218 -55.86 -0.56 10.84
C GLU B 218 -56.99 0.31 10.29
N GLU B 219 -57.34 0.06 9.03
CA GLU B 219 -58.52 0.69 8.44
C GLU B 219 -59.78 -0.02 8.92
N GLN B 220 -60.16 0.18 10.19
CA GLN B 220 -61.21 -0.58 10.81
C GLN B 220 -62.19 0.34 11.53
N PRO B 221 -63.51 0.08 11.45
CA PRO B 221 -64.49 0.98 12.05
C PRO B 221 -64.58 0.87 13.57
N LEU B 222 -63.64 1.49 14.26
CA LEU B 222 -63.66 1.46 15.73
C LEU B 222 -64.58 2.53 16.27
N GLY B 223 -65.43 2.12 17.22
CA GLY B 223 -66.33 3.04 17.89
C GLY B 223 -66.42 2.77 19.38
N ALA B 262 -65.04 7.30 13.53
CA ALA B 262 -64.25 7.21 12.31
C ALA B 262 -63.60 5.84 12.19
N ALA B 263 -62.31 5.82 11.88
CA ALA B 263 -61.56 4.57 11.69
C ALA B 263 -60.68 4.31 12.90
N ALA B 264 -60.05 3.14 12.91
CA ALA B 264 -59.11 2.82 13.98
C ALA B 264 -57.70 3.29 13.63
N GLY B 265 -57.49 3.74 12.40
CA GLY B 265 -56.19 4.14 11.94
C GLY B 265 -55.82 5.60 12.12
N ASN B 266 -56.75 6.43 12.58
CA ASN B 266 -56.48 7.84 12.80
C ASN B 266 -56.35 8.18 14.28
N ILE B 267 -56.17 7.18 15.15
CA ILE B 267 -55.91 7.45 16.56
C ILE B 267 -54.41 7.63 16.76
N LYS B 268 -54.04 8.73 17.42
CA LYS B 268 -52.64 9.04 17.70
C LYS B 268 -52.38 8.85 19.19
N ILE B 269 -51.34 8.12 19.52
CA ILE B 269 -50.95 7.86 20.90
C ILE B 269 -49.50 8.27 21.07
N VAL B 270 -49.25 9.21 21.97
CA VAL B 270 -47.91 9.78 22.19
C VAL B 270 -47.61 9.73 23.67
N ALA B 271 -46.45 9.18 24.02
CA ALA B 271 -46.00 9.09 25.40
C ALA B 271 -45.51 10.45 25.87
N TYR B 272 -45.95 10.85 27.07
CA TYR B 272 -45.46 12.06 27.70
C TYR B 272 -44.81 11.68 29.01
N PRO B 273 -43.48 11.47 29.05
CA PRO B 273 -42.85 10.93 30.26
C PRO B 273 -42.69 11.94 31.38
N ASP B 274 -42.96 13.21 31.15
CA ASP B 274 -42.66 14.23 32.15
C ASP B 274 -43.68 14.20 33.29
N THR B 275 -44.88 13.66 33.04
CA THR B 275 -45.84 13.41 34.09
C THR B 275 -46.34 11.97 34.09
N ASN B 276 -45.69 11.08 33.34
CA ASN B 276 -45.98 9.65 33.27
C ASN B 276 -47.43 9.38 32.86
N SER B 277 -47.75 9.80 31.63
CA SER B 277 -49.13 9.73 31.17
C SER B 277 -49.13 9.62 29.65
N LEU B 278 -50.23 9.05 29.13
CA LEU B 278 -50.43 8.89 27.71
C LEU B 278 -51.29 10.04 27.17
N LEU B 279 -51.08 10.36 25.90
CA LEU B 279 -51.86 11.39 25.21
C LEU B 279 -52.56 10.72 24.03
N VAL B 280 -53.88 10.62 24.09
CA VAL B 280 -54.69 9.98 23.05
C VAL B 280 -55.52 11.05 22.37
N LYS B 281 -55.49 11.08 21.04
CA LYS B 281 -56.27 12.01 20.24
C LYS B 281 -57.20 11.24 19.32
N GLY B 282 -58.49 11.44 19.50
CA GLY B 282 -59.46 10.78 18.66
C GLY B 282 -60.83 11.37 18.91
N THR B 283 -61.87 10.62 18.50
CA THR B 283 -63.23 11.04 18.76
C THR B 283 -63.58 10.80 20.24
N ALA B 284 -64.79 11.17 20.61
CA ALA B 284 -65.22 11.00 22.00
C ALA B 284 -65.52 9.55 22.35
N GLU B 285 -65.65 8.67 21.35
CA GLU B 285 -65.88 7.26 21.59
C GLU B 285 -64.60 6.44 21.53
N GLN B 286 -63.59 6.90 20.79
CA GLN B 286 -62.33 6.19 20.75
C GLN B 286 -61.45 6.52 21.95
N VAL B 287 -61.61 7.71 22.54
CA VAL B 287 -60.85 8.08 23.72
C VAL B 287 -61.32 7.26 24.93
N HIS B 288 -62.64 7.08 25.05
CA HIS B 288 -63.20 6.21 26.08
C HIS B 288 -62.87 4.75 25.84
N PHE B 289 -62.56 4.37 24.59
CA PHE B 289 -62.24 2.99 24.28
C PHE B 289 -60.83 2.62 24.73
N ILE B 290 -59.89 3.56 24.64
CA ILE B 290 -58.52 3.30 25.09
C ILE B 290 -58.41 3.46 26.60
N GLU B 291 -59.26 4.30 27.20
CA GLU B 291 -59.23 4.50 28.65
C GLU B 291 -59.68 3.25 29.41
N MET B 292 -60.54 2.44 28.81
CA MET B 292 -60.93 1.19 29.44
C MET B 292 -59.90 0.09 29.24
N LEU B 293 -59.06 0.19 28.22
CA LEU B 293 -57.99 -0.78 28.03
C LEU B 293 -56.83 -0.51 28.98
N VAL B 294 -56.54 0.77 29.22
CA VAL B 294 -55.41 1.16 30.06
C VAL B 294 -55.63 0.75 31.51
N LYS B 295 -56.86 0.87 31.99
CA LYS B 295 -57.16 0.49 33.37
C LYS B 295 -57.16 -1.03 33.59
N ALA B 296 -57.07 -1.82 32.53
CA ALA B 296 -56.91 -3.26 32.68
C ALA B 296 -55.45 -3.70 32.60
N LEU B 297 -54.58 -2.88 32.01
CA LEU B 297 -53.15 -3.16 31.96
C LEU B 297 -52.38 -2.49 33.08
N ASP B 298 -53.06 -1.81 33.99
CA ASP B 298 -52.40 -1.02 35.04
C ASP B 298 -52.71 -1.65 36.39
N VAL B 299 -51.88 -2.62 36.78
CA VAL B 299 -52.04 -3.32 38.04
C VAL B 299 -50.73 -3.26 38.81
N ALA B 300 -50.84 -3.39 40.14
CA ALA B 300 -49.68 -3.39 41.00
C ALA B 300 -49.00 -4.75 41.01
N LYS B 301 -47.66 -4.73 41.09
CA LYS B 301 -46.85 -5.92 40.98
C LYS B 301 -46.39 -6.41 42.35
N ARG B 302 -45.91 -7.64 42.37
CA ARG B 302 -45.39 -8.27 43.58
C ARG B 302 -43.89 -8.48 43.46
N HIS B 303 -43.23 -8.61 44.60
CA HIS B 303 -41.78 -8.70 44.64
C HIS B 303 -41.33 -10.14 44.83
N VAL B 304 -40.28 -10.52 44.10
CA VAL B 304 -39.67 -11.84 44.20
C VAL B 304 -38.21 -11.64 44.56
N GLU B 305 -37.74 -12.36 45.58
CA GLU B 305 -36.33 -12.37 45.94
C GLU B 305 -35.77 -13.75 45.63
N LEU B 306 -34.75 -13.78 44.78
CA LEU B 306 -34.16 -15.03 44.30
C LEU B 306 -32.82 -15.25 44.98
N SER B 307 -32.67 -16.42 45.60
CA SER B 307 -31.43 -16.79 46.28
C SER B 307 -30.88 -18.06 45.64
N LEU B 308 -29.62 -18.02 45.23
CA LEU B 308 -28.97 -19.12 44.54
C LEU B 308 -27.79 -19.61 45.35
N TRP B 309 -27.72 -20.91 45.59
CA TRP B 309 -26.64 -21.51 46.36
C TRP B 309 -25.69 -22.23 45.42
N ILE B 310 -24.39 -22.03 45.63
CA ILE B 310 -23.34 -22.71 44.88
C ILE B 310 -22.43 -23.38 45.90
N VAL B 311 -22.57 -24.69 46.06
CA VAL B 311 -21.80 -25.47 47.03
C VAL B 311 -20.70 -26.21 46.28
N ASP B 312 -19.48 -26.16 46.82
CA ASP B 312 -18.32 -26.75 46.15
C ASP B 312 -17.46 -27.44 47.21
N LEU B 313 -17.30 -28.74 47.07
CA LEU B 313 -16.50 -29.51 48.02
C LEU B 313 -15.39 -30.25 47.28
N ASN B 314 -14.30 -30.51 48.01
CA ASN B 314 -13.16 -31.24 47.47
C ASN B 314 -12.62 -32.17 48.55
N LYS B 315 -11.75 -33.08 48.11
CA LYS B 315 -11.07 -34.06 48.94
C LYS B 315 -9.96 -34.67 48.12
N SER B 316 -8.88 -35.08 48.77
CA SER B 316 -7.75 -35.61 48.03
C SER B 316 -6.93 -36.53 48.93
N ASP B 317 -5.99 -37.23 48.29
CA ASP B 317 -5.09 -38.17 48.97
C ASP B 317 -3.95 -38.44 48.01
N LEU B 318 -2.76 -38.68 48.55
CA LEU B 318 -1.57 -38.86 47.73
C LEU B 318 -0.47 -39.51 48.58
N GLU B 319 0.28 -40.43 47.97
CA GLU B 319 1.40 -41.07 48.66
C GLU B 319 2.38 -41.60 47.64
N ARG B 320 3.63 -41.14 47.70
CA ARG B 320 4.71 -41.68 46.88
C ARG B 320 5.81 -42.18 47.80
N LEU B 321 6.40 -43.33 47.45
CA LEU B 321 7.47 -43.91 48.25
C LEU B 321 8.28 -44.85 47.39
N GLY B 322 9.53 -44.50 47.11
CA GLY B 322 10.40 -45.37 46.34
C GLY B 322 11.46 -44.58 45.62
N THR B 323 12.36 -45.33 44.97
CA THR B 323 13.48 -44.76 44.23
C THR B 323 13.34 -45.08 42.75
N SER B 324 14.23 -44.48 41.95
CA SER B 324 14.24 -44.66 40.50
C SER B 324 15.62 -44.34 39.98
N TRP B 325 16.31 -45.34 39.44
CA TRP B 325 17.71 -45.20 39.02
C TRP B 325 17.78 -44.86 37.54
N SER B 326 18.57 -43.82 37.22
CA SER B 326 18.75 -43.41 35.82
C SER B 326 20.04 -42.59 35.75
N GLY B 327 21.06 -43.13 35.09
CA GLY B 327 22.33 -42.44 34.98
C GLY B 327 23.26 -43.09 33.98
N SER B 328 24.40 -42.43 33.79
CA SER B 328 25.47 -42.90 32.90
C SER B 328 26.78 -43.04 33.65
N ILE B 329 27.74 -43.68 33.00
CA ILE B 329 29.05 -43.95 33.61
C ILE B 329 30.07 -44.03 32.49
N THR B 330 31.36 -43.95 32.84
CA THR B 330 32.44 -44.12 31.88
C THR B 330 33.50 -45.01 32.51
N ILE B 331 33.82 -46.13 31.85
CA ILE B 331 34.68 -47.17 32.40
C ILE B 331 35.94 -47.23 31.54
N GLY B 332 36.99 -46.54 31.98
CA GLY B 332 38.31 -46.69 31.39
C GLY B 332 38.46 -46.22 29.96
N ASP B 333 37.73 -45.17 29.57
CA ASP B 333 37.76 -44.45 28.27
C ASP B 333 37.76 -45.37 27.04
N LYS B 334 37.18 -46.56 27.16
CA LYS B 334 37.01 -47.48 26.05
C LYS B 334 35.63 -48.10 25.98
N LEU B 335 34.88 -48.14 27.08
CA LEU B 335 33.50 -48.62 27.07
C LEU B 335 32.72 -47.90 28.14
N GLY B 336 31.46 -47.60 27.84
CA GLY B 336 30.60 -46.91 28.76
C GLY B 336 29.27 -47.62 28.89
N VAL B 337 28.66 -47.49 30.07
CA VAL B 337 27.41 -48.16 30.39
C VAL B 337 26.37 -47.11 30.72
N SER B 338 25.23 -47.16 30.04
CA SER B 338 24.08 -46.33 30.37
C SER B 338 23.06 -47.16 31.13
N LEU B 339 22.04 -46.49 31.65
CA LEU B 339 20.97 -47.15 32.38
C LEU B 339 19.70 -46.30 32.30
N ASN B 340 18.69 -46.85 31.61
CA ASN B 340 17.33 -46.27 31.52
C ASN B 340 17.35 -44.86 30.93
N GLN B 341 18.11 -44.66 29.86
CA GLN B 341 18.25 -43.36 29.24
C GLN B 341 18.09 -43.48 27.72
N SER B 342 18.03 -42.33 27.07
CA SER B 342 18.00 -42.26 25.62
C SER B 342 19.23 -41.53 25.07
N SER B 343 19.59 -40.40 25.66
CA SER B 343 20.78 -39.66 25.28
C SER B 343 21.89 -39.91 26.30
N ILE B 344 23.08 -40.24 25.80
CA ILE B 344 24.18 -40.66 26.65
C ILE B 344 25.33 -39.68 26.48
N SER B 345 25.42 -39.07 25.29
CA SER B 345 26.57 -38.25 24.93
C SER B 345 26.60 -36.94 25.71
N THR B 346 25.47 -36.26 25.81
CA THR B 346 25.40 -35.02 26.56
C THR B 346 25.38 -35.24 28.08
N LEU B 347 25.13 -36.47 28.52
CA LEU B 347 25.27 -36.84 29.92
C LEU B 347 26.44 -37.80 30.15
N ASP B 348 27.52 -37.65 29.36
CA ASP B 348 28.65 -38.56 29.48
C ASP B 348 29.52 -38.24 30.69
N GLY B 349 29.68 -36.97 31.04
CA GLY B 349 30.46 -36.58 32.19
C GLY B 349 29.73 -36.64 33.51
N SER B 350 28.48 -37.07 33.52
CA SER B 350 27.68 -37.14 34.74
C SER B 350 27.82 -38.52 35.37
N ARG B 351 26.95 -38.81 36.33
CA ARG B 351 27.02 -40.05 37.11
C ARG B 351 25.65 -40.69 37.24
N PHE B 352 25.54 -41.71 38.09
CA PHE B 352 24.25 -42.33 38.36
C PHE B 352 23.42 -41.44 39.28
N ILE B 353 22.11 -41.41 39.03
CA ILE B 353 21.17 -40.62 39.82
C ILE B 353 20.15 -41.56 40.42
N ALA B 354 19.95 -41.49 41.73
CA ALA B 354 18.96 -42.29 42.44
C ALA B 354 17.92 -41.33 43.01
N ALA B 355 16.91 -41.00 42.21
CA ALA B 355 15.88 -40.06 42.62
C ALA B 355 14.93 -40.72 43.61
N VAL B 356 14.91 -40.23 44.84
CA VAL B 356 14.09 -40.77 45.91
C VAL B 356 12.89 -39.85 46.09
N ASN B 357 11.73 -40.44 46.33
CA ASN B 357 10.51 -39.70 46.61
C ASN B 357 9.88 -40.22 47.89
N ALA B 358 9.42 -39.29 48.73
CA ALA B 358 8.72 -39.65 49.96
C ALA B 358 7.75 -38.53 50.28
N LEU B 359 6.46 -38.85 50.33
CA LEU B 359 5.41 -37.85 50.51
C LEU B 359 4.14 -38.56 50.94
N GLU B 360 3.31 -37.84 51.69
CA GLU B 360 2.02 -38.38 52.13
C GLU B 360 1.12 -37.19 52.43
N GLU B 361 0.14 -36.94 51.58
CA GLU B 361 -0.60 -35.68 51.58
C GLU B 361 -2.10 -35.94 51.74
N LYS B 362 -2.75 -35.12 52.57
CA LYS B 362 -4.20 -35.06 52.66
C LYS B 362 -4.65 -33.65 52.33
N LYS B 363 -5.93 -33.51 51.98
CA LYS B 363 -6.45 -32.22 51.55
C LYS B 363 -7.97 -32.21 51.72
N GLN B 364 -8.52 -31.01 51.87
CA GLN B 364 -9.95 -30.80 51.97
C GLN B 364 -10.23 -29.32 51.75
N ALA B 365 -11.34 -29.02 51.06
CA ALA B 365 -11.68 -27.63 50.75
C ALA B 365 -13.18 -27.53 50.51
N THR B 366 -13.82 -26.60 51.22
CA THR B 366 -15.24 -26.30 51.05
C THR B 366 -15.41 -24.85 50.70
N VAL B 367 -16.31 -24.55 49.76
CA VAL B 367 -16.64 -23.19 49.37
C VAL B 367 -18.15 -23.11 49.17
N VAL B 368 -18.81 -22.18 49.86
CA VAL B 368 -20.24 -21.95 49.74
C VAL B 368 -20.45 -20.48 49.40
N SER B 369 -20.92 -20.21 48.18
CA SER B 369 -21.18 -18.86 47.72
C SER B 369 -22.66 -18.69 47.43
N ARG B 370 -23.16 -17.46 47.57
CA ARG B 370 -24.61 -17.21 47.49
C ARG B 370 -24.88 -15.78 47.03
N PRO B 371 -25.36 -15.59 45.79
CA PRO B 371 -25.88 -14.28 45.39
C PRO B 371 -27.38 -14.15 45.61
N VAL B 372 -27.79 -12.94 45.99
CA VAL B 372 -29.19 -12.61 46.28
C VAL B 372 -29.59 -11.44 45.40
N LEU B 373 -30.80 -11.51 44.83
CA LEU B 373 -31.29 -10.48 43.92
C LEU B 373 -32.79 -10.30 44.13
N LEU B 374 -33.26 -9.06 44.04
CA LEU B 374 -34.67 -8.73 44.25
C LEU B 374 -35.24 -8.03 43.02
N THR B 375 -36.40 -8.48 42.57
CA THR B 375 -37.07 -7.88 41.41
C THR B 375 -38.57 -8.07 41.55
N GLN B 376 -39.30 -7.68 40.51
CA GLN B 376 -40.75 -7.75 40.47
C GLN B 376 -41.19 -8.84 39.49
N GLU B 377 -42.51 -8.99 39.35
CA GLU B 377 -43.05 -9.92 38.37
C GLU B 377 -42.77 -9.43 36.96
N ASN B 378 -42.42 -10.35 36.07
CA ASN B 378 -42.29 -10.14 34.63
C ASN B 378 -41.26 -9.07 34.28
N VAL B 379 -40.26 -8.89 35.12
CA VAL B 379 -39.23 -7.88 34.94
C VAL B 379 -37.88 -8.59 34.93
N PRO B 380 -37.08 -8.46 33.86
CA PRO B 380 -35.76 -9.09 33.85
C PRO B 380 -34.79 -8.32 34.73
N ALA B 381 -34.02 -9.04 35.54
CA ALA B 381 -33.05 -8.46 36.44
C ALA B 381 -31.70 -9.12 36.22
N ILE B 382 -30.64 -8.42 36.61
CA ILE B 382 -29.26 -8.89 36.43
C ILE B 382 -28.46 -8.63 37.70
N PHE B 383 -27.81 -9.67 38.21
CA PHE B 383 -26.74 -9.55 39.17
C PHE B 383 -25.45 -9.97 38.48
N ASP B 384 -24.38 -9.22 38.70
CA ASP B 384 -23.12 -9.46 38.00
C ASP B 384 -21.97 -9.12 38.94
N ASN B 385 -20.99 -10.02 39.03
CA ASN B 385 -19.80 -9.81 39.86
C ASN B 385 -18.62 -10.35 39.06
N ASN B 386 -17.99 -9.51 38.27
CA ASN B 386 -17.02 -9.96 37.28
C ASN B 386 -15.65 -9.36 37.55
N ARG B 387 -14.72 -9.67 36.63
CA ARG B 387 -13.34 -9.22 36.67
C ARG B 387 -12.83 -9.07 35.25
N THR B 388 -12.20 -7.95 34.95
CA THR B 388 -11.79 -7.63 33.59
C THR B 388 -10.26 -7.65 33.52
N PHE B 389 -9.73 -8.19 32.43
CA PHE B 389 -8.30 -8.33 32.22
C PHE B 389 -7.94 -7.64 30.91
N TYR B 390 -7.18 -6.55 31.00
CA TYR B 390 -6.86 -5.73 29.83
C TYR B 390 -5.48 -6.09 29.31
N THR B 391 -5.36 -6.18 27.99
CA THR B 391 -4.12 -6.53 27.33
C THR B 391 -3.78 -5.49 26.27
N LYS B 392 -2.50 -5.42 25.91
CA LYS B 392 -1.99 -4.41 24.99
C LYS B 392 -1.57 -5.10 23.69
N LEU B 393 -2.47 -5.11 22.72
CA LEU B 393 -2.17 -5.64 21.39
C LEU B 393 -1.50 -4.52 20.60
N ILE B 394 -0.18 -4.59 20.49
CA ILE B 394 0.59 -3.50 19.87
C ILE B 394 0.54 -3.68 18.36
N GLY B 395 -0.52 -3.15 17.76
CA GLY B 395 -0.66 -3.08 16.32
C GLY B 395 -0.30 -1.68 15.84
N GLU B 396 -0.70 -1.39 14.60
CA GLU B 396 -0.45 -0.07 14.05
C GLU B 396 -1.71 0.67 13.62
N ARG B 397 -2.75 -0.04 13.17
CA ARG B 397 -3.92 0.63 12.58
C ARG B 397 -5.12 0.63 13.49
N ASN B 398 -5.61 -0.57 13.78
CA ASN B 398 -6.81 -0.76 14.58
C ASN B 398 -6.32 -1.16 15.96
N VAL B 399 -5.53 -0.28 16.56
CA VAL B 399 -5.00 -0.48 17.91
C VAL B 399 -6.18 -0.48 18.87
N ALA B 400 -6.19 -1.43 19.79
CA ALA B 400 -7.35 -1.60 20.64
C ALA B 400 -6.91 -2.19 21.97
N LEU B 401 -7.70 -1.91 22.99
CA LEU B 401 -7.57 -2.56 24.29
C LEU B 401 -8.56 -3.71 24.27
N GLU B 402 -8.05 -4.93 24.11
CA GLU B 402 -8.89 -6.10 24.14
C GLU B 402 -8.97 -6.62 25.57
N HIS B 403 -10.12 -7.20 25.91
CA HIS B 403 -10.36 -7.57 27.30
C HIS B 403 -11.16 -8.87 27.36
N VAL B 404 -10.95 -9.61 28.43
CA VAL B 404 -11.76 -10.78 28.76
C VAL B 404 -12.46 -10.49 30.07
N THR B 405 -13.52 -11.25 30.35
CA THR B 405 -14.36 -11.01 31.51
C THR B 405 -14.85 -12.35 32.05
N TYR B 406 -14.79 -12.51 33.37
CA TYR B 406 -15.24 -13.74 34.00
C TYR B 406 -15.75 -13.43 35.39
N GLY B 407 -16.80 -14.13 35.80
CA GLY B 407 -17.33 -13.95 37.15
C GLY B 407 -18.73 -14.51 37.26
N THR B 408 -19.32 -14.33 38.43
CA THR B 408 -20.67 -14.82 38.71
C THR B 408 -21.69 -13.90 38.06
N MET B 409 -22.76 -14.48 37.53
CA MET B 409 -23.75 -13.72 36.77
C MET B 409 -25.06 -14.48 36.75
N ILE B 410 -26.15 -13.81 37.15
CA ILE B 410 -27.50 -14.37 37.07
C ILE B 410 -28.37 -13.41 36.26
N ARG B 411 -29.20 -13.96 35.38
CA ARG B 411 -30.24 -13.20 34.71
C ARG B 411 -31.53 -14.00 34.81
N VAL B 412 -32.53 -13.45 35.50
CA VAL B 412 -33.73 -14.19 35.84
C VAL B 412 -34.95 -13.39 35.37
N LEU B 413 -36.05 -14.10 35.13
CA LEU B 413 -37.31 -13.48 34.72
C LEU B 413 -38.42 -14.21 35.46
N PRO B 414 -38.79 -13.74 36.65
CA PRO B 414 -39.76 -14.45 37.46
C PRO B 414 -41.19 -14.19 37.03
N ARG B 415 -42.07 -15.10 37.42
CA ARG B 415 -43.47 -15.05 37.00
C ARG B 415 -44.28 -15.96 37.91
N PHE B 416 -45.40 -15.46 38.42
CA PHE B 416 -46.26 -16.26 39.28
C PHE B 416 -47.24 -17.07 38.44
N SER B 417 -47.42 -18.33 38.80
CA SER B 417 -48.38 -19.20 38.12
C SER B 417 -49.75 -19.02 38.77
N ALA B 418 -50.70 -19.88 38.40
CA ALA B 418 -52.06 -19.76 38.91
C ALA B 418 -52.20 -20.35 40.30
N ASP B 419 -51.31 -21.27 40.69
CA ASP B 419 -51.40 -21.95 41.97
C ASP B 419 -50.59 -21.25 43.06
N GLY B 420 -49.76 -20.29 42.70
CA GLY B 420 -48.87 -19.66 43.64
C GLY B 420 -47.42 -20.09 43.55
N GLN B 421 -47.06 -20.86 42.53
CA GLN B 421 -45.69 -21.24 42.30
C GLN B 421 -44.99 -20.22 41.41
N ILE B 422 -43.66 -20.19 41.49
CA ILE B 422 -42.85 -19.19 40.81
C ILE B 422 -42.03 -19.87 39.74
N GLU B 423 -42.32 -19.56 38.48
CA GLU B 423 -41.54 -20.07 37.36
C GLU B 423 -40.48 -19.05 36.95
N MET B 424 -39.29 -19.54 36.66
CA MET B 424 -38.15 -18.69 36.39
C MET B 424 -37.45 -19.13 35.11
N SER B 425 -36.88 -18.16 34.39
CA SER B 425 -36.11 -18.42 33.19
C SER B 425 -34.65 -18.01 33.47
N LEU B 426 -33.80 -19.00 33.73
CA LEU B 426 -32.50 -18.79 34.33
C LEU B 426 -31.40 -18.75 33.29
N ASP B 427 -30.34 -17.99 33.59
CA ASP B 427 -29.11 -17.93 32.82
C ASP B 427 -27.96 -17.72 33.81
N ILE B 428 -27.35 -18.81 34.24
CA ILE B 428 -26.36 -18.79 35.33
C ILE B 428 -24.98 -18.98 34.73
N GLU B 429 -24.02 -18.18 35.19
CA GLU B 429 -22.62 -18.34 34.85
C GLU B 429 -21.80 -18.20 36.11
N ASP B 430 -20.89 -19.14 36.35
CA ASP B 430 -19.98 -19.07 37.50
C ASP B 430 -18.58 -19.44 37.01
N GLY B 431 -17.71 -18.45 36.90
CA GLY B 431 -16.36 -18.67 36.41
C GLY B 431 -15.32 -18.17 37.39
N ASN B 432 -14.10 -18.67 37.23
CA ASN B 432 -12.97 -18.23 38.02
C ASN B 432 -11.71 -18.39 37.19
N ASP B 433 -10.57 -18.07 37.77
CA ASP B 433 -9.30 -18.03 37.05
C ASP B 433 -8.46 -19.22 37.45
N LYS B 434 -8.20 -20.11 36.50
CA LYS B 434 -7.29 -21.23 36.71
C LYS B 434 -5.85 -20.78 36.48
N THR B 435 -4.96 -21.21 37.36
CA THR B 435 -3.59 -20.75 37.34
C THR B 435 -2.66 -21.87 36.92
N PRO B 436 -1.84 -21.68 35.88
CA PRO B 436 -0.77 -22.64 35.59
C PRO B 436 0.43 -22.45 36.51
N GLN B 437 1.53 -23.15 36.20
CA GLN B 437 2.73 -23.10 37.03
C GLN B 437 3.34 -21.70 36.99
N SER B 438 3.66 -21.17 38.17
CA SER B 438 4.15 -19.80 38.27
C SER B 438 5.61 -19.65 37.87
N ASP B 439 6.40 -20.72 37.88
CA ASP B 439 7.82 -20.63 37.63
C ASP B 439 8.17 -20.42 36.16
N THR B 440 7.29 -20.81 35.25
CA THR B 440 7.55 -20.67 33.82
C THR B 440 7.11 -19.30 33.33
N THR B 441 7.62 -18.91 32.16
CA THR B 441 7.53 -17.57 31.58
C THR B 441 6.09 -17.18 31.24
N THR B 442 5.19 -18.14 30.99
CA THR B 442 3.83 -17.82 30.57
C THR B 442 2.93 -17.25 31.68
N SER B 443 3.47 -16.98 32.86
CA SER B 443 2.73 -16.31 33.92
C SER B 443 2.81 -14.78 33.84
N VAL B 444 3.66 -14.23 32.97
CA VAL B 444 3.79 -12.78 32.86
C VAL B 444 3.10 -12.21 31.62
N ASP B 445 2.71 -13.06 30.67
CA ASP B 445 1.99 -12.58 29.50
C ASP B 445 0.48 -12.70 29.73
N ALA B 446 -0.29 -12.42 28.68
CA ALA B 446 -1.74 -12.36 28.77
C ALA B 446 -2.32 -13.77 28.56
N LEU B 447 -2.06 -14.63 29.55
CA LEU B 447 -2.66 -15.97 29.58
C LEU B 447 -3.31 -16.20 30.94
N PRO B 448 -4.49 -15.63 31.19
CA PRO B 448 -5.33 -16.10 32.29
C PRO B 448 -6.24 -17.23 31.82
N GLU B 449 -5.84 -18.50 31.95
CA GLU B 449 -6.72 -19.61 31.62
C GLU B 449 -8.01 -19.56 32.44
N VAL B 450 -9.12 -19.24 31.77
CA VAL B 450 -10.42 -19.05 32.41
C VAL B 450 -11.21 -20.35 32.30
N GLY B 451 -11.78 -20.80 33.41
CA GLY B 451 -12.73 -21.90 33.42
C GLY B 451 -14.09 -21.41 33.88
N ARG B 452 -15.11 -21.68 33.08
CA ARG B 452 -16.46 -21.21 33.34
C ARG B 452 -17.40 -22.39 33.54
N THR B 453 -18.64 -22.06 33.90
CA THR B 453 -19.70 -23.05 34.10
C THR B 453 -21.03 -22.39 33.76
N LEU B 454 -21.67 -22.85 32.68
CA LEU B 454 -22.86 -22.20 32.15
C LEU B 454 -24.05 -23.14 32.28
N ILE B 455 -25.19 -22.59 32.67
CA ILE B 455 -26.43 -23.34 32.83
C ILE B 455 -27.58 -22.47 32.32
N SER B 456 -28.40 -23.01 31.43
CA SER B 456 -29.55 -22.28 30.89
C SER B 456 -30.73 -23.24 30.84
N THR B 457 -31.78 -22.95 31.63
CA THR B 457 -32.91 -23.87 31.76
C THR B 457 -34.13 -23.07 32.23
N ILE B 458 -35.21 -23.79 32.53
CA ILE B 458 -36.44 -23.21 33.06
C ILE B 458 -36.95 -24.13 34.16
N ALA B 459 -37.20 -23.59 35.35
CA ALA B 459 -37.68 -24.38 36.47
C ALA B 459 -38.86 -23.67 37.14
N ARG B 460 -39.62 -24.43 37.92
CA ARG B 460 -40.81 -23.91 38.58
C ARG B 460 -40.87 -24.45 40.00
N VAL B 461 -40.69 -23.56 40.98
CA VAL B 461 -40.58 -23.91 42.39
C VAL B 461 -41.79 -23.35 43.13
N PRO B 462 -42.31 -24.03 44.15
CA PRO B 462 -43.30 -23.38 45.03
C PRO B 462 -42.65 -22.30 45.88
N HIS B 463 -43.50 -21.56 46.60
CA HIS B 463 -43.03 -20.44 47.40
C HIS B 463 -42.37 -20.96 48.67
N GLY B 464 -41.07 -20.75 48.79
CA GLY B 464 -40.33 -21.16 49.97
C GLY B 464 -39.59 -22.47 49.86
N LYS B 465 -39.90 -23.29 48.86
CA LYS B 465 -39.23 -24.55 48.65
C LYS B 465 -38.03 -24.35 47.74
N SER B 466 -37.39 -25.43 47.32
CA SER B 466 -36.15 -25.34 46.56
C SER B 466 -36.06 -26.46 45.54
N LEU B 467 -35.18 -26.26 44.56
CA LEU B 467 -34.94 -27.23 43.50
C LEU B 467 -33.47 -27.27 43.16
N LEU B 468 -33.02 -28.44 42.72
CA LEU B 468 -31.64 -28.63 42.26
C LEU B 468 -31.61 -28.46 40.75
N VAL B 469 -30.86 -27.46 40.28
CA VAL B 469 -30.85 -27.12 38.86
C VAL B 469 -29.70 -27.81 38.13
N GLY B 470 -28.48 -27.69 38.64
CA GLY B 470 -27.35 -28.31 38.00
C GLY B 470 -26.62 -29.26 38.91
N GLY B 471 -25.41 -29.67 38.55
CA GLY B 471 -24.65 -30.58 39.38
C GLY B 471 -23.50 -31.17 38.60
N TYR B 472 -22.53 -31.68 39.36
CA TYR B 472 -21.34 -32.32 38.82
C TYR B 472 -20.61 -33.09 39.91
N THR B 473 -20.30 -34.36 39.67
CA THR B 473 -19.45 -35.13 40.56
C THR B 473 -18.32 -35.76 39.75
N ARG B 474 -17.24 -36.12 40.44
CA ARG B 474 -16.10 -36.78 39.81
C ARG B 474 -15.32 -37.56 40.85
N ASP B 475 -15.04 -38.82 40.57
CA ASP B 475 -14.25 -39.69 41.43
C ASP B 475 -13.11 -40.30 40.63
N ALA B 476 -11.96 -40.48 41.28
CA ALA B 476 -10.79 -41.01 40.60
C ALA B 476 -9.92 -41.77 41.57
N ASN B 477 -9.17 -42.74 41.05
CA ASN B 477 -8.24 -43.53 41.85
C ASN B 477 -7.22 -44.17 40.92
N THR B 478 -5.97 -43.72 40.98
CA THR B 478 -4.88 -44.30 40.20
C THR B 478 -3.81 -44.84 41.14
N ASP B 479 -3.04 -45.80 40.64
CA ASP B 479 -1.90 -46.35 41.39
C ASP B 479 -0.93 -47.05 40.44
N THR B 480 0.36 -46.71 40.54
CA THR B 480 1.40 -47.30 39.73
C THR B 480 2.37 -48.06 40.62
N VAL B 481 3.04 -49.06 40.04
CA VAL B 481 4.07 -49.83 40.73
C VAL B 481 5.20 -50.07 39.74
N GLN B 482 6.40 -49.60 40.07
CA GLN B 482 7.60 -49.87 39.27
C GLN B 482 8.61 -50.60 40.12
N SER B 483 9.51 -51.33 39.46
CA SER B 483 10.57 -52.06 40.14
C SER B 483 11.68 -52.40 39.17
N ILE B 484 12.80 -52.86 39.72
CA ILE B 484 13.86 -53.52 38.98
C ILE B 484 13.45 -54.99 38.96
N PRO B 485 13.64 -55.74 37.86
CA PRO B 485 13.05 -57.09 37.76
C PRO B 485 13.56 -58.10 38.78
N PHE B 486 14.86 -58.16 39.06
CA PHE B 486 15.36 -59.13 40.02
C PHE B 486 15.71 -58.53 41.37
N LEU B 487 16.27 -57.32 41.39
CA LEU B 487 16.70 -56.71 42.65
C LEU B 487 15.52 -56.21 43.47
N GLY B 488 14.33 -56.08 42.88
CA GLY B 488 13.19 -55.59 43.61
C GLY B 488 12.49 -56.61 44.50
N LYS B 489 12.97 -57.86 44.50
CA LYS B 489 12.37 -58.91 45.31
C LYS B 489 13.30 -59.38 46.43
N LEU B 490 14.37 -58.66 46.70
CA LEU B 490 15.25 -59.00 47.81
C LEU B 490 14.55 -58.69 49.13
N PRO B 491 14.86 -59.47 50.20
CA PRO B 491 14.13 -59.30 51.48
C PRO B 491 14.32 -57.96 52.17
N LEU B 492 15.57 -57.56 52.43
CA LEU B 492 15.85 -56.33 53.16
C LEU B 492 16.56 -55.29 52.32
N ILE B 493 17.08 -55.66 51.16
CA ILE B 493 17.71 -54.70 50.26
C ILE B 493 16.77 -54.23 49.15
N GLY B 494 15.72 -55.01 48.84
CA GLY B 494 14.86 -54.73 47.70
C GLY B 494 13.95 -53.52 47.84
N SER B 495 13.94 -52.86 49.00
CA SER B 495 13.15 -51.65 49.14
C SER B 495 13.78 -50.45 48.46
N LEU B 496 15.07 -50.53 48.13
CA LEU B 496 15.77 -49.43 47.48
C LEU B 496 15.56 -49.40 45.98
N PHE B 497 14.78 -50.32 45.42
CA PHE B 497 14.58 -50.41 43.99
C PHE B 497 13.13 -50.33 43.54
N ARG B 498 12.17 -50.56 44.43
CA ARG B 498 10.77 -50.47 44.07
C ARG B 498 10.30 -49.02 44.08
N TYR B 499 9.06 -48.82 43.61
CA TYR B 499 8.42 -47.51 43.59
C TYR B 499 6.93 -47.74 43.52
N SER B 500 6.16 -46.87 44.18
CA SER B 500 4.71 -47.02 44.22
C SER B 500 4.07 -45.69 44.54
N SER B 501 3.03 -45.35 43.78
CA SER B 501 2.31 -44.11 43.98
C SER B 501 0.82 -44.41 44.07
N LYS B 502 0.07 -43.43 44.59
CA LYS B 502 -1.37 -43.51 44.69
C LYS B 502 -1.96 -42.13 44.46
N ASN B 503 -3.27 -42.08 44.25
CA ASN B 503 -3.99 -40.83 44.07
C ASN B 503 -5.48 -41.09 44.27
N LYS B 504 -6.21 -40.07 44.71
CA LYS B 504 -7.64 -40.17 44.95
C LYS B 504 -8.22 -38.76 45.03
N SER B 505 -9.41 -38.57 44.47
CA SER B 505 -10.07 -37.27 44.52
C SER B 505 -11.57 -37.46 44.46
N ASN B 506 -12.30 -36.52 45.08
CA ASN B 506 -13.76 -36.54 45.09
C ASN B 506 -14.26 -35.11 45.04
N VAL B 507 -14.85 -34.70 43.92
CA VAL B 507 -15.30 -33.33 43.71
C VAL B 507 -16.82 -33.35 43.60
N VAL B 508 -17.48 -32.36 44.22
CA VAL B 508 -18.93 -32.20 44.15
C VAL B 508 -19.24 -30.71 43.97
N ARG B 509 -19.98 -30.38 42.92
CA ARG B 509 -20.52 -29.04 42.72
C ARG B 509 -22.01 -29.15 42.47
N VAL B 510 -22.81 -28.28 43.09
CA VAL B 510 -24.24 -28.24 42.87
C VAL B 510 -24.72 -26.78 42.78
N PHE B 511 -25.88 -26.61 42.17
CA PHE B 511 -26.53 -25.31 42.03
C PHE B 511 -27.96 -25.46 42.49
N MET B 512 -28.39 -24.62 43.44
CA MET B 512 -29.73 -24.73 44.00
C MET B 512 -30.42 -23.37 43.95
N ILE B 513 -31.73 -23.40 43.81
CA ILE B 513 -32.56 -22.20 43.63
C ILE B 513 -33.63 -22.20 44.71
N GLU B 514 -33.80 -21.05 45.37
CA GLU B 514 -34.79 -20.92 46.44
C GLU B 514 -35.44 -19.55 46.36
N PRO B 515 -36.58 -19.43 45.67
CA PRO B 515 -37.27 -18.14 45.59
C PRO B 515 -38.32 -17.96 46.67
N LYS B 516 -38.60 -16.70 46.97
CA LYS B 516 -39.64 -16.36 47.93
C LYS B 516 -40.19 -14.99 47.61
N GLU B 517 -41.33 -14.66 48.22
CA GLU B 517 -42.07 -13.45 47.92
C GLU B 517 -41.90 -12.43 49.04
N ILE B 518 -41.63 -11.19 48.68
CA ILE B 518 -41.38 -10.11 49.62
C ILE B 518 -42.62 -9.23 49.70
N VAL B 519 -43.16 -9.08 50.91
CA VAL B 519 -44.32 -8.23 51.13
C VAL B 519 -44.05 -7.12 52.12
N ASP B 520 -43.02 -7.21 52.96
CA ASP B 520 -42.76 -6.24 54.01
C ASP B 520 -41.36 -5.66 53.85
N PRO B 521 -41.14 -4.42 54.27
CA PRO B 521 -39.79 -3.84 54.25
C PRO B 521 -38.93 -4.41 55.37
N LEU B 522 -37.69 -3.93 55.43
CA LEU B 522 -36.73 -4.46 56.39
C LEU B 522 -37.06 -4.00 57.81
N THR B 523 -36.84 -4.89 58.77
CA THR B 523 -37.00 -4.56 60.18
C THR B 523 -35.84 -5.16 60.98
N PRO B 524 -35.05 -4.34 61.70
CA PRO B 524 -35.04 -2.88 61.81
C PRO B 524 -34.52 -2.20 60.55
N ASP B 525 -34.54 -0.87 60.52
CA ASP B 525 -34.29 -0.12 59.30
C ASP B 525 -32.83 -0.26 58.85
N ALA B 526 -32.59 0.11 57.59
CA ALA B 526 -31.24 0.01 57.03
C ALA B 526 -30.30 1.03 57.65
N SER B 527 -30.81 2.16 58.09
CA SER B 527 -29.98 3.15 58.77
C SER B 527 -29.79 2.85 60.24
N GLU B 528 -30.48 1.86 60.78
CA GLU B 528 -30.31 1.46 62.17
C GLU B 528 -29.36 0.30 62.34
N SER B 529 -29.29 -0.60 61.35
CA SER B 529 -28.34 -1.69 61.42
C SER B 529 -26.93 -1.25 61.05
N VAL B 530 -26.80 -0.15 60.33
CA VAL B 530 -25.48 0.35 59.96
C VAL B 530 -24.84 1.10 61.13
N ASN B 531 -25.65 1.81 61.91
CA ASN B 531 -25.13 2.52 63.08
C ASN B 531 -24.69 1.57 64.19
N ASN B 532 -25.12 0.31 64.18
CA ASN B 532 -24.60 -0.67 65.11
C ASN B 532 -23.34 -1.34 64.60
N ILE B 533 -23.13 -1.35 63.29
CA ILE B 533 -21.89 -1.90 62.73
C ILE B 533 -20.74 -0.92 62.95
N LEU B 534 -20.99 0.37 62.74
CA LEU B 534 -19.94 1.38 62.89
C LEU B 534 -19.54 1.57 64.34
N LYS B 535 -20.47 1.39 65.28
CA LYS B 535 -20.12 1.52 66.69
C LYS B 535 -19.37 0.31 67.21
N GLN B 536 -19.65 -0.88 66.68
CA GLN B 536 -18.97 -2.07 67.17
C GLN B 536 -17.58 -2.21 66.58
N SER B 537 -17.42 -1.95 65.29
CA SER B 537 -16.11 -2.08 64.65
C SER B 537 -15.20 -0.89 64.94
N GLY B 538 -15.72 0.21 65.46
CA GLY B 538 -14.91 1.35 65.81
C GLY B 538 -14.68 2.35 64.70
N ALA B 539 -15.42 2.25 63.60
CA ALA B 539 -15.29 3.18 62.49
C ALA B 539 -16.26 4.34 62.55
N TRP B 540 -16.98 4.49 63.66
CA TRP B 540 -18.03 5.49 63.77
C TRP B 540 -17.43 6.87 64.02
N SER B 541 -17.91 7.87 63.28
CA SER B 541 -17.44 9.24 63.45
C SER B 541 -18.61 10.21 63.40
N GLY B 542 -19.71 9.87 64.08
CA GLY B 542 -20.81 10.80 64.22
C GLY B 542 -20.69 11.72 65.40
N ASP B 543 -19.67 11.52 66.23
CA ASP B 543 -19.42 12.37 67.39
C ASP B 543 -18.32 13.39 67.15
N ASP B 544 -17.88 13.54 65.90
CA ASP B 544 -16.79 14.45 65.59
C ASP B 544 -17.24 15.90 65.71
N LYS B 545 -16.33 16.76 66.16
CA LYS B 545 -16.68 18.16 66.34
C LYS B 545 -16.74 18.91 65.02
N LEU B 546 -15.93 18.49 64.05
CA LEU B 546 -15.83 19.19 62.78
C LEU B 546 -16.75 18.64 61.71
N GLN B 547 -16.99 17.34 61.68
CA GLN B 547 -17.81 16.73 60.63
C GLN B 547 -19.29 16.69 60.97
N LYS B 548 -19.68 17.07 62.18
CA LYS B 548 -21.10 17.05 62.53
C LYS B 548 -21.88 18.23 61.95
N TRP B 549 -21.20 19.25 61.43
CA TRP B 549 -21.89 20.38 60.82
C TRP B 549 -22.48 20.03 59.47
N VAL B 550 -21.95 19.01 58.80
CA VAL B 550 -22.42 18.61 57.49
C VAL B 550 -23.14 17.26 57.52
N ARG B 551 -22.68 16.31 58.35
CA ARG B 551 -23.35 15.03 58.53
C ARG B 551 -24.70 15.12 59.22
N VAL B 552 -25.09 16.30 59.71
CA VAL B 552 -26.42 16.46 60.29
C VAL B 552 -27.49 16.61 59.22
N TYR B 553 -27.09 16.88 57.98
CA TYR B 553 -28.06 16.90 56.88
C TYR B 553 -28.37 15.50 56.38
N LEU B 554 -27.35 14.64 56.33
CA LEU B 554 -27.54 13.30 55.76
C LEU B 554 -28.19 12.35 56.74
N ASP B 555 -27.91 12.50 58.03
CA ASP B 555 -28.44 11.64 59.08
C ASP B 555 -29.65 12.26 59.76
N ARG B 556 -30.49 12.92 58.96
CA ARG B 556 -31.65 13.63 59.49
C ARG B 556 -32.70 12.68 60.06
N GLY B 557 -32.83 11.49 59.50
CA GLY B 557 -33.76 10.50 60.01
C GLY B 557 -33.13 9.55 61.01
N LEU C 175 -66.19 31.20 7.51
CA LEU C 175 -64.76 30.92 7.64
C LEU C 175 -64.25 31.36 9.00
N GLY C 176 -63.06 30.87 9.36
CA GLY C 176 -62.46 31.21 10.64
C GLY C 176 -61.13 31.93 10.48
N ARG C 177 -60.99 33.06 11.17
CA ARG C 177 -59.73 33.81 11.12
C ARG C 177 -58.67 33.10 11.95
N GLN C 178 -57.42 33.20 11.49
CA GLN C 178 -56.31 32.66 12.25
C GLN C 178 -56.00 33.53 13.46
N LYS C 179 -55.34 32.94 14.43
CA LYS C 179 -55.06 33.59 15.71
C LYS C 179 -53.84 32.94 16.33
N ILE C 180 -52.94 33.76 16.88
CA ILE C 180 -51.72 33.30 17.51
C ILE C 180 -51.87 33.49 19.01
N GLY C 181 -51.69 32.41 19.76
CA GLY C 181 -51.76 32.44 21.21
C GLY C 181 -50.40 32.12 21.83
N VAL C 182 -50.10 32.79 22.93
CA VAL C 182 -48.86 32.59 23.68
C VAL C 182 -49.22 32.06 25.05
N MET C 183 -48.69 30.88 25.38
CA MET C 183 -49.02 30.17 26.62
C MET C 183 -47.75 29.97 27.42
N ARG C 184 -47.60 30.72 28.51
CA ARG C 184 -46.43 30.60 29.35
C ARG C 184 -46.58 29.41 30.30
N LEU C 185 -45.52 28.64 30.44
CA LEU C 185 -45.49 27.47 31.30
C LEU C 185 -44.80 27.83 32.61
N ASN C 186 -45.46 27.52 33.73
CA ASN C 186 -44.96 27.92 35.03
C ASN C 186 -44.26 26.79 35.78
N ASN C 187 -44.53 25.53 35.45
CA ASN C 187 -44.04 24.42 36.26
C ASN C 187 -43.28 23.37 35.45
N THR C 188 -42.83 23.71 34.24
CA THR C 188 -42.08 22.77 33.43
C THR C 188 -41.20 23.53 32.45
N PHE C 189 -40.42 22.77 31.68
CA PHE C 189 -39.49 23.31 30.70
C PHE C 189 -39.92 22.94 29.30
N VAL C 190 -39.86 23.89 28.38
CA VAL C 190 -39.92 23.60 26.95
C VAL C 190 -38.52 23.17 26.52
N GLY C 191 -38.44 22.29 25.53
CA GLY C 191 -37.18 21.86 24.99
C GLY C 191 -36.66 20.61 25.69
N ASP C 192 -35.72 19.97 25.01
CA ASP C 192 -35.22 18.66 25.42
C ASP C 192 -34.13 18.81 26.47
N ARG C 193 -33.97 17.77 27.29
CA ARG C 193 -32.92 17.68 28.29
C ARG C 193 -31.94 16.58 27.88
N THR C 194 -30.65 16.84 28.07
CA THR C 194 -29.61 15.93 27.62
C THR C 194 -28.66 15.63 28.78
N TYR C 195 -28.25 14.36 28.90
CA TYR C 195 -27.24 13.93 29.86
C TYR C 195 -26.45 12.79 29.24
N ASN C 196 -25.42 12.33 29.96
CA ASN C 196 -24.50 11.33 29.44
C ASN C 196 -24.28 10.21 30.44
N LEU C 197 -24.09 8.98 29.93
CA LEU C 197 -23.58 7.87 30.75
C LEU C 197 -22.26 7.43 30.13
N ARG C 198 -21.21 8.21 30.40
CA ARG C 198 -19.80 7.93 30.20
C ARG C 198 -19.34 7.81 28.74
N ASP C 199 -20.24 7.53 27.80
CA ASP C 199 -19.90 7.63 26.39
C ASP C 199 -21.07 8.08 25.53
N GLN C 200 -22.30 7.81 25.99
CA GLN C 200 -23.49 7.90 25.16
C GLN C 200 -24.40 9.00 25.66
N LYS C 201 -25.12 9.62 24.74
CA LYS C 201 -25.99 10.75 25.03
C LYS C 201 -27.44 10.29 25.03
N MET C 202 -28.19 10.70 26.05
CA MET C 202 -29.62 10.43 26.14
C MET C 202 -30.38 11.73 26.01
N VAL C 203 -31.43 11.74 25.19
CA VAL C 203 -32.24 12.92 24.93
C VAL C 203 -33.68 12.60 25.31
N ILE C 204 -34.26 13.43 26.16
CA ILE C 204 -35.64 13.27 26.62
C ILE C 204 -36.50 14.32 25.93
N PRO C 205 -37.58 13.94 25.25
CA PRO C 205 -38.40 14.94 24.56
C PRO C 205 -39.23 15.76 25.55
N GLY C 206 -39.31 17.05 25.28
CA GLY C 206 -40.01 17.98 26.13
C GLY C 206 -41.49 18.05 25.81
N ILE C 207 -42.11 19.15 26.23
CA ILE C 207 -43.53 19.34 25.98
C ILE C 207 -43.80 19.83 24.56
N ALA C 208 -42.81 20.42 23.89
CA ALA C 208 -43.04 20.96 22.57
C ALA C 208 -42.82 19.94 21.48
N THR C 209 -42.21 18.80 21.81
CA THR C 209 -42.05 17.70 20.87
C THR C 209 -43.17 16.68 21.00
N ALA C 210 -43.78 16.59 22.18
CA ALA C 210 -44.85 15.65 22.39
C ALA C 210 -46.15 16.09 21.74
N ILE C 211 -46.48 17.38 21.83
CA ILE C 211 -47.71 17.86 21.20
C ILE C 211 -47.51 18.05 19.69
N GLU C 212 -46.27 18.26 19.25
CA GLU C 212 -46.01 18.40 17.82
C GLU C 212 -46.17 17.07 17.10
N ARG C 213 -45.80 15.97 17.75
CA ARG C 213 -46.01 14.65 17.16
C ARG C 213 -47.46 14.18 17.30
N LEU C 214 -48.22 14.78 18.21
CA LEU C 214 -49.62 14.39 18.36
C LEU C 214 -50.46 14.97 17.23
N LEU C 215 -50.09 16.15 16.73
CA LEU C 215 -50.84 16.85 15.70
C LEU C 215 -50.18 16.69 14.33
N GLN C 216 -49.38 15.65 14.16
CA GLN C 216 -48.66 15.43 12.91
C GLN C 216 -49.54 14.65 11.94
N GLY C 217 -49.50 15.05 10.66
CA GLY C 217 -50.43 14.49 9.69
C GLY C 217 -51.83 14.97 9.99
N GLU C 218 -52.68 14.06 10.46
CA GLU C 218 -53.92 14.35 11.20
C GLU C 218 -54.91 15.18 10.38
N GLU C 219 -55.41 14.58 9.31
CA GLU C 219 -56.51 15.18 8.56
C GLU C 219 -57.82 14.94 9.27
N GLN C 220 -58.04 15.64 10.39
CA GLN C 220 -59.17 15.38 11.27
C GLN C 220 -59.91 16.67 11.62
N PRO C 221 -61.24 16.66 11.65
CA PRO C 221 -62.00 17.89 11.91
C PRO C 221 -61.97 18.35 13.36
N LEU C 222 -60.87 18.97 13.78
CA LEU C 222 -60.77 19.45 15.14
C LEU C 222 -61.44 20.82 15.29
N GLY C 223 -62.27 20.94 16.33
CA GLY C 223 -62.92 22.19 16.64
C GLY C 223 -62.93 22.49 18.12
N ALA C 262 -61.28 24.31 11.00
CA ALA C 262 -60.62 23.65 9.89
C ALA C 262 -60.24 22.21 10.27
N ALA C 263 -59.00 21.83 9.96
CA ALA C 263 -58.51 20.48 10.23
C ALA C 263 -57.60 20.49 11.43
N ALA C 264 -57.18 19.29 11.85
CA ALA C 264 -56.22 19.18 12.95
C ALA C 264 -54.79 19.22 12.45
N GLY C 265 -54.61 19.16 11.13
CA GLY C 265 -53.29 19.10 10.52
C GLY C 265 -52.67 20.43 10.16
N ASN C 266 -53.40 21.54 10.31
CA ASN C 266 -52.84 22.85 10.01
C ASN C 266 -52.53 23.65 11.26
N ILE C 267 -52.46 23.02 12.43
CA ILE C 267 -52.03 23.71 13.63
C ILE C 267 -50.51 23.65 13.73
N LYS C 268 -49.90 24.80 13.94
CA LYS C 268 -48.45 24.91 14.07
C LYS C 268 -48.11 25.22 15.52
N ILE C 269 -47.18 24.45 16.08
CA ILE C 269 -46.73 24.62 17.46
C ILE C 269 -45.22 24.77 17.44
N VAL C 270 -44.72 25.90 17.92
CA VAL C 270 -43.30 26.23 17.91
C VAL C 270 -42.88 26.65 19.31
N ALA C 271 -41.81 26.04 19.81
CA ALA C 271 -41.27 26.36 21.12
C ALA C 271 -40.50 27.67 21.07
N TYR C 272 -40.76 28.53 22.04
CA TYR C 272 -40.01 29.78 22.19
C TYR C 272 -39.33 29.76 23.54
N PRO C 273 -38.07 29.32 23.62
CA PRO C 273 -37.43 29.12 24.94
C PRO C 273 -37.00 30.41 25.62
N ASP C 274 -37.06 31.55 24.95
CA ASP C 274 -36.49 32.77 25.51
C ASP C 274 -37.40 33.34 26.59
N THR C 275 -38.69 33.00 26.57
CA THR C 275 -39.59 33.33 27.65
C THR C 275 -40.33 32.12 28.19
N ASN C 276 -39.92 30.91 27.79
CA ASN C 276 -40.47 29.62 28.25
C ASN C 276 -41.97 29.52 27.99
N SER C 277 -42.32 29.55 26.71
CA SER C 277 -43.71 29.58 26.32
C SER C 277 -43.88 28.95 24.95
N LEU C 278 -45.09 28.46 24.69
CA LEU C 278 -45.46 27.87 23.42
C LEU C 278 -46.13 28.89 22.51
N LEU C 279 -45.98 28.70 21.21
CA LEU C 279 -46.63 29.54 20.21
C LEU C 279 -47.52 28.66 19.36
N VAL C 280 -48.83 28.85 19.47
CA VAL C 280 -49.82 28.06 18.74
C VAL C 280 -50.51 28.96 17.73
N LYS C 281 -50.58 28.51 16.48
CA LYS C 281 -51.26 29.25 15.42
C LYS C 281 -52.38 28.40 14.86
N GLY C 282 -53.60 28.90 14.97
CA GLY C 282 -54.74 28.19 14.43
C GLY C 282 -55.96 29.08 14.48
N THR C 283 -57.14 28.47 14.39
CA THR C 283 -58.38 29.21 14.50
C THR C 283 -58.63 29.57 15.97
N ALA C 284 -59.72 30.29 16.22
CA ALA C 284 -60.05 30.70 17.57
C ALA C 284 -60.57 29.56 18.42
N GLU C 285 -60.94 28.44 17.81
CA GLU C 285 -61.41 27.27 18.55
C GLU C 285 -60.31 26.25 18.78
N GLN C 286 -59.31 26.21 17.90
CA GLN C 286 -58.19 25.30 18.10
C GLN C 286 -57.17 25.85 19.09
N VAL C 287 -57.06 27.17 19.20
CA VAL C 287 -56.15 27.77 20.16
C VAL C 287 -56.65 27.54 21.58
N HIS C 288 -57.96 27.69 21.79
CA HIS C 288 -58.58 27.36 23.07
C HIS C 288 -58.53 25.87 23.37
N PHE C 289 -58.41 25.03 22.33
CA PHE C 289 -58.38 23.58 22.55
C PHE C 289 -57.02 23.13 23.07
N ILE C 290 -55.93 23.77 22.65
CA ILE C 290 -54.60 23.42 23.13
C ILE C 290 -54.33 24.08 24.47
N GLU C 291 -54.97 25.22 24.75
CA GLU C 291 -54.78 25.92 26.02
C GLU C 291 -55.37 25.13 27.19
N MET C 292 -56.41 24.35 26.94
CA MET C 292 -56.96 23.51 27.99
C MET C 292 -56.16 22.22 28.18
N LEU C 293 -55.41 21.79 27.18
CA LEU C 293 -54.55 20.62 27.34
C LEU C 293 -53.29 20.97 28.11
N VAL C 294 -52.75 22.17 27.86
CA VAL C 294 -51.49 22.59 28.48
C VAL C 294 -51.66 22.78 29.99
N LYS C 295 -52.81 23.31 30.42
CA LYS C 295 -53.06 23.50 31.85
C LYS C 295 -53.31 22.19 32.60
N ALA C 296 -53.44 21.06 31.90
CA ALA C 296 -53.54 19.77 32.55
C ALA C 296 -52.20 19.05 32.62
N LEU C 297 -51.25 19.41 31.75
CA LEU C 297 -49.91 18.86 31.78
C LEU C 297 -48.92 19.72 32.57
N ASP C 298 -49.40 20.81 33.19
CA ASP C 298 -48.52 21.76 33.86
C ASP C 298 -48.81 21.73 35.36
N VAL C 299 -48.14 20.81 36.06
CA VAL C 299 -48.32 20.65 37.49
C VAL C 299 -46.95 20.71 38.17
N ALA C 300 -46.97 21.07 39.45
CA ALA C 300 -45.75 21.15 40.24
C ALA C 300 -45.32 19.77 40.72
N LYS C 301 -44.02 19.56 40.77
CA LYS C 301 -43.44 18.27 41.09
C LYS C 301 -42.96 18.22 42.53
N ARG C 302 -42.70 17.00 42.99
CA ARG C 302 -42.21 16.75 44.34
C ARG C 302 -40.78 16.22 44.27
N HIS C 303 -40.06 16.37 45.38
CA HIS C 303 -38.65 16.02 45.43
C HIS C 303 -38.45 14.67 46.11
N VAL C 304 -37.56 13.86 45.55
CA VAL C 304 -37.17 12.57 46.11
C VAL C 304 -35.68 12.59 46.36
N GLU C 305 -35.27 12.19 47.56
CA GLU C 305 -33.86 12.04 47.89
C GLU C 305 -33.57 10.55 48.09
N LEU C 306 -32.65 10.02 47.28
CA LEU C 306 -32.35 8.60 47.28
C LEU C 306 -31.01 8.35 47.97
N SER C 307 -31.01 7.48 48.97
CA SER C 307 -29.82 7.13 49.72
C SER C 307 -29.56 5.64 49.57
N LEU C 308 -28.35 5.29 49.15
CA LEU C 308 -27.97 3.91 48.89
C LEU C 308 -26.83 3.51 49.81
N TRP C 309 -26.98 2.39 50.51
CA TRP C 309 -25.96 1.90 51.42
C TRP C 309 -25.23 0.72 50.80
N ILE C 310 -23.90 0.72 50.89
CA ILE C 310 -23.06 -0.36 50.42
C ILE C 310 -22.20 -0.80 51.60
N VAL C 311 -22.55 -1.91 52.22
CA VAL C 311 -21.85 -2.44 53.39
C VAL C 311 -20.98 -3.60 52.95
N ASP C 312 -19.74 -3.62 53.41
CA ASP C 312 -18.76 -4.62 52.99
C ASP C 312 -17.95 -5.04 54.21
N LEU C 313 -18.02 -6.32 54.56
CA LEU C 313 -17.30 -6.85 55.70
C LEU C 313 -16.41 -7.98 55.26
N ASN C 314 -15.33 -8.20 56.01
CA ASN C 314 -14.38 -9.28 55.77
C ASN C 314 -13.92 -9.86 57.10
N LYS C 315 -13.28 -11.01 57.00
CA LYS C 315 -12.72 -11.74 58.12
C LYS C 315 -11.81 -12.81 57.55
N SER C 316 -10.76 -13.18 58.29
CA SER C 316 -9.81 -14.15 57.78
C SER C 316 -9.10 -14.84 58.93
N ASP C 317 -8.36 -15.88 58.58
CA ASP C 317 -7.59 -16.68 59.54
C ASP C 317 -6.60 -17.49 58.73
N LEU C 318 -5.43 -17.77 59.29
CA LEU C 318 -4.36 -18.45 58.58
C LEU C 318 -3.34 -18.96 59.58
N GLU C 319 -2.82 -20.16 59.34
CA GLU C 319 -1.77 -20.74 60.20
C GLU C 319 -1.00 -21.77 59.41
N ARG C 320 0.32 -21.57 59.28
CA ARG C 320 1.21 -22.56 58.71
C ARG C 320 2.28 -22.93 59.72
N LEU C 321 2.62 -24.22 59.81
CA LEU C 321 3.64 -24.67 60.75
C LEU C 321 4.19 -26.01 60.27
N GLY C 322 5.45 -26.02 59.86
CA GLY C 322 6.08 -27.26 59.45
C GLY C 322 7.19 -27.01 58.46
N THR C 323 7.89 -28.09 58.12
CA THR C 323 9.02 -28.06 57.21
C THR C 323 8.71 -28.85 55.94
N SER C 324 9.61 -28.74 54.97
CA SER C 324 9.47 -29.43 53.69
C SER C 324 10.84 -29.59 53.07
N TRP C 325 11.29 -30.83 52.91
CA TRP C 325 12.64 -31.13 52.44
C TRP C 325 12.65 -31.35 50.94
N SER C 326 13.58 -30.68 50.24
CA SER C 326 13.71 -30.82 48.80
C SER C 326 15.12 -30.36 48.41
N GLY C 327 15.96 -31.28 47.97
CA GLY C 327 17.32 -30.94 47.60
C GLY C 327 18.03 -32.06 46.88
N SER C 328 19.25 -31.76 46.46
CA SER C 328 20.13 -32.72 45.78
C SER C 328 21.46 -32.83 46.51
N ILE C 329 22.23 -33.85 46.13
CA ILE C 329 23.52 -34.12 46.76
C ILE C 329 24.40 -34.81 45.73
N THR C 330 25.70 -34.86 46.01
CA THR C 330 26.66 -35.57 45.16
C THR C 330 27.59 -36.37 46.05
N ILE C 331 27.65 -37.69 45.84
CA ILE C 331 28.36 -38.61 46.71
C ILE C 331 29.50 -39.22 45.91
N GLY C 332 30.70 -38.64 46.05
CA GLY C 332 31.92 -39.24 45.54
C GLY C 332 32.01 -39.36 44.03
N ASP C 333 31.45 -38.38 43.30
CA ASP C 333 31.50 -38.20 41.83
C ASP C 333 31.23 -39.46 41.00
N LYS C 334 30.47 -40.39 41.57
CA LYS C 334 30.04 -41.60 40.87
C LYS C 334 28.57 -41.91 41.06
N LEU C 335 27.92 -41.41 42.11
CA LEU C 335 26.49 -41.59 42.28
C LEU C 335 25.94 -40.39 43.04
N GLY C 336 24.74 -39.98 42.66
CA GLY C 336 24.09 -38.84 43.30
C GLY C 336 22.68 -39.19 43.69
N VAL C 337 22.20 -38.54 44.74
CA VAL C 337 20.88 -38.80 45.31
C VAL C 337 20.07 -37.51 45.26
N SER C 338 18.89 -37.57 44.66
CA SER C 338 17.95 -36.47 44.69
C SER C 338 16.86 -36.76 45.71
N LEU C 339 16.02 -35.75 45.96
CA LEU C 339 14.92 -35.89 46.91
C LEU C 339 13.82 -34.90 46.55
N ASN C 340 12.67 -35.44 46.12
CA ASN C 340 11.44 -34.67 45.84
C ASN C 340 11.66 -33.59 44.79
N GLN C 341 12.35 -33.93 43.70
CA GLN C 341 12.66 -32.99 42.65
C GLN C 341 12.35 -33.60 41.29
N SER C 342 12.44 -32.76 40.26
CA SER C 342 12.30 -33.20 38.88
C SER C 342 13.58 -32.98 38.09
N SER C 343 14.19 -31.81 38.22
CA SER C 343 15.46 -31.49 37.58
C SER C 343 16.58 -31.59 38.60
N ILE C 344 17.65 -32.30 38.23
CA ILE C 344 18.73 -32.61 39.17
C ILE C 344 20.03 -32.00 38.63
N SER C 345 20.11 -31.88 37.30
CA SER C 345 21.36 -31.48 36.65
C SER C 345 21.69 -30.02 36.90
N THR C 346 20.70 -29.12 36.77
CA THR C 346 20.94 -27.71 37.02
C THR C 346 20.99 -27.38 38.51
N LEU C 347 20.58 -28.30 39.38
CA LEU C 347 20.77 -28.18 40.82
C LEU C 347 21.76 -29.21 41.35
N ASP C 348 22.78 -29.56 40.55
CA ASP C 348 23.74 -30.57 40.97
C ASP C 348 24.75 -30.03 41.97
N GLY C 349 25.16 -28.77 41.83
CA GLY C 349 26.10 -28.16 42.75
C GLY C 349 25.48 -27.61 44.02
N SER C 350 24.18 -27.76 44.20
CA SER C 350 23.49 -27.24 45.37
C SER C 350 23.43 -28.30 46.47
N ARG C 351 22.61 -28.06 47.48
CA ARG C 351 22.53 -28.93 48.65
C ARG C 351 21.08 -29.20 49.03
N PHE C 352 20.86 -29.82 50.19
CA PHE C 352 19.51 -30.04 50.68
C PHE C 352 18.94 -28.73 51.23
N ILE C 353 17.65 -28.53 51.01
CA ILE C 353 16.94 -27.34 51.48
C ILE C 353 15.81 -27.79 52.38
N ALA C 354 15.74 -27.22 53.59
CA ALA C 354 14.69 -27.51 54.55
C ALA C 354 13.89 -26.23 54.76
N ALA C 355 12.88 -26.01 53.91
CA ALA C 355 12.09 -24.79 53.96
C ALA C 355 11.12 -24.86 55.14
N VAL C 356 11.30 -23.97 56.11
CA VAL C 356 10.49 -23.93 57.32
C VAL C 356 9.49 -22.80 57.17
N ASN C 357 8.26 -23.02 57.63
CA ASN C 357 7.22 -22.01 57.64
C ASN C 357 6.63 -21.90 59.03
N ALA C 358 6.42 -20.67 59.49
CA ALA C 358 5.77 -20.42 60.77
C ALA C 358 5.05 -19.08 60.68
N LEU C 359 3.73 -19.11 60.87
CA LEU C 359 2.90 -17.93 60.69
C LEU C 359 1.56 -18.18 61.37
N GLU C 360 0.94 -17.10 61.83
CA GLU C 360 -0.38 -17.17 62.45
C GLU C 360 -1.03 -15.79 62.30
N GLU C 361 -2.02 -15.68 61.43
CA GLU C 361 -2.52 -14.38 61.01
C GLU C 361 -4.02 -14.26 61.26
N LYS C 362 -4.44 -13.09 61.75
CA LYS C 362 -5.84 -12.72 61.84
C LYS C 362 -6.06 -11.45 61.03
N LYS C 363 -7.31 -11.20 60.67
CA LYS C 363 -7.64 -10.06 59.82
C LYS C 363 -9.10 -9.70 59.99
N GLN C 364 -9.42 -8.44 59.70
CA GLN C 364 -10.78 -7.92 59.75
C GLN C 364 -10.81 -6.60 59.00
N ALA C 365 -11.89 -6.34 58.28
CA ALA C 365 -12.01 -5.12 57.50
C ALA C 365 -13.47 -4.80 57.25
N THR C 366 -13.88 -3.57 57.59
CA THR C 366 -15.23 -3.09 57.35
C THR C 366 -15.17 -1.84 56.48
N VAL C 367 -16.09 -1.73 55.53
CA VAL C 367 -16.20 -0.55 54.67
C VAL C 367 -17.68 -0.25 54.48
N VAL C 368 -18.09 0.97 54.81
CA VAL C 368 -19.47 1.42 54.62
C VAL C 368 -19.44 2.68 53.78
N SER C 369 -19.96 2.60 52.56
CA SER C 369 -20.01 3.73 51.64
C SER C 369 -21.46 4.07 51.34
N ARG C 370 -21.72 5.34 51.02
CA ARG C 370 -23.09 5.84 50.88
C ARG C 370 -23.15 7.03 49.94
N PRO C 371 -23.69 6.86 48.73
CA PRO C 371 -24.00 8.01 47.88
C PRO C 371 -25.42 8.52 48.06
N VAL C 372 -25.58 9.84 47.99
CA VAL C 372 -26.87 10.51 48.17
C VAL C 372 -27.14 11.36 46.94
N LEU C 373 -28.38 11.34 46.44
CA LEU C 373 -28.76 12.05 45.24
C LEU C 373 -30.17 12.58 45.39
N LEU C 374 -30.42 13.78 44.85
CA LEU C 374 -31.72 14.44 44.95
C LEU C 374 -32.26 14.77 43.57
N THR C 375 -33.52 14.43 43.33
CA THR C 375 -34.16 14.69 42.05
C THR C 375 -35.66 14.86 42.26
N GLN C 376 -36.39 15.00 41.17
CA GLN C 376 -37.83 15.20 41.18
C GLN C 376 -38.54 13.96 40.66
N GLU C 377 -39.88 14.03 40.62
CA GLU C 377 -40.66 12.94 40.04
C GLU C 377 -40.41 12.85 38.55
N ASN C 378 -40.32 11.61 38.05
CA ASN C 378 -40.28 11.28 36.62
C ASN C 378 -39.10 11.92 35.90
N VAL C 379 -38.01 12.20 36.60
CA VAL C 379 -36.84 12.84 36.04
C VAL C 379 -35.65 11.92 36.27
N PRO C 380 -34.94 11.51 35.22
CA PRO C 380 -33.75 10.67 35.42
C PRO C 380 -32.58 11.49 35.94
N ALA C 381 -31.89 10.96 36.94
CA ALA C 381 -30.76 11.61 37.55
C ALA C 381 -29.57 10.67 37.57
N ILE C 382 -28.37 11.23 37.67
CA ILE C 382 -27.12 10.48 37.65
C ILE C 382 -26.19 11.00 38.71
N PHE C 383 -25.69 10.09 39.56
CA PHE C 383 -24.53 10.34 40.39
C PHE C 383 -23.41 9.45 39.88
N ASP C 384 -22.20 10.00 39.80
CA ASP C 384 -21.07 9.29 39.22
C ASP C 384 -19.80 9.69 39.95
N ASN C 385 -19.00 8.71 40.34
CA ASN C 385 -17.72 8.97 41.01
C ASN C 385 -16.73 7.95 40.45
N ASN C 386 -16.02 8.33 39.40
CA ASN C 386 -15.24 7.37 38.63
C ASN C 386 -13.76 7.74 38.63
N ARG C 387 -13.00 6.96 37.88
CA ARG C 387 -11.55 7.11 37.73
C ARG C 387 -11.16 6.64 36.35
N THR C 388 -10.36 7.43 35.65
CA THR C 388 -10.02 7.17 34.25
C THR C 388 -8.54 6.83 34.17
N PHE C 389 -8.20 5.84 33.34
CA PHE C 389 -6.84 5.35 33.16
C PHE C 389 -6.48 5.46 31.70
N TYR C 390 -5.53 6.33 31.37
CA TYR C 390 -5.17 6.60 30.00
C TYR C 390 -3.93 5.83 29.60
N THR C 391 -3.94 5.26 28.40
CA THR C 391 -2.84 4.45 27.90
C THR C 391 -2.42 4.96 26.53
N LYS C 392 -1.18 4.66 26.15
CA LYS C 392 -0.58 5.16 24.92
C LYS C 392 -0.40 3.98 23.95
N LEU C 393 -1.37 3.81 23.07
CA LEU C 393 -1.29 2.80 22.01
C LEU C 393 -0.50 3.42 20.86
N ILE C 394 0.77 3.05 20.76
CA ILE C 394 1.67 3.67 19.78
C ILE C 394 1.46 2.99 18.43
N GLY C 395 0.46 3.47 17.70
CA GLY C 395 0.21 3.06 16.34
C GLY C 395 0.78 4.10 15.37
N GLU C 396 0.33 4.00 14.13
CA GLU C 396 0.76 4.96 13.13
C GLU C 396 -0.38 5.74 12.48
N ARG C 397 -1.57 5.15 12.33
CA ARG C 397 -2.64 5.77 11.55
C ARG C 397 -3.74 6.33 12.42
N ASN C 398 -4.41 5.44 13.14
CA ASN C 398 -5.55 5.78 13.97
C ASN C 398 -5.02 5.81 15.40
N VAL C 399 -4.04 6.66 15.63
CA VAL C 399 -3.44 6.85 16.95
C VAL C 399 -4.51 7.42 17.85
N ALA C 400 -4.60 6.88 19.07
CA ALA C 400 -5.70 7.25 19.94
C ALA C 400 -5.27 7.10 21.38
N LEU C 401 -5.90 7.86 22.24
CA LEU C 401 -5.78 7.71 23.68
C LEU C 401 -6.96 6.84 24.10
N GLU C 402 -6.68 5.57 24.38
CA GLU C 402 -7.72 4.67 24.85
C GLU C 402 -7.77 4.72 26.37
N HIS C 403 -8.96 4.53 26.92
CA HIS C 403 -9.15 4.72 28.35
C HIS C 403 -10.16 3.72 28.88
N VAL C 404 -10.00 3.38 30.16
CA VAL C 404 -10.97 2.57 30.89
C VAL C 404 -11.49 3.45 32.04
N THR C 405 -12.64 3.06 32.58
CA THR C 405 -13.33 3.85 33.57
C THR C 405 -13.99 2.92 34.58
N TYR C 406 -13.85 3.22 35.87
CA TYR C 406 -14.47 2.40 36.90
C TYR C 406 -14.78 3.28 38.10
N GLY C 407 -15.90 3.00 38.75
CA GLY C 407 -16.27 3.73 39.95
C GLY C 407 -17.74 3.53 40.27
N THR C 408 -18.18 4.24 41.31
CA THR C 408 -19.56 4.15 41.78
C THR C 408 -20.46 4.96 40.85
N MET C 409 -21.65 4.46 40.58
CA MET C 409 -22.56 5.08 39.62
C MET C 409 -23.98 4.64 39.89
N ILE C 410 -24.89 5.61 40.03
CA ILE C 410 -26.32 5.34 40.19
C ILE C 410 -27.07 6.10 39.11
N ARG C 411 -28.06 5.45 38.50
CA ARG C 411 -29.00 6.12 37.62
C ARG C 411 -30.40 5.67 38.02
N VAL C 412 -31.22 6.62 38.47
CA VAL C 412 -32.50 6.31 39.08
C VAL C 412 -33.59 7.11 38.38
N LEU C 413 -34.82 6.60 38.43
CA LEU C 413 -35.99 7.26 37.83
C LEU C 413 -37.14 7.08 38.81
N PRO C 414 -37.31 8.00 39.75
CA PRO C 414 -38.32 7.82 40.79
C PRO C 414 -39.71 8.20 40.30
N ARG C 415 -40.71 7.67 41.00
CA ARG C 415 -42.10 7.85 40.63
C ARG C 415 -42.98 7.49 41.82
N PHE C 416 -43.94 8.36 42.13
CA PHE C 416 -44.86 8.09 43.24
C PHE C 416 -46.04 7.25 42.76
N SER C 417 -46.40 6.25 43.56
CA SER C 417 -47.55 5.42 43.26
C SER C 417 -48.81 6.08 43.81
N ALA C 418 -49.92 5.35 43.79
CA ALA C 418 -51.19 5.90 44.25
C ALA C 418 -51.32 5.88 45.77
N ASP C 419 -50.59 5.00 46.44
CA ASP C 419 -50.68 4.85 47.89
C ASP C 419 -49.67 5.71 48.63
N GLY C 420 -48.72 6.31 47.94
CA GLY C 420 -47.65 7.04 48.58
C GLY C 420 -46.32 6.32 48.62
N GLN C 421 -46.19 5.20 47.93
CA GLN C 421 -44.92 4.49 47.85
C GLN C 421 -44.13 4.98 46.64
N ILE C 422 -42.83 4.76 46.68
CA ILE C 422 -41.91 5.28 45.67
C ILE C 422 -41.32 4.11 44.90
N GLU C 423 -41.65 4.01 43.62
CA GLU C 423 -41.08 3.00 42.75
C GLU C 423 -39.90 3.58 41.99
N MET C 424 -38.83 2.79 41.87
CA MET C 424 -37.59 3.25 41.29
C MET C 424 -37.09 2.26 40.25
N SER C 425 -36.43 2.78 39.23
CA SER C 425 -35.81 1.97 38.18
C SER C 425 -34.30 2.15 38.28
N LEU C 426 -33.62 1.16 38.86
CA LEU C 426 -32.25 1.33 39.32
C LEU C 426 -31.25 0.77 38.31
N ASP C 427 -30.05 1.37 38.31
CA ASP C 427 -28.90 0.90 37.54
C ASP C 427 -27.66 1.21 38.37
N ILE C 428 -27.21 0.25 39.16
CA ILE C 428 -26.16 0.45 40.15
C ILE C 428 -24.88 -0.21 39.64
N GLU C 429 -23.76 0.50 39.75
CA GLU C 429 -22.44 -0.04 39.48
C GLU C 429 -21.49 0.37 40.60
N ASP C 430 -20.75 -0.59 41.14
CA ASP C 430 -19.75 -0.30 42.17
C ASP C 430 -18.49 -1.09 41.82
N GLY C 431 -17.47 -0.39 41.35
CA GLY C 431 -16.24 -1.03 40.95
C GLY C 431 -15.04 -0.44 41.67
N ASN C 432 -13.95 -1.19 41.69
CA ASN C 432 -12.68 -0.73 42.25
C ASN C 432 -11.56 -1.43 41.50
N ASP C 433 -10.33 -1.16 41.91
CA ASP C 433 -9.14 -1.61 41.20
C ASP C 433 -8.49 -2.74 42.00
N LYS C 434 -8.48 -3.94 41.43
CA LYS C 434 -7.78 -5.07 42.02
C LYS C 434 -6.31 -5.01 41.62
N THR C 435 -5.43 -5.28 42.59
CA THR C 435 -4.00 -5.14 42.37
C THR C 435 -3.33 -6.50 42.37
N PRO C 436 -2.59 -6.84 41.32
CA PRO C 436 -1.73 -8.04 41.38
C PRO C 436 -0.44 -7.78 42.14
N GLN C 437 0.48 -8.74 42.09
CA GLN C 437 1.74 -8.64 42.83
C GLN C 437 2.59 -7.50 42.28
N SER C 438 3.11 -6.66 43.17
CA SER C 438 3.84 -5.47 42.77
C SER C 438 5.25 -5.76 42.32
N ASP C 439 5.83 -6.90 42.71
CA ASP C 439 7.23 -7.18 42.42
C ASP C 439 7.48 -7.57 40.97
N THR C 440 6.47 -8.08 40.26
CA THR C 440 6.63 -8.50 38.88
C THR C 440 6.40 -7.33 37.93
N THR C 441 6.87 -7.51 36.69
CA THR C 441 6.97 -6.46 35.68
C THR C 441 5.60 -5.93 35.24
N THR C 442 4.52 -6.71 35.37
CA THR C 442 3.20 -6.31 34.87
C THR C 442 2.53 -5.22 35.71
N SER C 443 3.21 -4.66 36.72
CA SER C 443 2.69 -3.52 37.47
C SER C 443 3.04 -2.18 36.84
N VAL C 444 3.88 -2.14 35.82
CA VAL C 444 4.26 -0.88 35.20
C VAL C 444 3.58 -0.66 33.84
N ASP C 445 2.97 -1.69 33.27
CA ASP C 445 2.25 -1.53 32.02
C ASP C 445 0.77 -1.26 32.29
N ALA C 446 -0.02 -1.21 31.23
CA ALA C 446 -1.44 -0.85 31.31
C ALA C 446 -2.28 -2.09 31.64
N LEU C 447 -2.09 -2.58 32.86
CA LEU C 447 -2.91 -3.67 33.39
C LEU C 447 -3.46 -3.28 34.76
N PRO C 448 -4.50 -2.44 34.79
CA PRO C 448 -5.32 -2.32 36.01
C PRO C 448 -6.46 -3.33 36.00
N GLU C 449 -6.26 -4.52 36.57
CA GLU C 449 -7.37 -5.48 36.67
C GLU C 449 -8.55 -4.90 37.44
N VAL C 450 -9.64 -4.62 36.72
CA VAL C 450 -10.82 -3.97 37.27
C VAL C 450 -11.84 -5.03 37.64
N GLY C 451 -12.38 -4.95 38.86
CA GLY C 451 -13.50 -5.75 39.27
C GLY C 451 -14.71 -4.88 39.55
N ARG C 452 -15.83 -5.21 38.92
CA ARG C 452 -17.05 -4.41 39.01
C ARG C 452 -18.16 -5.23 39.63
N THR C 453 -19.30 -4.56 39.88
CA THR C 453 -20.48 -5.19 40.44
C THR C 453 -21.69 -4.45 39.91
N LEU C 454 -22.50 -5.11 39.08
CA LEU C 454 -23.60 -4.48 38.36
C LEU C 454 -24.92 -5.06 38.84
N ILE C 455 -25.91 -4.19 39.03
CA ILE C 455 -27.25 -4.57 39.46
C ILE C 455 -28.25 -3.73 38.70
N SER C 456 -29.24 -4.37 38.08
CA SER C 456 -30.28 -3.67 37.34
C SER C 456 -31.62 -4.33 37.65
N THR C 457 -32.52 -3.59 38.30
CA THR C 457 -33.78 -4.15 38.76
C THR C 457 -34.79 -3.02 38.93
N ILE C 458 -35.96 -3.35 39.49
CA ILE C 458 -37.01 -2.39 39.80
C ILE C 458 -37.58 -2.74 41.16
N ALA C 459 -37.62 -1.78 42.08
CA ALA C 459 -38.14 -2.02 43.42
C ALA C 459 -39.11 -0.91 43.80
N ARG C 460 -39.93 -1.18 44.82
CA ARG C 460 -40.95 -0.23 45.26
C ARG C 460 -40.98 -0.20 46.79
N VAL C 461 -40.56 0.91 47.37
CA VAL C 461 -40.39 1.07 48.81
C VAL C 461 -41.41 2.08 49.31
N PRO C 462 -41.96 1.92 50.52
CA PRO C 462 -42.73 3.01 51.13
C PRO C 462 -41.83 4.18 51.52
N HIS C 463 -42.46 5.27 51.93
CA HIS C 463 -41.73 6.48 52.27
C HIS C 463 -41.08 6.33 53.63
N GLY C 464 -39.75 6.31 53.65
CA GLY C 464 -39.00 6.20 54.87
C GLY C 464 -38.52 4.81 55.24
N LYS C 465 -39.06 3.77 54.60
CA LYS C 465 -38.64 2.41 54.86
C LYS C 465 -37.50 2.04 53.91
N SER C 466 -37.10 0.77 53.92
CA SER C 466 -35.95 0.36 53.14
C SER C 466 -36.14 -1.05 52.59
N LEU C 467 -35.33 -1.39 51.60
CA LEU C 467 -35.37 -2.69 50.96
C LEU C 467 -33.95 -3.14 50.64
N LEU C 468 -33.76 -4.47 50.64
CA LEU C 468 -32.49 -5.06 50.26
C LEU C 468 -32.55 -5.45 48.79
N VAL C 469 -31.68 -4.85 47.98
CA VAL C 469 -31.73 -5.04 46.53
C VAL C 469 -30.79 -6.15 46.08
N GLY C 470 -29.53 -6.11 46.49
CA GLY C 470 -28.58 -7.12 46.10
C GLY C 470 -27.96 -7.81 47.29
N GLY C 471 -26.88 -8.55 47.07
CA GLY C 471 -26.23 -9.24 48.16
C GLY C 471 -25.27 -10.29 47.64
N TYR C 472 -24.35 -10.68 48.52
CA TYR C 472 -23.34 -11.69 48.22
C TYR C 472 -22.67 -12.16 49.50
N THR C 473 -22.61 -13.46 49.73
CA THR C 473 -21.84 -14.03 50.83
C THR C 473 -20.91 -15.10 50.29
N ARG C 474 -19.86 -15.41 51.05
CA ARG C 474 -18.93 -16.47 50.67
C ARG C 474 -18.20 -16.96 51.91
N ASP C 475 -18.18 -18.28 52.10
CA ASP C 475 -17.49 -18.91 53.21
C ASP C 475 -16.54 -19.98 52.67
N ALA C 476 -15.39 -20.15 53.32
CA ALA C 476 -14.41 -21.10 52.86
C ALA C 476 -13.59 -21.63 54.03
N ASN C 477 -13.09 -22.85 53.87
CA ASN C 477 -12.24 -23.47 54.89
C ASN C 477 -11.44 -24.59 54.24
N THR C 478 -10.13 -24.39 54.11
CA THR C 478 -9.24 -25.42 53.58
C THR C 478 -8.20 -25.79 54.63
N ASP C 479 -7.65 -27.00 54.51
CA ASP C 479 -6.58 -27.47 55.37
C ASP C 479 -5.83 -28.63 54.73
N THR C 480 -4.50 -28.54 54.69
CA THR C 480 -3.65 -29.57 54.12
C THR C 480 -2.77 -30.16 55.22
N VAL C 481 -2.33 -31.39 55.03
CA VAL C 481 -1.40 -32.06 55.93
C VAL C 481 -0.42 -32.86 55.08
N GLN C 482 0.87 -32.54 55.19
CA GLN C 482 1.92 -33.31 54.52
C GLN C 482 2.86 -33.88 55.57
N SER C 483 3.55 -34.96 55.20
CA SER C 483 4.52 -35.59 56.09
C SER C 483 5.46 -36.47 55.28
N ILE C 484 6.52 -36.92 55.95
CA ILE C 484 7.39 -38.00 55.47
C ILE C 484 6.72 -39.26 56.00
N PRO C 485 6.68 -40.37 55.23
CA PRO C 485 5.86 -41.52 55.64
C PRO C 485 6.25 -42.20 56.95
N PHE C 486 7.54 -42.41 57.21
CA PHE C 486 7.94 -43.06 58.46
C PHE C 486 8.51 -42.10 59.49
N LEU C 487 9.27 -41.10 59.06
CA LEU C 487 9.91 -40.18 60.00
C LEU C 487 8.92 -39.21 60.62
N GLY C 488 7.72 -39.06 60.03
CA GLY C 488 6.74 -38.12 60.56
C GLY C 488 5.96 -38.62 61.76
N LYS C 489 6.20 -39.85 62.21
CA LYS C 489 5.51 -40.40 63.36
C LYS C 489 6.42 -40.63 64.56
N LEU C 490 7.63 -40.08 64.52
CA LEU C 490 8.52 -40.17 65.67
C LEU C 490 8.01 -39.30 66.81
N PRO C 491 8.27 -39.68 68.08
CA PRO C 491 7.69 -38.94 69.22
C PRO C 491 8.18 -37.51 69.37
N LEU C 492 9.50 -37.30 69.45
CA LEU C 492 10.05 -35.98 69.69
C LEU C 492 10.87 -35.45 68.51
N ILE C 493 11.20 -36.30 67.55
CA ILE C 493 11.92 -35.86 66.35
C ILE C 493 10.98 -35.64 65.17
N GLY C 494 9.79 -36.25 65.17
CA GLY C 494 8.90 -36.23 64.03
C GLY C 494 8.24 -34.89 63.74
N SER C 495 8.45 -33.88 64.58
CA SER C 495 7.89 -32.57 64.29
C SER C 495 8.67 -31.84 63.20
N LEU C 496 9.89 -32.27 62.91
CA LEU C 496 10.72 -31.64 61.90
C LEU C 496 10.39 -32.10 60.48
N PHE C 497 9.40 -32.99 60.31
CA PHE C 497 9.08 -33.53 59.00
C PHE C 497 7.63 -33.32 58.59
N ARG C 498 6.73 -33.02 59.52
CA ARG C 498 5.34 -32.80 59.17
C ARG C 498 5.14 -31.37 58.66
N TYR C 499 3.93 -31.11 58.17
CA TYR C 499 3.53 -29.80 57.68
C TYR C 499 2.01 -29.74 57.73
N SER C 500 1.48 -28.55 58.05
CA SER C 500 0.03 -28.40 58.17
C SER C 500 -0.34 -26.94 57.99
N SER C 501 -1.35 -26.68 57.17
CA SER C 501 -1.83 -25.34 56.92
C SER C 501 -3.33 -25.28 57.13
N LYS C 502 -3.85 -24.06 57.28
CA LYS C 502 -5.27 -23.81 57.42
C LYS C 502 -5.61 -22.51 56.71
N ASN C 503 -6.91 -22.27 56.53
CA ASN C 503 -7.40 -21.05 55.91
C ASN C 503 -8.89 -20.93 56.23
N LYS C 504 -9.39 -19.70 56.27
CA LYS C 504 -10.79 -19.43 56.56
C LYS C 504 -11.10 -17.99 56.13
N SER C 505 -12.28 -17.78 55.55
CA SER C 505 -12.69 -16.45 55.15
C SER C 505 -14.19 -16.33 55.19
N ASN C 506 -14.69 -15.12 55.43
CA ASN C 506 -16.13 -14.85 55.46
C ASN C 506 -16.36 -13.45 54.93
N VAL C 507 -16.97 -13.35 53.74
CA VAL C 507 -17.19 -12.09 53.04
C VAL C 507 -18.69 -11.84 52.97
N VAL C 508 -19.09 -10.59 53.20
CA VAL C 508 -20.49 -10.17 53.11
C VAL C 508 -20.56 -8.83 52.41
N ARG C 509 -21.30 -8.74 51.31
CA ARG C 509 -21.61 -7.48 50.66
C ARG C 509 -23.12 -7.38 50.49
N VAL C 510 -23.69 -6.20 50.76
CA VAL C 510 -25.12 -5.94 50.57
C VAL C 510 -25.32 -4.56 49.96
N PHE C 511 -26.48 -4.38 49.35
CA PHE C 511 -26.89 -3.11 48.75
C PHE C 511 -28.29 -2.81 49.27
N MET C 512 -28.47 -1.63 49.86
CA MET C 512 -29.75 -1.26 50.43
C MET C 512 -30.20 0.10 49.91
N ILE C 513 -31.51 0.29 49.81
CA ILE C 513 -32.12 1.47 49.21
C ILE C 513 -33.06 2.07 50.24
N GLU C 514 -32.97 3.39 50.45
CA GLU C 514 -33.83 4.09 51.41
C GLU C 514 -34.23 5.44 50.85
N PRO C 515 -35.38 5.53 50.19
CA PRO C 515 -35.83 6.81 49.65
C PRO C 515 -36.74 7.57 50.62
N LYS C 516 -36.77 8.88 50.44
CA LYS C 516 -37.64 9.74 51.24
C LYS C 516 -37.97 10.98 50.44
N GLU C 517 -38.96 11.73 50.92
CA GLU C 517 -39.50 12.88 50.20
C GLU C 517 -39.05 14.16 50.88
N ILE C 518 -38.60 15.12 50.09
CA ILE C 518 -38.07 16.39 50.57
C ILE C 518 -39.13 17.47 50.35
N VAL C 519 -39.53 18.13 51.43
CA VAL C 519 -40.49 19.23 51.34
C VAL C 519 -39.95 20.54 51.87
N ASP C 520 -38.89 20.55 52.66
CA ASP C 520 -38.36 21.74 53.28
C ASP C 520 -36.90 21.95 52.90
N PRO C 521 -36.43 23.20 52.85
CA PRO C 521 -35.00 23.45 52.59
C PRO C 521 -34.16 23.14 53.83
N LEU C 522 -32.86 23.36 53.69
CA LEU C 522 -31.93 23.03 54.75
C LEU C 522 -32.05 24.01 55.91
N THR C 523 -31.92 23.50 57.14
CA THR C 523 -31.88 24.33 58.34
C THR C 523 -30.78 23.82 59.27
N PRO C 524 -29.80 24.67 59.65
CA PRO C 524 -29.52 26.05 59.21
C PRO C 524 -29.00 26.12 57.78
N ASP C 525 -28.78 27.33 57.28
CA ASP C 525 -28.50 27.54 55.86
C ASP C 525 -27.15 26.96 55.47
N ALA C 526 -26.95 26.82 54.16
CA ALA C 526 -25.70 26.25 53.65
C ALA C 526 -24.54 27.22 53.86
N SER C 527 -24.80 28.52 53.86
CA SER C 527 -23.75 29.49 54.11
C SER C 527 -23.49 29.70 55.59
N GLU C 528 -24.30 29.12 56.47
CA GLU C 528 -24.08 29.21 57.90
C GLU C 528 -23.34 28.02 58.47
N SER C 529 -23.52 26.83 57.87
CA SER C 529 -22.77 25.67 58.31
C SER C 529 -21.36 25.66 57.79
N VAL C 530 -21.09 26.39 56.71
CA VAL C 530 -19.74 26.46 56.17
C VAL C 530 -18.88 27.42 56.98
N ASN C 531 -19.47 28.52 57.46
CA ASN C 531 -18.73 29.48 58.29
C ASN C 531 -18.37 28.91 59.66
N ASN C 532 -19.03 27.84 60.11
CA ASN C 532 -18.62 27.17 61.33
C ASN C 532 -17.54 26.12 61.07
N ILE C 533 -17.45 25.61 59.85
CA ILE C 533 -16.38 24.68 59.50
C ILE C 533 -15.06 25.41 59.34
N LEU C 534 -15.08 26.56 58.68
CA LEU C 534 -13.87 27.33 58.44
C LEU C 534 -13.32 27.94 59.72
N LYS C 535 -14.18 28.28 60.67
CA LYS C 535 -13.70 28.83 61.93
C LYS C 535 -13.13 27.76 62.84
N GLN C 536 -13.66 26.55 62.79
CA GLN C 536 -13.16 25.48 63.65
C GLN C 536 -11.87 24.88 63.13
N SER C 537 -11.79 24.63 61.83
CA SER C 537 -10.58 24.04 61.27
C SER C 537 -9.45 25.03 61.10
N GLY C 538 -9.73 26.33 61.19
CA GLY C 538 -8.69 27.33 61.08
C GLY C 538 -8.39 27.82 59.69
N ALA C 539 -9.23 27.49 58.71
CA ALA C 539 -9.02 27.92 57.33
C ALA C 539 -9.77 29.20 57.00
N TRP C 540 -10.35 29.87 57.98
CA TRP C 540 -11.19 31.04 57.74
C TRP C 540 -10.33 32.26 57.47
N SER C 541 -10.68 33.00 56.43
CA SER C 541 -9.97 34.23 56.07
C SER C 541 -10.95 35.33 55.70
N GLY C 542 -12.02 35.47 56.47
CA GLY C 542 -12.92 36.59 56.29
C GLY C 542 -12.54 37.83 57.04
N ASP C 543 -11.50 37.74 57.87
CA ASP C 543 -11.01 38.87 58.65
C ASP C 543 -9.77 39.50 58.03
N ASP C 544 -9.42 39.12 56.81
CA ASP C 544 -8.20 39.63 56.17
C ASP C 544 -8.39 41.08 55.76
N LYS C 545 -7.30 41.84 55.86
CA LYS C 545 -7.38 43.26 55.52
C LYS C 545 -7.41 43.48 54.03
N LEU C 546 -6.78 42.61 53.25
CA LEU C 546 -6.66 42.78 51.81
C LEU C 546 -7.76 42.08 51.03
N GLN C 547 -8.23 40.92 51.49
CA GLN C 547 -9.23 40.17 50.75
C GLN C 547 -10.66 40.53 51.10
N LYS C 548 -10.88 41.40 52.09
CA LYS C 548 -12.23 41.79 52.45
C LYS C 548 -12.84 42.81 51.50
N TRP C 549 -12.04 43.42 50.63
CA TRP C 549 -12.57 44.38 49.67
C TRP C 549 -13.33 43.70 48.53
N VAL C 550 -13.03 42.42 48.27
CA VAL C 550 -13.69 41.69 47.21
C VAL C 550 -14.63 40.61 47.74
N ARG C 551 -14.27 39.94 48.84
CA ARG C 551 -15.15 38.95 49.48
C ARG C 551 -16.40 39.56 50.12
N VAL C 552 -16.53 40.89 50.16
CA VAL C 552 -17.75 41.51 50.67
C VAL C 552 -18.86 41.47 49.63
N TYR C 553 -18.53 41.21 48.36
CA TYR C 553 -19.57 41.04 47.35
C TYR C 553 -20.17 39.64 47.40
N LEU C 554 -19.34 38.62 47.64
CA LEU C 554 -19.80 37.24 47.59
C LEU C 554 -20.52 36.84 48.87
N ASP C 555 -20.11 37.38 50.01
CA ASP C 555 -20.69 37.06 51.31
C ASP C 555 -21.70 38.11 51.74
N ARG C 556 -22.48 38.61 50.77
CA ARG C 556 -23.46 39.67 51.02
C ARG C 556 -24.59 39.20 51.93
N GLY C 557 -24.99 37.94 51.83
CA GLY C 557 -26.04 37.40 52.68
C GLY C 557 -25.50 36.77 53.94
N LEU D 175 -58.64 44.28 -3.24
CA LEU D 175 -57.29 43.79 -3.03
C LEU D 175 -56.58 44.56 -1.93
N GLY D 176 -55.48 44.01 -1.43
CA GLY D 176 -54.72 44.65 -0.39
C GLY D 176 -53.30 44.99 -0.80
N ARG D 177 -52.89 46.24 -0.58
CA ARG D 177 -51.55 46.67 -0.91
C ARG D 177 -50.55 46.10 0.10
N GLN D 178 -49.36 45.78 -0.39
CA GLN D 178 -48.30 45.33 0.50
C GLN D 178 -47.74 46.49 1.30
N LYS D 179 -47.10 46.16 2.43
CA LYS D 179 -46.61 47.15 3.36
C LYS D 179 -45.47 46.54 4.16
N ILE D 180 -44.40 47.31 4.35
CA ILE D 180 -43.23 46.85 5.09
C ILE D 180 -43.20 47.58 6.43
N GLY D 181 -43.16 46.82 7.52
CA GLY D 181 -43.10 47.38 8.86
C GLY D 181 -41.78 47.04 9.53
N VAL D 182 -41.27 47.98 10.32
CA VAL D 182 -40.02 47.82 11.06
C VAL D 182 -40.35 47.88 12.54
N MET D 183 -40.02 46.81 13.26
CA MET D 183 -40.36 46.67 14.67
C MET D 183 -39.08 46.52 15.48
N ARG D 184 -38.70 47.57 16.21
CA ARG D 184 -37.50 47.51 17.03
C ARG D 184 -37.78 46.79 18.34
N LEU D 185 -36.86 45.91 18.74
CA LEU D 185 -36.98 45.14 19.97
C LEU D 185 -36.13 45.79 21.04
N ASN D 186 -36.73 46.04 22.21
CA ASN D 186 -36.04 46.76 23.27
C ASN D 186 -35.50 45.86 24.37
N ASN D 187 -36.03 44.65 24.53
CA ASN D 187 -35.67 43.81 25.67
C ASN D 187 -35.18 42.42 25.28
N THR D 188 -34.79 42.21 24.02
CA THR D 188 -34.30 40.91 23.59
C THR D 188 -33.38 41.09 22.39
N PHE D 189 -32.82 39.98 21.93
CA PHE D 189 -31.88 39.94 20.81
C PHE D 189 -32.50 39.19 19.65
N VAL D 190 -32.35 39.73 18.45
CA VAL D 190 -32.58 38.97 17.22
C VAL D 190 -31.32 38.15 16.95
N GLY D 191 -31.50 36.99 16.34
CA GLY D 191 -30.38 36.14 15.98
C GLY D 191 -30.03 35.15 17.07
N ASP D 192 -29.29 34.14 16.66
CA ASP D 192 -28.99 33.00 17.50
C ASP D 192 -27.80 33.27 18.41
N ARG D 193 -27.77 32.57 19.54
CA ARG D 193 -26.67 32.64 20.49
C ARG D 193 -25.94 31.30 20.50
N THR D 194 -24.61 31.34 20.55
CA THR D 194 -23.78 30.14 20.46
C THR D 194 -22.81 30.09 21.62
N TYR D 195 -22.63 28.90 22.19
CA TYR D 195 -21.63 28.65 23.23
C TYR D 195 -21.11 27.22 23.05
N ASN D 196 -20.13 26.85 23.86
CA ASN D 196 -19.45 25.57 23.73
C ASN D 196 -19.35 24.86 25.07
N LEU D 197 -19.42 23.51 25.03
CA LEU D 197 -19.06 22.68 26.19
C LEU D 197 -17.89 21.80 25.74
N ARG D 198 -16.70 22.40 25.70
CA ARG D 198 -15.37 21.79 25.59
C ARG D 198 -15.08 21.09 24.27
N ASP D 199 -16.09 20.68 23.52
CA ASP D 199 -15.86 20.20 22.15
C ASP D 199 -17.01 20.54 21.21
N GLN D 200 -18.22 20.70 21.75
CA GLN D 200 -19.44 20.73 20.97
C GLN D 200 -20.10 22.09 21.06
N LYS D 201 -20.77 22.48 19.98
CA LYS D 201 -21.39 23.79 19.86
C LYS D 201 -22.89 23.65 20.05
N MET D 202 -23.47 24.53 20.85
CA MET D 202 -24.91 24.59 21.06
C MET D 202 -25.43 25.90 20.48
N VAL D 203 -26.53 25.81 19.72
CA VAL D 203 -27.13 26.97 19.08
C VAL D 203 -28.57 27.09 19.56
N ILE D 204 -28.92 28.27 20.06
CA ILE D 204 -30.26 28.56 20.58
C ILE D 204 -30.97 29.45 19.57
N PRO D 205 -32.16 29.07 19.09
CA PRO D 205 -32.85 29.91 18.10
C PRO D 205 -33.43 31.16 18.73
N GLY D 206 -33.30 32.27 18.02
CA GLY D 206 -33.75 33.57 18.49
C GLY D 206 -35.21 33.80 18.19
N ILE D 207 -35.59 35.09 18.19
CA ILE D 207 -36.98 35.44 17.92
C ILE D 207 -37.26 35.45 16.42
N ALA D 208 -36.24 35.56 15.56
CA ALA D 208 -36.49 35.64 14.14
C ALA D 208 -36.54 34.27 13.49
N THR D 209 -36.13 33.22 14.20
CA THR D 209 -36.25 31.86 13.71
C THR D 209 -37.51 31.19 14.23
N ALA D 210 -38.03 31.65 15.37
CA ALA D 210 -39.23 31.06 15.94
C ALA D 210 -40.48 31.50 15.17
N ILE D 211 -40.57 32.78 14.80
CA ILE D 211 -41.74 33.23 14.05
C ILE D 211 -41.63 32.85 12.58
N GLU D 212 -40.42 32.63 12.08
CA GLU D 212 -40.27 32.21 10.68
C GLU D 212 -40.73 30.76 10.50
N ARG D 213 -40.50 29.91 11.50
CA ARG D 213 -41.00 28.54 11.43
C ARG D 213 -42.48 28.45 11.76
N LEU D 214 -43.05 29.47 12.39
CA LEU D 214 -44.47 29.45 12.70
C LEU D 214 -45.30 29.75 11.45
N LEU D 215 -44.77 30.58 10.56
CA LEU D 215 -45.47 30.99 9.34
C LEU D 215 -44.96 30.24 8.12
N GLN D 216 -44.38 29.06 8.32
CA GLN D 216 -43.82 28.28 7.23
C GLN D 216 -44.90 27.40 6.62
N GLY D 217 -44.91 27.31 5.29
CA GLY D 217 -46.00 26.65 4.59
C GLY D 217 -47.26 27.47 4.72
N GLU D 218 -48.22 26.96 5.51
CA GLU D 218 -49.31 27.74 6.11
C GLU D 218 -50.21 28.40 5.06
N GLU D 219 -50.90 27.57 4.30
CA GLU D 219 -51.93 28.07 3.39
C GLU D 219 -53.20 28.38 4.16
N GLN D 220 -53.20 29.45 4.95
CA GLN D 220 -54.27 29.75 5.89
C GLN D 220 -54.73 31.19 5.76
N PRO D 221 -56.03 31.46 5.82
CA PRO D 221 -56.53 32.82 5.62
C PRO D 221 -56.31 33.74 6.81
N LEU D 222 -55.08 34.24 6.95
CA LEU D 222 -54.77 35.15 8.05
C LEU D 222 -55.18 36.58 7.70
N GLY D 223 -55.87 37.22 8.64
CA GLY D 223 -56.27 38.61 8.49
C GLY D 223 -56.09 39.40 9.76
N ALA D 262 -54.77 38.24 2.44
CA ALA D 262 -54.33 37.10 1.63
C ALA D 262 -54.18 35.85 2.50
N ALA D 263 -53.06 35.14 2.34
CA ALA D 263 -52.81 33.91 3.05
C ALA D 263 -51.80 34.16 4.17
N ALA D 264 -51.58 33.13 4.98
CA ALA D 264 -50.56 33.23 6.03
C ALA D 264 -49.20 32.80 5.52
N GLY D 265 -49.13 32.25 4.31
CA GLY D 265 -47.91 31.73 3.75
C GLY D 265 -47.10 32.68 2.92
N ASN D 266 -47.59 33.89 2.67
CA ASN D 266 -46.84 34.88 1.91
C ASN D 266 -46.29 36.00 2.77
N ILE D 267 -46.23 35.81 4.09
CA ILE D 267 -45.59 36.78 4.95
C ILE D 267 -44.10 36.46 5.05
N LYS D 268 -43.26 37.48 4.82
CA LYS D 268 -41.82 37.32 4.87
C LYS D 268 -41.30 38.04 6.11
N ILE D 269 -40.48 37.37 6.90
CA ILE D 269 -39.89 37.91 8.11
C ILE D 269 -38.38 37.74 8.02
N VAL D 270 -37.65 38.86 8.06
CA VAL D 270 -36.21 38.87 7.88
C VAL D 270 -35.60 39.66 9.04
N ALA D 271 -34.61 39.06 9.71
CA ALA D 271 -33.91 39.70 10.81
C ALA D 271 -32.94 40.74 10.27
N TYR D 272 -32.95 41.93 10.87
CA TYR D 272 -31.98 42.96 10.54
C TYR D 272 -31.19 43.28 11.80
N PRO D 273 -30.03 42.67 12.02
CA PRO D 273 -29.33 42.83 13.30
C PRO D 273 -28.61 44.14 13.47
N ASP D 274 -28.52 44.97 12.42
CA ASP D 274 -27.71 46.17 12.50
C ASP D 274 -28.40 47.26 13.32
N THR D 275 -29.73 47.19 13.44
CA THR D 275 -30.46 48.07 14.34
C THR D 275 -31.36 47.28 15.29
N ASN D 276 -31.20 45.95 15.35
CA ASN D 276 -31.93 45.05 16.26
C ASN D 276 -33.44 45.16 16.07
N SER D 277 -33.89 44.80 14.88
CA SER D 277 -35.29 44.97 14.53
C SER D 277 -35.68 43.95 13.48
N LEU D 278 -36.97 43.65 13.43
CA LEU D 278 -37.55 42.73 12.47
C LEU D 278 -38.10 43.48 11.27
N LEU D 279 -38.10 42.81 10.12
CA LEU D 279 -38.67 43.37 8.89
C LEU D 279 -39.78 42.43 8.44
N VAL D 280 -41.03 42.90 8.49
CA VAL D 280 -42.20 42.13 8.11
C VAL D 280 -42.79 42.73 6.86
N LYS D 281 -43.06 41.89 5.86
CA LYS D 281 -43.67 42.32 4.61
C LYS D 281 -44.98 41.57 4.41
N GLY D 282 -46.08 42.31 4.35
CA GLY D 282 -47.37 41.70 4.13
C GLY D 282 -48.40 42.77 3.87
N THR D 283 -49.67 42.40 4.03
CA THR D 283 -50.74 43.38 3.89
C THR D 283 -50.81 44.28 5.12
N ALA D 284 -51.73 45.24 5.11
CA ALA D 284 -51.86 46.16 6.22
C ALA D 284 -52.49 45.51 7.45
N GLU D 285 -53.12 44.34 7.29
CA GLU D 285 -53.72 43.63 8.40
C GLU D 285 -52.80 42.55 8.97
N GLN D 286 -51.90 42.00 8.15
CA GLN D 286 -50.95 41.02 8.65
C GLN D 286 -49.77 41.68 9.35
N VAL D 287 -49.41 42.90 8.97
CA VAL D 287 -48.32 43.61 9.64
C VAL D 287 -48.74 44.00 11.05
N HIS D 288 -49.98 44.46 11.22
CA HIS D 288 -50.53 44.74 12.54
C HIS D 288 -50.73 43.47 13.36
N PHE D 289 -50.84 42.31 12.70
CA PHE D 289 -51.06 41.06 13.42
C PHE D 289 -49.76 40.55 14.05
N ILE D 290 -48.62 40.78 13.40
CA ILE D 290 -47.34 40.37 13.95
C ILE D 290 -46.83 41.40 14.97
N GLU D 291 -47.23 42.66 14.82
CA GLU D 291 -46.80 43.70 15.75
C GLU D 291 -47.42 43.51 17.13
N MET D 292 -48.61 42.91 17.20
CA MET D 292 -49.22 42.62 18.50
C MET D 292 -48.64 41.36 19.13
N LEU D 293 -48.07 40.46 18.34
CA LEU D 293 -47.42 39.27 18.89
C LEU D 293 -46.06 39.61 19.45
N VAL D 294 -45.34 40.52 18.79
CA VAL D 294 -43.98 40.88 19.19
C VAL D 294 -43.98 41.62 20.53
N LYS D 295 -44.97 42.48 20.76
CA LYS D 295 -45.05 43.20 22.03
C LYS D 295 -45.46 42.32 23.20
N ALA D 296 -45.86 41.06 22.96
CA ALA D 296 -46.13 40.13 24.04
C ALA D 296 -44.94 39.23 24.34
N LEU D 297 -44.02 39.08 23.39
CA LEU D 297 -42.80 38.32 23.59
C LEU D 297 -41.62 39.18 24.01
N ASP D 298 -41.83 40.48 24.19
CA ASP D 298 -40.73 41.42 24.46
C ASP D 298 -40.91 41.98 25.87
N VAL D 299 -40.35 41.25 26.84
CA VAL D 299 -40.43 41.64 28.25
C VAL D 299 -39.02 41.67 28.84
N ALA D 300 -38.87 42.45 29.89
CA ALA D 300 -37.59 42.56 30.58
C ALA D 300 -37.38 41.39 31.52
N LYS D 301 -36.13 40.95 31.62
CA LYS D 301 -35.77 39.76 32.38
C LYS D 301 -35.19 40.13 33.74
N ARG D 302 -35.09 39.13 34.60
CA ARG D 302 -34.54 39.27 35.94
C ARG D 302 -33.25 38.48 36.05
N HIS D 303 -32.42 38.86 37.01
CA HIS D 303 -31.10 38.28 37.16
C HIS D 303 -31.09 37.26 38.29
N VAL D 304 -30.40 36.14 38.04
CA VAL D 304 -30.21 35.08 39.03
C VAL D 304 -28.72 34.89 39.22
N GLU D 305 -28.29 34.87 40.48
CA GLU D 305 -26.91 34.56 40.82
C GLU D 305 -26.86 33.21 41.53
N LEU D 306 -26.14 32.27 40.97
CA LEU D 306 -26.08 30.90 41.48
C LEU D 306 -24.76 30.66 42.18
N SER D 307 -24.84 30.22 43.43
CA SER D 307 -23.66 29.92 44.24
C SER D 307 -23.68 28.45 44.63
N LEU D 308 -22.60 27.74 44.35
CA LEU D 308 -22.50 26.30 44.60
C LEU D 308 -21.37 26.05 45.58
N TRP D 309 -21.65 25.30 46.64
CA TRP D 309 -20.67 24.97 47.66
C TRP D 309 -20.22 23.52 47.49
N ILE D 310 -18.91 23.30 47.55
CA ILE D 310 -18.32 21.97 47.50
C ILE D 310 -17.45 21.81 48.74
N VAL D 311 -17.94 21.08 49.73
CA VAL D 311 -17.25 20.88 50.99
C VAL D 311 -16.64 19.49 50.99
N ASP D 312 -15.37 19.39 51.42
CA ASP D 312 -14.63 18.13 51.36
C ASP D 312 -13.82 18.01 52.63
N LEU D 313 -14.09 16.98 53.43
CA LEU D 313 -13.38 16.76 54.66
C LEU D 313 -12.73 15.38 54.66
N ASN D 314 -11.65 15.24 55.42
CA ASN D 314 -10.94 13.98 55.57
C ASN D 314 -10.49 13.83 57.00
N LYS D 315 -10.07 12.60 57.33
CA LYS D 315 -9.54 12.22 58.63
C LYS D 315 -8.89 10.86 58.47
N SER D 316 -7.87 10.59 59.28
CA SER D 316 -7.16 9.34 59.14
C SER D 316 -6.49 8.97 60.45
N ASP D 317 -5.98 7.74 60.49
CA ASP D 317 -5.28 7.19 61.65
C ASP D 317 -4.53 5.97 61.17
N LEU D 318 -3.38 5.68 61.78
CA LEU D 318 -2.51 4.60 61.34
C LEU D 318 -1.52 4.27 62.45
N GLU D 319 -1.24 2.99 62.65
CA GLU D 319 -0.26 2.56 63.65
C GLU D 319 0.26 1.18 63.27
N ARG D 320 1.57 1.06 63.06
CA ARG D 320 2.23 -0.23 62.87
C ARG D 320 3.29 -0.41 63.93
N LEU D 321 3.40 -1.63 64.47
CA LEU D 321 4.40 -1.92 65.49
C LEU D 321 4.66 -3.41 65.51
N GLY D 322 5.85 -3.82 65.13
CA GLY D 322 6.22 -5.23 65.19
C GLY D 322 7.28 -5.57 64.15
N THR D 323 7.73 -6.81 64.21
CA THR D 323 8.77 -7.33 63.33
C THR D 323 8.21 -8.43 62.44
N SER D 324 9.03 -8.85 61.48
CA SER D 324 8.64 -9.91 60.54
C SER D 324 9.91 -10.55 59.99
N TRP D 325 10.13 -11.83 60.28
CA TRP D 325 11.36 -12.53 59.94
C TRP D 325 11.19 -13.27 58.62
N SER D 326 12.16 -13.08 57.72
CA SER D 326 12.14 -13.74 56.41
C SER D 326 13.57 -13.73 55.86
N GLY D 327 14.19 -14.90 55.78
CA GLY D 327 15.55 -14.98 55.29
C GLY D 327 15.99 -16.40 55.01
N SER D 328 17.20 -16.52 54.49
CA SER D 328 17.83 -17.80 54.19
C SER D 328 19.17 -17.92 54.89
N ILE D 329 19.73 -19.13 54.88
CA ILE D 329 20.98 -19.42 55.56
C ILE D 329 21.64 -20.58 54.82
N THR D 330 22.93 -20.79 55.08
CA THR D 330 23.67 -21.93 54.54
C THR D 330 24.52 -22.53 55.65
N ILE D 331 24.32 -23.81 55.92
CA ILE D 331 24.93 -24.49 57.05
C ILE D 331 25.87 -25.56 56.51
N GLY D 332 27.15 -25.22 56.42
CA GLY D 332 28.19 -26.19 56.14
C GLY D 332 28.14 -26.85 54.77
N ASP D 333 27.71 -26.11 53.74
CA ASP D 333 27.66 -26.46 52.31
C ASP D 333 27.10 -27.85 52.00
N LYS D 334 26.23 -28.36 52.87
CA LYS D 334 25.53 -29.62 52.67
C LYS D 334 24.05 -29.55 52.97
N LEU D 335 23.60 -28.60 53.78
CA LEU D 335 22.18 -28.41 54.03
C LEU D 335 21.92 -26.94 54.32
N GLY D 336 20.79 -26.46 53.83
CA GLY D 336 20.41 -25.07 54.02
C GLY D 336 18.99 -24.97 54.54
N VAL D 337 18.73 -23.91 55.30
CA VAL D 337 17.44 -23.68 55.93
C VAL D 337 16.88 -22.36 55.43
N SER D 338 15.65 -22.39 54.92
CA SER D 338 14.93 -21.19 54.56
C SER D 338 13.90 -20.88 55.64
N LEU D 339 13.27 -19.72 55.53
CA LEU D 339 12.25 -19.28 56.47
C LEU D 339 11.32 -18.29 55.79
N ASN D 340 10.06 -18.70 55.60
CA ASN D 340 8.97 -17.86 55.09
C ASN D 340 9.28 -17.28 53.71
N GLN D 341 9.81 -18.12 52.83
CA GLN D 341 10.19 -17.69 51.49
C GLN D 341 9.66 -18.66 50.44
N SER D 342 9.81 -18.27 49.18
CA SER D 342 9.48 -19.13 48.06
C SER D 342 10.70 -19.47 47.22
N SER D 343 11.53 -18.46 46.91
CA SER D 343 12.76 -18.65 46.17
C SER D 343 13.94 -18.59 47.14
N ILE D 344 14.83 -19.59 47.04
CA ILE D 344 15.91 -19.76 48.01
C ILE D 344 17.24 -19.65 47.26
N SER D 345 17.23 -20.02 45.98
CA SER D 345 18.47 -20.14 45.21
C SER D 345 19.08 -18.77 44.91
N THR D 346 18.26 -17.81 44.47
CA THR D 346 18.76 -16.48 44.20
C THR D 346 19.01 -15.66 45.46
N LEU D 347 18.52 -16.11 46.62
CA LEU D 347 18.85 -15.53 47.91
C LEU D 347 19.68 -16.47 48.77
N ASP D 348 20.53 -17.28 48.13
CA ASP D 348 21.33 -18.25 48.87
C ASP D 348 22.51 -17.60 49.59
N GLY D 349 23.13 -16.59 49.00
CA GLY D 349 24.23 -15.89 49.62
C GLY D 349 23.84 -14.82 50.61
N SER D 350 22.56 -14.63 50.86
CA SER D 350 22.07 -13.60 51.77
C SER D 350 21.92 -14.18 53.18
N ARG D 351 21.25 -13.44 54.04
CA ARG D 351 21.12 -13.80 55.45
C ARG D 351 19.67 -13.63 55.92
N PHE D 352 19.45 -13.74 57.24
CA PHE D 352 18.13 -13.50 57.79
C PHE D 352 17.84 -12.00 57.84
N ILE D 353 16.60 -11.64 57.59
CA ILE D 353 16.16 -10.25 57.60
C ILE D 353 15.05 -10.12 58.63
N ALA D 354 15.19 -9.17 59.55
CA ALA D 354 14.18 -8.88 60.56
C ALA D 354 13.65 -7.47 60.30
N ALA D 355 12.64 -7.37 59.45
CA ALA D 355 12.07 -6.09 59.07
C ALA D 355 11.21 -5.55 60.21
N VAL D 356 11.63 -4.43 60.79
CA VAL D 356 10.94 -3.80 61.92
C VAL D 356 10.16 -2.61 61.39
N ASN D 357 8.95 -2.42 61.91
CA ASN D 357 8.12 -1.28 61.56
C ASN D 357 7.67 -0.58 62.83
N ALA D 358 7.73 0.75 62.83
CA ALA D 358 7.25 1.56 63.94
C ALA D 358 6.77 2.89 63.39
N LEU D 359 5.49 3.19 63.58
CA LEU D 359 4.87 4.37 63.02
C LEU D 359 3.57 4.65 63.76
N GLU D 360 3.20 5.92 63.80
CA GLU D 360 1.94 6.34 64.42
C GLU D 360 1.55 7.67 63.81
N GLU D 361 0.52 7.67 62.97
CA GLU D 361 0.22 8.81 62.10
C GLU D 361 -1.20 9.30 62.33
N LYS D 362 -1.36 10.63 62.36
CA LYS D 362 -2.65 11.28 62.34
C LYS D 362 -2.72 12.20 61.12
N LYS D 363 -3.94 12.55 60.72
CA LYS D 363 -4.12 13.35 59.52
C LYS D 363 -5.48 14.03 59.57
N GLN D 364 -5.58 15.15 58.85
CA GLN D 364 -6.82 15.91 58.73
C GLN D 364 -6.67 16.86 57.55
N ALA D 365 -7.76 17.06 56.81
CA ALA D 365 -7.72 17.92 55.63
C ALA D 365 -9.12 18.42 55.32
N THR D 366 -9.27 19.73 55.19
CA THR D 366 -10.54 20.36 54.81
C THR D 366 -10.32 21.19 53.56
N VAL D 367 -11.29 21.14 52.65
CA VAL D 367 -11.26 21.94 51.41
C VAL D 367 -12.67 22.43 51.16
N VAL D 368 -12.83 23.76 51.02
CA VAL D 368 -14.12 24.37 50.71
C VAL D 368 -13.93 25.23 49.46
N SER D 369 -14.56 24.82 48.36
CA SER D 369 -14.49 25.53 47.10
C SER D 369 -15.88 26.04 46.72
N ARG D 370 -15.93 27.14 45.96
CA ARG D 370 -17.20 27.81 45.68
C ARG D 370 -17.12 28.58 44.37
N PRO D 371 -17.79 28.11 43.32
CA PRO D 371 -17.96 28.93 42.11
C PRO D 371 -19.25 29.74 42.13
N VAL D 372 -19.18 30.96 41.58
CA VAL D 372 -20.30 31.88 41.52
C VAL D 372 -20.51 32.27 40.07
N LEU D 373 -21.78 32.32 39.63
CA LEU D 373 -22.12 32.63 38.26
C LEU D 373 -23.41 33.45 38.23
N LEU D 374 -23.49 34.41 37.31
CA LEU D 374 -24.64 35.30 37.18
C LEU D 374 -25.22 35.22 35.78
N THR D 375 -26.54 35.07 35.70
CA THR D 375 -27.23 34.99 34.42
C THR D 375 -28.64 35.53 34.59
N GLN D 376 -29.43 35.40 33.52
CA GLN D 376 -30.81 35.89 33.48
C GLN D 376 -31.77 34.70 33.47
N GLU D 377 -33.07 35.01 33.43
CA GLU D 377 -34.07 33.97 33.29
C GLU D 377 -33.98 33.31 31.93
N ASN D 378 -34.17 31.99 31.91
CA ASN D 378 -34.30 31.17 30.69
C ASN D 378 -33.09 31.27 29.76
N VAL D 379 -31.92 31.55 30.32
CA VAL D 379 -30.70 31.72 29.53
C VAL D 379 -29.67 30.73 30.06
N PRO D 380 -29.15 29.83 29.22
CA PRO D 380 -28.11 28.90 29.69
C PRO D 380 -26.78 29.60 29.86
N ALA D 381 -26.11 29.33 30.98
CA ALA D 381 -24.83 29.92 31.29
C ALA D 381 -23.84 28.83 31.63
N ILE D 382 -22.55 29.14 31.50
CA ILE D 382 -21.47 28.19 31.73
C ILE D 382 -20.37 28.86 32.52
N PHE D 383 -19.96 28.24 33.62
CA PHE D 383 -18.70 28.52 34.30
C PHE D 383 -17.81 27.31 34.13
N ASP D 384 -16.54 27.54 33.82
CA ASP D 384 -15.60 26.46 33.53
C ASP D 384 -14.23 26.85 34.04
N ASN D 385 -13.58 25.93 34.75
CA ASN D 385 -12.23 26.14 35.27
C ASN D 385 -11.48 24.82 35.10
N ASN D 386 -10.81 24.65 33.96
CA ASN D 386 -10.29 23.35 33.58
C ASN D 386 -8.77 23.40 33.42
N ARG D 387 -8.22 22.27 32.99
CA ARG D 387 -6.79 22.06 32.78
C ARG D 387 -6.61 21.07 31.65
N THR D 388 -5.75 21.39 30.70
CA THR D 388 -5.59 20.59 29.50
C THR D 388 -4.20 19.96 29.51
N PHE D 389 -4.12 18.70 29.09
CA PHE D 389 -2.89 17.92 29.09
C PHE D 389 -2.64 17.43 27.67
N TYR D 390 -1.58 17.93 27.04
CA TYR D 390 -1.29 17.62 25.65
C TYR D 390 -0.25 16.52 25.55
N THR D 391 -0.48 15.58 24.63
CA THR D 391 0.42 14.46 24.44
C THR D 391 0.81 14.36 22.97
N LYS D 392 1.93 13.69 22.71
CA LYS D 392 2.50 13.60 21.37
C LYS D 392 2.39 12.16 20.89
N LEU D 393 1.34 11.87 20.14
CA LEU D 393 1.14 10.56 19.52
C LEU D 393 1.92 10.56 18.22
N ILE D 394 3.10 9.94 18.23
CA ILE D 394 4.00 9.99 17.08
C ILE D 394 3.56 8.94 16.07
N GLY D 395 2.59 9.31 15.24
CA GLY D 395 2.16 8.51 14.11
C GLY D 395 2.82 9.01 12.83
N GLU D 396 2.25 8.57 11.72
CA GLU D 396 2.77 9.01 10.42
C GLU D 396 1.72 9.72 9.56
N ARG D 397 0.44 9.37 9.66
CA ARG D 397 -0.56 9.87 8.72
C ARG D 397 -1.46 10.91 9.35
N ASN D 398 -2.21 10.46 10.35
CA ASN D 398 -3.20 11.31 11.01
C ASN D 398 -2.56 11.73 12.32
N VAL D 399 -1.41 12.39 12.22
CA VAL D 399 -0.68 12.91 13.37
C VAL D 399 -1.56 13.97 14.02
N ALA D 400 -1.64 13.92 15.35
CA ALA D 400 -2.58 14.77 16.05
C ALA D 400 -2.05 15.06 17.44
N LEU D 401 -2.46 16.19 17.98
CA LEU D 401 -2.24 16.53 19.38
C LEU D 401 -3.52 16.12 20.10
N GLU D 402 -3.45 15.00 20.81
CA GLU D 402 -4.59 14.54 21.59
C GLU D 402 -4.49 15.12 22.99
N HIS D 403 -5.65 15.40 23.59
CA HIS D 403 -5.68 16.10 24.86
C HIS D 403 -6.81 15.58 25.73
N VAL D 404 -6.60 15.68 27.04
CA VAL D 404 -7.62 15.40 28.03
C VAL D 404 -7.88 16.70 28.79
N THR D 405 -9.03 16.76 29.45
CA THR D 405 -9.48 17.97 30.12
C THR D 405 -10.21 17.60 31.39
N TYR D 406 -9.91 18.30 32.48
CA TYR D 406 -10.56 18.05 33.75
C TYR D 406 -10.61 19.33 34.56
N GLY D 407 -11.71 19.52 35.29
CA GLY D 407 -11.84 20.69 36.14
C GLY D 407 -13.27 20.92 36.54
N THR D 408 -13.50 22.00 37.26
CA THR D 408 -14.82 22.37 37.75
C THR D 408 -15.63 22.96 36.61
N MET D 409 -16.92 22.64 36.56
CA MET D 409 -17.77 23.06 35.45
C MET D 409 -19.23 23.03 35.89
N ILE D 410 -19.95 24.14 35.68
CA ILE D 410 -21.37 24.23 35.95
C ILE D 410 -22.06 24.70 34.68
N ARG D 411 -23.20 24.08 34.36
CA ARG D 411 -24.09 24.57 33.32
C ARG D 411 -25.51 24.58 33.87
N VAL D 412 -26.10 25.77 33.96
CA VAL D 412 -27.35 25.95 34.67
C VAL D 412 -28.33 26.65 33.73
N LEU D 413 -29.63 26.45 33.99
CA LEU D 413 -30.70 27.07 33.21
C LEU D 413 -31.78 27.48 34.20
N PRO D 414 -31.70 28.69 34.76
CA PRO D 414 -32.64 29.08 35.81
C PRO D 414 -33.97 29.54 35.23
N ARG D 415 -34.99 29.50 36.09
CA ARG D 415 -36.35 29.81 35.70
C ARG D 415 -37.17 30.07 36.96
N PHE D 416 -37.94 31.16 36.95
CA PHE D 416 -38.79 31.48 38.09
C PHE D 416 -40.13 30.78 37.97
N SER D 417 -40.60 30.23 39.08
CA SER D 417 -41.91 29.59 39.12
C SER D 417 -42.98 30.64 39.42
N ALA D 418 -44.21 30.17 39.68
CA ALA D 418 -45.30 31.09 39.93
C ALA D 418 -45.30 31.64 41.34
N ASP D 419 -44.68 30.93 42.28
CA ASP D 419 -44.67 31.31 43.69
C ASP D 419 -43.46 32.17 44.06
N GLY D 420 -42.48 32.28 43.18
CA GLY D 420 -41.25 32.95 43.50
C GLY D 420 -40.07 32.06 43.77
N GLN D 421 -40.20 30.76 43.54
CA GLN D 421 -39.10 29.82 43.69
C GLN D 421 -38.34 29.69 42.38
N ILE D 422 -37.10 29.24 42.47
CA ILE D 422 -36.19 29.19 41.33
C ILE D 422 -35.89 27.73 41.02
N GLU D 423 -36.35 27.26 39.87
CA GLU D 423 -36.03 25.91 39.41
C GLU D 423 -34.84 25.94 38.48
N MET D 424 -33.96 24.96 38.64
CA MET D 424 -32.69 24.94 37.91
C MET D 424 -32.48 23.57 37.29
N SER D 425 -31.82 23.55 36.13
CA SER D 425 -31.45 22.31 35.45
C SER D 425 -29.93 22.22 35.45
N LEU D 426 -29.39 21.39 36.34
CA LEU D 426 -27.98 21.42 36.69
C LEU D 426 -27.18 20.37 35.93
N ASP D 427 -25.91 20.67 35.69
CA ASP D 427 -24.92 19.75 35.12
C ASP D 427 -23.58 20.08 35.76
N ILE D 428 -23.24 19.39 36.84
CA ILE D 428 -22.09 19.71 37.67
C ILE D 428 -21.00 18.67 37.43
N GLU D 429 -19.76 19.14 37.25
CA GLU D 429 -18.59 18.29 37.18
C GLU D 429 -17.50 18.89 38.04
N ASP D 430 -16.89 18.04 38.88
CA ASP D 430 -15.77 18.47 39.72
C ASP D 430 -14.71 17.38 39.68
N GLY D 431 -13.62 17.64 38.97
CA GLY D 431 -12.56 16.67 38.80
C GLY D 431 -11.23 17.23 39.24
N ASN D 432 -10.29 16.34 39.51
CA ASN D 432 -8.92 16.70 39.85
C ASN D 432 -8.00 15.58 39.37
N ASP D 433 -6.71 15.74 39.65
CA ASP D 433 -5.69 14.83 39.14
C ASP D 433 -5.18 13.96 40.27
N LYS D 434 -5.44 12.65 40.17
CA LYS D 434 -4.90 11.69 41.12
C LYS D 434 -3.48 11.31 40.71
N THR D 435 -2.60 11.23 41.69
CA THR D 435 -1.19 11.00 41.41
C THR D 435 -0.76 9.62 41.90
N PRO D 436 -0.20 8.79 41.03
CA PRO D 436 0.43 7.54 41.50
C PRO D 436 1.81 7.79 42.11
N GLN D 437 2.55 6.72 42.39
CA GLN D 437 3.85 6.82 43.02
C GLN D 437 4.85 7.51 42.08
N SER D 438 5.57 8.48 42.60
CA SER D 438 6.47 9.29 41.78
C SER D 438 7.78 8.58 41.44
N ASP D 439 8.17 7.57 42.21
CA ASP D 439 9.46 6.93 42.02
C ASP D 439 9.51 6.01 40.81
N THR D 440 8.38 5.50 40.35
CA THR D 440 8.33 4.59 39.21
C THR D 440 8.23 5.37 37.91
N THR D 441 8.56 4.69 36.81
CA THR D 441 8.75 5.27 35.48
C THR D 441 7.47 5.87 34.90
N THR D 442 6.29 5.41 35.32
CA THR D 442 5.02 5.87 34.74
C THR D 442 4.62 7.29 35.14
N SER D 443 5.47 8.03 35.85
CA SER D 443 5.23 9.43 36.16
C SER D 443 5.76 10.37 35.08
N VAL D 444 6.52 9.88 34.10
CA VAL D 444 7.06 10.74 33.05
C VAL D 444 6.32 10.59 31.72
N ASP D 445 5.47 9.57 31.58
CA ASP D 445 4.69 9.43 30.36
C ASP D 445 3.32 10.06 30.54
N ALA D 446 2.45 9.88 29.54
CA ALA D 446 1.14 10.53 29.51
C ALA D 446 0.12 9.68 30.27
N LEU D 447 0.33 9.61 31.59
CA LEU D 447 -0.63 8.96 32.50
C LEU D 447 -0.98 9.92 33.64
N PRO D 448 -1.84 10.90 33.38
CA PRO D 448 -2.52 11.60 34.48
C PRO D 448 -3.82 10.89 34.87
N GLU D 449 -3.80 9.96 35.81
CA GLU D 449 -5.03 9.34 36.28
C GLU D 449 -6.02 10.39 36.81
N VAL D 450 -7.10 10.60 36.06
CA VAL D 450 -8.10 11.62 36.35
C VAL D 450 -9.26 10.98 37.10
N GLY D 451 -9.66 11.60 38.20
CA GLY D 451 -10.88 11.22 38.90
C GLY D 451 -11.88 12.37 38.86
N ARG D 452 -13.08 12.06 38.41
CA ARG D 452 -14.13 13.06 38.23
C ARG D 452 -15.32 12.75 39.13
N THR D 453 -16.28 13.67 39.13
CA THR D 453 -17.51 13.53 39.90
C THR D 453 -18.62 14.26 39.15
N LEU D 454 -19.59 13.52 38.63
CA LEU D 454 -20.61 14.07 37.76
C LEU D 454 -21.97 13.96 38.44
N ILE D 455 -22.77 15.03 38.31
CA ILE D 455 -24.12 15.09 38.88
C ILE D 455 -25.01 15.79 37.87
N SER D 456 -26.15 15.18 37.55
CA SER D 456 -27.12 15.76 36.62
C SER D 456 -28.52 15.54 37.16
N THR D 457 -29.20 16.62 37.51
CA THR D 457 -30.50 16.52 38.17
C THR D 457 -31.27 17.82 37.94
N ILE D 458 -32.43 17.94 38.60
CA ILE D 458 -33.27 19.14 38.55
C ILE D 458 -33.78 19.40 39.97
N ALA D 459 -33.56 20.62 40.47
CA ALA D 459 -33.99 20.98 41.82
C ALA D 459 -34.71 22.32 41.78
N ARG D 460 -35.48 22.59 42.83
CA ARG D 460 -36.27 23.81 42.93
C ARG D 460 -36.16 24.38 44.34
N VAL D 461 -35.51 25.53 44.47
CA VAL D 461 -35.18 26.14 45.76
C VAL D 461 -35.95 27.45 45.88
N PRO D 462 -36.42 27.83 47.06
CA PRO D 462 -36.93 29.20 47.24
C PRO D 462 -35.81 30.22 47.18
N HIS D 463 -36.19 31.49 47.17
CA HIS D 463 -35.23 32.58 47.04
C HIS D 463 -34.50 32.79 48.35
N GLY D 464 -33.20 32.51 48.35
CA GLY D 464 -32.38 32.69 49.53
C GLY D 464 -32.12 31.46 50.36
N LYS D 465 -32.89 30.39 50.16
CA LYS D 465 -32.71 29.14 50.88
C LYS D 465 -31.74 28.26 50.11
N SER D 466 -31.58 27.02 50.56
CA SER D 466 -30.58 26.13 49.98
C SER D 466 -31.07 24.70 49.98
N LEU D 467 -30.42 23.87 49.16
CA LEU D 467 -30.74 22.47 49.04
C LEU D 467 -29.47 21.65 48.88
N LEU D 468 -29.51 20.41 49.35
CA LEU D 468 -28.41 19.48 49.19
C LEU D 468 -28.66 18.62 47.97
N VAL D 469 -27.79 18.72 46.97
CA VAL D 469 -27.98 18.04 45.71
C VAL D 469 -27.30 16.68 45.67
N GLY D 470 -26.02 16.62 46.02
CA GLY D 470 -25.31 15.36 46.01
C GLY D 470 -24.72 15.02 47.36
N GLY D 471 -23.81 14.06 47.40
CA GLY D 471 -23.21 13.68 48.66
C GLY D 471 -22.50 12.34 48.53
N TYR D 472 -21.59 12.11 49.48
CA TYR D 472 -20.80 10.88 49.54
C TYR D 472 -20.12 10.78 50.90
N THR D 473 -20.28 9.65 51.59
CA THR D 473 -19.53 9.36 52.80
C THR D 473 -18.86 8.01 52.67
N ARG D 474 -17.81 7.79 53.47
CA ARG D 474 -17.11 6.51 53.49
C ARG D 474 -16.39 6.35 54.82
N ASP D 475 -16.58 5.20 55.47
CA ASP D 475 -15.93 4.87 56.72
C ASP D 475 -15.24 3.52 56.59
N ALA D 476 -14.09 3.37 57.24
CA ALA D 476 -13.33 2.14 57.13
C ALA D 476 -12.53 1.91 58.40
N ASN D 477 -12.26 0.64 58.70
CA ASN D 477 -11.45 0.26 59.86
C ASN D 477 -10.92 -1.15 59.64
N THR D 478 -9.61 -1.27 59.43
CA THR D 478 -8.97 -2.58 59.29
C THR D 478 -7.93 -2.75 60.39
N ASP D 479 -7.62 -4.01 60.70
CA ASP D 479 -6.57 -4.34 61.66
C ASP D 479 -6.11 -5.78 61.47
N THR D 480 -4.79 -5.97 61.37
CA THR D 480 -4.19 -7.29 61.20
C THR D 480 -3.33 -7.61 62.42
N VAL D 481 -3.15 -8.90 62.69
CA VAL D 481 -2.27 -9.38 63.76
C VAL D 481 -1.53 -10.60 63.24
N GLN D 482 -0.20 -10.53 63.20
CA GLN D 482 0.63 -11.67 62.85
C GLN D 482 1.55 -12.01 64.01
N SER D 483 2.00 -13.26 64.05
CA SER D 483 2.91 -13.72 65.08
C SER D 483 3.60 -15.00 64.63
N ILE D 484 4.62 -15.38 65.41
CA ILE D 484 5.23 -16.71 65.34
C ILE D 484 4.40 -17.55 66.30
N PRO D 485 4.10 -18.81 65.99
CA PRO D 485 3.11 -19.57 66.80
C PRO D 485 3.50 -19.81 68.25
N PHE D 486 4.75 -20.16 68.55
CA PHE D 486 5.13 -20.40 69.94
C PHE D 486 5.95 -19.27 70.54
N LEU D 487 6.84 -18.66 69.77
CA LEU D 487 7.71 -17.61 70.31
C LEU D 487 6.96 -16.30 70.55
N GLY D 488 5.77 -16.13 69.96
CA GLY D 488 5.02 -14.90 70.13
C GLY D 488 4.27 -14.78 71.44
N LYS D 489 4.33 -15.80 72.30
CA LYS D 489 3.64 -15.76 73.59
C LYS D 489 4.61 -15.73 74.77
N LEU D 490 5.89 -15.47 74.52
CA LEU D 490 6.85 -15.34 75.60
C LEU D 490 6.60 -14.03 76.36
N PRO D 491 6.89 -13.98 77.68
CA PRO D 491 6.55 -12.80 78.48
C PRO D 491 7.31 -11.52 78.09
N LEU D 492 8.64 -11.57 78.08
CA LEU D 492 9.43 -10.38 77.81
C LEU D 492 10.23 -10.48 76.51
N ILE D 493 10.33 -11.66 75.91
CA ILE D 493 11.00 -11.82 74.64
C ILE D 493 10.02 -11.84 73.47
N GLY D 494 8.74 -12.17 73.70
CA GLY D 494 7.77 -12.38 72.64
C GLY D 494 7.34 -11.12 71.90
N SER D 495 7.80 -9.95 72.31
CA SER D 495 7.46 -8.74 71.58
C SER D 495 8.26 -8.61 70.30
N LEU D 496 9.36 -9.34 70.16
CA LEU D 496 10.19 -9.29 68.96
C LEU D 496 9.66 -10.14 67.83
N PHE D 497 8.52 -10.82 68.00
CA PHE D 497 8.00 -11.71 66.98
C PHE D 497 6.58 -11.39 66.54
N ARG D 498 5.83 -10.61 67.31
CA ARG D 498 4.48 -10.24 66.93
C ARG D 498 4.48 -9.09 65.94
N TYR D 499 3.31 -8.78 65.42
CA TYR D 499 3.11 -7.67 64.49
C TYR D 499 1.64 -7.29 64.54
N SER D 500 1.35 -5.99 64.41
CA SER D 500 -0.02 -5.52 64.49
C SER D 500 -0.14 -4.17 63.79
N SER D 501 -1.16 -4.04 62.96
CA SER D 501 -1.40 -2.80 62.25
C SER D 501 -2.85 -2.36 62.45
N LYS D 502 -3.12 -1.10 62.16
CA LYS D 502 -4.47 -0.54 62.23
C LYS D 502 -4.63 0.47 61.10
N ASN D 503 -5.87 0.87 60.86
CA ASN D 503 -6.20 1.87 59.85
C ASN D 503 -7.60 2.39 60.11
N LYS D 504 -7.87 3.63 59.73
CA LYS D 504 -9.17 4.26 59.92
C LYS D 504 -9.26 5.49 59.01
N SER D 505 -10.42 5.70 58.41
CA SER D 505 -10.62 6.87 57.55
C SER D 505 -12.07 7.28 57.58
N ASN D 506 -12.31 8.57 57.38
CA ASN D 506 -13.67 9.12 57.32
C ASN D 506 -13.70 10.26 56.32
N VAL D 507 -14.37 10.04 55.19
CA VAL D 507 -14.43 11.00 54.10
C VAL D 507 -15.86 11.50 53.96
N VAL D 508 -16.02 12.81 53.72
CA VAL D 508 -17.32 13.43 53.51
C VAL D 508 -17.20 14.43 52.37
N ARG D 509 -18.02 14.27 51.33
CA ARG D 509 -18.14 15.26 50.26
C ARG D 509 -19.62 15.59 50.10
N VAL D 510 -19.94 16.88 49.94
CA VAL D 510 -21.31 17.32 49.69
C VAL D 510 -21.32 18.42 48.63
N PHE D 511 -22.48 18.59 48.00
CA PHE D 511 -22.71 19.62 47.00
C PHE D 511 -23.98 20.36 47.38
N MET D 512 -23.90 21.68 47.52
CA MET D 512 -25.04 22.48 47.94
C MET D 512 -25.27 23.63 46.97
N ILE D 513 -26.53 24.02 46.82
CA ILE D 513 -26.97 25.01 45.85
C ILE D 513 -27.70 26.12 46.61
N GLU D 514 -27.36 27.37 46.33
CA GLU D 514 -27.99 28.52 46.99
C GLU D 514 -28.19 29.64 45.97
N PRO D 515 -29.36 29.72 45.34
CA PRO D 515 -29.62 30.79 44.38
C PRO D 515 -30.29 32.00 45.03
N LYS D 516 -30.10 33.14 44.39
CA LYS D 516 -30.73 34.38 44.84
C LYS D 516 -30.89 35.32 43.64
N GLU D 517 -31.70 36.35 43.83
CA GLU D 517 -32.08 37.26 42.76
C GLU D 517 -31.36 38.59 42.92
N ILE D 518 -30.81 39.10 41.83
CA ILE D 518 -30.02 40.32 41.80
C ILE D 518 -30.88 41.44 41.24
N VAL D 519 -31.06 42.51 42.01
CA VAL D 519 -31.82 43.66 41.55
C VAL D 519 -31.01 44.95 41.54
N ASP D 520 -29.90 45.01 42.27
CA ASP D 520 -29.12 46.23 42.41
C ASP D 520 -27.67 46.00 41.95
N PRO D 521 -26.99 47.02 41.44
CA PRO D 521 -25.58 46.89 41.10
C PRO D 521 -24.70 46.87 42.34
N LEU D 522 -23.39 46.77 42.12
CA LEU D 522 -22.45 46.66 43.22
C LEU D 522 -22.30 47.98 43.94
N THR D 523 -22.15 47.92 45.26
CA THR D 523 -21.87 49.09 46.09
C THR D 523 -20.80 48.74 47.11
N PRO D 524 -19.65 49.45 47.14
CA PRO D 524 -19.17 50.50 46.24
C PRO D 524 -18.77 49.96 44.86
N ASP D 525 -18.39 50.85 43.95
CA ASP D 525 -18.20 50.49 42.56
C ASP D 525 -17.00 49.55 42.37
N ALA D 526 -16.95 48.92 41.21
CA ALA D 526 -15.87 47.99 40.92
C ALA D 526 -14.54 48.70 40.73
N SER D 527 -14.56 49.94 40.27
CA SER D 527 -13.34 50.72 40.14
C SER D 527 -12.92 51.38 41.44
N GLU D 528 -13.74 51.32 42.48
CA GLU D 528 -13.38 51.87 43.78
C GLU D 528 -12.82 50.81 44.72
N SER D 529 -13.26 49.56 44.61
CA SER D 529 -12.70 48.51 45.44
C SER D 529 -11.35 48.03 44.91
N VAL D 530 -11.06 48.27 43.65
CA VAL D 530 -9.77 47.87 43.09
C VAL D 530 -8.68 48.87 43.49
N ASN D 531 -9.03 50.16 43.55
CA ASN D 531 -8.06 51.17 43.96
C ASN D 531 -7.70 51.07 45.43
N ASN D 532 -8.49 50.38 46.25
CA ASN D 532 -8.10 50.11 47.63
C ASN D 532 -7.25 48.85 47.75
N ILE D 533 -7.36 47.94 46.79
CA ILE D 533 -6.51 46.75 46.80
C ILE D 533 -5.11 47.11 46.36
N LEU D 534 -4.98 47.93 45.32
CA LEU D 534 -3.66 48.31 44.80
C LEU D 534 -2.90 49.21 45.76
N LYS D 535 -3.61 50.03 46.54
CA LYS D 535 -2.92 50.89 47.50
C LYS D 535 -2.48 50.11 48.73
N GLN D 536 -3.22 49.08 49.14
CA GLN D 536 -2.86 48.32 50.32
C GLN D 536 -1.74 47.33 50.04
N SER D 537 -1.82 46.62 48.90
CA SER D 537 -0.79 45.65 48.57
C SER D 537 0.49 46.27 48.04
N GLY D 538 0.44 47.55 47.66
CA GLY D 538 1.63 48.22 47.19
C GLY D 538 1.90 48.12 45.70
N ALA D 539 0.93 47.63 44.92
CA ALA D 539 1.10 47.50 43.47
C ALA D 539 0.56 48.70 42.71
N TRP D 540 0.20 49.78 43.40
CA TRP D 540 -0.43 50.92 42.76
C TRP D 540 0.60 51.77 42.06
N SER D 541 0.30 52.17 40.81
CA SER D 541 1.19 53.01 40.03
C SER D 541 0.39 54.08 39.30
N GLY D 542 -0.57 54.70 39.99
CA GLY D 542 -1.28 55.84 39.42
C GLY D 542 -0.61 57.16 39.68
N ASP D 543 0.47 57.17 40.47
CA ASP D 543 1.23 58.37 40.77
C ASP D 543 2.50 58.49 39.95
N ASP D 544 2.67 57.63 38.94
CA ASP D 544 3.89 57.64 38.15
C ASP D 544 3.93 58.86 37.24
N LYS D 545 5.15 59.37 37.04
CA LYS D 545 5.30 60.57 36.22
C LYS D 545 5.16 60.26 34.73
N LEU D 546 5.56 59.06 34.33
CA LEU D 546 5.58 58.69 32.92
C LEU D 546 4.31 57.99 32.46
N GLN D 547 3.69 57.18 33.31
CA GLN D 547 2.52 56.43 32.91
C GLN D 547 1.20 57.17 33.13
N LYS D 548 1.23 58.36 33.74
CA LYS D 548 0.00 59.10 33.96
C LYS D 548 -0.49 59.82 32.71
N TRP D 549 0.33 59.91 31.67
CA TRP D 549 -0.10 60.56 30.43
C TRP D 549 -1.06 59.69 29.63
N VAL D 550 -1.03 58.38 29.85
CA VAL D 550 -1.90 57.47 29.13
C VAL D 550 -2.96 56.84 30.03
N ARG D 551 -2.64 56.55 31.29
CA ARG D 551 -3.61 56.05 32.26
C ARG D 551 -4.67 57.07 32.66
N VAL D 552 -4.56 58.33 32.21
CA VAL D 552 -5.61 59.31 32.49
C VAL D 552 -6.80 59.13 31.55
N TYR D 553 -6.63 58.38 30.45
CA TYR D 553 -7.76 58.08 29.59
C TYR D 553 -8.59 56.93 30.16
N LEU D 554 -7.94 55.93 30.73
CA LEU D 554 -8.64 54.73 31.20
C LEU D 554 -9.32 54.96 32.54
N ASP D 555 -8.71 55.77 33.40
CA ASP D 555 -9.23 56.06 34.74
C ASP D 555 -10.00 57.37 34.78
N ARG D 556 -10.76 57.63 33.72
CA ARG D 556 -11.49 58.88 33.57
C ARG D 556 -12.62 59.00 34.60
N GLY D 557 -13.24 57.89 34.96
CA GLY D 557 -14.29 57.90 35.97
C GLY D 557 -13.76 57.66 37.38
N LEU E 175 -49.85 50.98 -18.10
CA LEU E 175 -48.59 50.33 -17.75
C LEU E 175 -47.66 51.29 -17.02
N GLY E 176 -46.64 50.73 -16.37
CA GLY E 176 -45.68 51.54 -15.65
C GLY E 176 -44.27 51.43 -16.18
N ARG E 177 -43.63 52.57 -16.42
CA ARG E 177 -42.26 52.57 -16.91
C ARG E 177 -41.30 52.22 -15.78
N GLN E 178 -40.23 51.51 -16.14
CA GLN E 178 -39.19 51.20 -15.17
C GLN E 178 -38.36 52.44 -14.84
N LYS E 179 -37.71 52.41 -13.69
CA LYS E 179 -36.97 53.54 -13.18
C LYS E 179 -35.89 53.03 -12.24
N ILE E 180 -34.69 53.60 -12.35
CA ILE E 180 -33.56 53.21 -11.51
C ILE E 180 -33.28 54.35 -10.54
N GLY E 181 -33.29 54.02 -9.24
CA GLY E 181 -33.00 54.99 -8.21
C GLY E 181 -31.72 54.65 -7.48
N VAL E 182 -30.98 55.69 -7.09
CA VAL E 182 -29.72 55.55 -6.37
C VAL E 182 -29.90 56.20 -5.00
N MET E 183 -29.70 55.41 -3.95
CA MET E 183 -29.95 55.85 -2.57
C MET E 183 -28.65 55.74 -1.78
N ARG E 184 -28.03 56.87 -1.48
CA ARG E 184 -26.80 56.88 -0.72
C ARG E 184 -27.09 56.73 0.77
N LEU E 185 -26.31 55.89 1.43
CA LEU E 185 -26.46 55.64 2.86
C LEU E 185 -25.41 56.45 3.62
N ASN E 186 -25.86 57.20 4.62
CA ASN E 186 -24.97 58.10 5.34
C ASN E 186 -24.50 57.56 6.68
N ASN E 187 -25.21 56.59 7.27
CA ASN E 187 -24.91 56.17 8.64
C ASN E 187 -24.72 54.66 8.76
N THR E 188 -24.48 53.95 7.66
CA THR E 188 -24.26 52.52 7.73
C THR E 188 -23.43 52.08 6.53
N PHE E 189 -23.13 50.79 6.50
CA PHE E 189 -22.31 50.18 5.46
C PHE E 189 -23.16 49.20 4.65
N VAL E 190 -23.01 49.24 3.32
CA VAL E 190 -23.47 48.16 2.47
C VAL E 190 -22.42 47.06 2.49
N GLY E 191 -22.85 45.82 2.36
CA GLY E 191 -21.93 44.70 2.30
C GLY E 191 -21.68 44.10 3.67
N ASP E 192 -21.16 42.89 3.64
CA ASP E 192 -21.00 42.08 4.84
C ASP E 192 -19.71 42.42 5.56
N ARG E 193 -19.71 42.17 6.87
CA ARG E 193 -18.54 42.34 7.71
C ARG E 193 -18.05 40.98 8.19
N THR E 194 -16.74 40.77 8.21
CA THR E 194 -16.15 39.48 8.54
C THR E 194 -15.10 39.65 9.62
N TYR E 195 -15.11 38.73 10.59
CA TYR E 195 -14.08 38.67 11.62
C TYR E 195 -13.84 37.19 11.97
N ASN E 196 -12.87 36.94 12.85
CA ASN E 196 -12.45 35.59 13.17
C ASN E 196 -12.36 35.38 14.68
N LEU E 197 -12.67 34.16 15.13
CA LEU E 197 -12.37 33.74 16.51
C LEU E 197 -11.42 32.55 16.39
N ARG E 198 -10.14 32.85 16.12
CA ARG E 198 -8.97 31.99 16.22
C ARG E 198 -8.91 30.82 15.24
N ASP E 199 -10.04 30.37 14.69
CA ASP E 199 -10.02 29.42 13.59
C ASP E 199 -11.17 29.62 12.61
N GLN E 200 -12.27 30.19 13.08
CA GLN E 200 -13.54 30.18 12.35
C GLN E 200 -13.93 31.60 11.95
N LYS E 201 -14.61 31.71 10.82
CA LYS E 201 -15.00 32.98 10.24
C LYS E 201 -16.48 33.22 10.49
N MET E 202 -16.82 34.42 10.94
CA MET E 202 -18.20 34.83 11.12
C MET E 202 -18.53 35.93 10.12
N VAL E 203 -19.68 35.81 9.46
CA VAL E 203 -20.13 36.75 8.45
C VAL E 203 -21.46 37.32 8.89
N ILE E 204 -21.56 38.64 8.93
CA ILE E 204 -22.77 39.35 9.33
C ILE E 204 -23.40 39.95 8.07
N PRO E 205 -24.67 39.68 7.78
CA PRO E 205 -25.29 40.23 6.58
C PRO E 205 -25.58 41.72 6.71
N GLY E 206 -25.31 42.45 5.64
CA GLY E 206 -25.48 43.89 5.63
C GLY E 206 -26.89 44.29 5.28
N ILE E 207 -27.03 45.54 4.83
CA ILE E 207 -28.35 46.04 4.46
C ILE E 207 -28.77 45.58 3.07
N ALA E 208 -27.83 45.18 2.22
CA ALA E 208 -28.18 44.80 0.86
C ALA E 208 -28.53 43.33 0.75
N THR E 209 -28.25 42.54 1.78
CA THR E 209 -28.65 41.14 1.83
C THR E 209 -29.97 40.97 2.57
N ALA E 210 -30.28 41.88 3.48
CA ALA E 210 -31.52 41.78 4.24
C ALA E 210 -32.73 42.17 3.40
N ILE E 211 -32.62 43.22 2.58
CA ILE E 211 -33.75 43.61 1.74
C ILE E 211 -33.85 42.72 0.50
N GLU E 212 -32.74 42.09 0.09
CA GLU E 212 -32.79 41.18 -1.05
C GLU E 212 -33.51 39.90 -0.69
N ARG E 213 -33.35 39.42 0.53
CA ARG E 213 -34.10 38.24 0.98
C ARG E 213 -35.53 38.57 1.34
N LEU E 214 -35.85 39.84 1.57
CA LEU E 214 -37.23 40.20 1.89
C LEU E 214 -38.09 40.21 0.63
N LEU E 215 -37.50 40.54 -0.51
CA LEU E 215 -38.21 40.63 -1.78
C LEU E 215 -37.96 39.41 -2.66
N GLN E 216 -37.58 38.29 -2.06
CA GLN E 216 -37.27 37.08 -2.80
C GLN E 216 -38.54 36.28 -3.04
N GLY E 217 -38.68 35.73 -4.24
CA GLY E 217 -39.92 35.09 -4.63
C GLY E 217 -41.00 36.15 -4.78
N GLU E 218 -41.96 36.15 -3.85
CA GLU E 218 -42.85 37.29 -3.55
C GLU E 218 -43.70 37.70 -4.76
N GLU E 219 -44.60 36.81 -5.17
CA GLU E 219 -45.58 37.15 -6.18
C GLU E 219 -46.72 37.95 -5.53
N GLN E 220 -46.45 39.21 -5.19
CA GLN E 220 -47.36 40.02 -4.41
C GLN E 220 -47.56 41.40 -5.05
N PRO E 221 -48.80 41.91 -5.06
CA PRO E 221 -49.05 43.19 -5.74
C PRO E 221 -48.57 44.41 -4.97
N LEU E 222 -47.27 44.68 -5.03
CA LEU E 222 -46.71 45.83 -4.33
C LEU E 222 -46.87 47.09 -5.17
N GLY E 223 -47.37 48.15 -4.52
CA GLY E 223 -47.52 49.44 -5.16
C GLY E 223 -47.09 50.58 -4.26
N ALA E 262 -46.63 46.68 -10.69
CA ALA E 262 -46.47 45.27 -11.03
C ALA E 262 -46.48 44.40 -9.78
N ALA E 263 -45.53 43.47 -9.69
CA ALA E 263 -45.43 42.55 -8.58
C ALA E 263 -44.30 42.96 -7.65
N ALA E 264 -44.19 42.26 -6.52
CA ALA E 264 -43.09 42.53 -5.60
C ALA E 264 -41.88 41.68 -5.93
N GLY E 265 -42.02 40.74 -6.86
CA GLY E 265 -40.96 39.83 -7.22
C GLY E 265 -40.06 40.24 -8.36
N ASN E 266 -40.36 41.35 -9.02
CA ASN E 266 -39.52 41.85 -10.10
C ASN E 266 -38.69 43.06 -9.71
N ILE E 267 -38.56 43.34 -8.41
CA ILE E 267 -37.67 44.41 -7.97
C ILE E 267 -36.27 43.85 -7.79
N LYS E 268 -35.29 44.54 -8.39
CA LYS E 268 -33.89 44.14 -8.30
C LYS E 268 -33.15 45.13 -7.42
N ILE E 269 -32.41 44.62 -6.45
CA ILE E 269 -31.62 45.43 -5.53
C ILE E 269 -30.17 44.94 -5.58
N VAL E 270 -29.27 45.83 -5.96
CA VAL E 270 -27.86 45.50 -6.14
C VAL E 270 -27.02 46.51 -5.36
N ALA E 271 -26.11 46.01 -4.53
CA ALA E 271 -25.21 46.84 -3.75
C ALA E 271 -24.12 47.41 -4.65
N TYR E 272 -23.87 48.70 -4.53
CA TYR E 272 -22.76 49.34 -5.21
C TYR E 272 -21.82 49.93 -4.17
N PRO E 273 -20.77 49.20 -3.77
CA PRO E 273 -19.94 49.67 -2.64
C PRO E 273 -18.99 50.79 -2.97
N ASP E 274 -18.85 51.16 -4.24
CA ASP E 274 -17.83 52.13 -4.62
C ASP E 274 -18.24 53.55 -4.24
N THR E 275 -19.55 53.78 -4.07
CA THR E 275 -20.02 55.05 -3.54
C THR E 275 -20.96 54.85 -2.35
N ASN E 276 -21.05 53.61 -1.82
CA ASN E 276 -21.83 53.26 -0.64
C ASN E 276 -23.32 53.59 -0.83
N SER E 277 -23.93 52.93 -1.81
CA SER E 277 -25.29 53.23 -2.17
C SER E 277 -25.95 52.01 -2.77
N LEU E 278 -27.28 51.97 -2.69
CA LEU E 278 -28.09 50.90 -3.24
C LEU E 278 -28.60 51.28 -4.62
N LEU E 279 -28.82 50.27 -5.46
CA LEU E 279 -29.39 50.45 -6.79
C LEU E 279 -30.68 49.65 -6.86
N VAL E 280 -31.81 50.36 -6.96
CA VAL E 280 -33.13 49.74 -7.01
C VAL E 280 -33.72 49.98 -8.39
N LYS E 281 -34.21 48.90 -9.01
CA LYS E 281 -34.85 48.98 -10.33
C LYS E 281 -36.27 48.49 -10.21
N GLY E 282 -37.22 49.36 -10.52
CA GLY E 282 -38.62 48.98 -10.49
C GLY E 282 -39.46 50.07 -11.09
N THR E 283 -40.76 50.04 -10.80
CA THR E 283 -41.64 51.09 -11.26
C THR E 283 -41.44 52.36 -10.44
N ALA E 284 -42.18 53.41 -10.78
CA ALA E 284 -42.04 54.68 -10.08
C ALA E 284 -42.68 54.64 -8.69
N GLU E 285 -43.50 53.64 -8.41
CA GLU E 285 -44.12 53.50 -7.10
C GLU E 285 -43.37 52.53 -6.20
N GLN E 286 -42.65 51.57 -6.78
CA GLN E 286 -41.86 50.66 -5.97
C GLN E 286 -40.52 51.26 -5.57
N VAL E 287 -39.98 52.18 -6.37
CA VAL E 287 -38.74 52.85 -6.03
C VAL E 287 -38.95 53.78 -4.84
N HIS E 288 -40.08 54.52 -4.84
CA HIS E 288 -40.44 55.33 -3.69
C HIS E 288 -40.80 54.50 -2.47
N PHE E 289 -41.18 53.23 -2.66
CA PHE E 289 -41.54 52.38 -1.54
C PHE E 289 -40.31 51.89 -0.79
N ILE E 290 -39.20 51.65 -1.50
CA ILE E 290 -37.98 51.21 -0.84
C ILE E 290 -37.21 52.40 -0.28
N GLU E 291 -37.39 53.58 -0.88
CA GLU E 291 -36.70 54.78 -0.39
C GLU E 291 -37.23 55.22 0.98
N MET E 292 -38.49 54.93 1.28
CA MET E 292 -39.02 55.23 2.60
C MET E 292 -38.63 54.19 3.64
N LEU E 293 -38.30 52.98 3.22
CA LEU E 293 -37.83 51.96 4.15
C LEU E 293 -36.37 52.20 4.54
N VAL E 294 -35.57 52.65 3.57
CA VAL E 294 -34.14 52.85 3.80
C VAL E 294 -33.89 53.99 4.78
N LYS E 295 -34.69 55.06 4.70
CA LYS E 295 -34.54 56.18 5.62
C LYS E 295 -35.00 55.87 7.04
N ALA E 296 -35.63 54.73 7.27
CA ALA E 296 -35.97 54.30 8.62
C ALA E 296 -34.94 53.35 9.21
N LEU E 297 -34.14 52.69 8.36
CA LEU E 297 -33.07 51.82 8.81
C LEU E 297 -31.71 52.52 8.85
N ASP E 298 -31.67 53.82 8.56
CA ASP E 298 -30.42 54.55 8.46
C ASP E 298 -30.36 55.60 9.58
N VAL E 299 -29.85 55.17 10.73
CA VAL E 299 -29.74 56.03 11.91
C VAL E 299 -28.31 55.98 12.42
N ALA E 300 -27.93 57.05 13.12
CA ALA E 300 -26.60 57.14 13.70
C ALA E 300 -26.52 56.36 15.00
N LYS E 301 -25.36 55.74 15.23
CA LYS E 301 -25.15 54.85 16.37
C LYS E 301 -24.40 55.54 17.49
N ARG E 302 -24.42 54.91 18.65
CA ARG E 302 -23.74 55.41 19.84
C ARG E 302 -22.60 54.47 20.21
N HIS E 303 -21.64 54.99 20.95
CA HIS E 303 -20.42 54.26 21.28
C HIS E 303 -20.50 53.71 22.70
N VAL E 304 -20.06 52.46 22.86
CA VAL E 304 -19.97 51.80 24.16
C VAL E 304 -18.52 51.40 24.39
N GLU E 305 -18.00 51.74 25.56
CA GLU E 305 -16.66 51.30 25.97
C GLU E 305 -16.81 50.32 27.12
N LEU E 306 -16.31 49.11 26.93
CA LEU E 306 -16.47 48.03 27.89
C LEU E 306 -15.15 47.79 28.62
N SER E 307 -15.19 47.84 29.95
CA SER E 307 -14.02 47.62 30.79
C SER E 307 -14.28 46.41 31.68
N LEU E 308 -13.36 45.46 31.66
CA LEU E 308 -13.50 44.22 32.41
C LEU E 308 -12.35 44.09 33.40
N TRP E 309 -12.68 43.83 34.67
CA TRP E 309 -11.69 43.70 35.72
C TRP E 309 -11.51 42.23 36.07
N ILE E 310 -10.27 41.79 36.19
CA ILE E 310 -9.93 40.43 36.61
C ILE E 310 -9.00 40.56 37.81
N VAL E 311 -9.52 40.33 39.01
CA VAL E 311 -8.78 40.46 40.26
C VAL E 311 -8.42 39.06 40.74
N ASP E 312 -7.18 38.87 41.15
CA ASP E 312 -6.67 37.56 41.54
C ASP E 312 -5.78 37.74 42.76
N LEU E 313 -6.16 37.12 43.87
CA LEU E 313 -5.39 37.22 45.10
C LEU E 313 -5.01 35.83 45.59
N ASN E 314 -3.91 35.75 46.32
CA ASN E 314 -3.43 34.50 46.90
C ASN E 314 -2.89 34.78 48.30
N LYS E 315 -2.67 33.69 49.04
CA LYS E 315 -2.11 33.70 50.37
C LYS E 315 -1.73 32.28 50.71
N SER E 316 -0.71 32.10 51.54
CA SER E 316 -0.25 30.76 51.85
C SER E 316 0.46 30.75 53.19
N ASP E 317 0.74 29.54 53.67
CA ASP E 317 1.42 29.31 54.94
C ASP E 317 1.90 27.87 54.93
N LEU E 318 3.03 27.60 55.57
CA LEU E 318 3.65 26.28 55.56
C LEU E 318 4.66 26.18 56.68
N GLU E 319 4.72 25.03 57.33
CA GLU E 319 5.70 24.78 58.40
C GLU E 319 5.93 23.29 58.54
N ARG E 320 7.17 22.85 58.37
CA ARG E 320 7.56 21.47 58.65
C ARG E 320 8.67 21.46 59.68
N LEU E 321 8.61 20.52 60.62
CA LEU E 321 9.61 20.41 61.66
C LEU E 321 9.61 19.00 62.23
N GLY E 322 10.68 18.25 61.99
CA GLY E 322 10.78 16.93 62.55
C GLY E 322 11.67 16.05 61.69
N THR E 323 11.89 14.83 62.19
CA THR E 323 12.74 13.85 61.54
C THR E 323 11.92 12.63 61.12
N SER E 324 12.57 11.75 60.36
CA SER E 324 11.93 10.52 59.87
C SER E 324 13.00 9.50 59.57
N TRP E 325 13.01 8.39 60.30
CA TRP E 325 14.06 7.39 60.23
C TRP E 325 13.66 6.28 59.26
N SER E 326 14.56 5.94 58.33
CA SER E 326 14.32 4.88 57.36
C SER E 326 15.67 4.41 56.82
N GLY E 327 16.06 3.18 57.16
CA GLY E 327 17.34 2.67 56.69
C GLY E 327 17.49 1.19 56.96
N SER E 328 18.61 0.65 56.49
CA SER E 328 18.96 -0.74 56.66
C SER E 328 20.33 -0.87 57.33
N ILE E 329 20.65 -2.09 57.76
CA ILE E 329 21.89 -2.37 58.48
C ILE E 329 22.26 -3.82 58.20
N THR E 330 23.52 -4.18 58.49
CA THR E 330 23.99 -5.55 58.39
C THR E 330 24.81 -5.88 59.62
N ILE E 331 24.40 -6.93 60.35
CA ILE E 331 24.98 -7.26 61.64
C ILE E 331 25.66 -8.62 61.51
N GLY E 332 26.98 -8.60 61.27
CA GLY E 332 27.80 -9.80 61.35
C GLY E 332 27.51 -10.86 60.32
N ASP E 333 27.12 -10.46 59.09
CA ASP E 333 26.89 -11.27 57.88
C ASP E 333 26.07 -12.55 58.11
N LYS E 334 25.21 -12.53 59.13
CA LYS E 334 24.28 -13.62 59.40
C LYS E 334 22.86 -13.15 59.69
N LEU E 335 22.66 -11.90 60.10
CA LEU E 335 21.32 -11.37 60.29
C LEU E 335 21.35 -9.87 60.03
N GLY E 336 20.29 -9.38 59.42
CA GLY E 336 20.19 -7.97 59.10
C GLY E 336 18.86 -7.41 59.57
N VAL E 337 18.86 -6.12 59.89
CA VAL E 337 17.70 -5.44 60.43
C VAL E 337 17.34 -4.29 59.49
N SER E 338 16.09 -4.26 59.05
CA SER E 338 15.55 -3.14 58.28
C SER E 338 14.69 -2.28 59.19
N LEU E 339 14.28 -1.13 58.67
CA LEU E 339 13.44 -0.20 59.41
C LEU E 339 12.65 0.66 58.44
N ASN E 340 11.32 0.47 58.43
CA ASN E 340 10.36 1.27 57.67
C ASN E 340 10.65 1.25 56.17
N GLN E 341 10.94 0.08 55.63
CA GLN E 341 11.26 -0.08 54.22
C GLN E 341 10.49 -1.23 53.62
N SER E 342 10.59 -1.35 52.29
CA SER E 342 10.01 -2.47 51.56
C SER E 342 11.09 -3.31 50.89
N SER E 343 12.04 -2.67 50.22
CA SER E 343 13.16 -3.34 49.58
C SER E 343 14.41 -3.18 50.45
N ILE E 344 15.09 -4.30 50.71
CA ILE E 344 16.20 -4.34 51.64
C ILE E 344 17.46 -4.76 50.89
N SER E 345 17.28 -5.55 49.82
CA SER E 345 18.41 -6.17 49.13
C SER E 345 19.22 -5.15 48.34
N THR E 346 18.55 -4.25 47.61
CA THR E 346 19.26 -3.22 46.85
C THR E 346 19.75 -2.08 47.74
N LEU E 347 19.29 -2.00 48.99
CA LEU E 347 19.83 -1.07 49.97
C LEU E 347 20.55 -1.81 51.10
N ASP E 348 21.19 -2.93 50.79
CA ASP E 348 21.86 -3.73 51.81
C ASP E 348 23.20 -3.12 52.23
N GLY E 349 23.93 -2.51 51.30
CA GLY E 349 25.19 -1.87 51.61
C GLY E 349 25.09 -0.47 52.15
N SER E 350 23.87 0.05 52.33
CA SER E 350 23.67 1.40 52.82
C SER E 350 23.54 1.40 54.34
N ARG E 351 23.09 2.52 54.90
CA ARG E 351 23.02 2.71 56.33
C ARG E 351 21.67 3.31 56.74
N PHE E 352 21.54 3.71 58.00
CA PHE E 352 20.35 4.39 58.46
C PHE E 352 20.34 5.84 57.97
N ILE E 353 19.15 6.33 57.62
CA ILE E 353 18.98 7.70 57.14
C ILE E 353 17.99 8.39 58.07
N ALA E 354 18.39 9.57 58.57
CA ALA E 354 17.54 10.38 59.43
C ALA E 354 17.24 11.67 58.69
N ALA E 355 16.20 11.66 57.88
CA ALA E 355 15.85 12.83 57.07
C ALA E 355 15.19 13.89 57.95
N VAL E 356 15.86 15.04 58.07
CA VAL E 356 15.39 16.14 58.91
C VAL E 356 14.79 17.20 58.00
N ASN E 357 13.69 17.80 58.44
CA ASN E 357 13.04 18.89 57.72
C ASN E 357 12.83 20.06 58.65
N ALA E 358 13.13 21.26 58.16
CA ALA E 358 12.90 22.48 58.92
C ALA E 358 12.63 23.61 57.92
N LEU E 359 11.43 24.21 58.02
CA LEU E 359 11.00 25.22 57.07
C LEU E 359 9.84 25.98 57.68
N GLU E 360 9.70 27.24 57.26
CA GLU E 360 8.59 28.08 57.72
C GLU E 360 8.40 29.17 56.67
N GLU E 361 7.31 29.07 55.91
CA GLU E 361 7.15 29.86 54.69
C GLU E 361 5.86 30.68 54.74
N LYS E 362 5.94 31.93 54.30
CA LYS E 362 4.79 32.78 54.06
C LYS E 362 4.78 33.20 52.59
N LYS E 363 3.63 33.63 52.11
CA LYS E 363 3.49 33.97 50.71
C LYS E 363 2.28 34.88 50.53
N GLN E 364 2.31 35.67 49.46
CA GLN E 364 1.22 36.57 49.09
C GLN E 364 1.44 37.00 47.65
N ALA E 365 0.35 37.13 46.90
CA ALA E 365 0.44 37.50 45.48
C ALA E 365 -0.88 38.12 45.05
N THR E 366 -0.79 39.31 44.45
CA THR E 366 -1.96 40.00 43.89
C THR E 366 -1.70 40.28 42.42
N VAL E 367 -2.74 40.09 41.59
CA VAL E 367 -2.67 40.38 40.16
C VAL E 367 -3.99 41.03 39.76
N VAL E 368 -3.92 42.22 39.16
CA VAL E 368 -5.10 42.93 38.67
C VAL E 368 -4.88 43.24 37.19
N SER E 369 -5.66 42.61 36.32
CA SER E 369 -5.57 42.81 34.89
C SER E 369 -6.87 43.40 34.38
N ARG E 370 -6.79 44.16 33.28
CA ARG E 370 -7.94 44.92 32.79
C ARG E 370 -7.84 45.15 31.29
N PRO E 371 -8.68 44.48 30.48
CA PRO E 371 -8.79 44.84 29.07
C PRO E 371 -9.91 45.84 28.81
N VAL E 372 -9.67 46.74 27.85
CA VAL E 372 -10.61 47.80 27.48
C VAL E 372 -10.88 47.68 25.99
N LEU E 373 -12.15 47.83 25.59
CA LEU E 373 -12.55 47.69 24.21
C LEU E 373 -13.67 48.68 23.90
N LEU E 374 -13.64 49.25 22.70
CA LEU E 374 -14.62 50.26 22.27
C LEU E 374 -15.33 49.80 21.00
N THR E 375 -16.66 49.90 21.00
CA THR E 375 -17.46 49.51 19.85
C THR E 375 -18.74 50.34 19.84
N GLN E 376 -19.62 50.01 18.90
CA GLN E 376 -20.89 50.70 18.71
C GLN E 376 -22.05 49.81 19.14
N GLU E 377 -23.27 50.34 19.01
CA GLU E 377 -24.46 49.53 19.27
C GLU E 377 -24.60 48.43 18.24
N ASN E 378 -25.02 47.25 18.71
CA ASN E 378 -25.40 46.10 17.88
C ASN E 378 -24.27 45.64 16.95
N VAL E 379 -23.03 45.85 17.34
CA VAL E 379 -21.87 45.48 16.54
C VAL E 379 -21.00 44.56 17.37
N PRO E 380 -20.71 43.34 16.91
CA PRO E 380 -19.83 42.44 17.66
C PRO E 380 -18.38 42.89 17.54
N ALA E 381 -17.68 42.90 18.67
CA ALA E 381 -16.28 43.30 18.73
C ALA E 381 -15.48 42.21 19.43
N ILE E 382 -14.17 42.21 19.17
CA ILE E 382 -13.26 41.21 19.72
C ILE E 382 -11.99 41.89 20.19
N PHE E 383 -11.62 41.62 21.44
CA PHE E 383 -10.28 41.87 21.95
C PHE E 383 -9.63 40.51 22.21
N ASP E 384 -8.37 40.38 21.83
CA ASP E 384 -7.67 39.10 21.92
C ASP E 384 -6.21 39.35 22.23
N ASN E 385 -5.68 38.63 23.23
CA ASN E 385 -4.27 38.74 23.61
C ASN E 385 -3.79 37.33 23.91
N ASN E 386 -3.26 36.64 22.90
CA ASN E 386 -3.02 35.22 23.01
C ASN E 386 -1.53 34.90 22.82
N ARG E 387 -1.23 33.60 22.82
CA ARG E 387 0.11 33.07 22.67
C ARG E 387 0.01 31.72 21.98
N THR E 388 0.84 31.51 20.96
CA THR E 388 0.76 30.33 20.13
C THR E 388 2.00 29.47 20.35
N PHE E 389 1.82 28.16 20.41
CA PHE E 389 2.88 27.20 20.67
C PHE E 389 2.91 26.21 19.52
N TYR E 390 3.99 26.23 18.74
CA TYR E 390 4.09 25.40 17.55
C TYR E 390 4.91 24.16 17.84
N THR E 391 4.44 23.02 17.33
CA THR E 391 5.11 21.74 17.54
C THR E 391 5.33 21.05 16.20
N LYS E 392 6.29 20.13 16.18
CA LYS E 392 6.73 19.47 14.95
C LYS E 392 6.32 18.00 15.03
N LEU E 393 5.16 17.68 14.46
CA LEU E 393 4.69 16.30 14.35
C LEU E 393 5.35 15.69 13.12
N ILE E 394 6.38 14.89 13.34
CA ILE E 394 7.17 14.37 12.23
C ILE E 394 6.47 13.13 11.69
N GLY E 395 5.52 13.37 10.79
CA GLY E 395 4.87 12.32 10.04
C GLY E 395 5.48 12.20 8.66
N GLU E 396 4.75 11.51 7.77
CA GLU E 396 5.22 11.36 6.41
C GLU E 396 4.26 11.92 5.37
N ARG E 397 2.94 11.87 5.60
CA ARG E 397 1.98 12.21 4.56
C ARG E 397 1.32 13.55 4.79
N ASN E 398 0.60 13.66 5.89
CA ASN E 398 -0.16 14.85 6.23
C ASN E 398 0.65 15.57 7.29
N VAL E 399 1.89 15.92 6.92
CA VAL E 399 2.79 16.65 7.79
C VAL E 399 2.18 18.02 8.05
N ALA E 400 2.21 18.46 9.30
CA ALA E 400 1.50 19.67 9.65
C ALA E 400 2.19 20.32 10.84
N LEU E 401 2.03 21.62 10.93
CA LEU E 401 2.43 22.37 12.11
C LEU E 401 1.17 22.51 12.96
N GLU E 402 1.10 21.73 14.03
CA GLU E 402 -0.04 21.81 14.93
C GLU E 402 0.28 22.82 16.03
N HIS E 403 -0.75 23.51 16.51
CA HIS E 403 -0.54 24.60 17.43
C HIS E 403 -1.66 24.65 18.46
N VAL E 404 -1.33 25.16 19.63
CA VAL E 404 -2.29 25.46 20.68
C VAL E 404 -2.25 26.96 20.91
N THR E 405 -3.31 27.49 21.54
CA THR E 405 -3.47 28.92 21.71
C THR E 405 -4.14 29.17 23.05
N TYR E 406 -3.64 30.14 23.81
CA TYR E 406 -4.21 30.48 25.11
C TYR E 406 -3.96 31.95 25.39
N GLY E 407 -4.94 32.59 26.02
CA GLY E 407 -4.78 33.99 26.38
C GLY E 407 -6.12 34.62 26.69
N THR E 408 -6.08 35.91 26.98
CA THR E 408 -7.28 36.68 27.32
C THR E 408 -8.06 36.98 26.06
N MET E 409 -9.39 36.92 26.15
CA MET E 409 -10.24 37.09 24.98
C MET E 409 -11.63 37.51 25.42
N ILE E 410 -12.16 38.59 24.84
CA ILE E 410 -13.51 39.04 25.08
C ILE E 410 -14.22 39.16 23.74
N ARG E 411 -15.47 38.71 23.68
CA ARG E 411 -16.35 38.97 22.54
C ARG E 411 -17.68 39.45 23.08
N VAL E 412 -18.04 40.69 22.75
CA VAL E 412 -19.18 41.35 23.36
C VAL E 412 -20.10 41.86 22.25
N LEU E 413 -21.38 42.02 22.58
CA LEU E 413 -22.38 42.53 21.65
C LEU E 413 -23.29 43.46 22.44
N PRO E 414 -22.95 44.74 22.51
CA PRO E 414 -23.70 45.67 23.36
C PRO E 414 -24.98 46.15 22.69
N ARG E 415 -25.91 46.62 23.53
CA ARG E 415 -27.23 47.02 23.07
C ARG E 415 -27.87 47.87 24.15
N PHE E 416 -28.42 49.02 23.77
CA PHE E 416 -29.10 49.88 24.72
C PHE E 416 -30.56 49.46 24.89
N SER E 417 -31.02 49.44 26.14
CA SER E 417 -32.40 49.12 26.43
C SER E 417 -33.25 50.40 26.34
N ALA E 418 -34.50 50.31 26.77
CA ALA E 418 -35.40 51.46 26.69
C ALA E 418 -35.18 52.46 27.81
N ASP E 419 -34.62 52.01 28.94
CA ASP E 419 -34.41 52.86 30.10
C ASP E 419 -33.05 53.52 30.12
N GLY E 420 -32.14 53.12 29.25
CA GLY E 420 -30.78 53.61 29.27
C GLY E 420 -29.76 52.65 29.84
N GLN E 421 -30.15 51.41 30.10
CA GLN E 421 -29.22 50.39 30.56
C GLN E 421 -28.61 49.66 29.37
N ILE E 422 -27.46 49.04 29.60
CA ILE E 422 -26.69 48.41 28.54
C ILE E 422 -26.68 46.91 28.77
N GLU E 423 -27.31 46.16 27.88
CA GLU E 423 -27.28 44.70 27.94
C GLU E 423 -26.19 44.16 27.03
N MET E 424 -25.48 43.15 27.52
CA MET E 424 -24.31 42.62 26.83
C MET E 424 -24.41 41.10 26.75
N SER E 425 -23.86 40.55 25.67
CA SER E 425 -23.78 39.11 25.47
C SER E 425 -22.30 38.72 25.47
N LEU E 426 -21.84 38.17 26.59
CA LEU E 426 -20.42 38.04 26.88
C LEU E 426 -19.90 36.65 26.55
N ASP E 427 -18.62 36.59 26.20
CA ASP E 427 -17.86 35.36 25.99
C ASP E 427 -16.44 35.62 26.45
N ILE E 428 -16.13 35.29 27.70
CA ILE E 428 -14.87 35.66 28.33
C ILE E 428 -14.02 34.41 28.46
N GLU E 429 -12.74 34.53 28.11
CA GLU E 429 -11.75 33.49 28.32
C GLU E 429 -10.49 34.12 28.91
N ASP E 430 -9.97 33.53 29.99
CA ASP E 430 -8.73 34.00 30.60
C ASP E 430 -7.89 32.76 30.92
N GLY E 431 -6.83 32.54 30.15
CA GLY E 431 -5.98 31.39 30.33
C GLY E 431 -4.53 31.80 30.50
N ASN E 432 -3.76 30.89 31.08
CA ASN E 432 -2.32 31.07 31.24
C ASN E 432 -1.66 29.69 31.19
N ASP E 433 -0.34 29.67 31.36
CA ASP E 433 0.45 28.46 31.20
C ASP E 433 0.89 27.97 32.56
N LYS E 434 0.40 26.78 32.95
CA LYS E 434 0.83 26.13 34.18
C LYS E 434 2.12 25.36 33.90
N THR E 435 3.06 25.45 34.83
CA THR E 435 4.38 24.87 34.63
C THR E 435 4.58 23.70 35.58
N PRO E 436 4.92 22.51 35.07
CA PRO E 436 5.35 21.42 35.94
C PRO E 436 6.81 21.59 36.39
N GLN E 437 7.35 20.56 37.04
CA GLN E 437 8.71 20.60 37.56
C GLN E 437 9.72 20.70 36.43
N SER E 438 10.66 21.65 36.55
CA SER E 438 11.60 21.92 35.47
C SER E 438 12.73 20.90 35.39
N ASP E 439 13.01 20.16 36.47
CA ASP E 439 14.13 19.24 36.50
C ASP E 439 13.92 17.96 35.70
N THR E 440 12.67 17.57 35.48
CA THR E 440 12.37 16.34 34.75
C THR E 440 12.29 16.62 33.25
N THR E 441 12.40 15.55 32.47
CA THR E 441 12.58 15.57 31.02
C THR E 441 11.38 16.17 30.28
N THR E 442 10.18 16.14 30.86
CA THR E 442 8.97 16.59 30.17
C THR E 442 8.87 18.12 30.03
N SER E 443 9.90 18.88 30.42
CA SER E 443 9.94 20.31 30.21
C SER E 443 10.52 20.69 28.85
N VAL E 444 11.10 19.75 28.10
CA VAL E 444 11.69 20.05 26.81
C VAL E 444 10.82 19.60 25.63
N ASP E 445 9.80 18.78 25.87
CA ASP E 445 8.91 18.38 24.81
C ASP E 445 7.69 19.29 24.77
N ALA E 446 6.73 18.95 23.91
CA ALA E 446 5.55 19.78 23.68
C ALA E 446 4.47 19.48 24.72
N LEU E 447 4.76 19.85 25.97
CA LEU E 447 3.79 19.76 27.06
C LEU E 447 3.71 21.11 27.78
N PRO E 448 3.02 22.09 27.19
CA PRO E 448 2.58 23.24 27.98
C PRO E 448 1.22 22.99 28.61
N GLU E 449 1.15 22.47 29.84
CA GLU E 449 -0.13 22.31 30.51
C GLU E 449 -0.87 23.65 30.64
N VAL E 450 -1.95 23.78 29.88
CA VAL E 450 -2.72 25.03 29.80
C VAL E 450 -3.90 24.93 30.75
N GLY E 451 -4.11 25.96 31.56
CA GLY E 451 -5.30 26.10 32.37
C GLY E 451 -6.07 27.34 31.94
N ARG E 452 -7.35 27.14 31.64
CA ARG E 452 -8.22 28.19 31.13
C ARG E 452 -9.36 28.46 32.09
N THR E 453 -10.14 29.50 31.78
CA THR E 453 -11.31 29.88 32.57
C THR E 453 -12.32 30.51 31.62
N LEU E 454 -13.45 29.84 31.43
CA LEU E 454 -14.44 30.24 30.43
C LEU E 454 -15.72 30.65 31.12
N ILE E 455 -16.33 31.73 30.64
CA ILE E 455 -17.59 32.26 31.16
C ILE E 455 -18.42 32.72 29.99
N SER E 456 -19.68 32.27 29.92
CA SER E 456 -20.59 32.67 28.86
C SER E 456 -21.96 32.94 29.47
N THR E 457 -22.42 34.19 29.41
CA THR E 457 -23.65 34.58 30.09
C THR E 457 -24.19 35.84 29.41
N ILE E 458 -25.25 36.41 30.00
CA ILE E 458 -25.86 37.66 29.54
C ILE E 458 -26.19 38.49 30.76
N ALA E 459 -25.72 39.74 30.79
CA ALA E 459 -25.96 40.63 31.93
C ALA E 459 -26.43 41.99 31.42
N ARG E 460 -27.03 42.77 32.32
CA ARG E 460 -27.58 44.07 31.98
C ARG E 460 -27.26 45.06 33.09
N VAL E 461 -26.40 46.02 32.77
CA VAL E 461 -25.86 46.97 33.75
C VAL E 461 -26.37 48.37 33.40
N PRO E 462 -26.66 49.23 34.37
CA PRO E 462 -26.89 50.64 34.06
C PRO E 462 -25.62 51.33 33.60
N HIS E 463 -25.77 52.57 33.15
CA HIS E 463 -24.65 53.33 32.61
C HIS E 463 -23.78 53.84 33.76
N GLY E 464 -22.56 53.32 33.84
CA GLY E 464 -21.62 53.75 34.85
C GLY E 464 -21.52 52.85 36.06
N LYS E 465 -22.47 51.96 36.27
CA LYS E 465 -22.45 51.04 37.40
C LYS E 465 -21.73 49.76 36.99
N SER E 466 -21.76 48.75 37.86
CA SER E 466 -20.99 47.55 37.62
C SER E 466 -21.72 46.33 38.14
N LEU E 467 -21.30 45.16 37.67
CA LEU E 467 -21.89 43.89 38.07
C LEU E 467 -20.80 42.84 38.19
N LEU E 468 -21.02 41.88 39.08
CA LEU E 468 -20.11 40.75 39.26
C LEU E 468 -20.63 39.58 38.42
N VAL E 469 -19.83 39.14 37.46
CA VAL E 469 -20.26 38.12 36.51
C VAL E 469 -19.84 36.73 36.97
N GLY E 470 -18.56 36.54 37.30
CA GLY E 470 -18.09 35.24 37.73
C GLY E 470 -17.46 35.29 39.10
N GLY E 471 -16.74 34.24 39.47
CA GLY E 471 -16.09 34.22 40.77
C GLY E 471 -15.66 32.82 41.12
N TYR E 472 -14.72 32.76 42.07
CA TYR E 472 -14.17 31.50 42.57
C TYR E 472 -13.40 31.74 43.86
N THR E 473 -13.70 30.99 44.91
CA THR E 473 -12.90 31.02 46.14
C THR E 473 -12.51 29.58 46.49
N ARG E 474 -11.45 29.46 47.29
CA ARG E 474 -10.99 28.17 47.78
C ARG E 474 -10.20 28.34 49.05
N ASP E 475 -10.54 27.56 50.07
CA ASP E 475 -9.85 27.56 51.36
C ASP E 475 -9.43 26.15 51.71
N ALA E 476 -8.26 26.01 52.36
CA ALA E 476 -7.75 24.69 52.68
C ALA E 476 -6.90 24.78 53.95
N ASN E 477 -6.83 23.67 54.67
CA ASN E 477 -6.02 23.57 55.88
C ASN E 477 -5.77 22.09 56.17
N THR E 478 -4.53 21.64 56.01
CA THR E 478 -4.14 20.28 56.34
C THR E 478 -3.06 20.30 57.40
N ASP E 479 -2.95 19.20 58.15
CA ASP E 479 -1.90 19.02 59.15
C ASP E 479 -1.72 17.54 59.48
N THR E 480 -0.48 17.07 59.44
CA THR E 480 -0.14 15.69 59.75
C THR E 480 0.76 15.66 60.98
N VAL E 481 0.73 14.54 61.70
CA VAL E 481 1.59 14.30 62.86
C VAL E 481 2.07 12.86 62.80
N GLN E 482 3.38 12.64 62.72
CA GLN E 482 3.96 11.32 62.79
C GLN E 482 4.90 11.23 63.98
N SER E 483 5.11 10.00 64.46
CA SER E 483 6.02 9.77 65.59
C SER E 483 6.43 8.31 65.62
N ILE E 484 7.42 8.02 66.44
CA ILE E 484 7.78 6.67 66.86
C ILE E 484 6.89 6.40 68.08
N PRO E 485 6.34 5.18 68.24
CA PRO E 485 5.32 4.98 69.29
C PRO E 485 5.78 5.20 70.73
N PHE E 486 6.96 4.74 71.12
CA PHE E 486 7.42 4.93 72.49
C PHE E 486 8.48 6.01 72.63
N LEU E 487 9.39 6.13 71.67
CA LEU E 487 10.47 7.10 71.78
C LEU E 487 10.00 8.53 71.54
N GLY E 488 8.82 8.71 70.96
CA GLY E 488 8.31 10.04 70.69
C GLY E 488 7.71 10.77 71.87
N LYS E 489 7.66 10.13 73.04
CA LYS E 489 7.10 10.75 74.23
C LYS E 489 8.15 11.00 75.31
N LEU E 490 9.43 10.90 74.96
CA LEU E 490 10.49 11.21 75.91
C LEU E 490 10.54 12.73 76.14
N PRO E 491 10.95 13.18 77.35
CA PRO E 491 10.91 14.61 77.67
C PRO E 491 11.83 15.49 76.84
N LEU E 492 13.14 15.18 76.82
CA LEU E 492 14.11 16.01 76.12
C LEU E 492 14.75 15.31 74.94
N ILE E 493 14.58 14.00 74.81
CA ILE E 493 15.11 13.27 73.66
C ILE E 493 14.04 13.03 72.60
N GLY E 494 12.75 13.07 72.96
CA GLY E 494 11.67 12.70 72.06
C GLY E 494 11.40 13.67 70.93
N SER E 495 12.10 14.80 70.88
CA SER E 495 11.93 15.72 69.76
C SER E 495 12.62 15.22 68.50
N LEU E 496 13.55 14.28 68.62
CA LEU E 496 14.28 13.75 67.48
C LEU E 496 13.51 12.67 66.73
N PHE E 497 12.30 12.34 67.16
CA PHE E 497 11.53 11.27 66.54
C PHE E 497 10.16 11.70 66.03
N ARG E 498 9.62 12.83 66.48
CA ARG E 498 8.33 13.30 66.02
C ARG E 498 8.46 14.00 64.67
N TYR E 499 7.32 14.34 64.10
CA TYR E 499 7.24 15.07 62.83
C TYR E 499 5.87 15.71 62.76
N SER E 500 5.81 16.91 62.18
CA SER E 500 4.56 17.64 62.11
C SER E 500 4.62 18.66 60.98
N SER E 501 3.57 18.69 60.16
CA SER E 501 3.49 19.63 59.05
C SER E 501 2.17 20.37 59.11
N LYS E 502 2.10 21.48 58.38
CA LYS E 502 0.89 22.29 58.26
C LYS E 502 0.83 22.85 56.85
N ASN E 503 -0.35 23.37 56.51
CA ASN E 503 -0.58 24.00 55.20
C ASN E 503 -1.83 24.85 55.29
N LYS E 504 -1.90 25.90 54.48
CA LYS E 504 -3.06 26.80 54.45
C LYS E 504 -3.00 27.60 53.16
N SER E 505 -4.15 27.84 52.54
CA SER E 505 -4.21 28.64 51.33
C SER E 505 -5.57 29.31 51.23
N ASN E 506 -5.59 30.46 50.57
CA ASN E 506 -6.82 31.22 50.35
C ASN E 506 -6.74 31.91 48.99
N VAL E 507 -7.53 31.45 48.03
CA VAL E 507 -7.50 31.96 46.67
C VAL E 507 -8.82 32.65 46.38
N VAL E 508 -8.77 33.79 45.69
CA VAL E 508 -9.96 34.54 45.29
C VAL E 508 -9.75 35.03 43.86
N ARG E 509 -10.68 34.68 42.96
CA ARG E 509 -10.72 35.24 41.62
C ARG E 509 -12.12 35.77 41.36
N VAL E 510 -12.22 36.95 40.75
CA VAL E 510 -13.51 37.54 40.39
C VAL E 510 -13.40 38.18 39.00
N PHE E 511 -14.56 38.34 38.37
CA PHE E 511 -14.70 38.98 37.06
C PHE E 511 -15.77 40.04 37.18
N MET E 512 -15.45 41.28 36.82
CA MET E 512 -16.39 42.38 36.94
C MET E 512 -16.50 43.13 35.63
N ILE E 513 -17.67 43.70 35.38
CA ILE E 513 -18.01 44.36 34.12
C ILE E 513 -18.46 45.77 34.43
N GLU E 514 -17.92 46.76 33.70
CA GLU E 514 -18.27 48.16 33.92
C GLU E 514 -18.36 48.87 32.58
N PRO E 515 -19.55 48.95 31.97
CA PRO E 515 -19.69 49.65 30.70
C PRO E 515 -20.08 51.11 30.87
N LYS E 516 -19.74 51.90 29.86
CA LYS E 516 -20.10 53.31 29.84
C LYS E 516 -20.20 53.78 28.40
N GLU E 517 -20.78 54.95 28.21
CA GLU E 517 -21.10 55.48 26.89
C GLU E 517 -20.13 56.62 26.54
N ILE E 518 -19.60 56.58 25.33
CA ILE E 518 -18.61 57.54 24.85
C ILE E 518 -19.30 58.54 23.93
N VAL E 519 -19.22 59.82 24.27
CA VAL E 519 -19.80 60.86 23.43
C VAL E 519 -18.78 61.88 22.95
N ASP E 520 -17.60 61.97 23.58
CA ASP E 520 -16.60 62.98 23.26
C ASP E 520 -15.28 62.32 22.89
N PRO E 521 -14.47 62.94 22.04
CA PRO E 521 -13.15 62.41 21.74
C PRO E 521 -12.18 62.67 22.90
N LEU E 522 -10.94 62.24 22.71
CA LEU E 522 -9.93 62.33 23.75
C LEU E 522 -9.48 63.78 23.95
N THR E 523 -9.23 64.15 25.20
CA THR E 523 -8.68 65.46 25.53
C THR E 523 -7.61 65.29 26.60
N PRO E 524 -6.36 65.72 26.35
CA PRO E 524 -5.78 66.27 25.12
C PRO E 524 -5.59 65.22 24.04
N ASP E 525 -5.14 65.62 22.86
CA ASP E 525 -5.14 64.76 21.68
C ASP E 525 -4.15 63.62 21.84
N ALA E 526 -4.31 62.61 20.97
CA ALA E 526 -3.45 61.44 21.02
C ALA E 526 -2.03 61.77 20.58
N SER E 527 -1.87 62.75 19.69
CA SER E 527 -0.54 63.16 19.27
C SER E 527 0.11 64.14 20.24
N GLU E 528 -0.63 64.61 21.24
CA GLU E 528 -0.07 65.50 22.25
C GLU E 528 0.37 64.76 23.50
N SER E 529 -0.29 63.67 23.84
CA SER E 529 0.14 62.88 24.99
C SER E 529 1.33 61.99 24.67
N VAL E 530 1.56 61.70 23.38
CA VAL E 530 2.70 60.89 23.00
C VAL E 530 3.97 61.73 22.99
N ASN E 531 3.88 63.00 22.58
CA ASN E 531 5.03 63.88 22.58
C ASN E 531 5.52 64.23 23.99
N ASN E 532 4.68 64.05 25.01
CA ASN E 532 5.13 64.21 26.38
C ASN E 532 5.74 62.94 26.94
N ILE E 533 5.40 61.78 26.37
CA ILE E 533 6.01 60.52 26.80
C ILE E 533 7.42 60.42 26.24
N LEU E 534 7.60 60.78 24.97
CA LEU E 534 8.91 60.69 24.32
C LEU E 534 9.90 61.70 24.89
N LYS E 535 9.42 62.86 25.33
CA LYS E 535 10.33 63.85 25.90
C LYS E 535 10.73 63.48 27.33
N GLN E 536 9.85 62.83 28.09
CA GLN E 536 10.17 62.48 29.46
C GLN E 536 11.07 61.25 29.53
N SER E 537 10.77 60.22 28.74
CA SER E 537 11.58 59.01 28.77
C SER E 537 12.89 59.14 28.01
N GLY E 538 13.05 60.18 27.20
CA GLY E 538 14.30 60.40 26.49
C GLY E 538 14.40 59.72 25.15
N ALA E 539 13.30 59.20 24.61
CA ALA E 539 13.32 58.54 23.31
C ALA E 539 12.95 59.47 22.17
N TRP E 540 12.84 60.77 22.43
CA TRP E 540 12.36 61.73 21.44
C TRP E 540 13.47 62.05 20.45
N SER E 541 13.14 62.03 19.16
CA SER E 541 14.09 62.36 18.10
C SER E 541 13.45 63.24 17.04
N GLY E 542 12.67 64.22 17.48
CA GLY E 542 12.14 65.21 16.56
C GLY E 542 13.05 66.39 16.31
N ASP E 543 14.17 66.46 17.02
CA ASP E 543 15.15 67.51 16.85
C ASP E 543 16.34 67.07 16.03
N ASP E 544 16.28 65.91 15.40
CA ASP E 544 17.40 65.39 14.63
C ASP E 544 17.59 66.18 13.34
N LYS E 545 18.85 66.34 12.94
CA LYS E 545 19.15 67.11 11.74
C LYS E 545 18.84 66.33 10.48
N LEU E 546 18.97 65.01 10.53
CA LEU E 546 18.80 64.17 9.35
C LEU E 546 17.40 63.62 9.19
N GLN E 547 16.71 63.30 10.29
CA GLN E 547 15.39 62.70 10.21
C GLN E 547 14.26 63.72 10.17
N LYS E 548 14.55 65.01 10.30
CA LYS E 548 13.49 66.02 10.26
C LYS E 548 13.04 66.33 8.85
N TRP E 549 13.76 65.89 7.82
CA TRP E 549 13.35 66.14 6.45
C TRP E 549 12.19 65.25 6.04
N VAL E 550 12.00 64.12 6.70
CA VAL E 550 10.93 63.20 6.39
C VAL E 550 9.84 63.16 7.46
N ARG E 551 10.22 63.28 8.75
CA ARG E 551 9.26 63.35 9.84
C ARG E 551 8.44 64.63 9.85
N VAL E 552 8.73 65.60 8.99
CA VAL E 552 7.90 66.81 8.90
C VAL E 552 6.63 66.54 8.11
N TYR E 553 6.56 65.44 7.36
CA TYR E 553 5.32 65.08 6.69
C TYR E 553 4.35 64.40 7.65
N LEU E 554 4.87 63.54 8.54
CA LEU E 554 4.01 62.76 9.41
C LEU E 554 3.50 63.57 10.59
N ASP E 555 4.31 64.50 11.09
CA ASP E 555 3.98 65.33 12.23
C ASP E 555 3.45 66.70 11.81
N ARG E 556 2.66 66.71 10.74
CA ARG E 556 2.15 67.96 10.16
C ARG E 556 1.16 68.65 11.10
N GLY E 557 0.39 67.88 11.85
CA GLY E 557 -0.55 68.46 12.80
C GLY E 557 0.04 68.63 14.18
N LEU F 175 -41.30 50.14 -34.52
CA LEU F 175 -40.15 49.41 -33.99
C LEU F 175 -39.01 50.36 -33.66
N GLY F 176 -38.05 49.88 -32.88
CA GLY F 176 -36.91 50.68 -32.51
C GLY F 176 -35.59 50.11 -32.99
N ARG F 177 -34.78 50.95 -33.64
CA ARG F 177 -33.48 50.51 -34.11
C ARG F 177 -32.50 50.38 -32.95
N GLN F 178 -31.61 49.41 -33.05
CA GLN F 178 -30.56 49.26 -32.04
C GLN F 178 -29.51 50.34 -32.21
N LYS F 179 -28.77 50.59 -31.12
CA LYS F 179 -27.79 51.65 -31.08
C LYS F 179 -26.75 51.32 -30.02
N ILE F 180 -25.48 51.55 -30.35
CA ILE F 180 -24.37 51.27 -29.46
C ILE F 180 -23.82 52.60 -28.96
N GLY F 181 -23.76 52.76 -27.64
CA GLY F 181 -23.22 53.96 -27.02
C GLY F 181 -21.96 53.64 -26.24
N VAL F 182 -21.03 54.59 -26.26
CA VAL F 182 -19.75 54.47 -25.57
C VAL F 182 -19.70 55.56 -24.52
N MET F 183 -19.55 55.18 -23.26
CA MET F 183 -19.60 56.12 -22.13
C MET F 183 -18.27 56.03 -21.38
N ARG F 184 -17.44 57.06 -21.52
CA ARG F 184 -16.16 57.08 -20.83
C ARG F 184 -16.34 57.54 -19.39
N LEU F 185 -15.68 56.84 -18.47
CA LEU F 185 -15.73 57.15 -17.04
C LEU F 185 -14.50 57.94 -16.65
N ASN F 186 -14.71 59.07 -15.98
CA ASN F 186 -13.62 59.98 -15.65
C ASN F 186 -13.15 59.85 -14.22
N ASN F 187 -13.96 59.33 -13.30
CA ASN F 187 -13.63 59.36 -11.88
C ASN F 187 -13.70 57.98 -11.21
N THR F 188 -13.69 56.91 -11.99
CA THR F 188 -13.73 55.56 -11.42
C THR F 188 -13.10 54.57 -12.39
N PHE F 189 -13.02 53.32 -11.95
CA PHE F 189 -12.43 52.24 -12.72
C PHE F 189 -13.49 51.22 -13.10
N VAL F 190 -13.46 50.77 -14.35
CA VAL F 190 -14.18 49.57 -14.75
C VAL F 190 -13.35 48.37 -14.35
N GLY F 191 -14.01 47.27 -14.02
CA GLY F 191 -13.31 46.05 -13.69
C GLY F 191 -13.04 45.93 -12.20
N ASP F 192 -12.76 44.70 -11.79
CA ASP F 192 -12.65 44.36 -10.39
C ASP F 192 -11.26 44.66 -9.86
N ARG F 193 -11.18 44.90 -8.55
CA ARG F 193 -9.93 45.12 -7.84
C ARG F 193 -9.67 43.94 -6.91
N THR F 194 -8.41 43.51 -6.84
CA THR F 194 -8.04 42.33 -6.08
C THR F 194 -6.89 42.66 -5.13
N TYR F 195 -6.97 42.14 -3.91
CA TYR F 195 -5.88 42.24 -2.94
C TYR F 195 -5.88 40.98 -2.08
N ASN F 196 -4.90 40.86 -1.19
CA ASN F 196 -4.70 39.66 -0.41
C ASN F 196 -4.52 39.98 1.07
N LEU F 197 -5.00 39.09 1.94
CA LEU F 197 -4.66 39.12 3.37
C LEU F 197 -3.96 37.80 3.68
N ARG F 198 -2.69 37.73 3.30
CA ARG F 198 -1.67 36.75 3.68
C ARG F 198 -1.91 35.32 3.18
N ASP F 199 -3.15 34.94 2.86
CA ASP F 199 -3.40 33.68 2.19
C ASP F 199 -4.57 33.74 1.21
N GLN F 200 -5.50 34.66 1.46
CA GLN F 200 -6.80 34.64 0.80
C GLN F 200 -6.98 35.87 -0.08
N LYS F 201 -7.72 35.70 -1.15
CA LYS F 201 -7.92 36.74 -2.16
C LYS F 201 -9.31 37.34 -1.99
N MET F 202 -9.39 38.67 -2.00
CA MET F 202 -10.65 39.39 -1.95
C MET F 202 -10.87 40.11 -3.27
N VAL F 203 -12.08 39.99 -3.82
CA VAL F 203 -12.43 40.59 -5.10
C VAL F 203 -13.61 41.52 -4.88
N ILE F 204 -13.46 42.76 -5.32
CA ILE F 204 -14.49 43.79 -5.19
C ILE F 204 -15.10 44.02 -6.56
N PRO F 205 -16.42 43.92 -6.71
CA PRO F 205 -17.03 44.12 -8.03
C PRO F 205 -17.03 45.59 -8.43
N GLY F 206 -16.73 45.84 -9.70
CA GLY F 206 -16.65 47.17 -10.23
C GLY F 206 -17.98 47.70 -10.68
N ILE F 207 -17.95 48.71 -11.55
CA ILE F 207 -19.17 49.30 -12.05
C ILE F 207 -19.79 48.47 -13.17
N ALA F 208 -19.00 47.63 -13.83
CA ALA F 208 -19.53 46.86 -14.95
C ALA F 208 -20.16 45.54 -14.52
N THR F 209 -19.92 45.13 -13.28
CA THR F 209 -20.57 43.95 -12.73
C THR F 209 -21.82 44.31 -11.95
N ALA F 210 -21.90 45.54 -11.43
CA ALA F 210 -23.06 45.95 -10.67
C ALA F 210 -24.25 46.25 -11.58
N ILE F 211 -24.03 46.89 -12.71
CA ILE F 211 -25.13 47.19 -13.63
C ILE F 211 -25.50 45.95 -14.45
N GLU F 212 -24.56 45.02 -14.62
CA GLU F 212 -24.87 43.80 -15.36
C GLU F 212 -25.77 42.88 -14.56
N ARG F 213 -25.60 42.85 -13.23
CA ARG F 213 -26.50 42.08 -12.39
C ARG F 213 -27.82 42.79 -12.14
N LEU F 214 -27.88 44.10 -12.37
CA LEU F 214 -29.14 44.81 -12.19
C LEU F 214 -30.10 44.54 -13.35
N LEU F 215 -29.55 44.33 -14.55
CA LEU F 215 -30.34 44.11 -15.76
C LEU F 215 -30.40 42.64 -16.13
N GLN F 216 -30.17 41.75 -15.17
CA GLN F 216 -30.14 40.32 -15.43
C GLN F 216 -31.55 39.75 -15.34
N GLY F 217 -31.89 38.85 -16.26
CA GLY F 217 -33.26 38.37 -16.37
C GLY F 217 -34.14 39.50 -16.88
N GLU F 218 -35.00 40.02 -15.99
CA GLU F 218 -35.63 41.34 -16.12
C GLU F 218 -36.50 41.46 -17.38
N GLU F 219 -37.57 40.68 -17.42
CA GLU F 219 -38.57 40.84 -18.47
C GLU F 219 -39.48 42.01 -18.14
N GLN F 220 -38.96 43.24 -18.29
CA GLN F 220 -39.65 44.43 -17.84
C GLN F 220 -39.66 45.51 -18.92
N PRO F 221 -40.77 46.21 -19.10
CA PRO F 221 -40.86 47.20 -20.19
C PRO F 221 -40.09 48.49 -19.92
N LEU F 222 -38.77 48.46 -20.10
CA LEU F 222 -37.96 49.64 -19.88
C LEU F 222 -37.97 50.54 -21.11
N GLY F 223 -38.21 51.82 -20.89
CA GLY F 223 -38.18 52.81 -21.95
C GLY F 223 -37.48 54.09 -21.53
N ALA F 262 -38.28 48.17 -26.10
CA ALA F 262 -38.41 46.72 -25.92
C ALA F 262 -38.46 46.37 -24.44
N ALA F 263 -37.69 45.37 -24.04
CA ALA F 263 -37.66 44.89 -22.66
C ALA F 263 -36.40 45.38 -21.97
N ALA F 264 -36.32 45.12 -20.67
CA ALA F 264 -35.12 45.46 -19.92
C ALA F 264 -34.10 44.33 -19.95
N GLY F 265 -34.49 43.18 -20.47
CA GLY F 265 -33.66 42.00 -20.49
C GLY F 265 -32.79 41.81 -21.71
N ASN F 266 -32.95 42.65 -22.73
CA ASN F 266 -32.12 42.55 -23.93
C ASN F 266 -31.07 43.63 -24.01
N ILE F 267 -30.77 44.32 -22.91
CA ILE F 267 -29.68 45.28 -22.89
C ILE F 267 -28.38 44.56 -22.55
N LYS F 268 -27.36 44.78 -23.36
CA LYS F 268 -26.05 44.17 -23.17
C LYS F 268 -25.06 45.24 -22.72
N ILE F 269 -24.33 44.96 -21.64
CA ILE F 269 -23.34 45.88 -21.09
C ILE F 269 -22.03 45.12 -20.98
N VAL F 270 -21.00 45.62 -21.67
CA VAL F 270 -19.70 44.98 -21.74
C VAL F 270 -18.63 46.00 -21.40
N ALA F 271 -17.76 45.66 -20.46
CA ALA F 271 -16.66 46.52 -20.05
C ALA F 271 -15.57 46.51 -21.11
N TYR F 272 -15.08 47.69 -21.46
CA TYR F 272 -13.93 47.80 -22.35
C TYR F 272 -12.82 48.53 -21.61
N PRO F 273 -11.88 47.80 -20.99
CA PRO F 273 -10.90 48.46 -20.11
C PRO F 273 -9.80 49.18 -20.84
N ASP F 274 -9.70 49.04 -22.17
CA ASP F 274 -8.55 49.59 -22.88
C ASP F 274 -8.67 51.10 -23.04
N THR F 275 -9.89 51.63 -22.95
CA THR F 275 -10.10 53.07 -22.90
C THR F 275 -10.95 53.49 -21.71
N ASN F 276 -11.20 52.58 -20.77
CA ASN F 276 -11.94 52.82 -19.52
C ASN F 276 -13.35 53.35 -19.80
N SER F 277 -14.15 52.51 -20.46
CA SER F 277 -15.46 52.94 -20.89
C SER F 277 -16.38 51.74 -21.00
N LEU F 278 -17.68 52.00 -20.88
CA LEU F 278 -18.72 50.98 -20.99
C LEU F 278 -19.27 50.95 -22.41
N LEU F 279 -19.73 49.78 -22.81
CA LEU F 279 -20.37 49.58 -24.11
C LEU F 279 -21.78 49.09 -23.87
N VAL F 280 -22.77 49.91 -24.20
CA VAL F 280 -24.18 49.59 -24.00
C VAL F 280 -24.83 49.44 -25.37
N LYS F 281 -25.56 48.34 -25.56
CA LYS F 281 -26.29 48.08 -26.79
C LYS F 281 -27.77 47.94 -26.49
N GLY F 282 -28.56 48.81 -27.07
CA GLY F 282 -30.00 48.76 -26.88
C GLY F 282 -30.68 49.71 -27.84
N THR F 283 -31.93 50.04 -27.52
CA THR F 283 -32.66 51.02 -28.32
C THR F 283 -32.16 52.43 -28.02
N ALA F 284 -32.71 53.42 -28.71
CA ALA F 284 -32.29 54.79 -28.50
C ALA F 284 -32.81 55.38 -27.19
N GLU F 285 -33.78 54.72 -26.56
CA GLU F 285 -34.29 55.18 -25.27
C GLU F 285 -33.66 54.46 -24.10
N GLN F 286 -33.17 53.23 -24.30
CA GLN F 286 -32.48 52.53 -23.23
C GLN F 286 -31.03 52.95 -23.10
N VAL F 287 -30.42 53.41 -24.18
CA VAL F 287 -29.04 53.90 -24.12
C VAL F 287 -28.98 55.21 -23.36
N HIS F 288 -29.95 56.10 -23.60
CA HIS F 288 -30.06 57.33 -22.82
C HIS F 288 -30.46 57.06 -21.37
N PHE F 289 -31.07 55.92 -21.09
CA PHE F 289 -31.49 55.60 -19.74
C PHE F 289 -30.30 55.18 -18.87
N ILE F 290 -29.33 54.48 -19.46
CA ILE F 290 -28.15 54.06 -18.71
C ILE F 290 -27.13 55.21 -18.64
N GLU F 291 -27.14 56.11 -19.61
CA GLU F 291 -26.22 57.24 -19.60
C GLU F 291 -26.53 58.23 -18.48
N MET F 292 -27.79 58.33 -18.07
CA MET F 292 -28.15 59.17 -16.94
C MET F 292 -27.86 58.51 -15.60
N LEU F 293 -27.79 57.18 -15.56
CA LEU F 293 -27.43 56.49 -14.33
C LEU F 293 -25.93 56.55 -14.08
N VAL F 294 -25.14 56.46 -15.16
CA VAL F 294 -23.68 56.44 -15.05
C VAL F 294 -23.15 57.78 -14.55
N LYS F 295 -23.75 58.89 -14.99
CA LYS F 295 -23.32 60.21 -14.54
C LYS F 295 -23.71 60.52 -13.10
N ALA F 296 -24.52 59.68 -12.45
CA ALA F 296 -24.80 59.83 -11.03
C ALA F 296 -23.90 58.96 -10.16
N LEU F 297 -23.33 57.90 -10.73
CA LEU F 297 -22.39 57.05 -10.02
C LEU F 297 -20.93 57.45 -10.24
N ASP F 298 -20.68 58.52 -10.99
CA ASP F 298 -19.33 58.91 -11.38
C ASP F 298 -18.99 60.24 -10.71
N VAL F 299 -18.48 60.16 -9.49
CA VAL F 299 -18.10 61.33 -8.71
C VAL F 299 -16.67 61.19 -8.23
N ALA F 300 -16.04 62.33 -7.96
CA ALA F 300 -14.67 62.36 -7.48
C ALA F 300 -14.62 62.08 -6.00
N LYS F 301 -13.58 61.37 -5.57
CA LYS F 301 -13.44 60.91 -4.20
C LYS F 301 -12.48 61.80 -3.42
N ARG F 302 -12.51 61.64 -2.10
CA ARG F 302 -11.64 62.37 -1.19
C ARG F 302 -10.67 61.41 -0.51
N HIS F 303 -9.57 61.96 -0.03
CA HIS F 303 -8.49 61.17 0.53
C HIS F 303 -8.54 61.18 2.05
N VAL F 304 -8.31 60.01 2.64
CA VAL F 304 -8.23 59.85 4.09
C VAL F 304 -6.87 59.27 4.42
N GLU F 305 -6.18 59.89 5.39
CA GLU F 305 -4.93 59.37 5.90
C GLU F 305 -5.14 58.90 7.33
N LEU F 306 -4.88 57.63 7.59
CA LEU F 306 -5.14 57.01 8.88
C LEU F 306 -3.84 56.79 9.62
N SER F 307 -3.76 57.31 10.84
CA SER F 307 -2.58 57.17 11.68
C SER F 307 -2.96 56.44 12.96
N LEU F 308 -2.24 55.37 13.27
CA LEU F 308 -2.53 54.52 14.42
C LEU F 308 -1.34 54.54 15.37
N TRP F 309 -1.60 54.82 16.65
CA TRP F 309 -0.56 54.86 17.66
C TRP F 309 -0.62 53.61 18.52
N ILE F 310 0.53 53.00 18.77
CA ILE F 310 0.65 51.84 19.65
C ILE F 310 1.70 52.19 20.70
N VAL F 311 1.24 52.52 21.91
CA VAL F 311 2.10 52.91 23.02
C VAL F 311 2.24 51.74 23.97
N ASP F 312 3.47 51.46 24.40
CA ASP F 312 3.75 50.30 25.23
C ASP F 312 4.77 50.71 26.29
N LEU F 313 4.38 50.62 27.55
CA LEU F 313 5.26 50.99 28.65
C LEU F 313 5.42 49.81 29.60
N ASN F 314 6.55 49.78 30.30
CA ASN F 314 6.85 48.75 31.28
C ASN F 314 7.55 49.38 32.47
N LYS F 315 7.64 48.60 33.55
CA LYS F 315 8.30 48.98 34.79
C LYS F 315 8.44 47.71 35.61
N SER F 316 9.49 47.65 36.44
CA SER F 316 9.73 46.43 37.20
C SER F 316 10.54 46.77 38.44
N ASP F 317 10.64 45.76 39.32
CA ASP F 317 11.37 45.88 40.58
C ASP F 317 11.59 44.45 41.08
N LEU F 318 12.71 44.21 41.77
CA LEU F 318 13.07 42.87 42.21
C LEU F 318 14.15 42.98 43.27
N GLU F 319 14.05 42.13 44.30
CA GLU F 319 15.06 42.10 45.36
C GLU F 319 15.02 40.73 46.03
N ARG F 320 16.14 40.02 46.02
CA ARG F 320 16.31 38.79 46.77
C ARG F 320 17.49 38.92 47.72
N LEU F 321 17.33 38.40 48.94
CA LEU F 321 18.40 38.47 49.93
C LEU F 321 18.19 37.37 50.97
N GLY F 322 19.07 36.40 50.99
CA GLY F 322 18.99 35.36 52.01
C GLY F 322 19.63 34.08 51.50
N THR F 323 19.67 33.09 52.40
CA THR F 323 20.28 31.79 52.14
C THR F 323 19.22 30.70 52.20
N SER F 324 19.63 29.50 51.80
CA SER F 324 18.74 28.33 51.80
C SER F 324 19.59 27.08 51.87
N TRP F 325 19.46 26.33 52.96
CA TRP F 325 20.29 25.16 53.24
C TRP F 325 19.62 23.89 52.74
N SER F 326 20.37 23.08 51.98
CA SER F 326 19.85 21.81 51.47
C SER F 326 21.04 20.93 51.11
N GLY F 327 21.24 19.85 51.86
CA GLY F 327 22.36 18.96 51.60
C GLY F 327 22.26 17.67 52.38
N SER F 328 23.23 16.79 52.12
CA SER F 328 23.34 15.50 52.78
C SER F 328 24.71 15.36 53.43
N ILE F 329 24.84 14.32 54.26
CA ILE F 329 26.08 14.08 55.00
C ILE F 329 26.16 12.58 55.27
N THR F 330 27.35 12.10 55.66
CA THR F 330 27.55 10.72 56.04
C THR F 330 28.40 10.69 57.31
N ILE F 331 27.88 10.06 58.36
CA ILE F 331 28.50 10.10 59.69
C ILE F 331 28.92 8.67 60.04
N GLY F 332 30.19 8.36 59.79
CA GLY F 332 30.79 7.13 60.27
C GLY F 332 30.23 5.85 59.71
N ASP F 333 29.81 5.86 58.43
CA ASP F 333 29.34 4.73 57.59
C ASP F 333 28.32 3.81 58.29
N LYS F 334 27.57 4.36 59.24
CA LYS F 334 26.48 3.64 59.90
C LYS F 334 25.20 4.45 60.03
N LEU F 335 25.27 5.77 59.96
CA LEU F 335 24.07 6.60 59.97
C LEU F 335 24.35 7.86 59.18
N GLY F 336 23.33 8.32 58.45
CA GLY F 336 23.46 9.51 57.64
C GLY F 336 22.30 10.44 57.90
N VAL F 337 22.56 11.73 57.74
CA VAL F 337 21.59 12.79 58.00
C VAL F 337 21.35 13.57 56.72
N SER F 338 20.09 13.69 56.31
CA SER F 338 19.71 14.55 55.21
C SER F 338 19.10 15.84 55.76
N LEU F 339 18.86 16.79 54.87
CA LEU F 339 18.26 18.07 55.23
C LEU F 339 17.56 18.66 54.02
N ASN F 340 16.22 18.75 54.11
CA ASN F 340 15.36 19.40 53.12
C ASN F 340 15.50 18.80 51.72
N GLN F 341 15.53 17.47 51.64
CA GLN F 341 15.71 16.78 50.38
C GLN F 341 14.69 15.65 50.25
N SER F 342 14.65 15.07 49.05
CA SER F 342 13.82 13.90 48.80
C SER F 342 14.67 12.68 48.44
N SER F 343 15.65 12.85 47.57
CA SER F 343 16.58 11.79 47.21
C SER F 343 17.90 11.98 47.94
N ILE F 344 18.39 10.92 48.57
CA ILE F 344 19.56 11.00 49.44
C ILE F 344 20.66 10.10 48.86
N SER F 345 20.25 9.03 48.17
CA SER F 345 21.18 8.00 47.72
C SER F 345 22.09 8.50 46.61
N THR F 346 21.53 9.19 45.62
CA THR F 346 22.34 9.73 44.53
C THR F 346 23.10 10.98 44.93
N LEU F 347 22.77 11.58 46.07
CA LEU F 347 23.56 12.67 46.64
C LEU F 347 24.23 12.25 47.95
N ASP F 348 24.63 10.99 48.06
CA ASP F 348 25.23 10.50 49.28
C ASP F 348 26.68 10.94 49.43
N GLY F 349 27.43 11.02 48.34
CA GLY F 349 28.81 11.46 48.38
C GLY F 349 29.01 12.96 48.37
N SER F 350 27.92 13.74 48.38
CA SER F 350 28.01 15.19 48.34
C SER F 350 28.01 15.74 49.77
N ARG F 351 27.81 17.06 49.89
CA ARG F 351 27.90 17.74 51.16
C ARG F 351 26.73 18.70 51.34
N PHE F 352 26.79 19.55 52.38
CA PHE F 352 25.76 20.57 52.57
C PHE F 352 25.97 21.71 51.59
N ILE F 353 24.88 22.28 51.10
CA ILE F 353 24.90 23.39 50.16
C ILE F 353 24.15 24.55 50.79
N ALA F 354 24.79 25.72 50.84
CA ALA F 354 24.17 26.94 51.36
C ALA F 354 24.05 27.92 50.20
N ALA F 355 22.96 27.83 49.46
CA ALA F 355 22.75 28.68 48.30
C ALA F 355 22.38 30.10 48.74
N VAL F 356 23.23 31.06 48.44
CA VAL F 356 23.05 32.45 48.81
C VAL F 356 22.57 33.22 47.60
N ASN F 357 21.63 34.14 47.80
CA ASN F 357 21.14 35.01 46.75
C ASN F 357 21.23 36.45 47.20
N ALA F 358 21.69 37.32 46.30
CA ALA F 358 21.75 38.75 46.57
C ALA F 358 21.59 39.49 45.25
N LEU F 359 20.54 40.30 45.13
CA LEU F 359 20.21 40.97 43.89
C LEU F 359 19.26 42.11 44.20
N GLU F 360 19.32 43.15 43.36
CA GLU F 360 18.43 44.30 43.50
C GLU F 360 18.33 44.96 42.13
N GLU F 361 17.18 44.82 41.46
CA GLU F 361 17.07 45.15 40.05
C GLU F 361 15.95 46.17 39.83
N LYS F 362 16.22 47.14 38.96
CA LYS F 362 15.22 48.06 38.44
C LYS F 362 15.16 47.93 36.93
N LYS F 363 14.06 48.38 36.34
CA LYS F 363 13.86 48.23 34.91
C LYS F 363 12.83 49.24 34.44
N GLN F 364 12.91 49.58 33.14
CA GLN F 364 11.97 50.48 32.50
C GLN F 364 12.14 50.33 30.99
N ALA F 365 11.02 50.40 30.27
CA ALA F 365 11.05 50.22 28.82
C ALA F 365 9.84 50.90 28.20
N THR F 366 10.08 51.76 27.21
CA THR F 366 9.02 52.42 26.46
C THR F 366 9.18 52.11 24.98
N VAL F 367 8.07 51.86 24.30
CA VAL F 367 8.06 51.61 22.85
C VAL F 367 6.85 52.33 22.27
N VAL F 368 7.09 53.18 21.28
CA VAL F 368 6.01 53.90 20.59
C VAL F 368 6.16 53.62 19.10
N SER F 369 5.20 52.88 18.52
CA SER F 369 5.20 52.54 17.12
C SER F 369 3.98 53.16 16.44
N ARG F 370 4.10 53.45 15.14
CA ARG F 370 3.07 54.21 14.43
C ARG F 370 3.08 53.86 12.95
N PRO F 371 2.08 53.14 12.45
CA PRO F 371 1.91 52.99 11.01
C PRO F 371 0.96 54.03 10.42
N VAL F 372 1.28 54.48 9.20
CA VAL F 372 0.52 55.50 8.49
C VAL F 372 0.10 54.93 7.13
N LEU F 373 -1.15 55.17 6.74
CA LEU F 373 -1.69 54.64 5.50
C LEU F 373 -2.63 55.65 4.88
N LEU F 374 -2.62 55.75 3.55
CA LEU F 374 -3.43 56.71 2.81
C LEU F 374 -4.30 55.99 1.80
N THR F 375 -5.60 56.34 1.78
CA THR F 375 -6.56 55.74 0.86
C THR F 375 -7.66 56.74 0.57
N GLN F 376 -8.67 56.29 -0.17
CA GLN F 376 -9.80 57.11 -0.57
C GLN F 376 -11.06 56.67 0.16
N GLU F 377 -12.17 57.34 -0.13
CA GLU F 377 -13.46 56.94 0.43
C GLU F 377 -13.88 55.60 -0.14
N ASN F 378 -14.46 54.76 0.74
CA ASN F 378 -15.11 53.49 0.39
C ASN F 378 -14.17 52.52 -0.32
N VAL F 379 -12.88 52.60 -0.06
CA VAL F 379 -11.88 51.76 -0.70
C VAL F 379 -11.11 51.03 0.40
N PRO F 380 -11.09 49.70 0.40
CA PRO F 380 -10.32 48.98 1.41
C PRO F 380 -8.84 49.04 1.12
N ALA F 381 -8.04 49.31 2.17
CA ALA F 381 -6.61 49.43 2.05
C ALA F 381 -5.95 48.52 3.08
N ILE F 382 -4.69 48.16 2.82
CA ILE F 382 -3.93 47.26 3.68
C ILE F 382 -2.52 47.80 3.86
N PHE F 383 -2.10 47.91 5.11
CA PHE F 383 -0.70 48.06 5.46
C PHE F 383 -0.28 46.79 6.19
N ASP F 384 0.90 46.27 5.86
CA ASP F 384 1.36 45.00 6.41
C ASP F 384 2.87 45.06 6.58
N ASN F 385 3.35 44.64 7.75
CA ASN F 385 4.78 44.59 8.05
C ASN F 385 5.02 43.31 8.83
N ASN F 386 5.33 42.23 8.13
CA ASN F 386 5.33 40.91 8.74
C ASN F 386 6.70 40.27 8.67
N ARG F 387 6.76 39.02 9.13
CA ARG F 387 7.97 38.20 9.15
C ARG F 387 7.59 36.75 9.00
N THR F 388 8.26 36.04 8.11
CA THR F 388 7.89 34.67 7.78
C THR F 388 8.98 33.73 8.26
N PHE F 389 8.57 32.59 8.80
CA PHE F 389 9.47 31.59 9.38
C PHE F 389 9.23 30.26 8.66
N TYR F 390 10.22 29.81 7.90
CA TYR F 390 10.07 28.60 7.09
C TYR F 390 10.67 27.40 7.80
N THR F 391 9.96 26.28 7.75
CA THR F 391 10.41 25.05 8.40
C THR F 391 10.38 23.91 7.39
N LYS F 392 11.16 22.87 7.69
CA LYS F 392 11.36 21.75 6.78
C LYS F 392 10.71 20.50 7.39
N LEU F 393 9.47 20.24 6.99
CA LEU F 393 8.75 19.04 7.39
C LEU F 393 9.17 17.92 6.46
N ILE F 394 10.07 17.06 6.94
CA ILE F 394 10.66 16.03 6.10
C ILE F 394 9.69 14.84 6.04
N GLY F 395 8.73 14.93 5.12
CA GLY F 395 7.84 13.84 4.82
C GLY F 395 8.29 13.12 3.57
N GLU F 396 7.38 12.33 3.00
CA GLU F 396 7.71 11.62 1.78
C GLU F 396 6.76 11.95 0.61
N ARG F 397 5.49 12.25 0.88
CA ARG F 397 4.51 12.39 -0.20
C ARG F 397 4.13 13.83 -0.47
N ASN F 398 3.53 14.45 0.53
CA ASN F 398 3.04 15.81 0.43
C ASN F 398 4.05 16.67 1.14
N VAL F 399 5.29 16.62 0.66
CA VAL F 399 6.38 17.42 1.20
C VAL F 399 6.06 18.89 0.93
N ALA F 400 6.27 19.72 1.94
CA ALA F 400 5.83 21.09 1.85
C ALA F 400 6.71 21.97 2.72
N LEU F 401 6.80 23.23 2.33
CA LEU F 401 7.42 24.25 3.14
C LEU F 401 6.29 24.92 3.91
N GLU F 402 6.17 24.60 5.19
CA GLU F 402 5.16 25.22 6.03
C GLU F 402 5.74 26.46 6.67
N HIS F 403 4.89 27.46 6.89
CA HIS F 403 5.36 28.75 7.36
C HIS F 403 4.36 29.37 8.30
N VAL F 404 4.88 30.19 9.21
CA VAL F 404 4.08 31.02 10.09
C VAL F 404 4.41 32.47 9.77
N THR F 405 3.53 33.38 10.17
CA THR F 405 3.64 34.79 9.82
C THR F 405 3.14 35.63 10.99
N TYR F 406 3.88 36.67 11.34
CA TYR F 406 3.48 37.55 12.43
C TYR F 406 4.01 38.94 12.16
N GLY F 407 3.23 39.95 12.53
CA GLY F 407 3.67 41.32 12.37
C GLY F 407 2.50 42.28 12.45
N THR F 408 2.78 43.55 12.25
CA THR F 408 1.79 44.61 12.31
C THR F 408 0.96 44.60 11.03
N MET F 409 -0.34 44.84 11.16
CA MET F 409 -1.26 44.74 10.03
C MET F 409 -2.51 45.56 10.30
N ILE F 410 -2.87 46.44 9.38
CA ILE F 410 -4.10 47.22 9.46
C ILE F 410 -4.89 47.00 8.18
N ARG F 411 -6.20 46.82 8.31
CA ARG F 411 -7.11 46.81 7.17
C ARG F 411 -8.29 47.71 7.51
N VAL F 412 -8.45 48.79 6.76
CA VAL F 412 -9.39 49.84 7.11
C VAL F 412 -10.29 50.10 5.91
N LEU F 413 -11.50 50.62 6.18
CA LEU F 413 -12.47 50.96 5.15
C LEU F 413 -13.13 52.27 5.56
N PRO F 414 -12.55 53.40 5.15
CA PRO F 414 -13.05 54.69 5.62
C PRO F 414 -14.27 55.14 4.84
N ARG F 415 -15.02 56.06 5.47
CA ARG F 415 -16.29 56.53 4.92
C ARG F 415 -16.68 57.81 5.63
N PHE F 416 -17.05 58.83 4.87
CA PHE F 416 -17.48 60.10 5.46
C PHE F 416 -18.96 60.07 5.78
N SER F 417 -19.31 60.56 6.96
CA SER F 417 -20.70 60.65 7.37
C SER F 417 -21.31 61.95 6.84
N ALA F 418 -22.51 62.27 7.30
CA ALA F 418 -23.19 63.48 6.81
C ALA F 418 -22.70 64.73 7.50
N ASP F 419 -22.14 64.61 8.71
CA ASP F 419 -21.68 65.76 9.47
C ASP F 419 -20.22 66.11 9.23
N GLY F 420 -19.49 65.25 8.55
CA GLY F 420 -18.07 65.44 8.37
C GLY F 420 -17.19 64.56 9.23
N GLN F 421 -17.76 63.58 9.93
CA GLN F 421 -16.99 62.63 10.71
C GLN F 421 -16.63 61.42 9.85
N ILE F 422 -15.59 60.71 10.28
CA ILE F 422 -15.04 59.61 9.50
C ILE F 422 -15.28 58.32 10.27
N GLU F 423 -16.11 57.44 9.72
CA GLU F 423 -16.34 56.13 10.30
C GLU F 423 -15.44 55.10 9.63
N MET F 424 -14.88 54.20 10.45
CA MET F 424 -13.89 53.24 9.97
C MET F 424 -14.26 51.84 10.44
N SER F 425 -13.93 50.85 9.63
CA SER F 425 -14.11 49.45 9.96
C SER F 425 -12.75 48.81 10.08
N LEU F 426 -12.30 48.60 11.32
CA LEU F 426 -10.90 48.30 11.61
C LEU F 426 -10.67 46.81 11.79
N ASP F 427 -9.45 46.39 11.47
CA ASP F 427 -8.95 45.03 11.71
C ASP F 427 -7.46 45.14 12.02
N ILE F 428 -7.12 45.23 13.30
CA ILE F 428 -5.76 45.53 13.74
C ILE F 428 -5.13 44.27 14.29
N GLU F 429 -3.88 44.00 13.90
CA GLU F 429 -3.08 42.93 14.47
C GLU F 429 -1.69 43.47 14.76
N ASP F 430 -1.20 43.20 15.96
CA ASP F 430 0.16 43.60 16.35
C ASP F 430 0.79 42.43 17.09
N GLY F 431 1.72 41.74 16.43
CA GLY F 431 2.37 40.57 17.00
C GLY F 431 3.88 40.72 17.00
N ASN F 432 4.53 39.93 17.85
CA ASN F 432 5.97 39.87 17.90
C ASN F 432 6.37 38.48 18.35
N ASP F 433 7.67 38.24 18.49
CA ASP F 433 8.22 36.93 18.77
C ASP F 433 8.67 36.86 20.22
N LYS F 434 8.03 36.02 21.01
CA LYS F 434 8.43 35.77 22.38
C LYS F 434 9.53 34.71 22.39
N THR F 435 10.56 34.94 23.20
CA THR F 435 11.72 34.08 23.21
C THR F 435 11.80 33.29 24.51
N PRO F 436 11.87 31.97 24.45
CA PRO F 436 12.18 31.18 25.67
C PRO F 436 13.66 31.21 26.00
N GLN F 437 14.08 30.39 26.96
CA GLN F 437 15.46 30.34 27.41
C GLN F 437 16.37 29.84 26.30
N SER F 438 17.47 30.55 26.05
CA SER F 438 18.36 30.24 24.94
C SER F 438 19.27 29.06 25.22
N ASP F 439 19.50 28.70 26.49
CA ASP F 439 20.45 27.66 26.83
C ASP F 439 19.93 26.25 26.55
N THR F 440 18.62 26.05 26.51
CA THR F 440 18.04 24.74 26.27
C THR F 440 17.90 24.48 24.77
N THR F 441 17.74 23.20 24.43
CA THR F 441 17.79 22.67 23.07
C THR F 441 16.65 23.20 22.18
N THR F 442 15.52 23.61 22.76
CA THR F 442 14.36 24.02 21.97
C THR F 442 14.53 25.39 21.29
N SER F 443 15.70 26.02 21.37
CA SER F 443 15.97 27.24 20.64
C SER F 443 16.51 27.00 19.23
N VAL F 444 16.83 25.76 18.87
CA VAL F 444 17.36 25.47 17.54
C VAL F 444 16.32 24.82 16.62
N ASP F 445 15.20 24.35 17.17
CA ASP F 445 14.16 23.78 16.32
C ASP F 445 13.11 24.84 15.98
N ALA F 446 12.04 24.43 15.32
CA ALA F 446 11.02 25.34 14.82
C ALA F 446 10.00 25.64 15.91
N LEU F 447 10.46 26.36 16.94
CA LEU F 447 9.58 26.85 18.01
C LEU F 447 9.80 28.34 18.19
N PRO F 448 9.25 29.18 17.30
CA PRO F 448 9.10 30.60 17.62
C PRO F 448 7.77 30.86 18.32
N GLU F 449 7.72 30.83 19.66
CA GLU F 449 6.49 31.18 20.37
C GLU F 449 6.02 32.59 20.02
N VAL F 450 4.92 32.67 19.27
CA VAL F 450 4.38 33.92 18.77
C VAL F 450 3.28 34.40 19.70
N GLY F 451 3.34 35.67 20.09
CA GLY F 451 2.27 36.32 20.80
C GLY F 451 1.69 37.45 19.97
N ARG F 452 0.38 37.42 19.79
CA ARG F 452 -0.33 38.37 18.94
C ARG F 452 -1.31 39.19 19.77
N THR F 453 -1.92 40.18 19.11
CA THR F 453 -2.93 41.03 19.72
C THR F 453 -3.89 41.48 18.63
N LEU F 454 -5.14 41.02 18.71
CA LEU F 454 -6.11 41.23 17.65
C LEU F 454 -7.25 42.10 18.16
N ILE F 455 -7.69 43.03 17.33
CA ILE F 455 -8.79 43.95 17.65
C ILE F 455 -9.63 44.13 16.40
N SER F 456 -10.94 43.95 16.52
CA SER F 456 -11.86 44.12 15.40
C SER F 456 -13.09 44.85 15.90
N THR F 457 -13.32 46.06 15.40
CA THR F 457 -14.40 46.90 15.91
C THR F 457 -14.77 47.93 14.84
N ILE F 458 -15.65 48.86 15.19
CA ILE F 458 -16.06 49.97 14.32
C ILE F 458 -16.13 51.23 15.17
N ALA F 459 -15.45 52.28 14.73
CA ALA F 459 -15.42 53.54 15.47
C ALA F 459 -15.68 54.70 14.51
N ARG F 460 -16.06 55.84 15.07
CA ARG F 460 -16.40 57.03 14.29
C ARG F 460 -15.81 58.26 14.96
N VAL F 461 -14.82 58.86 14.32
CA VAL F 461 -14.04 59.97 14.87
C VAL F 461 -14.33 61.22 14.05
N PRO F 462 -14.36 62.41 14.65
CA PRO F 462 -14.37 63.64 13.85
C PRO F 462 -13.03 63.85 13.15
N HIS F 463 -13.00 64.87 12.28
CA HIS F 463 -11.81 65.14 11.49
C HIS F 463 -10.77 65.84 12.35
N GLY F 464 -9.66 65.15 12.60
CA GLY F 464 -8.57 65.71 13.37
C GLY F 464 -8.54 65.31 14.83
N LYS F 465 -9.61 64.74 15.36
CA LYS F 465 -9.65 64.29 16.74
C LYS F 465 -9.21 62.84 16.81
N SER F 466 -9.34 62.23 17.98
CA SER F 466 -8.82 60.89 18.19
C SER F 466 -9.72 60.10 19.13
N LEU F 467 -9.56 58.78 19.10
CA LEU F 467 -10.32 57.88 19.94
C LEU F 467 -9.43 56.74 20.43
N LEU F 468 -9.74 56.22 21.60
CA LEU F 468 -9.05 55.08 22.16
C LEU F 468 -9.83 53.82 21.82
N VAL F 469 -9.21 52.92 21.06
CA VAL F 469 -9.89 51.73 20.56
C VAL F 469 -9.69 50.53 21.48
N GLY F 470 -8.44 50.23 21.83
CA GLY F 470 -8.18 49.09 22.69
C GLY F 470 -7.43 49.50 23.94
N GLY F 471 -6.88 48.53 24.67
CA GLY F 471 -6.14 48.84 25.86
C GLY F 471 -5.94 47.60 26.69
N TYR F 472 -4.95 47.69 27.59
CA TYR F 472 -4.59 46.61 28.50
C TYR F 472 -3.67 47.13 29.60
N THR F 473 -4.01 46.87 30.86
CA THR F 473 -3.13 47.16 31.99
C THR F 473 -2.96 45.90 32.83
N ARG F 474 -1.88 45.87 33.60
CA ARG F 474 -1.63 44.75 34.51
C ARG F 474 -0.70 45.20 35.63
N ASP F 475 -1.08 44.92 36.86
CA ASP F 475 -0.29 45.23 38.05
C ASP F 475 -0.10 43.98 38.89
N ALA F 476 1.06 43.85 39.51
CA ALA F 476 1.37 42.67 40.29
C ALA F 476 2.33 43.01 41.42
N ASN F 477 2.26 42.24 42.50
CA ASN F 477 3.14 42.41 43.65
C ASN F 477 3.14 41.12 44.45
N THR F 478 4.27 40.40 44.44
CA THR F 478 4.43 39.19 45.24
C THR F 478 5.58 39.38 46.21
N ASP F 479 5.56 38.61 47.30
CA ASP F 479 6.64 38.59 48.27
C ASP F 479 6.59 37.32 49.11
N THR F 480 7.72 36.63 49.22
CA THR F 480 7.83 35.41 50.02
C THR F 480 8.80 35.63 51.16
N VAL F 481 8.64 34.86 52.24
CA VAL F 481 9.54 34.88 53.38
C VAL F 481 9.74 33.44 53.84
N GLN F 482 10.98 32.97 53.83
CA GLN F 482 11.32 31.67 54.37
C GLN F 482 12.33 31.81 55.49
N SER F 483 12.36 30.82 56.39
CA SER F 483 13.30 30.83 57.49
C SER F 483 13.45 29.41 58.04
N ILE F 484 14.44 29.26 58.91
CA ILE F 484 14.59 28.10 59.78
C ILE F 484 13.77 28.45 61.02
N PRO F 485 13.03 27.51 61.62
CA PRO F 485 12.08 27.89 62.70
C PRO F 485 12.69 28.50 63.95
N PHE F 486 13.80 27.99 64.45
CA PHE F 486 14.40 28.55 65.66
C PHE F 486 15.64 29.38 65.39
N LEU F 487 16.49 28.97 64.43
CA LEU F 487 17.72 29.68 64.16
C LEU F 487 17.49 31.00 63.43
N GLY F 488 16.32 31.19 62.85
CA GLY F 488 16.03 32.42 62.11
C GLY F 488 15.69 33.61 62.96
N LYS F 489 15.62 33.46 64.28
CA LYS F 489 15.29 34.55 65.18
C LYS F 489 16.46 34.95 66.07
N LEU F 490 17.66 34.48 65.77
CA LEU F 490 18.84 34.90 66.52
C LEU F 490 19.18 36.35 66.19
N PRO F 491 19.76 37.11 67.16
CA PRO F 491 20.01 38.54 66.93
C PRO F 491 21.01 38.87 65.83
N LEU F 492 22.22 38.32 65.90
CA LEU F 492 23.25 38.65 64.93
C LEU F 492 23.67 37.46 64.06
N ILE F 493 23.25 36.24 64.43
CA ILE F 493 23.53 35.07 63.62
C ILE F 493 22.36 34.69 62.73
N GLY F 494 21.13 35.11 63.07
CA GLY F 494 19.93 34.66 62.38
C GLY F 494 19.74 35.20 60.97
N SER F 495 20.63 36.09 60.51
CA SER F 495 20.52 36.57 59.14
C SER F 495 21.00 35.54 58.13
N LEU F 496 21.75 34.53 58.58
CA LEU F 496 22.27 33.49 57.69
C LEU F 496 21.27 32.40 57.39
N PHE F 497 20.05 32.50 57.93
CA PHE F 497 19.05 31.45 57.75
C PHE F 497 17.74 31.93 57.15
N ARG F 498 17.47 33.23 57.17
CA ARG F 498 16.23 33.75 56.59
C ARG F 498 16.38 33.89 55.08
N TYR F 499 15.27 34.22 54.43
CA TYR F 499 15.22 34.46 53.00
C TYR F 499 13.98 35.30 52.71
N SER F 500 14.08 36.19 51.75
CA SER F 500 12.98 37.09 51.42
C SER F 500 13.13 37.61 50.01
N SER F 501 12.04 37.57 49.25
CA SER F 501 12.03 38.04 47.88
C SER F 501 10.87 39.01 47.69
N LYS F 502 10.94 39.77 46.60
CA LYS F 502 9.89 40.71 46.22
C LYS F 502 9.80 40.74 44.71
N ASN F 503 8.71 41.33 44.21
CA ASN F 503 8.49 41.49 42.78
C ASN F 503 7.42 42.55 42.57
N LYS F 504 7.46 43.24 41.44
CA LYS F 504 6.50 44.27 41.10
C LYS F 504 6.58 44.56 39.61
N SER F 505 5.44 44.77 38.96
CA SER F 505 5.43 45.09 37.54
C SER F 505 4.21 45.94 37.23
N ASN F 506 4.33 46.77 36.19
CA ASN F 506 3.24 47.63 35.74
C ASN F 506 3.33 47.77 34.23
N VAL F 507 2.38 47.17 33.51
CA VAL F 507 2.38 47.14 32.05
C VAL F 507 1.18 47.94 31.55
N VAL F 508 1.39 48.73 30.50
CA VAL F 508 0.32 49.51 29.87
C VAL F 508 0.49 49.41 28.36
N ARG F 509 -0.56 48.97 27.66
CA ARG F 509 -0.62 49.01 26.21
C ARG F 509 -1.91 49.68 25.80
N VAL F 510 -1.85 50.57 24.80
CA VAL F 510 -3.04 51.23 24.27
C VAL F 510 -2.95 51.30 22.75
N PHE F 511 -4.11 51.46 22.12
CA PHE F 511 -4.23 51.61 20.68
C PHE F 511 -5.10 52.84 20.42
N MET F 512 -4.59 53.78 19.62
CA MET F 512 -5.30 55.02 19.36
C MET F 512 -5.38 55.27 17.86
N ILE F 513 -6.46 55.92 17.43
CA ILE F 513 -6.77 56.15 16.03
C ILE F 513 -6.94 57.65 15.82
N GLU F 514 -6.30 58.18 14.79
CA GLU F 514 -6.38 59.61 14.47
C GLU F 514 -6.45 59.81 12.97
N PRO F 515 -7.65 59.90 12.41
CA PRO F 515 -7.78 60.12 10.96
C PRO F 515 -7.88 61.60 10.60
N LYS F 516 -7.49 61.89 9.36
CA LYS F 516 -7.60 63.25 8.83
C LYS F 516 -7.74 63.19 7.33
N GLU F 517 -8.12 64.31 6.73
CA GLU F 517 -8.44 64.39 5.32
C GLU F 517 -7.33 65.12 4.57
N ILE F 518 -6.91 64.55 3.44
CA ILE F 518 -5.82 65.07 2.64
C ILE F 518 -6.40 65.80 1.43
N VAL F 519 -6.06 67.07 1.28
CA VAL F 519 -6.50 67.85 0.13
C VAL F 519 -5.35 68.40 -0.70
N ASP F 520 -4.15 68.48 -0.17
CA ASP F 520 -3.02 69.08 -0.85
C ASP F 520 -1.87 68.09 -0.97
N PRO F 521 -1.03 68.21 -2.01
CA PRO F 521 0.15 67.35 -2.12
C PRO F 521 1.24 67.80 -1.15
N LEU F 522 2.37 67.08 -1.19
CA LEU F 522 3.46 67.35 -0.26
C LEU F 522 4.17 68.65 -0.61
N THR F 523 4.59 69.38 0.42
CA THR F 523 5.39 70.59 0.24
C THR F 523 6.50 70.60 1.29
N PRO F 524 7.79 70.66 0.88
CA PRO F 524 8.35 70.61 -0.48
C PRO F 524 8.25 69.23 -1.12
N ASP F 525 8.67 69.10 -2.37
CA ASP F 525 8.41 67.90 -3.15
C ASP F 525 9.19 66.71 -2.61
N ALA F 526 8.77 65.51 -3.05
CA ALA F 526 9.42 64.28 -2.59
C ALA F 526 10.82 64.15 -3.15
N SER F 527 11.08 64.71 -4.33
CA SER F 527 12.42 64.68 -4.90
C SER F 527 13.32 65.79 -4.35
N GLU F 528 12.77 66.71 -3.58
CA GLU F 528 13.56 67.77 -2.97
C GLU F 528 13.97 67.45 -1.55
N SER F 529 13.15 66.70 -0.81
CA SER F 529 13.54 66.29 0.53
C SER F 529 14.52 65.14 0.52
N VAL F 530 14.58 64.37 -0.56
CA VAL F 530 15.52 63.27 -0.65
C VAL F 530 16.92 63.78 -0.98
N ASN F 531 17.00 64.81 -1.82
CA ASN F 531 18.31 65.40 -2.15
C ASN F 531 18.95 66.12 -0.98
N ASN F 532 18.19 66.47 0.04
CA ASN F 532 18.78 67.01 1.27
C ASN F 532 19.20 65.92 2.24
N ILE F 533 18.61 64.73 2.13
CA ILE F 533 19.02 63.61 2.97
C ILE F 533 20.34 63.05 2.47
N LEU F 534 20.47 62.89 1.15
CA LEU F 534 21.67 62.32 0.56
C LEU F 534 22.87 63.25 0.71
N LYS F 535 22.66 64.56 0.70
CA LYS F 535 23.77 65.48 0.87
C LYS F 535 24.23 65.58 2.32
N GLN F 536 23.30 65.41 3.27
CA GLN F 536 23.69 65.51 4.68
C GLN F 536 24.34 64.24 5.18
N SER F 537 23.80 63.08 4.81
CA SER F 537 24.37 61.82 5.27
C SER F 537 25.62 61.42 4.50
N GLY F 538 25.90 62.05 3.36
CA GLY F 538 27.09 61.76 2.61
C GLY F 538 26.97 60.64 1.60
N ALA F 539 25.75 60.19 1.30
CA ALA F 539 25.52 59.13 0.32
C ALA F 539 25.23 59.65 -1.07
N TRP F 540 25.38 60.95 -1.29
CA TRP F 540 25.01 61.57 -2.56
C TRP F 540 26.06 61.29 -3.62
N SER F 541 25.61 60.89 -4.81
CA SER F 541 26.52 60.63 -5.92
C SER F 541 25.95 61.19 -7.21
N GLY F 542 25.40 62.41 -7.16
CA GLY F 542 24.98 63.08 -8.37
C GLY F 542 26.06 63.89 -9.05
N ASP F 543 27.23 63.98 -8.42
CA ASP F 543 28.36 64.70 -8.97
C ASP F 543 29.40 63.77 -9.61
N ASP F 544 29.06 62.50 -9.77
CA ASP F 544 30.01 61.53 -10.32
C ASP F 544 30.22 61.76 -11.80
N LYS F 545 31.45 61.52 -12.25
CA LYS F 545 31.77 61.75 -13.65
C LYS F 545 31.22 60.64 -14.54
N LEU F 546 31.12 59.43 -14.02
CA LEU F 546 30.70 58.28 -14.81
C LEU F 546 29.21 58.00 -14.74
N GLN F 547 28.58 58.24 -13.60
CA GLN F 547 27.17 57.92 -13.43
C GLN F 547 26.24 59.06 -13.82
N LYS F 548 26.77 60.23 -14.16
CA LYS F 548 25.92 61.35 -14.55
C LYS F 548 25.40 61.23 -15.97
N TRP F 549 25.94 60.32 -16.78
CA TRP F 549 25.47 60.13 -18.14
C TRP F 549 24.13 59.41 -18.19
N VAL F 550 23.80 58.65 -17.15
CA VAL F 550 22.56 57.91 -17.10
C VAL F 550 21.59 58.46 -16.06
N ARG F 551 22.08 58.94 -14.91
CA ARG F 551 21.25 59.59 -13.91
C ARG F 551 20.68 60.93 -14.34
N VAL F 552 21.06 61.46 -15.51
CA VAL F 552 20.46 62.69 -16.01
C VAL F 552 19.09 62.43 -16.63
N TYR F 553 18.76 61.16 -16.92
CA TYR F 553 17.43 60.84 -17.41
C TYR F 553 16.44 60.75 -16.25
N LEU F 554 16.86 60.18 -15.13
CA LEU F 554 15.96 59.93 -14.01
C LEU F 554 15.71 61.20 -13.20
N ASP F 555 16.71 62.06 -13.09
CA ASP F 555 16.63 63.30 -12.31
C ASP F 555 16.33 64.49 -13.19
N ARG F 556 15.46 64.29 -14.19
CA ARG F 556 15.13 65.32 -15.16
C ARG F 556 14.37 66.49 -14.53
N GLY F 557 13.54 66.21 -13.53
CA GLY F 557 12.80 67.25 -12.84
C GLY F 557 13.53 67.76 -11.61
N LEU G 175 -34.50 41.89 -49.66
CA LEU G 175 -33.46 41.18 -48.92
C LEU G 175 -32.14 41.95 -48.98
N GLY G 176 -31.22 41.59 -48.09
CA GLY G 176 -29.92 42.24 -48.05
C GLY G 176 -28.77 41.29 -48.32
N ARG G 177 -27.89 41.65 -49.23
CA ARG G 177 -26.72 40.83 -49.53
C ARG G 177 -25.70 40.93 -48.42
N GLN G 178 -25.00 39.83 -48.18
CA GLN G 178 -23.93 39.84 -47.21
C GLN G 178 -22.71 40.57 -47.76
N LYS G 179 -21.84 41.02 -46.86
CA LYS G 179 -20.69 41.83 -47.22
C LYS G 179 -19.64 41.67 -46.13
N ILE G 180 -18.39 41.53 -46.54
CA ILE G 180 -17.26 41.36 -45.62
C ILE G 180 -16.44 42.64 -45.64
N GLY G 181 -16.24 43.24 -44.48
CA GLY G 181 -15.45 44.45 -44.34
C GLY G 181 -14.21 44.19 -43.52
N VAL G 182 -13.11 44.85 -43.90
CA VAL G 182 -11.82 44.75 -43.22
C VAL G 182 -11.49 46.11 -42.65
N MET G 183 -11.31 46.17 -41.34
CA MET G 183 -11.08 47.43 -40.62
C MET G 183 -9.74 47.36 -39.92
N ARG G 184 -8.75 48.08 -40.43
CA ARG G 184 -7.43 48.09 -39.81
C ARG G 184 -7.40 49.05 -38.63
N LEU G 185 -6.79 48.61 -37.54
CA LEU G 185 -6.68 49.40 -36.32
C LEU G 185 -5.29 50.02 -36.26
N ASN G 186 -5.24 51.33 -36.04
CA ASN G 186 -3.99 52.06 -36.07
C ASN G 186 -3.41 52.36 -34.70
N ASN G 187 -4.23 52.36 -33.64
CA ASN G 187 -3.77 52.83 -32.34
C ASN G 187 -4.03 51.82 -31.22
N THR G 188 -4.28 50.56 -31.55
CA THR G 188 -4.50 49.54 -30.53
C THR G 188 -4.15 48.17 -31.09
N PHE G 189 -4.26 47.15 -30.23
CA PHE G 189 -3.94 45.77 -30.57
C PHE G 189 -5.20 44.92 -30.54
N VAL G 190 -5.35 44.06 -31.54
CA VAL G 190 -6.31 42.97 -31.46
C VAL G 190 -5.67 41.84 -30.67
N GLY G 191 -6.48 41.09 -29.95
CA GLY G 191 -6.00 39.94 -29.21
C GLY G 191 -5.63 40.31 -27.79
N ASP G 192 -5.54 39.28 -26.96
CA ASP G 192 -5.36 39.44 -25.53
C ASP G 192 -3.90 39.62 -25.17
N ARG G 193 -3.67 40.28 -24.04
CA ARG G 193 -2.35 40.48 -23.48
C ARG G 193 -2.22 39.68 -22.19
N THR G 194 -1.06 39.06 -21.99
CA THR G 194 -0.84 38.18 -20.86
C THR G 194 0.43 38.58 -20.12
N TYR G 195 0.37 38.56 -18.79
CA TYR G 195 1.53 38.78 -17.94
C TYR G 195 1.38 37.92 -16.69
N ASN G 196 2.40 37.94 -15.83
CA ASN G 196 2.44 37.07 -14.65
C ASN G 196 2.80 37.85 -13.40
N LEU G 197 2.25 37.43 -12.26
CA LEU G 197 2.71 37.90 -10.95
C LEU G 197 3.20 36.67 -10.18
N ARG G 198 4.40 36.22 -10.54
CA ARG G 198 5.25 35.24 -9.85
C ARG G 198 4.72 33.81 -9.78
N ASP G 199 3.41 33.60 -9.93
CA ASP G 199 2.88 32.25 -10.10
C ASP G 199 1.66 32.20 -11.01
N GLN G 200 0.92 33.31 -11.10
CA GLN G 200 -0.40 33.32 -11.68
C GLN G 200 -0.43 34.17 -12.94
N LYS G 201 -1.29 33.78 -13.88
CA LYS G 201 -1.38 34.43 -15.18
C LYS G 201 -2.62 35.30 -15.22
N MET G 202 -2.46 36.52 -15.71
CA MET G 202 -3.56 37.45 -15.90
C MET G 202 -3.77 37.69 -17.39
N VAL G 203 -5.02 37.63 -17.84
CA VAL G 203 -5.37 37.79 -19.25
C VAL G 203 -6.34 38.96 -19.35
N ILE G 204 -6.00 39.91 -20.22
CA ILE G 204 -6.82 41.10 -20.45
C ILE G 204 -7.50 40.95 -21.81
N PRO G 205 -8.82 41.07 -21.88
CA PRO G 205 -9.49 40.91 -23.18
C PRO G 205 -9.27 42.11 -24.09
N GLY G 206 -9.04 41.83 -25.36
CA GLY G 206 -8.76 42.85 -26.34
C GLY G 206 -10.02 43.45 -26.93
N ILE G 207 -9.88 44.05 -28.11
CA ILE G 207 -11.02 44.66 -28.77
C ILE G 207 -11.86 43.62 -29.50
N ALA G 208 -11.30 42.47 -29.84
CA ALA G 208 -12.06 41.48 -30.59
C ALA G 208 -12.86 40.55 -29.69
N THR G 209 -12.60 40.56 -28.39
CA THR G 209 -13.40 39.80 -27.44
C THR G 209 -14.50 40.66 -26.82
N ALA G 210 -14.31 41.97 -26.78
CA ALA G 210 -15.31 42.85 -26.21
C ALA G 210 -16.51 43.04 -27.14
N ILE G 211 -16.27 43.19 -28.44
CA ILE G 211 -17.38 43.35 -29.38
C ILE G 211 -18.02 42.01 -29.69
N GLU G 212 -17.28 40.90 -29.53
CA GLU G 212 -17.86 39.59 -29.78
C GLU G 212 -18.85 39.21 -28.68
N ARG G 213 -18.56 39.61 -27.44
CA ARG G 213 -19.52 39.39 -26.35
C ARG G 213 -20.67 40.37 -26.36
N LEU G 214 -20.51 41.50 -27.05
CA LEU G 214 -21.60 42.47 -27.12
C LEU G 214 -22.69 42.01 -28.08
N LEU G 215 -22.29 41.28 -29.13
CA LEU G 215 -23.21 40.81 -30.16
C LEU G 215 -23.56 39.34 -29.99
N GLN G 216 -23.41 38.82 -28.77
CA GLN G 216 -23.66 37.42 -28.49
C GLN G 216 -25.14 37.21 -28.17
N GLY G 217 -25.72 36.13 -28.71
CA GLY G 217 -27.15 35.93 -28.62
C GLY G 217 -27.85 36.95 -29.48
N GLU G 218 -28.53 37.91 -28.84
CA GLU G 218 -28.92 39.19 -29.42
C GLU G 218 -29.86 39.04 -30.62
N GLU G 219 -31.05 38.53 -30.36
CA GLU G 219 -32.09 38.50 -31.38
C GLU G 219 -32.74 39.86 -31.49
N GLN G 220 -32.04 40.83 -32.07
CA GLN G 220 -32.46 42.22 -32.08
C GLN G 220 -32.36 42.81 -33.47
N PRO G 221 -33.35 43.63 -33.88
CA PRO G 221 -33.34 44.16 -35.26
C PRO G 221 -32.34 45.28 -35.48
N LEU G 222 -31.08 44.92 -35.65
CA LEU G 222 -30.05 45.93 -35.89
C LEU G 222 -30.01 46.31 -37.37
N GLY G 223 -29.99 47.63 -37.61
CA GLY G 223 -29.87 48.15 -38.95
C GLY G 223 -28.93 49.33 -39.04
N ALA G 262 -31.16 42.45 -41.15
CA ALA G 262 -31.53 41.23 -40.46
C ALA G 262 -31.52 41.44 -38.95
N ALA G 263 -30.90 40.51 -38.22
CA ALA G 263 -30.84 40.55 -36.77
C ALA G 263 -29.46 40.99 -36.32
N ALA G 264 -29.32 41.19 -35.01
CA ALA G 264 -28.01 41.54 -34.46
C ALA G 264 -27.22 40.28 -34.09
N GLY G 265 -27.86 39.12 -34.15
CA GLY G 265 -27.25 37.87 -33.76
C GLY G 265 -26.55 37.10 -34.84
N ASN G 266 -26.63 37.54 -36.09
CA ASN G 266 -25.94 36.87 -37.19
C ASN G 266 -24.72 37.62 -37.68
N ILE G 267 -24.21 38.57 -36.90
CA ILE G 267 -22.97 39.24 -37.25
C ILE G 267 -21.80 38.45 -36.69
N LYS G 268 -20.82 38.16 -37.55
CA LYS G 268 -19.63 37.40 -37.16
C LYS G 268 -18.45 38.35 -37.15
N ILE G 269 -17.68 38.35 -36.05
CA ILE G 269 -16.50 39.16 -35.89
C ILE G 269 -15.34 38.26 -35.54
N VAL G 270 -14.30 38.28 -36.37
CA VAL G 270 -13.15 37.40 -36.23
C VAL G 270 -11.89 38.25 -36.30
N ALA G 271 -11.00 38.09 -35.31
CA ALA G 271 -9.74 38.80 -35.25
C ALA G 271 -8.77 38.20 -36.25
N TYR G 272 -8.10 39.06 -37.02
CA TYR G 272 -7.04 38.63 -37.92
C TYR G 272 -5.75 39.33 -37.50
N PRO G 273 -4.91 38.70 -36.67
CA PRO G 273 -3.76 39.41 -36.11
C PRO G 273 -2.60 39.60 -37.07
N ASP G 274 -2.65 38.99 -38.26
CA ASP G 274 -1.49 39.01 -39.15
C ASP G 274 -1.36 40.36 -39.83
N THR G 275 -2.44 41.12 -39.93
CA THR G 275 -2.39 42.50 -40.39
C THR G 275 -3.04 43.47 -39.42
N ASN G 276 -3.37 43.01 -38.21
CA ASN G 276 -3.95 43.81 -37.12
C ASN G 276 -5.25 44.48 -37.55
N SER G 277 -6.24 43.65 -37.85
CA SER G 277 -7.49 44.15 -38.39
C SER G 277 -8.61 43.19 -38.04
N LEU G 278 -9.83 43.72 -38.00
CA LEU G 278 -11.04 42.97 -37.72
C LEU G 278 -11.71 42.54 -39.02
N LEU G 279 -12.41 41.41 -38.97
CA LEU G 279 -13.18 40.91 -40.09
C LEU G 279 -14.64 40.81 -39.67
N VAL G 280 -15.48 41.66 -40.26
CA VAL G 280 -16.90 41.72 -39.93
C VAL G 280 -17.69 41.22 -41.14
N LYS G 281 -18.62 40.29 -40.91
CA LYS G 281 -19.48 39.75 -41.96
C LYS G 281 -20.93 40.03 -41.59
N GLY G 282 -21.60 40.79 -42.45
CA GLY G 282 -23.00 41.09 -42.22
C GLY G 282 -23.58 41.75 -43.45
N THR G 283 -24.72 42.42 -43.25
CA THR G 283 -25.33 43.17 -44.34
C THR G 283 -24.56 44.47 -44.57
N ALA G 284 -24.99 45.24 -45.57
CA ALA G 284 -24.32 46.49 -45.88
C ALA G 284 -24.61 47.58 -44.87
N GLU G 285 -25.61 47.40 -44.01
CA GLU G 285 -25.93 48.37 -42.98
C GLU G 285 -25.33 48.01 -41.63
N GLN G 286 -25.09 46.71 -41.39
CA GLN G 286 -24.46 46.30 -40.14
C GLN G 286 -22.95 46.46 -40.20
N VAL G 287 -22.35 46.37 -41.39
CA VAL G 287 -20.91 46.57 -41.52
C VAL G 287 -20.56 48.03 -41.29
N HIS G 288 -21.36 48.94 -41.82
CA HIS G 288 -21.19 50.37 -41.54
C HIS G 288 -21.49 50.71 -40.09
N PHE G 289 -22.28 49.88 -39.40
CA PHE G 289 -22.62 50.16 -38.01
C PHE G 289 -21.46 49.83 -37.08
N ILE G 290 -20.68 48.80 -37.39
CA ILE G 290 -19.53 48.44 -36.56
C ILE G 290 -18.33 49.32 -36.92
N GLU G 291 -18.26 49.81 -38.16
CA GLU G 291 -17.16 50.66 -38.57
C GLU G 291 -17.20 52.02 -37.87
N MET G 292 -18.38 52.50 -37.50
CA MET G 292 -18.47 53.74 -36.76
C MET G 292 -18.20 53.55 -35.27
N LEU G 293 -18.36 52.33 -34.75
CA LEU G 293 -18.03 52.07 -33.36
C LEU G 293 -16.52 51.92 -33.18
N VAL G 294 -15.86 51.30 -34.16
CA VAL G 294 -14.42 51.04 -34.08
C VAL G 294 -13.63 52.33 -34.10
N LYS G 295 -14.05 53.30 -34.91
CA LYS G 295 -13.35 54.59 -34.97
C LYS G 295 -13.55 55.45 -33.74
N ALA G 296 -14.43 55.06 -32.81
CA ALA G 296 -14.57 55.76 -31.55
C ALA G 296 -13.77 55.09 -30.43
N LEU G 297 -13.44 53.81 -30.58
CA LEU G 297 -12.61 53.10 -29.62
C LEU G 297 -11.13 53.09 -30.01
N ASP G 298 -10.76 53.77 -31.09
CA ASP G 298 -9.39 53.71 -31.61
C ASP G 298 -8.77 55.11 -31.48
N VAL G 299 -8.17 55.36 -30.32
CA VAL G 299 -7.53 56.64 -30.03
C VAL G 299 -6.11 56.38 -29.55
N ALA G 300 -5.27 57.40 -29.73
CA ALA G 300 -3.88 57.32 -29.31
C ALA G 300 -3.75 57.58 -27.82
N LYS G 301 -2.82 56.88 -27.19
CA LYS G 301 -2.65 56.91 -25.75
C LYS G 301 -1.48 57.81 -25.36
N ARG G 302 -1.42 58.13 -24.07
CA ARG G 302 -0.37 58.96 -23.50
C ARG G 302 0.47 58.11 -22.55
N HIS G 303 1.69 58.57 -22.30
CA HIS G 303 2.66 57.83 -21.51
C HIS G 303 2.74 58.38 -20.10
N VAL G 304 2.81 57.48 -19.12
CA VAL G 304 2.98 57.82 -17.72
C VAL G 304 4.25 57.15 -17.22
N GLU G 305 5.11 57.91 -16.56
CA GLU G 305 6.30 57.37 -15.90
C GLU G 305 6.12 57.49 -14.41
N LEU G 306 6.17 56.36 -13.71
CA LEU G 306 5.91 56.30 -12.28
C LEU G 306 7.21 56.10 -11.53
N SER G 307 7.50 56.99 -10.57
CA SER G 307 8.70 56.93 -9.76
C SER G 307 8.30 56.78 -8.31
N LEU G 308 8.85 55.77 -7.63
CA LEU G 308 8.51 55.46 -6.25
C LEU G 308 9.76 55.57 -5.40
N TRP G 309 9.67 56.32 -4.30
CA TRP G 309 10.79 56.52 -3.39
C TRP G 309 10.57 55.69 -2.14
N ILE G 310 11.62 54.99 -1.70
CA ILE G 310 11.61 54.21 -0.47
C ILE G 310 12.78 54.71 0.38
N VAL G 311 12.50 55.51 1.40
CA VAL G 311 13.51 56.10 2.26
C VAL G 311 13.51 55.32 3.57
N ASP G 312 14.70 54.98 4.06
CA ASP G 312 14.85 54.16 5.26
C ASP G 312 16.01 54.70 6.07
N LEU G 313 15.72 55.14 7.29
CA LEU G 313 16.74 55.69 8.17
C LEU G 313 16.76 54.91 9.47
N ASN G 314 17.93 54.91 10.12
CA ASN G 314 18.13 54.26 11.40
C ASN G 314 19.03 55.11 12.27
N LYS G 315 19.07 54.76 13.55
CA LYS G 315 19.88 55.40 14.57
C LYS G 315 19.88 54.51 15.79
N SER G 316 20.95 54.54 16.56
CA SER G 316 21.05 53.65 17.71
C SER G 316 22.00 54.23 18.74
N ASP G 317 22.00 53.60 19.91
CA ASP G 317 22.85 54.00 21.04
C ASP G 317 22.85 52.83 22.01
N LEU G 318 23.96 52.63 22.72
CA LEU G 318 24.11 51.49 23.61
C LEU G 318 25.27 51.75 24.55
N GLU G 319 25.12 51.35 25.81
CA GLU G 319 26.20 51.50 26.81
C GLU G 319 25.98 50.49 27.92
N ARG G 320 26.94 49.61 28.14
CA ARG G 320 26.96 48.71 29.29
C ARG G 320 28.21 48.94 30.11
N LEU G 321 28.07 48.92 31.44
CA LEU G 321 29.22 49.12 32.32
C LEU G 321 28.90 48.53 33.68
N GLY G 322 29.59 47.48 34.05
CA GLY G 322 29.42 46.89 35.36
C GLY G 322 29.77 45.42 35.35
N THR G 323 29.72 44.83 36.55
CA THR G 323 30.06 43.43 36.76
C THR G 323 28.83 42.65 37.24
N SER G 324 28.98 41.33 37.29
CA SER G 324 27.90 40.45 37.73
C SER G 324 28.52 39.15 38.23
N TRP G 325 28.34 38.87 39.52
CA TRP G 325 28.99 37.74 40.19
C TRP G 325 28.05 36.53 40.19
N SER G 326 28.58 35.37 39.77
CA SER G 326 27.79 34.14 39.75
C SER G 326 28.78 32.97 39.72
N GLY G 327 28.84 32.21 40.81
CA GLY G 327 29.76 31.08 40.87
C GLY G 327 29.50 30.19 42.06
N SER G 328 30.26 29.10 42.13
CA SER G 328 30.21 28.14 43.21
C SER G 328 31.58 27.96 43.84
N ILE G 329 31.60 27.28 45.00
CA ILE G 329 32.83 27.08 45.75
C ILE G 329 32.66 25.78 46.54
N THR G 330 33.77 25.25 47.05
CA THR G 330 33.76 24.08 47.92
C THR G 330 34.69 24.32 49.10
N ILE G 331 34.16 24.23 50.31
CA ILE G 331 34.89 24.60 51.52
C ILE G 331 35.08 23.34 52.35
N GLY G 332 36.24 22.72 52.22
CA GLY G 332 36.65 21.64 53.11
C GLY G 332 35.82 20.37 53.05
N ASP G 333 35.31 20.03 51.86
CA ASP G 333 34.57 18.79 51.50
C ASP G 333 33.47 18.40 52.49
N LYS G 334 32.91 19.38 53.19
CA LYS G 334 31.78 19.16 54.09
C LYS G 334 30.67 20.20 53.93
N LEU G 335 30.97 21.38 53.39
CA LEU G 335 29.94 22.37 53.12
C LEU G 335 30.37 23.20 51.92
N GLY G 336 29.40 23.56 51.09
CA GLY G 336 29.66 24.34 49.90
C GLY G 336 28.72 25.51 49.82
N VAL G 337 29.19 26.59 49.20
CA VAL G 337 28.44 27.84 49.09
C VAL G 337 28.25 28.15 47.61
N SER G 338 27.00 28.37 47.21
CA SER G 338 26.68 28.84 45.87
C SER G 338 26.37 30.32 45.93
N LEU G 339 26.22 30.93 44.75
CA LEU G 339 25.89 32.35 44.65
C LEU G 339 25.20 32.61 43.32
N ASN G 340 23.91 32.98 43.39
CA ASN G 340 23.10 33.41 42.24
C ASN G 340 23.02 32.33 41.16
N GLN G 341 22.80 31.09 41.57
CA GLN G 341 22.74 29.97 40.63
C GLN G 341 21.53 29.10 40.93
N SER G 342 21.29 28.15 40.03
CA SER G 342 20.25 27.15 40.22
C SER G 342 20.83 25.74 40.33
N SER G 343 21.75 25.40 39.44
CA SER G 343 22.43 24.11 39.47
C SER G 343 23.82 24.29 40.06
N ILE G 344 24.17 23.44 41.02
CA ILE G 344 25.41 23.59 41.78
C ILE G 344 26.27 22.34 41.56
N SER G 345 25.60 21.21 41.30
CA SER G 345 26.30 19.92 41.24
C SER G 345 27.19 19.81 40.02
N THR G 346 26.68 20.20 38.84
CA THR G 346 27.48 20.15 37.62
C THR G 346 28.49 21.29 37.53
N LEU G 347 28.36 22.30 38.38
CA LEU G 347 29.38 23.35 38.51
C LEU G 347 30.08 23.30 39.86
N ASP G 348 30.25 22.09 40.41
CA ASP G 348 30.86 21.96 41.74
C ASP G 348 32.38 22.13 41.68
N GLY G 349 33.03 21.67 40.62
CA GLY G 349 34.46 21.81 40.48
C GLY G 349 34.92 23.14 39.92
N SER G 350 34.00 24.07 39.66
CA SER G 350 34.33 25.37 39.11
C SER G 350 34.56 26.37 40.23
N ARG G 351 34.61 27.66 39.87
CA ARG G 351 34.93 28.72 40.82
C ARG G 351 33.97 29.89 40.65
N PHE G 352 34.26 31.01 41.31
CA PHE G 352 33.47 32.22 41.14
C PHE G 352 33.79 32.88 39.81
N ILE G 353 32.77 33.44 39.17
CA ILE G 353 32.92 34.12 37.89
C ILE G 353 32.44 35.56 38.06
N ALA G 354 33.28 36.52 37.67
CA ALA G 354 32.94 37.93 37.72
C ALA G 354 32.90 38.45 36.29
N ALA G 355 31.74 38.33 35.66
CA ALA G 355 31.59 38.73 34.27
C ALA G 355 31.51 40.26 34.17
N VAL G 356 32.51 40.87 33.53
CA VAL G 356 32.61 42.31 33.39
C VAL G 356 32.17 42.68 31.97
N ASN G 357 31.44 43.77 31.84
CA ASN G 357 31.01 44.29 30.56
C ASN G 357 31.40 45.76 30.46
N ALA G 358 31.93 46.15 29.29
CA ALA G 358 32.26 47.54 29.03
C ALA G 358 32.12 47.77 27.53
N LEU G 359 31.23 48.69 27.15
CA LEU G 359 30.92 48.92 25.75
C LEU G 359 30.22 50.27 25.64
N GLU G 360 30.38 50.91 24.48
CA GLU G 360 29.73 52.19 24.21
C GLU G 360 29.64 52.33 22.70
N GLU G 361 28.43 52.20 22.15
CA GLU G 361 28.25 52.03 20.72
C GLU G 361 27.32 53.09 20.15
N LYS G 362 27.69 53.63 18.99
CA LYS G 362 26.83 54.49 18.19
C LYS G 362 26.62 53.85 16.83
N LYS G 363 25.57 54.27 16.13
CA LYS G 363 25.22 53.67 14.86
C LYS G 363 24.35 54.63 14.06
N GLN G 364 24.38 54.47 12.74
CA GLN G 364 23.56 55.25 11.82
C GLN G 364 23.56 54.55 10.48
N ALA G 365 22.43 54.58 9.78
CA ALA G 365 22.30 53.91 8.50
C ALA G 365 21.17 54.54 7.71
N THR G 366 21.48 54.93 6.47
CA THR G 366 20.49 55.49 5.54
C THR G 366 20.47 54.65 4.28
N VAL G 367 19.28 54.40 3.74
CA VAL G 367 19.09 53.66 2.50
C VAL G 367 17.99 54.35 1.71
N VAL G 368 18.28 54.75 0.47
CA VAL G 368 17.30 55.37 -0.41
C VAL G 368 17.27 54.55 -1.71
N SER G 369 16.15 53.87 -1.95
CA SER G 369 15.96 53.06 -3.15
C SER G 369 14.83 53.63 -3.98
N ARG G 370 14.89 53.42 -5.30
CA ARG G 370 13.94 54.06 -6.21
C ARG G 370 13.76 53.23 -7.49
N PRO G 371 12.61 52.59 -7.65
CA PRO G 371 12.29 51.98 -8.95
C PRO G 371 11.50 52.91 -9.86
N VAL G 372 11.79 52.83 -11.17
CA VAL G 372 11.16 53.66 -12.19
C VAL G 372 10.53 52.74 -13.23
N LEU G 373 9.31 53.07 -13.67
CA LEU G 373 8.59 52.26 -14.63
C LEU G 373 7.79 53.16 -15.56
N LEU G 374 7.71 52.77 -16.83
CA LEU G 374 7.02 53.55 -17.86
C LEU G 374 5.94 52.71 -18.52
N THR G 375 4.75 53.28 -18.64
CA THR G 375 3.61 52.60 -19.26
C THR G 375 2.68 53.63 -19.88
N GLN G 376 1.55 53.16 -20.39
CA GLN G 376 0.55 53.98 -21.05
C GLN G 376 -0.69 54.09 -20.18
N GLU G 377 -1.69 54.83 -20.68
CA GLU G 377 -2.98 54.91 -19.99
C GLU G 377 -3.68 53.57 -20.02
N ASN G 378 -4.32 53.21 -18.90
CA ASN G 378 -5.21 52.07 -18.76
C ASN G 378 -4.53 50.74 -19.08
N VAL G 379 -3.23 50.66 -18.89
CA VAL G 379 -2.45 49.46 -19.20
C VAL G 379 -1.74 49.02 -17.92
N PRO G 380 -1.96 47.80 -17.44
CA PRO G 380 -1.24 47.34 -16.24
C PRO G 380 0.20 47.02 -16.56
N ALA G 381 1.11 47.47 -15.70
CA ALA G 381 2.54 47.25 -15.88
C ALA G 381 3.11 46.65 -14.60
N ILE G 382 4.25 45.98 -14.74
CA ILE G 382 4.90 45.31 -13.62
C ILE G 382 6.40 45.59 -13.66
N PHE G 383 6.95 46.05 -12.55
CA PHE G 383 8.37 46.03 -12.29
C PHE G 383 8.62 45.04 -11.15
N ASP G 384 9.66 44.22 -11.31
CA ASP G 384 9.93 43.16 -10.34
C ASP G 384 11.43 42.97 -10.21
N ASN G 385 11.93 42.91 -8.99
CA ASN G 385 13.35 42.69 -8.72
C ASN G 385 13.43 41.74 -7.52
N ASN G 386 13.47 40.45 -7.79
CA ASN G 386 13.29 39.46 -6.74
C ASN G 386 14.52 38.57 -6.61
N ARG G 387 14.40 37.57 -5.72
CA ARG G 387 15.44 36.60 -5.42
C ARG G 387 14.78 35.29 -5.02
N THR G 388 15.25 34.19 -5.61
CA THR G 388 14.61 32.89 -5.44
C THR G 388 15.55 31.99 -4.65
N PHE G 389 14.99 31.22 -3.73
CA PHE G 389 15.74 30.33 -2.85
C PHE G 389 15.20 28.92 -3.04
N TYR G 390 16.02 28.03 -3.59
CA TYR G 390 15.59 26.68 -3.91
C TYR G 390 16.03 25.71 -2.82
N THR G 391 15.13 24.80 -2.45
CA THR G 391 15.40 23.82 -1.41
C THR G 391 15.10 22.42 -1.93
N LYS G 392 15.70 21.42 -1.30
CA LYS G 392 15.60 20.03 -1.73
C LYS G 392 14.79 19.24 -0.71
N LEU G 393 13.50 19.10 -0.96
CA LEU G 393 12.61 18.30 -0.13
C LEU G 393 12.76 16.85 -0.61
N ILE G 394 13.51 16.06 0.14
CA ILE G 394 13.84 14.69 -0.29
C ILE G 394 12.68 13.78 0.09
N GLY G 395 11.67 13.73 -0.77
CA GLY G 395 10.57 12.81 -0.64
C GLY G 395 10.78 11.62 -1.56
N GLU G 396 9.70 10.87 -1.79
CA GLU G 396 9.77 9.73 -2.68
C GLU G 396 8.82 9.81 -3.87
N ARG G 397 7.65 10.43 -3.71
CA ARG G 397 6.62 10.36 -4.74
C ARG G 397 6.49 11.67 -5.50
N ASN G 398 6.09 12.70 -4.79
CA ASN G 398 5.84 14.01 -5.37
C ASN G 398 7.05 14.86 -5.04
N VAL G 399 8.21 14.41 -5.49
CA VAL G 399 9.48 15.10 -5.30
C VAL G 399 9.40 16.41 -6.06
N ALA G 400 9.83 17.49 -5.43
CA ALA G 400 9.63 18.81 -6.00
C ALA G 400 10.74 19.73 -5.53
N LEU G 401 11.02 20.72 -6.35
CA LEU G 401 11.88 21.83 -5.97
C LEU G 401 10.95 22.93 -5.48
N GLU G 402 10.89 23.12 -4.17
CA GLU G 402 10.08 24.17 -3.60
C GLU G 402 10.93 25.42 -3.45
N HIS G 403 10.30 26.58 -3.59
CA HIS G 403 11.03 27.83 -3.64
C HIS G 403 10.25 28.93 -2.96
N VAL G 404 10.99 29.90 -2.41
CA VAL G 404 10.43 31.13 -1.89
C VAL G 404 10.98 32.28 -2.72
N THR G 405 10.30 33.42 -2.66
CA THR G 405 10.63 34.56 -3.49
C THR G 405 10.39 35.83 -2.70
N TYR G 406 11.34 36.77 -2.76
CA TYR G 406 11.20 38.03 -2.06
C TYR G 406 11.94 39.12 -2.83
N GLY G 407 11.39 40.32 -2.83
CA GLY G 407 12.05 41.43 -3.49
C GLY G 407 11.08 42.57 -3.74
N THR G 408 11.57 43.61 -4.40
CA THR G 408 10.78 44.80 -4.70
C THR G 408 9.86 44.50 -5.88
N MET G 409 8.64 45.02 -5.82
CA MET G 409 7.63 44.72 -6.83
C MET G 409 6.57 45.80 -6.85
N ILE G 410 6.30 46.36 -8.02
CA ILE G 410 5.24 47.34 -8.21
C ILE G 410 4.31 46.84 -9.32
N ARG G 411 3.00 46.98 -9.10
CA ARG G 411 2.02 46.76 -10.15
C ARG G 411 1.06 47.93 -10.13
N VAL G 412 1.03 48.70 -11.22
CA VAL G 412 0.31 49.97 -11.26
C VAL G 412 -0.63 49.95 -12.46
N LEU G 413 -1.68 50.76 -12.37
CA LEU G 413 -2.67 50.90 -13.45
C LEU G 413 -3.04 52.37 -13.52
N PRO G 414 -2.31 53.15 -14.32
CA PRO G 414 -2.53 54.60 -14.34
C PRO G 414 -3.72 54.98 -15.21
N ARG G 415 -4.24 56.17 -14.94
CA ARG G 415 -5.44 56.67 -15.62
C ARG G 415 -5.52 58.17 -15.40
N PHE G 416 -5.78 58.91 -16.48
CA PHE G 416 -5.91 60.36 -16.39
C PHE G 416 -7.35 60.73 -16.04
N SER G 417 -7.50 61.68 -15.12
CA SER G 417 -8.81 62.18 -14.75
C SER G 417 -9.21 63.31 -15.70
N ALA G 418 -10.30 64.00 -15.38
CA ALA G 418 -10.79 65.06 -16.25
C ALA G 418 -10.03 66.36 -16.07
N ASP G 419 -9.39 66.56 -14.92
CA ASP G 419 -8.68 67.79 -14.62
C ASP G 419 -7.21 67.73 -15.00
N GLY G 420 -6.70 66.56 -15.34
CA GLY G 420 -5.28 66.39 -15.60
C GLY G 420 -4.51 65.71 -14.49
N GLN G 421 -5.18 65.18 -13.48
CA GLN G 421 -4.54 64.43 -12.42
C GLN G 421 -4.48 62.96 -12.78
N ILE G 422 -3.55 62.25 -12.15
CA ILE G 422 -3.27 60.86 -12.48
C ILE G 422 -3.66 60.00 -11.29
N GLU G 423 -4.68 59.16 -11.48
CA GLU G 423 -5.10 58.20 -10.46
C GLU G 423 -4.45 56.85 -10.72
N MET G 424 -4.00 56.21 -9.65
CA MET G 424 -3.24 54.97 -9.75
C MET G 424 -3.81 53.93 -8.80
N SER G 425 -3.73 52.66 -9.21
CA SER G 425 -4.14 51.54 -8.39
C SER G 425 -2.90 50.72 -8.06
N LEU G 426 -2.39 50.88 -6.84
CA LEU G 426 -1.05 50.44 -6.48
C LEU G 426 -1.07 49.09 -5.78
N ASP G 427 0.02 48.35 -5.94
CA ASP G 427 0.29 47.09 -5.24
C ASP G 427 1.79 47.01 -5.02
N ILE G 428 2.26 47.47 -3.86
CA ILE G 428 3.68 47.64 -3.59
C ILE G 428 4.12 46.55 -2.62
N GLU G 429 5.25 45.92 -2.91
CA GLU G 429 5.90 44.98 -2.01
C GLU G 429 7.38 45.29 -1.95
N ASP G 430 7.92 45.38 -0.73
CA ASP G 430 9.36 45.61 -0.54
C ASP G 430 9.83 44.66 0.56
N GLY G 431 10.56 43.63 0.17
CA GLY G 431 11.03 42.63 1.11
C GLY G 431 12.54 42.48 1.04
N ASN G 432 13.11 41.92 2.11
CA ASN G 432 14.53 41.60 2.17
C ASN G 432 14.71 40.39 3.08
N ASP G 433 15.95 39.98 3.27
CA ASP G 433 16.28 38.76 4.00
C ASP G 433 16.84 39.13 5.37
N LYS G 434 16.11 38.76 6.42
CA LYS G 434 16.60 38.92 7.78
C LYS G 434 17.48 37.75 8.14
N THR G 435 18.59 38.04 8.81
CA THR G 435 19.58 37.02 9.11
C THR G 435 19.63 36.75 10.60
N PRO G 436 19.46 35.50 11.03
CA PRO G 436 19.73 35.15 12.44
C PRO G 436 21.21 35.00 12.71
N GLN G 437 21.55 34.50 13.91
CA GLN G 437 22.95 34.35 14.31
C GLN G 437 23.65 33.31 13.45
N SER G 438 24.83 33.67 12.94
CA SER G 438 25.55 32.81 12.01
C SER G 438 26.26 31.65 12.69
N ASP G 439 26.52 31.72 13.98
CA ASP G 439 27.30 30.70 14.67
C ASP G 439 26.52 29.42 14.93
N THR G 440 25.19 29.47 14.97
CA THR G 440 24.37 28.30 15.24
C THR G 440 24.05 27.57 13.95
N THR G 441 23.64 26.31 14.10
CA THR G 441 23.47 25.34 13.01
C THR G 441 22.39 25.73 12.01
N THR G 442 21.39 26.53 12.42
CA THR G 442 20.26 26.87 11.54
C THR G 442 20.61 27.85 10.42
N SER G 443 21.88 28.21 10.25
CA SER G 443 22.31 29.02 9.12
C SER G 443 22.66 28.20 7.89
N VAL G 444 22.72 26.88 7.99
CA VAL G 444 23.07 26.04 6.85
C VAL G 444 21.87 25.32 6.25
N ASP G 445 20.73 25.31 6.94
CA ASP G 445 19.53 24.70 6.38
C ASP G 445 18.68 25.76 5.69
N ALA G 446 17.48 25.35 5.25
CA ALA G 446 16.60 26.22 4.46
C ALA G 446 15.75 27.08 5.39
N LEU G 447 16.42 28.01 6.09
CA LEU G 447 15.75 29.00 6.91
C LEU G 447 16.24 30.39 6.54
N PRO G 448 15.78 30.96 5.41
CA PRO G 448 15.91 32.40 5.21
C PRO G 448 14.71 33.14 5.78
N GLU G 449 14.77 33.60 7.04
CA GLU G 449 13.70 34.40 7.60
C GLU G 449 13.45 35.66 6.77
N VAL G 450 12.32 35.69 6.06
CA VAL G 450 11.97 36.77 5.14
C VAL G 450 11.06 37.75 5.86
N GLY G 451 11.38 39.04 5.75
CA GLY G 451 10.51 40.10 6.21
C GLY G 451 10.07 40.96 5.03
N ARG G 452 8.76 41.12 4.90
CA ARG G 452 8.18 41.84 3.77
C ARG G 452 7.43 43.07 4.26
N THR G 453 6.95 43.86 3.30
CA THR G 453 6.16 45.06 3.58
C THR G 453 5.21 45.28 2.42
N LEU G 454 3.91 45.13 2.67
CA LEU G 454 2.90 45.14 1.63
C LEU G 454 1.99 46.34 1.81
N ILE G 455 1.65 47.00 0.69
CA ILE G 455 0.78 48.17 0.69
C ILE G 455 -0.12 48.05 -0.54
N SER G 456 -1.44 48.19 -0.33
CA SER G 456 -2.40 48.13 -1.42
C SER G 456 -3.44 49.21 -1.20
N THR G 457 -3.50 50.19 -2.10
CA THR G 457 -4.36 51.36 -1.92
C THR G 457 -4.63 51.98 -3.28
N ILE G 458 -5.29 53.14 -3.28
CA ILE G 458 -5.58 53.92 -4.48
C ILE G 458 -5.35 55.39 -4.15
N ALA G 459 -4.52 56.07 -4.94
CA ALA G 459 -4.22 57.48 -4.71
C ALA G 459 -4.35 58.25 -6.02
N ARG G 460 -4.47 59.57 -5.91
CA ARG G 460 -4.65 60.45 -7.05
C ARG G 460 -3.79 61.69 -6.88
N VAL G 461 -2.77 61.82 -7.72
CA VAL G 461 -1.76 62.88 -7.62
C VAL G 461 -1.88 63.79 -8.83
N PRO G 462 -1.67 65.09 -8.70
CA PRO G 462 -1.51 65.94 -9.90
C PRO G 462 -0.23 65.63 -10.65
N HIS G 463 -0.10 66.24 -11.82
CA HIS G 463 1.05 65.98 -12.67
C HIS G 463 2.28 66.71 -12.14
N GLY G 464 3.27 65.95 -11.68
CA GLY G 464 4.50 66.53 -11.18
C GLY G 464 4.59 66.65 -9.68
N LYS G 465 3.48 66.55 -8.96
CA LYS G 465 3.47 66.62 -7.51
C LYS G 465 3.66 65.23 -6.93
N SER G 466 3.52 65.10 -5.62
CA SER G 466 3.80 63.85 -4.95
C SER G 466 2.87 63.64 -3.76
N LEU G 467 2.79 62.40 -3.32
CA LEU G 467 1.95 62.01 -2.19
C LEU G 467 2.66 60.96 -1.35
N LEU G 468 2.37 60.97 -0.05
CA LEU G 468 2.89 59.98 0.87
C LEU G 468 1.87 58.85 1.02
N VAL G 469 2.26 57.65 0.62
CA VAL G 469 1.32 56.52 0.60
C VAL G 469 1.39 55.71 1.88
N GLY G 470 2.59 55.30 2.30
CA GLY G 470 2.72 54.52 3.51
C GLY G 470 3.63 55.19 4.52
N GLY G 471 4.06 54.44 5.53
CA GLY G 471 4.94 55.00 6.53
C GLY G 471 5.00 54.11 7.76
N TYR G 472 6.06 54.32 8.54
CA TYR G 472 6.30 53.57 9.76
C TYR G 472 7.38 54.26 10.59
N THR G 473 7.11 54.53 11.87
CA THR G 473 8.12 55.02 12.80
C THR G 473 8.14 54.13 14.02
N ARG G 474 9.26 54.16 14.75
CA ARG G 474 9.39 53.41 15.99
C ARG G 474 10.47 54.03 16.85
N ASP G 475 10.15 54.28 18.11
CA ASP G 475 11.08 54.83 19.09
C ASP G 475 11.12 53.94 20.33
N ALA G 476 12.29 53.81 20.93
CA ALA G 476 12.44 52.94 22.09
C ALA G 476 13.54 53.47 23.00
N ASN G 477 13.42 53.15 24.29
CA ASN G 477 14.42 53.54 25.29
C ASN G 477 14.26 52.64 26.50
N THR G 478 15.23 51.76 26.73
CA THR G 478 15.25 50.90 27.91
C THR G 478 16.50 51.18 28.72
N ASP G 479 16.43 50.86 30.02
CA ASP G 479 17.57 50.98 30.92
C ASP G 479 17.36 50.12 32.16
N THR G 480 18.36 49.31 32.50
CA THR G 480 18.31 48.45 33.68
C THR G 480 19.41 48.86 34.65
N VAL G 481 19.21 48.56 35.93
CA VAL G 481 20.20 48.81 36.98
C VAL G 481 20.17 47.62 37.92
N GLN G 482 21.30 46.93 38.06
CA GLN G 482 21.44 45.86 39.03
C GLN G 482 22.55 46.20 40.01
N SER G 483 22.49 45.59 41.20
CA SER G 483 23.51 45.80 42.22
C SER G 483 23.45 44.67 43.24
N ILE G 484 24.47 44.64 44.09
CA ILE G 484 24.48 43.85 45.31
C ILE G 484 23.85 44.77 46.36
N PRO G 485 23.01 44.27 47.28
CA PRO G 485 22.23 45.18 48.15
C PRO G 485 23.06 46.06 49.08
N PHE G 486 24.10 45.55 49.72
CA PHE G 486 24.89 46.38 50.63
C PHE G 486 26.23 46.79 50.06
N LEU G 487 26.90 45.91 49.30
CA LEU G 487 28.21 46.23 48.77
C LEU G 487 28.16 47.22 47.62
N GLY G 488 27.00 47.42 47.02
CA GLY G 488 26.88 48.33 45.90
C GLY G 488 26.81 49.81 46.27
N LYS G 489 26.84 50.14 47.55
CA LYS G 489 26.78 51.52 48.00
C LYS G 489 28.07 51.98 48.67
N LEU G 490 29.15 51.20 48.54
CA LEU G 490 30.44 51.61 49.07
C LEU G 490 31.00 52.75 48.23
N PRO G 491 31.79 53.67 48.85
CA PRO G 491 32.27 54.86 48.11
C PRO G 491 33.21 54.57 46.95
N LEU G 492 34.31 53.85 47.19
CA LEU G 492 35.30 53.61 46.15
C LEU G 492 35.42 52.14 45.78
N ILE G 493 34.83 51.23 46.55
CA ILE G 493 34.83 49.82 46.22
C ILE G 493 33.52 49.39 45.55
N GLY G 494 32.43 50.13 45.74
CA GLY G 494 31.11 49.72 45.28
C GLY G 494 30.90 49.76 43.78
N SER G 495 31.89 50.23 43.00
CA SER G 495 31.75 50.20 41.55
C SER G 495 31.95 48.81 40.98
N LEU G 496 32.55 47.90 41.74
CA LEU G 496 32.80 46.54 41.29
C LEU G 496 31.59 45.63 41.43
N PHE G 497 30.46 46.14 41.91
CA PHE G 497 29.28 45.32 42.14
C PHE G 497 28.03 45.82 41.42
N ARG G 498 27.99 47.06 40.98
CA ARG G 498 26.83 47.57 40.27
C ARG G 498 26.86 47.15 38.80
N TYR G 499 25.78 47.44 38.10
CA TYR G 499 25.64 47.16 36.68
C TYR G 499 24.56 48.07 36.13
N SER G 500 24.74 48.54 34.89
CA SER G 500 23.79 49.46 34.29
C SER G 500 23.91 49.41 32.78
N SER G 501 22.76 49.32 32.12
CA SER G 501 22.72 49.27 30.67
C SER G 501 21.73 50.32 30.15
N LYS G 502 21.86 50.62 28.86
CA LYS G 502 20.96 51.55 28.18
C LYS G 502 20.74 51.07 26.76
N ASN G 503 19.74 51.65 26.10
CA ASN G 503 19.43 51.34 24.72
C ASN G 503 18.54 52.44 24.16
N LYS G 504 18.61 52.66 22.85
CA LYS G 504 17.82 53.68 22.18
C LYS G 504 17.83 53.40 20.68
N SER G 505 16.70 53.59 20.02
CA SER G 505 16.61 53.39 18.59
C SER G 505 15.54 54.30 18.01
N ASN G 506 15.73 54.67 16.74
CA ASN G 506 14.77 55.51 16.02
C ASN G 506 14.76 55.09 14.56
N VAL G 507 13.65 54.47 14.12
CA VAL G 507 13.53 53.94 12.77
C VAL G 507 12.45 54.73 12.04
N VAL G 508 12.70 55.04 10.77
CA VAL G 508 11.73 55.74 9.91
C VAL G 508 11.75 55.09 8.54
N ARG G 509 10.59 54.63 8.07
CA ARG G 509 10.41 54.18 6.70
C ARG G 509 9.23 54.90 6.10
N VAL G 510 9.36 55.36 4.85
CA VAL G 510 8.27 56.01 4.13
C VAL G 510 8.24 55.53 2.68
N PHE G 511 7.08 55.69 2.06
CA PHE G 511 6.86 55.33 0.65
C PHE G 511 6.21 56.54 -0.02
N MET G 512 6.81 57.02 -1.10
CA MET G 512 6.31 58.20 -1.79
C MET G 512 6.15 57.91 -3.27
N ILE G 513 5.17 58.57 -3.89
CA ILE G 513 4.77 58.35 -5.27
C ILE G 513 4.87 59.68 -6.01
N GLU G 514 5.50 59.68 -7.18
CA GLU G 514 5.66 60.89 -7.98
C GLU G 514 5.49 60.56 -9.45
N PRO G 515 4.28 60.68 -10.00
CA PRO G 515 4.06 60.40 -11.42
C PRO G 515 4.20 61.64 -12.29
N LYS G 516 4.53 61.41 -13.56
CA LYS G 516 4.62 62.48 -14.53
C LYS G 516 4.35 61.92 -15.92
N GLU G 517 4.12 62.82 -16.87
CA GLU G 517 3.70 62.45 -18.22
C GLU G 517 4.86 62.64 -19.19
N ILE G 518 5.06 61.64 -20.04
CA ILE G 518 6.16 61.61 -21.01
C ILE G 518 5.62 61.96 -22.37
N VAL G 519 6.16 63.01 -22.99
CA VAL G 519 5.76 63.40 -24.33
C VAL G 519 6.91 63.39 -25.33
N ASP G 520 8.17 63.41 -24.88
CA ASP G 520 9.33 63.50 -25.75
C ASP G 520 10.26 62.33 -25.52
N PRO G 521 11.00 61.90 -26.54
CA PRO G 521 12.01 60.84 -26.35
C PRO G 521 13.24 61.38 -25.62
N LEU G 522 14.21 60.50 -25.43
CA LEU G 522 15.40 60.84 -24.68
C LEU G 522 16.30 61.77 -25.48
N THR G 523 16.93 62.72 -24.79
CA THR G 523 17.92 63.60 -25.40
C THR G 523 19.11 63.75 -24.46
N PRO G 524 20.34 63.41 -24.88
CA PRO G 524 20.77 62.78 -26.13
C PRO G 524 20.37 61.32 -26.22
N ASP G 525 20.64 60.67 -27.36
CA ASP G 525 20.10 59.35 -27.65
C ASP G 525 20.70 58.30 -26.72
N ALA G 526 20.05 57.13 -26.70
CA ALA G 526 20.50 56.05 -25.83
C ALA G 526 21.81 55.44 -26.33
N SER G 527 22.06 55.49 -27.63
CA SER G 527 23.31 54.99 -28.17
C SER G 527 24.44 56.02 -28.08
N GLU G 528 24.12 57.25 -27.68
CA GLU G 528 25.14 58.28 -27.52
C GLU G 528 25.62 58.40 -26.08
N SER G 529 24.74 58.13 -25.11
CA SER G 529 25.15 58.17 -23.72
C SER G 529 25.91 56.91 -23.31
N VAL G 530 25.75 55.82 -24.06
CA VAL G 530 26.47 54.58 -23.75
C VAL G 530 27.89 54.66 -24.27
N ASN G 531 28.10 55.30 -25.43
CA ASN G 531 29.44 55.46 -25.98
C ASN G 531 30.31 56.40 -25.15
N ASN G 532 29.71 57.24 -24.31
CA ASN G 532 30.49 58.05 -23.38
C ASN G 532 30.79 57.30 -22.08
N ILE G 533 29.99 56.30 -21.74
CA ILE G 533 30.27 55.48 -20.56
C ILE G 533 31.41 54.52 -20.84
N LEU G 534 31.40 53.89 -22.02
CA LEU G 534 32.43 52.93 -22.38
C LEU G 534 33.78 53.58 -22.61
N LYS G 535 33.80 54.83 -23.08
CA LYS G 535 35.08 55.52 -23.28
C LYS G 535 35.66 56.02 -21.96
N GLN G 536 34.82 56.39 -21.00
CA GLN G 536 35.33 56.90 -19.73
C GLN G 536 35.79 55.78 -18.82
N SER G 537 35.02 54.69 -18.72
CA SER G 537 35.39 53.58 -17.85
C SER G 537 36.48 52.70 -18.45
N GLY G 538 36.76 52.83 -19.74
CA GLY G 538 37.81 52.05 -20.36
C GLY G 538 37.41 50.71 -20.89
N ALA G 539 36.11 50.43 -20.99
CA ALA G 539 35.62 49.16 -21.51
C ALA G 539 35.30 49.21 -22.99
N TRP G 540 35.66 50.29 -23.68
CA TRP G 540 35.29 50.48 -25.07
C TRP G 540 36.19 49.65 -25.98
N SER G 541 35.58 48.95 -26.93
CA SER G 541 36.32 48.14 -27.89
C SER G 541 35.75 48.31 -29.29
N GLY G 542 35.44 49.56 -29.66
CA GLY G 542 35.04 49.83 -31.04
C GLY G 542 36.18 50.12 -31.97
N ASP G 543 37.40 50.19 -31.44
CA ASP G 543 38.59 50.43 -32.24
C ASP G 543 39.38 49.15 -32.50
N ASP G 544 38.81 47.99 -32.20
CA ASP G 544 39.52 46.73 -32.36
C ASP G 544 39.64 46.38 -33.84
N LYS G 545 40.76 45.75 -34.19
CA LYS G 545 41.00 45.41 -35.59
C LYS G 545 40.18 44.20 -36.01
N LEU G 546 39.91 43.29 -35.08
CA LEU G 546 39.23 42.03 -35.39
C LEU G 546 37.73 42.10 -35.21
N GLN G 547 37.25 42.84 -34.21
CA GLN G 547 35.82 42.89 -33.91
C GLN G 547 35.08 43.98 -34.68
N LYS G 548 35.78 44.83 -35.43
CA LYS G 548 35.10 45.87 -36.18
C LYS G 548 34.46 45.38 -37.46
N TRP G 549 34.77 44.15 -37.89
CA TRP G 549 34.13 43.60 -39.09
C TRP G 549 32.70 43.18 -38.84
N VAL G 550 32.34 42.92 -37.59
CA VAL G 550 30.99 42.50 -37.25
C VAL G 550 30.23 43.57 -36.48
N ARG G 551 30.89 44.31 -35.59
CA ARG G 551 30.28 45.43 -34.87
C ARG G 551 29.92 46.61 -35.76
N VAL G 552 30.28 46.60 -37.04
CA VAL G 552 29.88 47.67 -37.94
C VAL G 552 28.44 47.48 -38.41
N TYR G 553 27.87 46.29 -38.21
CA TYR G 553 26.46 46.09 -38.52
C TYR G 553 25.56 46.60 -37.40
N LEU G 554 25.98 46.40 -36.15
CA LEU G 554 25.14 46.75 -35.01
C LEU G 554 25.19 48.23 -34.70
N ASP G 555 26.34 48.87 -34.92
CA ASP G 555 26.56 50.29 -34.64
C ASP G 555 26.39 51.13 -35.90
N ARG G 556 25.42 50.77 -36.73
CA ARG G 556 25.20 51.44 -38.01
C ARG G 556 24.71 52.87 -37.83
N GLY G 557 23.93 53.13 -36.79
CA GLY G 557 23.45 54.47 -36.51
C GLY G 557 24.38 55.24 -35.58
N LEU H 175 -30.63 27.73 -60.88
CA LEU H 175 -29.67 27.14 -59.95
C LEU H 175 -28.25 27.54 -60.30
N GLY H 176 -27.33 27.36 -59.36
CA GLY H 176 -25.94 27.69 -59.57
C GLY H 176 -25.02 26.49 -59.49
N ARG H 177 -24.16 26.31 -60.49
CA ARG H 177 -23.20 25.22 -60.49
C ARG H 177 -22.08 25.51 -59.51
N GLN H 178 -21.58 24.44 -58.88
CA GLN H 178 -20.44 24.58 -57.99
C GLN H 178 -19.16 24.79 -58.79
N LYS H 179 -18.16 25.35 -58.13
CA LYS H 179 -16.91 25.73 -58.77
C LYS H 179 -15.81 25.76 -57.73
N ILE H 180 -14.64 25.22 -58.07
CA ILE H 180 -13.49 25.17 -57.17
C ILE H 180 -12.46 26.16 -57.67
N GLY H 181 -12.05 27.09 -56.81
CA GLY H 181 -11.05 28.07 -57.14
C GLY H 181 -9.80 27.87 -56.30
N VAL H 182 -8.64 28.13 -56.91
CA VAL H 182 -7.35 28.00 -56.26
C VAL H 182 -6.72 29.39 -56.23
N MET H 183 -6.41 29.87 -55.04
CA MET H 183 -5.90 31.23 -54.83
C MET H 183 -4.53 31.14 -54.17
N ARG H 184 -3.47 31.42 -54.92
CA ARG H 184 -2.12 31.38 -54.37
C ARG H 184 -1.82 32.67 -53.63
N LEU H 185 -1.21 32.52 -52.45
CA LEU H 185 -0.83 33.65 -51.62
C LEU H 185 0.64 33.97 -51.81
N ASN H 186 0.95 35.23 -52.10
CA ASN H 186 2.31 35.62 -52.40
C ASN H 186 3.05 36.27 -51.24
N ASN H 187 2.34 36.82 -50.25
CA ASN H 187 2.98 37.61 -49.21
C ASN H 187 2.65 37.14 -47.80
N THR H 188 2.14 35.92 -47.64
CA THR H 188 1.81 35.41 -46.31
C THR H 188 1.86 33.89 -46.34
N PHE H 189 1.65 33.30 -45.17
CA PHE H 189 1.67 31.86 -44.97
C PHE H 189 0.28 31.35 -44.62
N VAL H 190 -0.12 30.24 -45.23
CA VAL H 190 -1.25 29.46 -44.74
C VAL H 190 -0.76 28.59 -43.60
N GLY H 191 -1.63 28.31 -42.65
CA GLY H 191 -1.30 27.44 -41.54
C GLY H 191 -0.74 28.21 -40.36
N ASP H 192 -0.78 27.53 -39.21
CA ASP H 192 -0.45 28.16 -37.95
C ASP H 192 1.05 28.16 -37.70
N ARG H 193 1.49 29.12 -36.88
CA ARG H 193 2.87 29.23 -36.46
C ARG H 193 2.97 28.94 -34.97
N THR H 194 4.00 28.21 -34.57
CA THR H 194 4.15 27.75 -33.19
C THR H 194 5.53 28.13 -32.67
N TYR H 195 5.59 28.60 -31.42
CA TYR H 195 6.84 28.87 -30.73
C TYR H 195 6.65 28.56 -29.25
N ASN H 196 7.71 28.68 -28.47
CA ASN H 196 7.70 28.30 -27.07
C ASN H 196 8.31 29.38 -26.20
N LEU H 197 7.78 29.52 -24.96
CA LEU H 197 8.44 30.31 -23.93
C LEU H 197 8.75 29.36 -22.77
N ARG H 198 9.82 28.58 -22.95
CA ARG H 198 10.53 27.77 -21.96
C ARG H 198 9.75 26.59 -21.37
N ASP H 199 8.42 26.62 -21.42
CA ASP H 199 7.64 25.44 -21.07
C ASP H 199 6.35 25.31 -21.88
N GLN H 200 5.84 26.45 -22.35
CA GLN H 200 4.48 26.52 -22.89
C GLN H 200 4.51 26.85 -24.37
N LYS H 201 3.51 26.33 -25.09
CA LYS H 201 3.42 26.48 -26.53
C LYS H 201 2.37 27.52 -26.87
N MET H 202 2.71 28.43 -27.78
CA MET H 202 1.79 29.42 -28.29
C MET H 202 1.50 29.14 -29.75
N VAL H 203 0.23 29.18 -30.13
CA VAL H 203 -0.21 28.91 -31.49
C VAL H 203 -0.95 30.13 -32.01
N ILE H 204 -0.52 30.62 -33.17
CA ILE H 204 -1.12 31.79 -33.81
C ILE H 204 -1.93 31.31 -35.00
N PRO H 205 -3.22 31.66 -35.11
CA PRO H 205 -4.02 31.19 -36.25
C PRO H 205 -3.66 31.92 -37.53
N GLY H 206 -3.59 31.15 -38.61
CA GLY H 206 -3.22 31.68 -39.91
C GLY H 206 -4.40 32.26 -40.66
N ILE H 207 -4.24 32.37 -41.98
CA ILE H 207 -5.31 32.92 -42.80
C ILE H 207 -6.39 31.89 -43.09
N ALA H 208 -6.08 30.60 -42.97
CA ALA H 208 -7.08 29.58 -43.30
C ALA H 208 -7.96 29.22 -42.13
N THR H 209 -7.58 29.64 -40.92
CA THR H 209 -8.42 29.45 -39.75
C THR H 209 -9.28 30.68 -39.47
N ALA H 210 -8.85 31.85 -39.92
CA ALA H 210 -9.62 33.06 -39.69
C ALA H 210 -10.83 33.15 -40.61
N ILE H 211 -10.68 32.76 -41.88
CA ILE H 211 -11.82 32.81 -42.79
C ILE H 211 -12.73 31.61 -42.58
N GLU H 212 -12.20 30.50 -42.04
CA GLU H 212 -13.04 29.33 -41.77
C GLU H 212 -13.97 29.59 -40.60
N ARG H 213 -13.51 30.34 -39.60
CA ARG H 213 -14.39 30.71 -38.49
C ARG H 213 -15.33 31.84 -38.85
N LEU H 214 -15.04 32.60 -39.90
CA LEU H 214 -15.93 33.67 -40.31
C LEU H 214 -17.16 33.12 -41.02
N LEU H 215 -17.00 32.02 -41.74
CA LEU H 215 -18.08 31.41 -42.52
C LEU H 215 -18.67 30.19 -41.80
N GLN H 216 -18.52 30.13 -40.48
CA GLN H 216 -19.00 29.00 -39.70
C GLN H 216 -20.45 29.22 -39.31
N GLY H 217 -21.26 28.16 -39.40
CA GLY H 217 -22.70 28.31 -39.22
C GLY H 217 -23.27 29.07 -40.40
N GLU H 218 -23.70 30.31 -40.14
CA GLU H 218 -23.90 31.36 -41.14
C GLU H 218 -24.95 30.98 -42.20
N GLU H 219 -26.19 30.84 -41.75
CA GLU H 219 -27.31 30.66 -42.67
C GLU H 219 -27.70 32.02 -43.26
N GLN H 220 -26.87 32.54 -44.17
CA GLN H 220 -27.03 33.89 -44.67
C GLN H 220 -26.95 33.92 -46.19
N PRO H 221 -27.80 34.71 -46.86
CA PRO H 221 -27.82 34.70 -48.34
C PRO H 221 -26.65 35.44 -48.96
N LEU H 222 -25.49 34.79 -49.02
CA LEU H 222 -24.32 35.42 -49.62
C LEU H 222 -24.34 35.24 -51.13
N GLY H 223 -24.10 36.33 -51.85
CA GLY H 223 -24.01 36.32 -53.29
C GLY H 223 -22.87 37.17 -53.82
N ALA H 262 -26.52 30.60 -53.22
CA ALA H 262 -27.04 29.80 -52.12
C ALA H 262 -26.86 30.54 -50.80
N ALA H 263 -26.37 29.82 -49.78
CA ALA H 263 -26.17 30.37 -48.45
C ALA H 263 -24.69 30.64 -48.22
N ALA H 264 -24.40 31.26 -47.07
CA ALA H 264 -23.01 31.51 -46.71
C ALA H 264 -22.44 30.34 -45.92
N GLY H 265 -23.28 29.38 -45.54
CA GLY H 265 -22.88 28.27 -44.72
C GLY H 265 -22.43 27.02 -45.45
N ASN H 266 -22.54 26.99 -46.78
CA ASN H 266 -22.09 25.85 -47.55
C ASN H 266 -20.80 26.12 -48.30
N ILE H 267 -20.06 27.17 -47.94
CA ILE H 267 -18.74 27.40 -48.53
C ILE H 267 -17.70 26.62 -47.74
N LYS H 268 -16.87 25.86 -48.44
CA LYS H 268 -15.81 25.08 -47.82
C LYS H 268 -14.47 25.69 -48.17
N ILE H 269 -13.64 25.92 -47.16
CA ILE H 269 -12.30 26.49 -47.33
C ILE H 269 -11.31 25.55 -46.67
N VAL H 270 -10.36 25.05 -47.47
CA VAL H 270 -9.38 24.08 -47.03
C VAL H 270 -8.00 24.57 -47.43
N ALA H 271 -7.08 24.59 -46.47
CA ALA H 271 -5.71 25.01 -46.70
C ALA H 271 -4.95 23.90 -47.41
N TYR H 272 -4.21 24.27 -48.45
CA TYR H 272 -3.33 23.34 -49.15
C TYR H 272 -1.90 23.87 -49.03
N PRO H 273 -1.12 23.42 -48.03
CA PRO H 273 0.20 24.03 -47.79
C PRO H 273 1.27 23.63 -48.77
N ASP H 274 1.01 22.65 -49.64
CA ASP H 274 2.07 22.12 -50.50
C ASP H 274 2.40 23.09 -51.64
N THR H 275 1.46 23.96 -51.99
CA THR H 275 1.74 25.04 -52.93
C THR H 275 1.36 26.41 -52.38
N ASN H 276 1.05 26.48 -51.07
CA ASN H 276 0.73 27.73 -50.35
C ASN H 276 -0.46 28.45 -50.98
N SER H 277 -1.61 27.79 -50.94
CA SER H 277 -2.79 28.30 -51.60
C SER H 277 -4.03 27.78 -50.90
N LEU H 278 -5.12 28.53 -51.06
CA LEU H 278 -6.42 28.19 -50.50
C LEU H 278 -7.27 27.47 -51.54
N LEU H 279 -8.16 26.61 -51.07
CA LEU H 279 -9.11 25.90 -51.92
C LEU H 279 -10.51 26.27 -51.47
N VAL H 280 -11.24 26.99 -52.31
CA VAL H 280 -12.59 27.45 -52.02
C VAL H 280 -13.55 26.74 -52.94
N LYS H 281 -14.61 26.16 -52.37
CA LYS H 281 -15.65 25.47 -53.14
C LYS H 281 -16.99 26.15 -52.89
N GLY H 282 -17.58 26.67 -53.95
CA GLY H 282 -18.88 27.30 -53.83
C GLY H 282 -19.43 27.60 -55.20
N THR H 283 -20.40 28.50 -55.26
CA THR H 283 -20.95 28.92 -56.54
C THR H 283 -19.98 29.87 -57.23
N ALA H 284 -20.35 30.30 -58.45
CA ALA H 284 -19.49 31.20 -59.20
C ALA H 284 -19.47 32.61 -58.65
N GLU H 285 -20.42 32.95 -57.78
CA GLU H 285 -20.45 34.28 -57.17
C GLU H 285 -19.81 34.30 -55.79
N GLN H 286 -19.81 33.16 -55.09
CA GLN H 286 -19.15 33.11 -53.79
C GLN H 286 -17.64 32.91 -53.92
N VAL H 287 -17.18 32.29 -55.01
CA VAL H 287 -15.75 32.12 -55.22
C VAL H 287 -15.11 33.47 -55.55
N HIS H 288 -15.78 34.28 -56.36
CA HIS H 288 -15.33 35.64 -56.63
C HIS H 288 -15.43 36.54 -55.40
N PHE H 289 -16.30 36.19 -54.45
CA PHE H 289 -16.46 37.00 -53.25
C PHE H 289 -15.30 36.80 -52.28
N ILE H 290 -14.76 35.59 -52.19
CA ILE H 290 -13.62 35.33 -51.31
C ILE H 290 -12.31 35.75 -51.98
N GLU H 291 -12.27 35.74 -53.31
CA GLU H 291 -11.05 36.14 -54.03
C GLU H 291 -10.78 37.64 -53.88
N MET H 292 -11.83 38.45 -53.70
CA MET H 292 -11.62 39.87 -53.46
C MET H 292 -11.26 40.17 -52.01
N LEU H 293 -11.60 39.28 -51.08
CA LEU H 293 -11.20 39.46 -49.69
C LEU H 293 -9.74 39.08 -49.49
N VAL H 294 -9.28 38.03 -50.18
CA VAL H 294 -7.93 37.53 -50.03
C VAL H 294 -6.90 38.55 -50.54
N LYS H 295 -7.21 39.23 -51.64
CA LYS H 295 -6.29 40.23 -52.18
C LYS H 295 -6.23 41.49 -51.34
N ALA H 296 -7.08 41.65 -50.33
CA ALA H 296 -6.97 42.77 -49.40
C ALA H 296 -6.22 42.40 -48.13
N LEU H 297 -6.14 41.11 -47.81
CA LEU H 297 -5.37 40.63 -46.66
C LEU H 297 -3.97 40.19 -47.04
N ASP H 298 -3.57 40.34 -48.30
CA ASP H 298 -2.29 39.83 -48.79
C ASP H 298 -1.41 41.01 -49.18
N VAL H 299 -0.68 41.54 -48.20
CA VAL H 299 0.20 42.68 -48.41
C VAL H 299 1.60 42.33 -47.90
N ALA H 300 2.60 43.02 -48.45
CA ALA H 300 3.98 42.81 -48.05
C ALA H 300 4.28 43.55 -46.76
N LYS H 301 5.12 42.95 -45.93
CA LYS H 301 5.42 43.46 -44.59
C LYS H 301 6.76 44.18 -44.57
N ARG H 302 6.99 44.92 -43.50
CA ARG H 302 8.22 45.66 -43.28
C ARG H 302 8.98 45.07 -42.10
N HIS H 303 10.27 45.32 -42.06
CA HIS H 303 11.15 44.72 -41.07
C HIS H 303 11.46 45.72 -39.96
N VAL H 304 11.45 45.23 -38.73
CA VAL H 304 11.80 46.01 -37.55
C VAL H 304 12.96 45.31 -36.85
N GLU H 305 14.00 46.07 -36.53
CA GLU H 305 15.12 45.56 -35.74
C GLU H 305 15.10 46.25 -34.38
N LEU H 306 15.00 45.45 -33.32
CA LEU H 306 14.86 45.96 -31.97
C LEU H 306 16.17 45.78 -31.22
N SER H 307 16.69 46.87 -30.66
CA SER H 307 17.93 46.86 -29.90
C SER H 307 17.64 47.34 -28.48
N LEU H 308 18.05 46.54 -27.50
CA LEU H 308 17.77 46.82 -26.09
C LEU H 308 19.10 46.97 -25.35
N TRP H 309 19.24 48.07 -24.61
CA TRP H 309 20.45 48.35 -23.84
C TRP H 309 20.20 48.08 -22.37
N ILE H 310 21.12 47.38 -21.72
CA ILE H 310 21.08 47.12 -20.29
C ILE H 310 22.39 47.62 -19.69
N VAL H 311 22.35 48.78 -19.04
CA VAL H 311 23.53 49.42 -18.47
C VAL H 311 23.51 49.19 -16.97
N ASP H 312 24.65 48.80 -16.41
CA ASP H 312 24.75 48.45 -15.00
C ASP H 312 26.05 49.00 -14.45
N LEU H 313 25.96 49.89 -13.47
CA LEU H 313 27.13 50.50 -12.87
C LEU H 313 27.13 50.25 -11.37
N ASN H 314 28.33 50.24 -10.79
CA ASN H 314 28.52 50.06 -9.36
C ASN H 314 29.63 50.97 -8.88
N LYS H 315 29.71 51.09 -7.56
CA LYS H 315 30.72 51.88 -6.86
C LYS H 315 30.65 51.49 -5.40
N SER H 316 31.79 51.58 -4.70
CA SER H 316 31.81 51.17 -3.31
C SER H 316 32.94 51.86 -2.58
N ASP H 317 32.93 51.71 -1.26
CA ASP H 317 33.93 52.30 -0.37
C ASP H 317 33.80 51.59 0.96
N LEU H 318 34.91 51.43 1.68
CA LEU H 318 34.93 50.68 2.93
C LEU H 318 36.20 51.01 3.70
N GLU H 319 36.08 51.14 5.02
CA GLU H 319 37.25 51.40 5.86
C GLU H 319 36.95 50.92 7.28
N ARG H 320 37.75 50.01 7.79
CA ARG H 320 37.69 49.59 9.19
C ARG H 320 39.03 49.84 9.85
N LEU H 321 39.01 50.32 11.10
CA LEU H 321 40.25 50.59 11.82
C LEU H 321 39.95 50.59 13.31
N GLY H 322 40.47 49.62 14.04
CA GLY H 322 40.30 49.59 15.48
C GLY H 322 40.37 48.18 16.00
N THR H 323 40.31 48.07 17.32
CA THR H 323 40.40 46.80 18.04
C THR H 323 39.11 46.52 18.78
N SER H 324 39.01 45.31 19.32
CA SER H 324 37.82 44.87 20.06
C SER H 324 38.23 43.75 21.00
N TRP H 325 38.12 43.99 22.31
CA TRP H 325 38.60 43.06 23.32
C TRP H 325 37.47 42.16 23.79
N SER H 326 37.73 40.85 23.82
CA SER H 326 36.73 39.87 24.27
C SER H 326 37.48 38.59 24.65
N GLY H 327 37.49 38.27 25.95
CA GLY H 327 38.19 37.08 26.39
C GLY H 327 37.87 36.75 27.84
N SER H 328 38.43 35.62 28.28
CA SER H 328 38.28 35.14 29.65
C SER H 328 39.66 34.93 30.29
N ILE H 329 39.65 34.72 31.60
CA ILE H 329 40.88 34.55 32.37
C ILE H 329 40.55 33.69 33.58
N THR H 330 41.58 33.16 34.23
CA THR H 330 41.43 32.39 35.47
C THR H 330 42.49 32.85 36.46
N ILE H 331 42.06 33.31 37.63
CA ILE H 331 42.94 33.93 38.61
C ILE H 331 42.97 33.05 39.84
N GLY H 332 43.98 32.18 39.93
CA GLY H 332 44.26 31.43 41.16
C GLY H 332 43.22 30.43 41.57
N ASP H 333 42.54 29.79 40.61
CA ASP H 333 41.56 28.69 40.73
C ASP H 333 40.49 28.90 41.81
N LYS H 334 40.19 30.17 42.11
CA LYS H 334 39.11 30.52 43.04
C LYS H 334 38.21 31.63 42.53
N LEU H 335 38.67 32.46 41.59
CA LEU H 335 37.83 33.48 40.98
C LEU H 335 38.30 33.72 39.56
N GLY H 336 37.34 33.94 38.67
CA GLY H 336 37.64 34.19 37.28
C GLY H 336 36.92 35.42 36.78
N VAL H 337 37.53 36.08 35.80
CA VAL H 337 37.02 37.33 35.25
C VAL H 337 36.76 37.13 33.76
N SER H 338 35.55 37.43 33.32
CA SER H 338 35.20 37.44 31.91
C SER H 338 35.17 38.89 31.42
N LEU H 339 35.03 39.06 30.11
CA LEU H 339 34.97 40.38 29.50
C LEU H 339 34.23 40.27 28.18
N ASN H 340 33.05 40.90 28.12
CA ASN H 340 32.22 41.04 26.91
C ASN H 340 31.85 39.70 26.29
N GLN H 341 31.44 38.75 27.13
CA GLN H 341 31.10 37.42 26.69
C GLN H 341 29.78 36.98 27.29
N SER H 342 29.28 35.84 26.81
CA SER H 342 28.09 35.21 27.37
C SER H 342 28.40 33.84 27.98
N SER H 343 29.18 33.02 27.27
CA SER H 343 29.61 31.72 27.75
C SER H 343 31.06 31.81 28.22
N ILE H 344 31.32 31.31 29.42
CA ILE H 344 32.62 31.47 30.06
C ILE H 344 33.22 30.08 30.29
N SER H 345 32.34 29.08 30.48
CA SER H 345 32.77 27.76 30.89
C SER H 345 33.52 27.02 29.78
N THR H 346 32.99 27.07 28.56
CA THR H 346 33.65 26.42 27.43
C THR H 346 34.84 27.22 26.90
N LEU H 347 34.99 28.48 27.32
CA LEU H 347 36.18 29.27 27.04
C LEU H 347 36.97 29.56 28.31
N ASP H 348 36.97 28.62 29.27
CA ASP H 348 37.66 28.85 30.53
C ASP H 348 39.17 28.67 30.42
N GLY H 349 39.63 27.74 29.58
CA GLY H 349 41.04 27.53 29.37
C GLY H 349 41.70 28.46 28.37
N SER H 350 40.94 29.39 27.80
CA SER H 350 41.46 30.30 26.79
C SER H 350 41.97 31.58 27.47
N ARG H 351 42.22 32.60 26.67
CA ARG H 351 42.81 33.86 27.14
C ARG H 351 42.08 35.06 26.57
N PHE H 352 42.62 36.25 26.77
CA PHE H 352 42.05 37.46 26.18
C PHE H 352 42.38 37.51 24.69
N ILE H 353 41.43 38.01 23.91
CA ILE H 353 41.59 38.15 22.47
C ILE H 353 41.39 39.62 22.11
N ALA H 354 42.36 40.17 21.39
CA ALA H 354 42.30 41.56 20.92
C ALA H 354 42.23 41.52 19.39
N ALA H 355 41.01 41.42 18.86
CA ALA H 355 40.82 41.33 17.42
C ALA H 355 41.02 42.69 16.78
N VAL H 356 42.05 42.82 15.94
CA VAL H 356 42.40 44.06 15.28
C VAL H 356 41.92 43.98 13.84
N ASN H 357 41.38 45.09 13.32
CA ASN H 357 40.96 45.19 11.93
C ASN H 357 41.60 46.41 11.29
N ALA H 358 42.08 46.24 10.08
CA ALA H 358 42.64 47.35 9.31
C ALA H 358 42.42 47.05 7.84
N LEU H 359 41.69 47.93 7.15
CA LEU H 359 41.30 47.71 5.77
C LEU H 359 40.86 49.04 5.18
N GLU H 360 41.03 49.18 3.87
CA GLU H 360 40.61 50.38 3.15
C GLU H 360 40.41 49.99 1.70
N GLU H 361 39.15 49.92 1.25
CA GLU H 361 38.82 49.28 -0.02
C GLU H 361 38.07 50.26 -0.92
N LYS H 362 38.41 50.25 -2.20
CA LYS H 362 37.66 50.92 -3.25
C LYS H 362 37.22 49.89 -4.27
N LYS H 363 36.21 50.25 -5.07
CA LYS H 363 35.65 49.31 -6.03
C LYS H 363 34.90 50.08 -7.10
N GLN H 364 34.79 49.46 -8.28
CA GLN H 364 34.05 50.01 -9.41
C GLN H 364 33.81 48.89 -10.40
N ALA H 365 32.63 48.90 -11.04
CA ALA H 365 32.27 47.85 -11.99
C ALA H 365 31.23 48.38 -12.94
N THR H 366 31.48 48.24 -14.24
CA THR H 366 30.54 48.61 -15.30
C THR H 366 30.26 47.40 -16.16
N VAL H 367 28.99 47.22 -16.55
CA VAL H 367 28.57 46.14 -17.44
C VAL H 367 27.55 46.71 -18.41
N VAL H 368 27.79 46.57 -19.70
CA VAL H 368 26.87 47.02 -20.74
C VAL H 368 26.57 45.82 -21.64
N SER H 369 25.33 45.34 -21.61
CA SER H 369 24.90 44.22 -22.43
C SER H 369 23.82 44.68 -23.39
N ARG H 370 23.71 44.00 -24.54
CA ARG H 370 22.84 44.44 -25.62
C ARG H 370 22.40 43.28 -26.49
N PRO H 371 21.13 42.86 -26.39
CA PRO H 371 20.59 41.91 -27.37
C PRO H 371 19.92 42.60 -28.56
N VAL H 372 20.07 42.00 -29.74
CA VAL H 372 19.51 42.52 -30.98
C VAL H 372 18.64 41.44 -31.61
N LEU H 373 17.48 41.83 -32.12
CA LEU H 373 16.53 40.89 -32.69
C LEU H 373 15.83 41.54 -33.89
N LEU H 374 15.57 40.75 -34.93
CA LEU H 374 14.96 41.24 -36.15
C LEU H 374 13.68 40.47 -36.45
N THR H 375 12.60 41.18 -36.75
CA THR H 375 11.32 40.56 -37.07
C THR H 375 10.55 41.47 -38.01
N GLN H 376 9.31 41.09 -38.30
CA GLN H 376 8.42 41.81 -39.20
C GLN H 376 7.30 42.48 -38.41
N GLU H 377 6.41 43.17 -39.13
CA GLU H 377 5.23 43.75 -38.51
C GLU H 377 4.29 42.66 -38.03
N ASN H 378 3.70 42.88 -36.86
CA ASN H 378 2.62 42.06 -36.28
C ASN H 378 3.02 40.59 -36.11
N VAL H 379 4.29 40.32 -35.92
CA VAL H 379 4.81 38.96 -35.77
C VAL H 379 5.53 38.88 -34.43
N PRO H 380 5.14 37.98 -33.53
CA PRO H 380 5.85 37.84 -32.27
C PRO H 380 7.19 37.13 -32.46
N ALA H 381 8.23 37.67 -31.84
CA ALA H 381 9.57 37.12 -31.94
C ALA H 381 10.14 36.91 -30.55
N ILE H 382 11.12 36.02 -30.44
CA ILE H 382 11.73 35.67 -29.16
C ILE H 382 13.24 35.60 -29.33
N PHE H 383 13.96 36.32 -28.47
CA PHE H 383 15.37 36.09 -28.24
C PHE H 383 15.53 35.55 -26.83
N ASP H 384 16.38 34.53 -26.67
CA ASP H 384 16.53 33.85 -25.39
C ASP H 384 17.98 33.42 -25.23
N ASN H 385 18.57 33.70 -24.07
CA ASN H 385 19.93 33.30 -23.76
C ASN H 385 19.95 32.86 -22.29
N ASN H 386 19.72 31.57 -22.07
CA ASN H 386 19.46 31.08 -20.72
C ASN H 386 20.50 30.07 -20.30
N ARG H 387 20.28 29.50 -19.11
CA ARG H 387 21.14 28.51 -18.48
C ARG H 387 20.29 27.59 -17.63
N THR H 388 20.49 26.29 -17.77
CA THR H 388 19.65 25.30 -17.13
C THR H 388 20.47 24.56 -16.08
N PHE H 389 19.85 24.30 -14.93
CA PHE H 389 20.51 23.65 -13.79
C PHE H 389 19.70 22.41 -13.44
N TYR H 390 20.29 21.23 -13.64
CA TYR H 390 19.59 19.97 -13.44
C TYR H 390 19.94 19.38 -12.07
N THR H 391 18.92 18.87 -11.39
CA THR H 391 19.09 18.30 -10.06
C THR H 391 18.49 16.90 -10.03
N LYS H 392 18.95 16.09 -9.07
CA LYS H 392 18.57 14.69 -8.97
C LYS H 392 17.72 14.50 -7.71
N LEU H 393 16.41 14.55 -7.89
CA LEU H 393 15.45 14.29 -6.81
C LEU H 393 15.29 12.77 -6.72
N ILE H 394 15.95 12.16 -5.74
CA ILE H 394 15.98 10.70 -5.66
C ILE H 394 14.71 10.24 -4.93
N GLY H 395 13.63 10.10 -5.71
CA GLY H 395 12.40 9.52 -5.23
C GLY H 395 12.31 8.07 -5.66
N GLU H 396 11.10 7.53 -5.57
CA GLU H 396 10.88 6.15 -5.99
C GLU H 396 9.85 5.99 -7.11
N ARG H 397 8.83 6.86 -7.18
CA ARG H 397 7.72 6.64 -8.10
C ARG H 397 7.76 7.57 -9.29
N ASN H 398 7.64 8.86 -8.99
CA ASN H 398 7.58 9.89 -10.01
C ASN H 398 8.94 10.54 -10.03
N VAL H 399 9.97 9.72 -10.30
CA VAL H 399 11.34 10.17 -10.39
C VAL H 399 11.44 11.11 -11.58
N ALA H 400 12.13 12.23 -11.40
CA ALA H 400 12.12 13.27 -12.41
C ALA H 400 13.42 14.05 -12.32
N LEU H 401 13.81 14.61 -13.46
CA LEU H 401 14.89 15.57 -13.52
C LEU H 401 14.23 16.94 -13.46
N GLU H 402 14.31 17.59 -12.30
CA GLU H 402 13.77 18.92 -12.15
C GLU H 402 14.84 19.95 -12.48
N HIS H 403 14.42 21.08 -13.04
CA HIS H 403 15.37 22.05 -13.54
C HIS H 403 14.87 23.46 -13.30
N VAL H 404 15.82 24.38 -13.16
CA VAL H 404 15.53 25.81 -13.12
C VAL H 404 16.22 26.44 -14.32
N THR H 405 15.77 27.65 -14.67
CA THR H 405 16.23 28.32 -15.88
C THR H 405 16.31 29.81 -15.60
N TYR H 406 17.40 30.45 -16.02
CA TYR H 406 17.56 31.89 -15.82
C TYR H 406 18.42 32.44 -16.94
N GLY H 407 18.09 33.65 -17.39
CA GLY H 407 18.89 34.29 -18.42
C GLY H 407 18.12 35.44 -19.05
N THR H 408 18.75 36.05 -20.05
CA THR H 408 18.17 37.19 -20.76
C THR H 408 17.11 36.68 -21.73
N MET H 409 16.00 37.43 -21.85
CA MET H 409 14.88 37.00 -22.67
C MET H 409 14.04 38.20 -23.06
N ILE H 410 13.77 38.34 -24.36
CA ILE H 410 12.90 39.39 -24.89
C ILE H 410 11.81 38.73 -25.71
N ARG H 411 10.58 39.19 -25.55
CA ARG H 411 9.47 38.82 -26.43
C ARG H 411 8.75 40.10 -26.83
N VAL H 412 8.76 40.40 -28.12
CA VAL H 412 8.30 41.69 -28.62
C VAL H 412 7.27 41.45 -29.72
N LEU H 413 6.39 42.43 -29.91
CA LEU H 413 5.36 42.37 -30.95
C LEU H 413 5.27 43.77 -31.56
N PRO H 414 6.05 44.05 -32.59
CA PRO H 414 6.10 45.40 -33.14
C PRO H 414 4.94 45.68 -34.07
N ARG H 415 4.67 46.97 -34.26
CA ARG H 415 3.53 47.42 -35.05
C ARG H 415 3.74 48.89 -35.41
N PHE H 416 3.54 49.23 -36.67
CA PHE H 416 3.68 50.61 -37.11
C PHE H 416 2.37 51.36 -36.91
N SER H 417 2.48 52.59 -36.40
CA SER H 417 1.32 53.44 -36.23
C SER H 417 1.05 54.21 -37.51
N ALA H 418 0.13 55.18 -37.46
CA ALA H 418 -0.23 55.93 -38.65
C ALA H 418 0.78 57.03 -38.97
N ASP H 419 1.54 57.48 -37.98
CA ASP H 419 2.49 58.57 -38.16
C ASP H 419 3.89 58.09 -38.52
N GLY H 420 4.15 56.80 -38.41
CA GLY H 420 5.47 56.26 -38.60
C GLY H 420 6.20 55.88 -37.33
N GLN H 421 5.54 55.89 -36.19
CA GLN H 421 6.13 55.46 -34.94
C GLN H 421 5.88 53.97 -34.73
N ILE H 422 6.71 53.36 -33.90
CA ILE H 422 6.70 51.93 -33.70
C ILE H 422 6.26 51.63 -32.27
N GLU H 423 5.09 51.01 -32.13
CA GLU H 423 4.60 50.60 -30.82
C GLU H 423 4.95 49.14 -30.57
N MET H 424 5.37 48.84 -29.35
CA MET H 424 5.87 47.52 -29.00
C MET H 424 5.21 47.03 -27.73
N SER H 425 5.03 45.71 -27.64
CA SER H 425 4.48 45.06 -26.46
C SER H 425 5.57 44.18 -25.87
N LEU H 426 6.21 44.66 -24.80
CA LEU H 426 7.47 44.11 -24.33
C LEU H 426 7.26 43.14 -23.18
N ASP H 427 8.18 42.17 -23.07
CA ASP H 427 8.27 41.23 -21.96
C ASP H 427 9.74 40.93 -21.75
N ILE H 428 10.39 41.66 -20.84
CA ILE H 428 11.84 41.62 -20.67
C ILE H 428 12.15 40.89 -19.37
N GLU H 429 13.12 39.98 -19.43
CA GLU H 429 13.65 39.31 -18.25
C GLU H 429 15.17 39.31 -18.33
N ASP H 430 15.83 39.72 -17.25
CA ASP H 430 17.28 39.71 -17.17
C ASP H 430 17.68 39.15 -15.80
N GLY H 431 18.17 37.91 -15.79
CA GLY H 431 18.52 37.25 -14.56
C GLY H 431 19.96 36.76 -14.59
N ASN H 432 20.51 36.52 -13.40
CA ASN H 432 21.84 35.96 -13.25
C ASN H 432 21.88 35.15 -11.96
N ASP H 433 23.03 34.60 -11.65
CA ASP H 433 23.19 33.67 -10.53
C ASP H 433 23.92 34.37 -9.40
N LYS H 434 23.24 34.57 -8.28
CA LYS H 434 23.86 35.10 -7.08
C LYS H 434 24.54 33.99 -6.31
N THR H 435 25.74 34.25 -5.82
CA THR H 435 26.55 33.24 -5.19
C THR H 435 26.68 33.51 -3.69
N PRO H 436 26.32 32.56 -2.84
CA PRO H 436 26.64 32.69 -1.41
C PRO H 436 28.09 32.34 -1.11
N GLN H 437 28.43 32.25 0.18
CA GLN H 437 29.80 31.98 0.60
C GLN H 437 30.22 30.57 0.15
N SER H 438 31.40 30.48 -0.46
CA SER H 438 31.87 29.22 -1.02
C SER H 438 32.41 28.25 0.02
N ASP H 439 32.79 28.73 1.21
CA ASP H 439 33.42 27.88 2.21
C ASP H 439 32.44 26.97 2.92
N THR H 440 31.16 27.31 2.97
CA THR H 440 30.17 26.51 3.65
C THR H 440 29.59 25.44 2.73
N THR H 441 28.97 24.42 3.33
CA THR H 441 28.54 23.19 2.69
C THR H 441 27.46 23.41 1.62
N THR H 442 26.67 24.49 1.72
CA THR H 442 25.55 24.72 0.81
C THR H 442 25.98 25.13 -0.61
N SER H 443 27.27 25.14 -0.93
CA SER H 443 27.74 25.40 -2.28
C SER H 443 27.83 24.13 -3.13
N VAL H 444 27.65 22.94 -2.53
CA VAL H 444 27.74 21.71 -3.30
C VAL H 444 26.37 21.08 -3.58
N ASP H 445 25.32 21.54 -2.92
CA ASP H 445 23.98 21.04 -3.19
C ASP H 445 23.29 21.93 -4.21
N ALA H 446 22.00 21.65 -4.46
CA ALA H 446 21.23 22.33 -5.50
C ALA H 446 20.63 23.62 -4.93
N LEU H 447 21.53 24.58 -4.65
CA LEU H 447 21.12 25.92 -4.23
C LEU H 447 21.84 26.96 -5.09
N PRO H 448 21.38 27.16 -6.34
CA PRO H 448 21.75 28.38 -7.06
C PRO H 448 20.78 29.50 -6.78
N GLU H 449 21.03 30.35 -5.78
CA GLU H 449 20.17 31.51 -5.55
C GLU H 449 20.09 32.41 -6.78
N VAL H 450 18.93 32.42 -7.43
CA VAL H 450 18.71 33.14 -8.68
C VAL H 450 18.06 34.48 -8.36
N GLY H 451 18.60 35.55 -8.93
CA GLY H 451 17.99 36.86 -8.88
C GLY H 451 17.61 37.31 -10.29
N ARG H 452 16.35 37.68 -10.46
CA ARG H 452 15.80 38.05 -11.76
C ARG H 452 15.34 39.50 -11.74
N THR H 453 14.94 39.97 -12.92
CA THR H 453 14.42 41.32 -13.10
C THR H 453 13.42 41.30 -14.24
N LEU H 454 12.14 41.53 -13.93
CA LEU H 454 11.06 41.37 -14.89
C LEU H 454 10.41 42.71 -15.16
N ILE H 455 10.10 42.98 -16.42
CA ILE H 455 9.45 44.22 -16.85
C ILE H 455 8.45 43.87 -17.93
N SER H 456 7.21 44.33 -17.77
CA SER H 456 6.15 44.09 -18.75
C SER H 456 5.37 45.37 -18.93
N THR H 457 5.42 45.95 -20.12
CA THR H 457 4.80 47.25 -20.37
C THR H 457 4.53 47.39 -21.87
N ILE H 458 4.09 48.58 -22.28
CA ILE H 458 3.86 48.93 -23.68
C ILE H 458 4.38 50.33 -23.92
N ALA H 459 5.25 50.50 -24.92
CA ALA H 459 5.83 51.81 -25.23
C ALA H 459 5.73 52.07 -26.72
N ARG H 460 5.87 53.33 -27.09
CA ARG H 460 5.75 53.77 -28.48
C ARG H 460 6.83 54.78 -28.80
N VAL H 461 7.78 54.40 -29.64
CA VAL H 461 8.97 55.18 -29.94
C VAL H 461 8.91 55.61 -31.40
N PRO H 462 9.39 56.80 -31.76
CA PRO H 462 9.58 57.12 -33.19
C PRO H 462 10.72 56.31 -33.79
N HIS H 463 10.86 56.41 -35.10
CA HIS H 463 11.86 55.64 -35.82
C HIS H 463 13.23 56.25 -35.61
N GLY H 464 14.11 55.52 -34.92
CA GLY H 464 15.46 55.97 -34.68
C GLY H 464 15.70 56.60 -33.33
N LYS H 465 14.66 56.98 -32.61
CA LYS H 465 14.80 57.58 -31.29
C LYS H 465 14.78 56.48 -30.24
N SER H 466 14.73 56.86 -28.96
CA SER H 466 14.84 55.90 -27.88
C SER H 466 13.97 56.32 -26.70
N LEU H 467 13.71 55.36 -25.82
CA LEU H 467 12.92 55.58 -24.63
C LEU H 467 13.50 54.79 -23.47
N LEU H 468 13.32 55.31 -22.26
CA LEU H 468 13.73 54.62 -21.05
C LEU H 468 12.54 53.86 -20.48
N VAL H 469 12.65 52.55 -20.41
CA VAL H 469 11.54 51.70 -20.01
C VAL H 469 11.56 51.40 -18.51
N GLY H 470 12.69 50.94 -17.99
CA GLY H 470 12.79 50.63 -16.58
C GLY H 470 13.90 51.40 -15.90
N GLY H 471 14.26 51.00 -14.69
CA GLY H 471 15.31 51.70 -13.98
C GLY H 471 15.31 51.30 -12.52
N TYR H 472 16.45 51.55 -11.88
CA TYR H 472 16.66 51.27 -10.47
C TYR H 472 17.92 51.96 -9.96
N THR H 473 17.82 52.73 -8.87
CA THR H 473 18.99 53.30 -8.20
C THR H 473 18.94 52.92 -6.73
N ARG H 474 20.11 52.97 -6.09
CA ARG H 474 20.20 52.71 -4.66
C ARG H 474 21.45 53.37 -4.10
N ASP H 475 21.29 54.12 -3.01
CA ASP H 475 22.40 54.77 -2.32
C ASP H 475 22.37 54.39 -0.85
N ALA H 476 23.55 54.26 -0.25
CA ALA H 476 23.63 53.84 1.14
C ALA H 476 24.89 54.42 1.78
N ASN H 477 24.83 54.61 3.09
CA ASN H 477 25.97 55.12 3.87
C ASN H 477 25.76 54.76 5.33
N THR H 478 26.56 53.84 5.85
CA THR H 478 26.52 53.48 7.26
C THR H 478 27.86 53.77 7.91
N ASP H 479 27.85 53.96 9.23
CA ASP H 479 29.07 54.15 10.01
C ASP H 479 28.81 53.87 11.48
N THR H 480 29.67 53.03 12.08
CA THR H 480 29.57 52.67 13.48
C THR H 480 30.80 53.18 14.22
N VAL H 481 30.67 53.41 15.52
CA VAL H 481 31.77 53.81 16.39
C VAL H 481 31.60 53.06 17.72
N GLN H 482 32.59 52.26 18.08
CA GLN H 482 32.62 51.59 19.37
C GLN H 482 33.85 52.03 20.15
N SER H 483 33.78 51.91 21.47
CA SER H 483 34.91 52.26 22.33
C SER H 483 34.73 51.61 23.69
N ILE H 484 35.80 51.67 24.49
CA ILE H 484 35.77 51.38 25.92
C ILE H 484 35.42 52.73 26.56
N PRO H 485 34.58 52.76 27.60
CA PRO H 485 34.07 54.07 28.09
C PRO H 485 35.11 55.04 28.62
N PHE H 486 36.10 54.59 29.40
CA PHE H 486 37.11 55.50 29.92
C PHE H 486 38.44 55.40 29.22
N LEU H 487 38.87 54.19 28.84
CA LEU H 487 40.17 54.03 28.21
C LEU H 487 40.20 54.52 26.76
N GLY H 488 39.03 54.74 26.15
CA GLY H 488 39.00 55.20 24.78
C GLY H 488 39.24 56.67 24.58
N LYS H 489 39.43 57.44 25.66
CA LYS H 489 39.68 58.86 25.57
C LYS H 489 41.09 59.26 26.00
N LEU H 490 41.99 58.28 26.15
CA LEU H 490 43.37 58.58 26.47
C LEU H 490 44.06 59.21 25.26
N PRO H 491 45.05 60.10 25.50
CA PRO H 491 45.67 60.82 24.37
C PRO H 491 46.44 59.95 23.38
N LEU H 492 47.40 59.16 23.85
CA LEU H 492 48.24 58.37 22.97
C LEU H 492 48.05 56.87 23.15
N ILE H 493 47.38 56.45 24.22
CA ILE H 493 47.08 55.03 24.42
C ILE H 493 45.67 54.67 23.98
N GLY H 494 44.76 55.63 23.90
CA GLY H 494 43.34 55.38 23.63
C GLY H 494 43.02 54.91 22.23
N SER H 495 44.00 54.86 21.32
CA SER H 495 43.74 54.35 19.99
C SER H 495 43.62 52.84 19.96
N LEU H 496 44.11 52.15 21.00
CA LEU H 496 44.06 50.70 21.06
C LEU H 496 42.72 50.17 21.55
N PHE H 497 41.75 51.04 21.83
CA PHE H 497 40.46 50.62 22.36
C PHE H 497 39.26 51.06 21.53
N ARG H 498 39.42 52.05 20.66
CA ARG H 498 38.31 52.50 19.83
C ARG H 498 38.14 51.58 18.61
N TYR H 499 37.07 51.82 17.87
CA TYR H 499 36.76 51.08 16.65
C TYR H 499 35.82 51.94 15.83
N SER H 500 35.98 51.89 14.50
CA SER H 500 35.17 52.71 13.62
C SER H 500 35.14 52.09 12.23
N SER H 501 33.94 52.01 11.65
CA SER H 501 33.77 51.46 10.32
C SER H 501 32.96 52.42 9.48
N LYS H 502 33.02 52.23 8.16
CA LYS H 502 32.25 53.01 7.21
C LYS H 502 31.82 52.10 6.06
N ASN H 503 30.89 52.61 5.25
CA ASN H 503 30.41 51.89 4.08
C ASN H 503 29.69 52.87 3.17
N LYS H 504 29.70 52.59 1.86
CA LYS H 504 29.05 53.45 0.88
C LYS H 504 28.88 52.65 -0.41
N SER H 505 27.74 52.83 -1.08
CA SER H 505 27.50 52.14 -2.34
C SER H 505 26.57 52.98 -3.21
N ASN H 506 26.70 52.83 -4.52
CA ASN H 506 25.86 53.54 -5.48
C ASN H 506 25.64 52.64 -6.68
N VAL H 507 24.42 52.14 -6.85
CA VAL H 507 24.07 51.19 -7.90
C VAL H 507 23.10 51.87 -8.86
N VAL H 508 23.28 51.66 -10.16
CA VAL H 508 22.40 52.19 -11.19
C VAL H 508 22.17 51.10 -12.23
N ARG H 509 20.91 50.76 -12.49
CA ARG H 509 20.54 49.89 -13.59
C ARG H 509 19.45 50.57 -14.42
N VAL H 510 19.56 50.51 -15.74
CA VAL H 510 18.55 51.08 -16.64
C VAL H 510 18.30 50.12 -17.80
N PHE H 511 17.14 50.28 -18.42
CA PHE H 511 16.74 49.51 -19.59
C PHE H 511 16.27 50.50 -20.65
N MET H 512 16.85 50.43 -21.84
CA MET H 512 16.52 51.36 -22.91
C MET H 512 16.17 50.60 -24.18
N ILE H 513 15.29 51.19 -24.98
CA ILE H 513 14.75 50.57 -26.19
C ILE H 513 15.01 51.49 -27.37
N GLU H 514 15.52 50.95 -28.46
CA GLU H 514 15.83 51.74 -29.66
C GLU H 514 15.48 50.94 -30.90
N PRO H 515 14.27 51.11 -31.44
CA PRO H 515 13.88 50.39 -32.65
C PRO H 515 14.17 51.18 -33.92
N LYS H 516 14.33 50.45 -35.01
CA LYS H 516 14.55 51.05 -36.31
C LYS H 516 14.04 50.10 -37.39
N GLU H 517 13.91 50.63 -38.60
CA GLU H 517 13.32 49.91 -39.72
C GLU H 517 14.40 49.49 -40.71
N ILE H 518 14.33 48.23 -41.14
CA ILE H 518 15.33 47.64 -42.03
C ILE H 518 14.73 47.58 -43.44
N VAL H 519 15.40 48.20 -44.40
CA VAL H 519 14.98 48.16 -45.78
C VAL H 519 16.01 47.57 -46.72
N ASP H 520 17.28 47.49 -46.32
CA ASP H 520 18.35 47.02 -47.19
C ASP H 520 19.08 45.84 -46.55
N PRO H 521 19.64 44.95 -47.36
CA PRO H 521 20.43 43.85 -46.81
C PRO H 521 21.80 44.34 -46.35
N LEU H 522 22.61 43.40 -45.86
CA LEU H 522 23.91 43.75 -45.29
C LEU H 522 24.89 44.12 -46.40
N THR H 523 25.74 45.10 -46.12
CA THR H 523 26.82 45.48 -47.01
C THR H 523 28.09 45.72 -46.21
N PRO H 524 29.20 45.01 -46.50
CA PRO H 524 29.38 43.90 -47.43
C PRO H 524 28.72 42.60 -46.97
N ASP H 525 28.78 41.56 -47.80
CA ASP H 525 27.98 40.36 -47.58
C ASP H 525 28.45 39.61 -46.34
N ALA H 526 27.59 38.70 -45.87
CA ALA H 526 27.91 37.92 -44.68
C ALA H 526 29.03 36.93 -44.93
N SER H 527 29.17 36.45 -46.17
CA SER H 527 30.25 35.55 -46.50
C SER H 527 31.55 36.29 -46.82
N GLU H 528 31.52 37.62 -46.89
CA GLU H 528 32.72 38.40 -47.14
C GLU H 528 33.33 38.93 -45.84
N SER H 529 32.51 39.21 -44.83
CA SER H 529 33.04 39.65 -43.55
C SER H 529 33.59 38.49 -42.72
N VAL H 530 33.15 37.26 -43.02
CA VAL H 530 33.66 36.11 -42.29
C VAL H 530 35.03 35.70 -42.82
N ASN H 531 35.25 35.83 -44.13
CA ASN H 531 36.54 35.50 -44.72
C ASN H 531 37.63 36.48 -44.31
N ASN H 532 37.28 37.67 -43.82
CA ASN H 532 38.27 38.58 -43.26
C ASN H 532 38.54 38.30 -41.79
N ILE H 533 37.60 37.67 -41.09
CA ILE H 533 37.83 37.29 -39.71
C ILE H 533 38.75 36.08 -39.63
N LEU H 534 38.52 35.09 -40.50
CA LEU H 534 39.31 33.88 -40.48
C LEU H 534 40.74 34.12 -40.95
N LYS H 535 40.95 35.08 -41.85
CA LYS H 535 42.30 35.38 -42.30
C LYS H 535 43.08 36.18 -41.28
N GLN H 536 42.41 37.04 -40.51
CA GLN H 536 43.12 37.85 -39.52
C GLN H 536 43.43 37.06 -38.26
N SER H 537 42.49 36.25 -37.77
CA SER H 537 42.73 35.49 -36.56
C SER H 537 43.57 34.25 -36.80
N GLY H 538 43.76 33.84 -38.05
CA GLY H 538 44.59 32.71 -38.36
C GLY H 538 43.90 31.37 -38.36
N ALA H 539 42.57 31.34 -38.32
CA ALA H 539 41.81 30.10 -38.33
C ALA H 539 41.38 29.68 -39.74
N TRP H 540 41.87 30.35 -40.77
CA TRP H 540 41.42 30.10 -42.13
C TRP H 540 42.06 28.84 -42.68
N SER H 541 41.26 27.98 -43.30
CA SER H 541 41.75 26.75 -43.91
C SER H 541 41.11 26.53 -45.27
N GLY H 542 40.99 27.58 -46.06
CA GLY H 542 40.53 27.43 -47.42
C GLY H 542 41.62 27.13 -48.43
N ASP H 543 42.88 27.13 -47.98
CA ASP H 543 44.03 26.82 -48.82
C ASP H 543 44.53 25.40 -48.61
N ASP H 544 43.79 24.56 -47.89
CA ASP H 544 44.23 23.22 -47.59
C ASP H 544 44.16 22.35 -48.84
N LYS H 545 45.11 21.42 -48.95
CA LYS H 545 45.15 20.56 -50.12
C LYS H 545 44.10 19.47 -50.06
N LEU H 546 43.75 19.02 -48.86
CA LEU H 546 42.82 17.91 -48.68
C LEU H 546 41.38 18.35 -48.51
N GLN H 547 41.12 19.48 -47.85
CA GLN H 547 39.77 19.92 -47.58
C GLN H 547 39.18 20.79 -48.68
N LYS H 548 39.96 21.15 -49.69
CA LYS H 548 39.42 21.97 -50.78
C LYS H 548 38.58 21.19 -51.76
N TRP H 549 38.61 19.86 -51.72
CA TRP H 549 37.80 19.06 -52.62
C TRP H 549 36.33 19.06 -52.22
N VAL H 550 36.03 19.34 -50.95
CA VAL H 550 34.67 19.35 -50.47
C VAL H 550 34.19 20.76 -50.13
N ARG H 551 35.06 21.62 -49.59
CA ARG H 551 34.73 23.02 -49.31
C ARG H 551 34.52 23.86 -50.57
N VAL H 552 34.76 23.31 -51.77
CA VAL H 552 34.48 24.05 -52.99
C VAL H 552 33.00 24.01 -53.34
N TYR H 553 32.24 23.10 -52.71
CA TYR H 553 30.79 23.10 -52.91
C TYR H 553 30.11 24.15 -52.04
N LEU H 554 30.59 24.32 -50.81
CA LEU H 554 29.94 25.22 -49.86
C LEU H 554 30.28 26.68 -50.12
N ASP H 555 31.51 26.94 -50.58
CA ASP H 555 32.00 28.29 -50.85
C ASP H 555 31.89 28.65 -52.32
N ARG H 556 30.80 28.21 -52.95
CA ARG H 556 30.59 28.42 -54.38
C ARG H 556 30.40 29.89 -54.73
N GLY H 557 29.77 30.65 -53.84
CA GLY H 557 29.58 32.07 -54.08
C GLY H 557 30.69 32.91 -53.50
N LEU I 175 -30.31 10.08 -66.48
CA LEU I 175 -29.39 9.68 -65.42
C LEU I 175 -27.96 9.65 -65.92
N GLY I 176 -27.01 9.63 -64.98
CA GLY I 176 -25.60 9.58 -65.32
C GLY I 176 -24.91 8.33 -64.83
N ARG I 177 -24.18 7.66 -65.71
CA ARG I 177 -23.44 6.47 -65.33
C ARG I 177 -22.19 6.85 -64.53
N GLN I 178 -21.85 6.01 -63.57
CA GLN I 178 -20.63 6.22 -62.80
C GLN I 178 -19.41 5.88 -63.66
N LYS I 179 -18.26 6.43 -63.24
CA LYS I 179 -17.03 6.30 -64.00
C LYS I 179 -15.86 6.49 -63.05
N ILE I 180 -14.84 5.65 -63.19
CA ILE I 180 -13.65 5.70 -62.35
C ILE I 180 -12.50 6.22 -63.20
N GLY I 181 -11.86 7.30 -62.72
CA GLY I 181 -10.73 7.88 -63.40
C GLY I 181 -9.46 7.75 -62.56
N VAL I 182 -8.34 7.55 -63.24
CA VAL I 182 -7.04 7.41 -62.60
C VAL I 182 -6.17 8.56 -63.08
N MET I 183 -5.68 9.37 -62.14
CA MET I 183 -4.92 10.57 -62.46
C MET I 183 -3.54 10.46 -61.82
N ARG I 184 -2.52 10.24 -62.65
CA ARG I 184 -1.16 10.13 -62.14
C ARG I 184 -0.58 11.51 -61.91
N LEU I 185 0.10 11.68 -60.77
CA LEU I 185 0.73 12.94 -60.40
C LEU I 185 2.22 12.87 -60.71
N ASN I 186 2.72 13.87 -61.43
CA ASN I 186 4.10 13.85 -61.88
C ASN I 186 5.03 14.71 -61.04
N ASN I 187 4.52 15.69 -60.30
CA ASN I 187 5.38 16.66 -59.63
C ASN I 187 5.08 16.79 -58.14
N THR I 188 4.38 15.82 -57.54
CA THR I 188 4.08 15.88 -56.12
C THR I 188 3.86 14.47 -55.59
N PHE I 189 3.64 14.39 -54.29
CA PHE I 189 3.43 13.12 -53.59
C PHE I 189 2.01 13.05 -53.06
N VAL I 190 1.36 11.90 -53.22
CA VAL I 190 0.15 11.58 -52.47
C VAL I 190 0.57 11.08 -51.10
N GLY I 191 -0.25 11.34 -50.10
CA GLY I 191 0.02 10.85 -48.76
C GLY I 191 0.79 11.86 -47.93
N ASP I 192 0.74 11.66 -46.63
CA ASP I 192 1.27 12.61 -45.67
C ASP I 192 2.76 12.40 -45.46
N ARG I 193 3.44 13.48 -45.06
CA ARG I 193 4.84 13.46 -44.72
C ARG I 193 5.01 13.70 -43.22
N THR I 194 5.93 12.96 -42.60
CA THR I 194 6.11 13.01 -41.16
C THR I 194 7.58 13.26 -40.82
N TYR I 195 7.81 14.12 -39.84
CA TYR I 195 9.15 14.36 -39.30
C TYR I 195 9.03 14.64 -37.80
N ASN I 196 10.17 14.80 -37.13
CA ASN I 196 10.20 14.95 -35.68
C ASN I 196 11.06 16.13 -35.27
N LEU I 197 10.68 16.78 -34.17
CA LEU I 197 11.54 17.75 -33.49
C LEU I 197 11.77 17.23 -32.08
N ARG I 198 12.66 16.24 -31.97
CA ARG I 198 13.31 15.70 -30.78
C ARG I 198 12.38 14.98 -29.79
N ASP I 199 11.07 15.25 -29.82
CA ASP I 199 10.13 14.44 -29.06
C ASP I 199 8.78 14.29 -29.76
N GLN I 200 8.43 15.27 -30.59
CA GLN I 200 7.07 15.41 -31.10
C GLN I 200 7.03 15.18 -32.60
N LYS I 201 5.91 14.66 -33.07
CA LYS I 201 5.72 14.31 -34.47
C LYS I 201 4.85 15.35 -35.15
N MET I 202 5.27 15.79 -36.33
CA MET I 202 4.49 16.71 -37.14
C MET I 202 4.04 16.00 -38.42
N VAL I 203 2.77 16.16 -38.75
CA VAL I 203 2.18 15.50 -39.92
C VAL I 203 1.63 16.58 -40.84
N ILE I 204 2.03 16.56 -42.10
CA ILE I 204 1.60 17.52 -43.10
C ILE I 204 0.62 16.81 -44.04
N PRO I 205 -0.59 17.35 -44.24
CA PRO I 205 -1.55 16.68 -45.12
C PRO I 205 -1.17 16.82 -46.58
N GLY I 206 -1.33 15.73 -47.32
CA GLY I 206 -0.98 15.68 -48.73
C GLY I 206 -2.09 16.19 -49.62
N ILE I 207 -2.03 15.80 -50.89
CA ILE I 207 -3.05 16.22 -51.83
C ILE I 207 -4.32 15.38 -51.72
N ALA I 208 -4.24 14.19 -51.16
CA ALA I 208 -5.42 13.34 -51.09
C ALA I 208 -6.24 13.58 -49.84
N THR I 209 -5.71 14.32 -48.88
CA THR I 209 -6.46 14.72 -47.70
C THR I 209 -7.07 16.10 -47.87
N ALA I 210 -6.47 16.94 -48.72
CA ALA I 210 -6.99 18.28 -48.94
C ALA I 210 -8.25 18.28 -49.80
N ILE I 211 -8.27 17.45 -50.85
CA ILE I 211 -9.45 17.39 -51.70
C ILE I 211 -10.54 16.53 -51.05
N GLU I 212 -10.18 15.61 -50.17
CA GLU I 212 -11.18 14.80 -49.49
C GLU I 212 -11.95 15.63 -48.48
N ARG I 213 -11.29 16.58 -47.81
CA ARG I 213 -11.99 17.47 -46.90
C ARG I 213 -12.75 18.57 -47.62
N LEU I 214 -12.41 18.83 -48.88
CA LEU I 214 -13.13 19.85 -49.64
C LEU I 214 -14.49 19.35 -50.09
N LEU I 215 -14.59 18.04 -50.36
CA LEU I 215 -15.81 17.42 -50.85
C LEU I 215 -16.55 16.69 -49.74
N GLN I 216 -16.31 17.06 -48.49
CA GLN I 216 -16.92 16.38 -47.35
C GLN I 216 -18.26 17.01 -47.04
N GLY I 217 -19.26 16.17 -46.74
CA GLY I 217 -20.62 16.64 -46.60
C GLY I 217 -21.15 17.04 -47.96
N GLU I 218 -21.33 18.35 -48.15
CA GLU I 218 -21.42 18.99 -49.47
C GLU I 218 -22.60 18.49 -50.30
N GLU I 219 -23.81 18.76 -49.81
CA GLU I 219 -25.01 18.49 -50.60
C GLU I 219 -25.21 19.59 -51.63
N GLN I 220 -24.38 19.60 -52.68
CA GLN I 220 -24.34 20.69 -53.63
C GLN I 220 -24.38 20.17 -55.06
N PRO I 221 -25.14 20.83 -55.96
CA PRO I 221 -25.28 20.32 -57.33
C PRO I 221 -24.05 20.54 -58.20
N LEU I 222 -23.03 19.70 -58.03
CA LEU I 222 -21.82 19.83 -58.83
C LEU I 222 -22.00 19.15 -60.18
N GLY I 223 -21.62 19.85 -61.24
CA GLY I 223 -21.66 19.31 -62.59
C GLY I 223 -20.43 19.68 -63.40
N ALA I 262 -25.12 14.58 -60.43
CA ALA I 262 -25.69 14.35 -59.12
C ALA I 262 -25.28 15.44 -58.14
N ALA I 263 -24.83 15.04 -56.95
CA ALA I 263 -24.43 15.98 -55.90
C ALA I 263 -22.92 16.02 -55.80
N ALA I 264 -22.43 16.94 -54.96
CA ALA I 264 -20.99 17.01 -54.73
C ALA I 264 -20.57 16.11 -53.58
N GLY I 265 -21.54 15.53 -52.87
CA GLY I 265 -21.27 14.71 -51.71
C GLY I 265 -21.11 13.24 -51.96
N ASN I 266 -21.33 12.76 -53.18
CA ASN I 266 -21.16 11.35 -53.50
C ASN I 266 -19.91 11.09 -54.32
N ILE I 267 -18.95 12.03 -54.36
CA ILE I 267 -17.68 11.77 -55.01
C ILE I 267 -16.72 11.14 -54.01
N LYS I 268 -16.11 10.03 -54.39
CA LYS I 268 -15.15 9.33 -53.56
C LYS I 268 -13.76 9.52 -54.13
N ILE I 269 -12.82 9.91 -53.28
CA ILE I 269 -11.44 10.12 -53.66
C ILE I 269 -10.56 9.28 -52.73
N VAL I 270 -9.79 8.37 -53.31
CA VAL I 270 -8.96 7.42 -52.56
C VAL I 270 -7.55 7.48 -53.12
N ALA I 271 -6.56 7.65 -52.25
CA ALA I 271 -5.16 7.69 -52.63
C ALA I 271 -4.68 6.27 -52.91
N TYR I 272 -3.97 6.11 -54.03
CA TYR I 272 -3.33 4.85 -54.35
C TYR I 272 -1.84 5.09 -54.45
N PRO I 273 -1.06 4.87 -53.38
CA PRO I 273 0.35 5.26 -53.39
C PRO I 273 1.25 4.34 -54.17
N ASP I 274 0.76 3.19 -54.63
CA ASP I 274 1.63 2.20 -55.25
C ASP I 274 2.02 2.61 -56.66
N THR I 275 1.24 3.48 -57.30
CA THR I 275 1.61 4.08 -58.57
C THR I 275 1.53 5.60 -58.53
N ASN I 276 1.36 6.20 -57.35
CA ASN I 276 1.33 7.64 -57.11
C ASN I 276 0.23 8.32 -57.93
N SER I 277 -1.01 7.95 -57.64
CA SER I 277 -2.13 8.42 -58.43
C SER I 277 -3.39 8.43 -57.58
N LEU I 278 -4.33 9.28 -57.97
CA LEU I 278 -5.62 9.41 -57.31
C LEU I 278 -6.66 8.55 -58.01
N LEU I 279 -7.65 8.10 -57.25
CA LEU I 279 -8.77 7.33 -57.78
C LEU I 279 -10.05 8.10 -57.48
N VAL I 280 -10.70 8.62 -58.51
CA VAL I 280 -11.93 9.41 -58.38
C VAL I 280 -13.08 8.61 -58.97
N LYS I 281 -14.17 8.50 -58.22
CA LYS I 281 -15.37 7.80 -58.67
C LYS I 281 -16.54 8.77 -58.66
N GLY I 282 -17.12 8.99 -59.83
CA GLY I 282 -18.27 9.87 -59.93
C GLY I 282 -18.87 9.76 -61.30
N THR I 283 -19.67 10.76 -61.66
CA THR I 283 -20.24 10.81 -63.00
C THR I 283 -19.18 11.24 -64.01
N ALA I 284 -19.57 11.29 -65.28
CA ALA I 284 -18.62 11.67 -66.32
C ALA I 284 -18.31 13.16 -66.32
N GLU I 285 -19.11 13.96 -65.62
CA GLU I 285 -18.85 15.39 -65.52
C GLU I 285 -18.12 15.77 -64.25
N GLN I 286 -18.24 14.97 -63.19
CA GLN I 286 -17.50 15.25 -61.96
C GLN I 286 -16.07 14.73 -62.04
N VAL I 287 -15.83 13.70 -62.84
CA VAL I 287 -14.46 13.19 -63.00
C VAL I 287 -13.62 14.18 -63.79
N HIS I 288 -14.21 14.76 -64.84
CA HIS I 288 -13.54 15.83 -65.58
C HIS I 288 -13.39 17.10 -64.76
N PHE I 289 -14.21 17.28 -63.72
CA PHE I 289 -14.12 18.48 -62.90
C PHE I 289 -12.95 18.41 -61.93
N ILE I 290 -12.62 17.23 -61.44
CA ILE I 290 -11.48 17.07 -60.54
C ILE I 290 -10.18 16.97 -61.32
N GLU I 291 -10.25 16.49 -62.57
CA GLU I 291 -9.05 16.37 -63.39
C GLU I 291 -8.50 17.74 -63.80
N MET I 292 -9.37 18.75 -63.90
CA MET I 292 -8.90 20.10 -64.19
C MET I 292 -8.37 20.80 -62.95
N LEU I 293 -8.78 20.38 -61.76
CA LEU I 293 -8.24 20.95 -60.54
C LEU I 293 -6.86 20.39 -60.23
N VAL I 294 -6.66 19.11 -60.51
CA VAL I 294 -5.40 18.43 -60.20
C VAL I 294 -4.27 18.98 -61.05
N LYS I 295 -4.53 19.28 -62.32
CA LYS I 295 -3.50 19.83 -63.21
C LYS I 295 -3.13 21.27 -62.88
N ALA I 296 -3.87 21.94 -61.99
CA ALA I 296 -3.48 23.26 -61.51
C ALA I 296 -2.70 23.22 -60.21
N LEU I 297 -2.84 22.14 -59.45
CA LEU I 297 -2.07 21.94 -58.23
C LEU I 297 -0.80 21.14 -58.43
N ASP I 298 -0.49 20.76 -59.67
CA ASP I 298 0.63 19.87 -59.96
C ASP I 298 1.67 20.64 -60.76
N VAL I 299 2.57 21.33 -60.04
CA VAL I 299 3.62 22.12 -60.66
C VAL I 299 4.96 21.71 -60.08
N ALA I 300 6.02 21.96 -60.85
CA ALA I 300 7.36 21.64 -60.43
C ALA I 300 7.91 22.71 -59.49
N LYS I 301 8.69 22.28 -58.51
CA LYS I 301 9.19 23.16 -57.46
C LYS I 301 10.64 23.56 -57.72
N ARG I 302 11.07 24.58 -56.99
CA ARG I 302 12.43 25.08 -57.06
C ARG I 302 13.16 24.81 -55.75
N HIS I 303 14.49 24.80 -55.83
CA HIS I 303 15.33 24.43 -54.70
C HIS I 303 15.90 25.67 -54.03
N VAL I 304 15.90 25.66 -52.70
CA VAL I 304 16.48 26.71 -51.88
C VAL I 304 17.55 26.10 -51.00
N GLU I 305 18.73 26.70 -50.99
CA GLU I 305 19.81 26.29 -50.08
C GLU I 305 20.03 27.39 -49.06
N LEU I 306 19.87 27.06 -47.79
CA LEU I 306 19.94 28.03 -46.71
C LEU I 306 21.25 27.87 -45.96
N SER I 307 22.00 28.96 -45.84
CA SER I 307 23.28 28.98 -45.14
C SER I 307 23.19 29.97 -43.99
N LEU I 308 23.53 29.50 -42.79
CA LEU I 308 23.44 30.29 -41.57
C LEU I 308 24.81 30.44 -40.95
N TRP I 309 25.22 31.67 -40.66
CA TRP I 309 26.52 31.96 -40.06
C TRP I 309 26.34 32.28 -38.58
N ILE I 310 27.18 31.69 -37.75
CA ILE I 310 27.22 31.96 -36.31
C ILE I 310 28.64 32.37 -35.96
N VAL I 311 28.86 33.66 -35.77
CA VAL I 311 30.18 34.22 -35.48
C VAL I 311 30.24 34.54 -33.99
N ASP I 312 31.33 34.16 -33.34
CA ASP I 312 31.48 34.30 -31.90
C ASP I 312 32.91 34.74 -31.61
N LEU I 313 33.06 35.93 -31.01
CA LEU I 313 34.37 36.47 -30.69
C LEU I 313 34.45 36.76 -29.21
N ASN I 314 35.67 36.72 -28.68
CA ASN I 314 35.94 37.03 -27.28
C ASN I 314 37.22 37.81 -27.17
N LYS I 315 37.45 38.37 -25.99
CA LYS I 315 38.63 39.13 -25.63
C LYS I 315 38.62 39.31 -24.12
N SER I 316 39.80 39.41 -23.52
CA SER I 316 39.86 39.51 -22.07
C SER I 316 41.16 40.18 -21.66
N ASP I 317 41.23 40.51 -20.38
CA ASP I 317 42.39 41.16 -19.77
C ASP I 317 42.24 41.00 -18.27
N LEU I 318 43.36 40.90 -17.56
CA LEU I 318 43.35 40.63 -16.12
C LEU I 318 44.72 40.96 -15.54
N GLU I 319 44.74 41.55 -14.35
CA GLU I 319 46.00 41.87 -13.67
C GLU I 319 45.74 41.99 -12.18
N ARG I 320 46.41 41.17 -11.38
CA ARG I 320 46.39 41.29 -9.93
C ARG I 320 47.81 41.48 -9.42
N LEU I 321 47.98 42.37 -8.44
CA LEU I 321 49.30 42.63 -7.86
C LEU I 321 49.13 43.22 -6.48
N GLY I 322 49.52 42.48 -5.46
CA GLY I 322 49.47 42.98 -4.10
C GLY I 322 49.34 41.86 -3.10
N THR I 323 49.38 42.24 -1.83
CA THR I 323 49.30 41.31 -0.71
C THR I 323 48.03 41.56 0.10
N SER I 324 47.77 40.66 1.04
CA SER I 324 46.59 40.74 1.90
C SER I 324 46.87 39.97 3.18
N TRP I 325 46.92 40.66 4.32
CA TRP I 325 47.30 40.08 5.59
C TRP I 325 46.07 39.63 6.37
N SER I 326 46.10 38.39 6.86
CA SER I 326 44.99 37.84 7.64
C SER I 326 45.53 36.66 8.46
N GLY I 327 45.59 36.83 9.77
CA GLY I 327 46.10 35.76 10.61
C GLY I 327 45.85 36.01 12.08
N SER I 328 46.23 35.02 12.89
CA SER I 328 46.12 35.09 14.34
C SER I 328 47.48 34.85 14.99
N ILE I 329 47.54 35.12 16.30
CA ILE I 329 48.78 34.99 17.05
C ILE I 329 48.41 34.69 18.50
N THR I 330 49.38 34.23 19.29
CA THR I 330 49.20 33.99 20.72
C THR I 330 50.41 34.55 21.46
N ILE I 331 50.16 35.46 22.40
CA ILE I 331 51.22 36.21 23.07
C ILE I 331 51.19 35.82 24.54
N GLY I 332 52.04 34.87 24.93
CA GLY I 332 52.28 34.56 26.32
C GLY I 332 51.11 33.98 27.10
N ASP I 333 50.26 33.19 26.42
CA ASP I 333 49.10 32.42 26.96
C ASP I 333 48.19 33.21 27.90
N LYS I 334 48.14 34.52 27.73
CA LYS I 334 47.23 35.38 28.49
C LYS I 334 46.50 36.39 27.63
N LEU I 335 47.01 36.74 26.44
CA LEU I 335 46.32 37.62 25.53
C LEU I 335 46.70 37.25 24.10
N GLY I 336 45.73 37.33 23.21
CA GLY I 336 45.96 37.01 21.81
C GLY I 336 45.42 38.11 20.92
N VAL I 337 46.05 38.25 19.76
CA VAL I 337 45.73 39.30 18.80
C VAL I 337 45.31 38.65 17.49
N SER I 338 44.15 39.01 16.99
CA SER I 338 43.70 38.60 15.67
C SER I 338 43.88 39.76 14.70
N LEU I 339 43.66 39.48 13.42
CA LEU I 339 43.78 40.49 12.37
C LEU I 339 42.93 40.07 11.18
N ASN I 340 41.87 40.86 10.92
CA ASN I 340 40.99 40.72 9.75
C ASN I 340 40.34 39.35 9.67
N GLN I 341 39.84 38.86 10.80
CA GLN I 341 39.23 37.55 10.86
C GLN I 341 37.91 37.61 11.61
N SER I 342 37.17 36.49 11.58
CA SER I 342 35.95 36.35 12.34
C SER I 342 36.06 35.24 13.39
N SER I 343 36.61 34.10 13.01
CA SER I 343 36.85 32.99 13.93
C SER I 343 38.33 32.95 14.31
N ILE I 344 38.60 32.87 15.61
CA ILE I 344 39.95 32.97 16.13
C ILE I 344 40.31 31.67 16.83
N SER I 345 39.29 30.99 17.38
CA SER I 345 39.52 29.83 18.23
C SER I 345 40.01 28.62 17.45
N THR I 346 39.40 28.34 16.29
CA THR I 346 39.85 27.23 15.47
C THR I 346 41.11 27.54 14.67
N LEU I 347 41.51 28.81 14.62
CA LEU I 347 42.80 29.21 14.05
C LEU I 347 43.74 29.76 15.12
N ASP I 348 43.64 29.24 16.35
CA ASP I 348 44.46 29.76 17.44
C ASP I 348 45.91 29.26 17.37
N GLY I 349 46.11 28.03 16.92
CA GLY I 349 47.45 27.48 16.78
C GLY I 349 48.17 27.85 15.50
N SER I 350 47.55 28.66 14.65
CA SER I 350 48.14 29.05 13.37
C SER I 350 48.92 30.35 13.54
N ARG I 351 49.28 30.97 12.41
CA ARG I 351 50.12 32.15 12.40
C ARG I 351 49.56 33.20 11.45
N PHE I 352 50.33 34.26 11.19
CA PHE I 352 49.94 35.27 10.22
C PHE I 352 50.14 34.74 8.81
N ILE I 353 49.23 35.10 7.90
CA ILE I 353 49.29 34.69 6.51
C ILE I 353 49.34 35.95 5.66
N ALA I 354 50.31 36.02 4.76
CA ALA I 354 50.46 37.13 3.83
C ALA I 354 50.26 36.59 2.43
N ALA I 355 49.01 36.54 1.98
CA ALA I 355 48.68 35.99 0.68
C ALA I 355 49.07 36.98 -0.42
N VAL I 356 50.02 36.60 -1.25
CA VAL I 356 50.53 37.43 -2.33
C VAL I 356 49.92 36.95 -3.63
N ASN I 357 49.56 37.89 -4.51
CA ASN I 357 49.05 37.58 -5.84
C ASN I 357 49.83 38.35 -6.88
N ALA I 358 50.18 37.68 -7.96
CA ALA I 358 50.86 38.31 -9.09
C ALA I 358 50.47 37.57 -10.36
N LEU I 359 49.85 38.28 -11.30
CA LEU I 359 49.32 37.67 -12.50
C LEU I 359 49.07 38.78 -13.52
N GLU I 360 49.16 38.41 -14.79
CA GLU I 360 48.89 39.34 -15.89
C GLU I 360 48.50 38.50 -17.10
N GLU I 361 47.22 38.53 -17.48
CA GLU I 361 46.68 37.57 -18.43
C GLU I 361 46.04 38.28 -19.60
N LYS I 362 46.27 37.77 -20.81
CA LYS I 362 45.57 38.17 -22.01
C LYS I 362 44.86 36.96 -22.60
N LYS I 363 43.88 37.20 -23.45
CA LYS I 363 43.07 36.11 -24.00
C LYS I 363 42.39 36.59 -25.28
N GLN I 364 42.06 35.63 -26.14
CA GLN I 364 41.35 35.88 -27.38
C GLN I 364 40.83 34.56 -27.91
N ALA I 365 39.63 34.57 -28.49
CA ALA I 365 39.01 33.35 -28.99
C ALA I 365 37.99 33.70 -30.06
N THR I 366 38.12 33.07 -31.23
CA THR I 366 37.17 33.23 -32.32
C THR I 366 36.61 31.87 -32.69
N VAL I 367 35.31 31.82 -32.97
CA VAL I 367 34.62 30.60 -33.41
C VAL I 367 33.64 30.98 -34.50
N VAL I 368 33.76 30.36 -35.67
CA VAL I 368 32.83 30.58 -36.79
C VAL I 368 32.26 29.23 -37.19
N SER I 369 30.96 29.05 -36.97
CA SER I 369 30.27 27.81 -37.32
C SER I 369 29.20 28.10 -38.37
N ARG I 370 28.90 27.10 -39.19
CA ARG I 370 28.02 27.30 -40.35
C ARG I 370 27.31 26.01 -40.73
N PRO I 371 26.01 25.91 -40.49
CA PRO I 371 25.23 24.80 -41.05
C PRO I 371 24.58 25.15 -42.38
N VAL I 372 24.53 24.17 -43.27
CA VAL I 372 23.98 24.31 -44.61
C VAL I 372 22.88 23.27 -44.80
N LEU I 373 21.76 23.68 -45.40
CA LEU I 373 20.61 22.80 -45.59
C LEU I 373 19.95 23.12 -46.92
N LEU I 374 19.47 22.08 -47.61
CA LEU I 374 18.84 22.21 -48.92
C LEU I 374 17.43 21.65 -48.90
N THR I 375 16.48 22.41 -49.42
CA THR I 375 15.09 21.99 -49.48
C THR I 375 14.41 22.65 -50.67
N GLN I 376 13.10 22.43 -50.78
CA GLN I 376 12.29 22.95 -51.87
C GLN I 376 11.37 24.05 -51.36
N GLU I 377 10.57 24.61 -52.27
CA GLU I 377 9.57 25.60 -51.88
C GLU I 377 8.48 24.94 -51.03
N ASN I 378 8.04 25.67 -49.99
CA ASN I 378 6.89 25.32 -49.16
C ASN I 378 7.02 23.97 -48.48
N VAL I 379 8.25 23.53 -48.22
CA VAL I 379 8.53 22.24 -47.60
C VAL I 379 9.33 22.50 -46.34
N PRO I 380 8.86 22.06 -45.17
CA PRO I 380 9.65 22.25 -43.94
C PRO I 380 10.81 21.26 -43.89
N ALA I 381 11.98 21.77 -43.52
CA ALA I 381 13.18 20.97 -43.43
C ALA I 381 13.82 21.15 -42.06
N ILE I 382 14.63 20.18 -41.66
CA ILE I 382 15.28 20.19 -40.35
C ILE I 382 16.73 19.77 -40.50
N PHE I 383 17.63 20.58 -39.96
CA PHE I 383 19.00 20.19 -39.68
C PHE I 383 19.18 20.15 -38.18
N ASP I 384 19.85 19.11 -37.68
CA ASP I 384 19.99 18.90 -36.25
C ASP I 384 21.34 18.28 -35.96
N ASN I 385 22.05 18.84 -34.99
CA ASN I 385 23.36 18.31 -34.57
C ASN I 385 23.40 18.41 -33.05
N ASN I 386 22.99 17.35 -32.37
CA ASN I 386 22.74 17.42 -30.94
C ASN I 386 23.63 16.44 -30.18
N ARG I 387 23.40 16.38 -28.87
CA ARG I 387 24.13 15.53 -27.95
C ARG I 387 23.20 15.15 -26.81
N THR I 388 23.15 13.86 -26.48
CA THR I 388 22.21 13.35 -25.51
C THR I 388 22.97 12.88 -24.27
N PHE I 389 22.42 13.16 -23.09
CA PHE I 389 23.03 12.84 -21.82
C PHE I 389 22.05 11.97 -21.02
N TYR I 390 22.41 10.72 -20.80
CA TYR I 390 21.51 9.77 -20.15
C TYR I 390 21.87 9.64 -18.66
N THR I 391 20.84 9.61 -17.83
CA THR I 391 21.01 9.52 -16.39
C THR I 391 20.17 8.36 -15.85
N LYS I 392 20.57 7.87 -14.67
CA LYS I 392 19.95 6.69 -14.06
C LYS I 392 19.19 7.12 -12.82
N LEU I 393 17.89 7.36 -12.97
CA LEU I 393 17.01 7.69 -11.86
C LEU I 393 16.58 6.36 -11.23
N ILE I 394 17.21 6.01 -10.11
CA ILE I 394 16.98 4.70 -9.50
C ILE I 394 15.71 4.78 -8.64
N GLY I 395 14.57 4.59 -9.31
CA GLY I 395 13.29 4.46 -8.64
C GLY I 395 12.92 3.00 -8.50
N GLU I 396 11.64 2.78 -8.22
CA GLU I 396 11.14 1.41 -8.10
C GLU I 396 10.02 1.07 -9.08
N ARG I 397 9.16 2.04 -9.44
CA ARG I 397 7.96 1.73 -10.20
C ARG I 397 8.07 2.18 -11.65
N ASN I 398 8.20 3.48 -11.84
CA ASN I 398 8.24 4.08 -13.16
C ASN I 398 9.69 4.40 -13.43
N VAL I 399 10.52 3.35 -13.39
CA VAL I 399 11.94 3.46 -13.67
C VAL I 399 12.11 3.88 -15.12
N ALA I 400 12.99 4.85 -15.35
CA ALA I 400 13.09 5.44 -16.67
C ALA I 400 14.50 5.94 -16.89
N LEU I 401 14.89 5.98 -18.15
CA LEU I 401 16.12 6.64 -18.57
C LEU I 401 15.72 8.04 -19.00
N GLU I 402 16.01 9.02 -18.15
CA GLU I 402 15.72 10.40 -18.49
C GLU I 402 16.92 11.01 -19.18
N HIS I 403 16.67 11.93 -20.10
CA HIS I 403 17.73 12.46 -20.93
C HIS I 403 17.51 13.93 -21.21
N VAL I 404 18.61 14.64 -21.43
CA VAL I 404 18.59 16.03 -21.89
C VAL I 404 19.28 16.05 -23.25
N THR I 405 19.03 17.12 -24.01
CA THR I 405 19.50 17.23 -25.38
C THR I 405 19.85 18.67 -25.65
N TYR I 406 21.00 18.89 -26.29
CA TYR I 406 21.42 20.25 -26.62
C TYR I 406 22.29 20.20 -27.88
N GLY I 407 22.14 21.21 -28.72
CA GLY I 407 22.95 21.29 -29.94
C GLY I 407 22.35 22.27 -30.92
N THR I 408 22.98 22.35 -32.08
CA THR I 408 22.56 23.26 -33.14
C THR I 408 21.35 22.66 -33.85
N MET I 409 20.40 23.52 -34.22
CA MET I 409 19.14 23.06 -34.81
C MET I 409 18.50 24.19 -35.60
N ILE I 410 18.15 23.92 -36.85
CA ILE I 410 17.44 24.86 -37.70
C ILE I 410 16.19 24.18 -38.23
N ARG I 411 15.07 24.91 -38.22
CA ARG I 411 13.86 24.48 -38.90
C ARG I 411 13.33 25.64 -39.72
N VAL I 412 13.30 25.46 -41.04
CA VAL I 412 13.02 26.57 -41.95
C VAL I 412 11.88 26.16 -42.88
N LEU I 413 11.18 27.16 -43.40
CA LEU I 413 10.07 26.95 -44.33
C LEU I 413 10.17 28.03 -45.40
N PRO I 414 10.91 27.77 -46.48
CA PRO I 414 11.15 28.81 -47.47
C PRO I 414 9.98 28.97 -48.43
N ARG I 415 9.93 30.13 -49.07
CA ARG I 415 8.82 30.50 -49.95
C ARG I 415 9.26 31.67 -50.80
N PHE I 416 9.03 31.58 -52.11
CA PHE I 416 9.36 32.67 -53.02
C PHE I 416 8.23 33.68 -53.08
N SER I 417 8.60 34.96 -53.05
CA SER I 417 7.63 36.04 -53.17
C SER I 417 7.39 36.34 -54.65
N ALA I 418 6.67 37.43 -54.93
CA ALA I 418 6.35 37.78 -56.31
C ALA I 418 7.51 38.46 -57.01
N ASP I 419 8.42 39.08 -56.27
CA ASP I 419 9.53 39.83 -56.84
C ASP I 419 10.78 38.99 -57.02
N GLY I 420 10.82 37.79 -56.45
CA GLY I 420 12.01 36.97 -56.46
C GLY I 420 12.76 36.92 -55.16
N GLN I 421 12.20 37.47 -54.09
CA GLN I 421 12.81 37.39 -52.76
C GLN I 421 12.32 36.15 -52.04
N ILE I 422 13.09 35.72 -51.06
CA ILE I 422 12.85 34.47 -50.34
C ILE I 422 12.48 34.80 -48.91
N GLU I 423 11.23 34.51 -48.53
CA GLU I 423 10.80 34.68 -47.15
C GLU I 423 10.89 33.35 -46.40
N MET I 424 11.36 33.44 -45.17
CA MET I 424 11.65 32.25 -44.37
C MET I 424 11.02 32.36 -43.00
N SER I 425 10.60 31.23 -42.44
CA SER I 425 10.06 31.15 -41.09
C SER I 425 11.03 30.34 -40.25
N LEU I 426 11.82 31.02 -39.43
CA LEU I 426 13.01 30.45 -38.81
C LEU I 426 12.72 29.99 -37.38
N ASP I 427 13.46 28.97 -36.95
CA ASP I 427 13.47 28.47 -35.57
C ASP I 427 14.89 27.98 -35.29
N ILE I 428 15.71 28.85 -34.72
CA ILE I 428 17.14 28.59 -34.56
C ILE I 428 17.42 28.31 -33.09
N GLU I 429 18.21 27.27 -32.83
CA GLU I 429 18.72 26.96 -31.50
C GLU I 429 20.20 26.65 -31.60
N ASP I 430 21.00 27.27 -30.74
CA ASP I 430 22.44 27.00 -30.69
C ASP I 430 22.83 26.88 -29.22
N GLY I 431 23.10 25.67 -28.77
CA GLY I 431 23.44 25.41 -27.38
C GLY I 431 24.76 24.68 -27.26
N ASN I 432 25.35 24.77 -26.07
CA ASN I 432 26.56 24.04 -25.75
C ASN I 432 26.56 23.75 -24.25
N ASP I 433 27.63 23.12 -23.78
CA ASP I 433 27.71 22.64 -22.41
C ASP I 433 28.66 23.53 -21.62
N LYS I 434 28.11 24.23 -20.62
CA LYS I 434 28.91 25.03 -19.71
C LYS I 434 29.45 24.13 -18.60
N THR I 435 30.72 24.32 -18.25
CA THR I 435 31.38 23.45 -17.31
C THR I 435 31.67 24.20 -16.02
N PRO I 436 31.22 23.70 -14.87
CA PRO I 436 31.67 24.25 -13.59
C PRO I 436 33.06 23.76 -13.21
N GLN I 437 33.49 24.06 -11.99
CA GLN I 437 34.83 23.69 -11.51
C GLN I 437 34.95 22.17 -11.42
N SER I 438 36.04 21.63 -11.98
CA SER I 438 36.22 20.19 -12.06
C SER I 438 36.66 19.56 -10.74
N ASP I 439 37.22 20.34 -9.82
CA ASP I 439 37.78 19.78 -8.59
C ASP I 439 36.72 19.39 -7.58
N THR I 440 35.53 19.97 -7.64
CA THR I 440 34.46 19.67 -6.69
C THR I 440 33.64 18.48 -7.17
N THR I 441 32.90 17.89 -6.23
CA THR I 441 32.21 16.61 -6.38
C THR I 441 31.10 16.66 -7.44
N THR I 442 30.52 17.83 -7.72
CA THR I 442 29.39 17.94 -8.65
C THR I 442 29.76 17.73 -10.12
N SER I 443 31.01 17.39 -10.43
CA SER I 443 31.40 17.05 -11.80
C SER I 443 31.19 15.58 -12.14
N VAL I 444 30.86 14.74 -11.16
CA VAL I 444 30.66 13.31 -11.42
C VAL I 444 29.18 12.91 -11.44
N ASP I 445 28.29 13.78 -10.97
CA ASP I 445 26.87 13.48 -11.03
C ASP I 445 26.25 14.08 -12.30
N ALA I 446 24.92 13.97 -12.41
CA ALA I 446 24.20 14.39 -13.61
C ALA I 446 23.89 15.89 -13.54
N LEU I 447 24.96 16.69 -13.62
CA LEU I 447 24.84 18.14 -13.71
C LEU I 447 25.64 18.66 -14.90
N PRO I 448 25.13 18.49 -16.14
CA PRO I 448 25.66 19.28 -17.25
C PRO I 448 24.92 20.60 -17.38
N GLU I 449 25.40 21.68 -16.75
CA GLU I 449 24.78 22.99 -16.93
C GLU I 449 24.77 23.40 -18.41
N VAL I 450 23.57 23.40 -19.00
CA VAL I 450 23.37 23.67 -20.42
C VAL I 450 23.01 25.13 -20.60
N GLY I 451 23.69 25.82 -21.52
CA GLY I 451 23.31 27.15 -21.95
C GLY I 451 22.91 27.14 -23.41
N ARG I 452 21.72 27.67 -23.68
CA ARG I 452 21.14 27.66 -25.02
C ARG I 452 20.94 29.08 -25.52
N THR I 453 20.54 29.18 -26.79
CA THR I 453 20.25 30.47 -27.43
C THR I 453 19.17 30.24 -28.47
N LEU I 454 17.99 30.80 -28.24
CA LEU I 454 16.82 30.53 -29.06
C LEU I 454 16.40 31.80 -29.79
N ILE I 455 16.04 31.66 -31.07
CA ILE I 455 15.59 32.77 -31.90
C ILE I 455 14.45 32.26 -32.77
N SER I 456 13.32 32.99 -32.77
CA SER I 456 12.17 32.63 -33.58
C SER I 456 11.60 33.89 -34.20
N THR I 457 11.66 34.00 -35.52
CA THR I 457 11.27 35.22 -36.21
C THR I 457 10.90 34.88 -37.65
N ILE I 458 10.65 35.92 -38.46
CA ILE I 458 10.36 35.78 -39.88
C ILE I 458 11.11 36.89 -40.61
N ALA I 459 11.90 36.53 -41.62
CA ALA I 459 12.67 37.50 -42.38
C ALA I 459 12.51 37.24 -43.87
N ARG I 460 12.83 38.25 -44.68
CA ARG I 460 12.68 38.17 -46.13
C ARG I 460 13.89 38.79 -46.81
N VAL I 461 14.68 37.95 -47.46
CA VAL I 461 15.97 38.33 -48.04
C VAL I 461 15.86 38.23 -49.56
N PRO I 462 16.51 39.10 -50.34
CA PRO I 462 16.63 38.85 -51.78
C PRO I 462 17.56 37.67 -52.06
N HIS I 463 17.60 37.29 -53.34
CA HIS I 463 18.39 36.13 -53.74
C HIS I 463 19.87 36.49 -53.78
N GLY I 464 20.65 35.89 -52.88
CA GLY I 464 22.08 36.12 -52.84
C GLY I 464 22.54 37.13 -51.81
N LYS I 465 21.64 37.94 -51.26
CA LYS I 465 21.99 38.91 -50.25
C LYS I 465 21.86 38.28 -48.86
N SER I 466 21.99 39.09 -47.82
CA SER I 466 22.01 38.56 -46.47
C SER I 466 21.34 39.53 -45.50
N LEU I 467 20.99 39.00 -44.33
CA LEU I 467 20.34 39.79 -43.29
C LEU I 467 20.86 39.35 -41.93
N LEU I 468 20.89 40.28 -40.99
CA LEU I 468 21.27 40.00 -39.61
C LEU I 468 20.01 39.73 -38.79
N VAL I 469 19.91 38.53 -38.25
CA VAL I 469 18.69 38.11 -37.56
C VAL I 469 18.79 38.36 -36.06
N GLY I 470 19.86 37.89 -35.42
CA GLY I 470 20.02 38.09 -34.00
C GLY I 470 21.29 38.82 -33.65
N GLY I 471 21.68 38.80 -32.39
CA GLY I 471 22.89 39.48 -31.99
C GLY I 471 22.94 39.63 -30.48
N TYR I 472 24.17 39.87 -29.99
CA TYR I 472 24.44 40.06 -28.57
C TYR I 472 25.83 40.63 -28.37
N THR I 473 25.95 41.73 -27.63
CA THR I 473 27.26 42.25 -27.23
C THR I 473 27.27 42.43 -25.72
N ARG I 474 28.47 42.48 -25.15
CA ARG I 474 28.64 42.72 -23.72
C ARG I 474 30.03 43.27 -23.46
N ASP I 475 30.09 44.37 -22.70
CA ASP I 475 31.35 45.00 -22.31
C ASP I 475 31.39 45.17 -20.81
N ALA I 476 32.57 45.02 -20.21
CA ALA I 476 32.69 45.12 -18.77
C ALA I 476 34.08 45.62 -18.39
N ASN I 477 34.16 46.28 -17.24
CA ASN I 477 35.43 46.78 -16.72
C ASN I 477 35.29 47.01 -15.22
N THR I 478 35.95 46.19 -14.41
CA THR I 478 35.96 46.36 -12.97
C THR I 478 37.39 46.60 -12.50
N ASP I 479 37.52 47.23 -11.33
CA ASP I 479 38.81 47.43 -10.68
C ASP I 479 38.63 47.74 -9.20
N THR I 480 39.37 47.01 -8.36
CA THR I 480 39.34 47.21 -6.92
C THR I 480 40.69 47.68 -6.42
N VAL I 481 40.70 48.38 -5.29
CA VAL I 481 41.92 48.83 -4.64
C VAL I 481 41.74 48.64 -3.14
N GLN I 482 42.60 47.83 -2.52
CA GLN I 482 42.62 47.68 -1.07
C GLN I 482 43.97 48.11 -0.52
N SER I 483 44.00 48.47 0.76
CA SER I 483 45.23 48.88 1.41
C SER I 483 45.05 48.78 2.92
N ILE I 484 46.17 48.91 3.63
CA ILE I 484 46.22 49.16 5.06
C ILE I 484 46.17 50.68 5.18
N PRO I 485 45.43 51.25 6.16
CA PRO I 485 45.20 52.71 6.15
C PRO I 485 46.45 53.58 6.29
N PHE I 486 47.39 53.25 7.16
CA PHE I 486 48.59 54.08 7.31
C PHE I 486 49.82 53.48 6.66
N LEU I 487 49.99 52.15 6.73
CA LEU I 487 51.19 51.52 6.19
C LEU I 487 51.19 51.48 4.67
N GLY I 488 50.03 51.68 4.03
CA GLY I 488 49.96 51.63 2.58
C GLY I 488 50.45 52.86 1.86
N LYS I 489 50.86 53.90 2.59
CA LYS I 489 51.35 55.13 1.98
C LYS I 489 52.83 55.36 2.24
N LEU I 490 53.55 54.35 2.72
CA LEU I 490 54.99 54.47 2.89
C LEU I 490 55.68 54.49 1.52
N PRO I 491 56.83 55.19 1.40
CA PRO I 491 57.48 55.33 0.08
C PRO I 491 58.00 54.05 -0.54
N LEU I 492 58.83 53.31 0.17
CA LEU I 492 59.44 52.09 -0.38
C LEU I 492 59.01 50.82 0.34
N ILE I 493 58.35 50.94 1.50
CA ILE I 493 57.83 49.78 2.20
C ILE I 493 56.34 49.56 1.93
N GLY I 494 55.61 50.60 1.52
CA GLY I 494 54.16 50.54 1.39
C GLY I 494 53.64 49.69 0.24
N SER I 495 54.52 49.14 -0.59
CA SER I 495 54.06 48.25 -1.66
C SER I 495 53.68 46.88 -1.13
N LEU I 496 54.13 46.52 0.08
CA LEU I 496 53.82 45.22 0.66
C LEU I 496 52.45 45.16 1.32
N PHE I 497 51.67 46.25 1.28
CA PHE I 497 50.38 46.30 1.95
C PHE I 497 49.22 46.65 1.03
N ARG I 498 49.47 47.22 -0.15
CA ARG I 498 48.40 47.55 -1.06
C ARG I 498 47.98 46.32 -1.85
N TYR I 499 46.90 46.50 -2.62
CA TYR I 499 46.37 45.46 -3.49
C TYR I 499 45.53 46.13 -4.56
N SER I 500 45.56 45.59 -5.77
CA SER I 500 44.83 46.19 -6.88
C SER I 500 44.58 45.15 -7.95
N SER I 501 43.35 45.10 -8.44
CA SER I 501 42.98 44.16 -9.49
C SER I 501 42.28 44.91 -10.61
N LYS I 502 42.19 44.25 -11.77
CA LYS I 502 41.50 44.79 -12.94
C LYS I 502 40.82 43.65 -13.66
N ASN I 503 39.93 44.00 -14.59
CA ASN I 503 39.23 43.02 -15.43
C ASN I 503 38.64 43.76 -16.62
N LYS I 504 38.48 43.04 -17.73
CA LYS I 504 37.91 43.60 -18.96
C LYS I 504 37.49 42.46 -19.86
N SER I 505 36.36 42.62 -20.53
CA SER I 505 35.89 41.59 -21.47
C SER I 505 35.05 42.24 -22.55
N ASN I 506 35.06 41.61 -23.72
CA ASN I 506 34.27 42.08 -24.87
C ASN I 506 33.79 40.88 -25.66
N VAL I 507 32.49 40.61 -25.63
CA VAL I 507 31.89 39.44 -26.26
C VAL I 507 30.99 39.92 -27.39
N VAL I 508 31.02 39.23 -28.53
CA VAL I 508 30.17 39.52 -29.67
C VAL I 508 29.66 38.21 -30.25
N ARG I 509 28.35 38.05 -30.35
CA ARG I 509 27.73 36.94 -31.05
C ARG I 509 26.72 37.50 -32.05
N VAL I 510 26.70 36.95 -33.27
CA VAL I 510 25.74 37.35 -34.29
C VAL I 510 25.23 36.12 -35.03
N PHE I 511 24.07 36.28 -35.65
CA PHE I 511 23.43 35.23 -36.46
C PHE I 511 23.07 35.86 -37.80
N MET I 512 23.52 35.27 -38.89
CA MET I 512 23.27 35.82 -40.21
C MET I 512 22.70 34.75 -41.13
N ILE I 513 21.86 35.17 -42.07
CA ILE I 513 21.12 34.28 -42.97
C ILE I 513 21.45 34.67 -44.40
N GLU I 514 21.76 33.69 -45.24
CA GLU I 514 22.11 33.94 -46.64
C GLU I 514 21.52 32.84 -47.50
N PRO I 515 20.31 33.04 -48.04
CA PRO I 515 19.71 32.03 -48.91
C PRO I 515 20.02 32.25 -50.39
N LYS I 516 19.96 31.17 -51.14
CA LYS I 516 20.17 31.24 -52.58
C LYS I 516 19.42 30.09 -53.25
N GLU I 517 19.28 30.17 -54.57
CA GLU I 517 18.48 29.24 -55.34
C GLU I 517 19.38 28.28 -56.12
N ILE I 518 19.06 26.99 -56.07
CA ILE I 518 19.85 25.95 -56.71
C ILE I 518 19.14 25.52 -57.99
N VAL I 519 19.84 25.63 -59.11
CA VAL I 519 19.28 25.19 -60.40
C VAL I 519 20.12 24.11 -61.06
N ASP I 520 21.38 23.93 -60.69
CA ASP I 520 22.28 23.00 -61.34
C ASP I 520 22.84 21.99 -60.34
N PRO I 521 23.16 20.78 -60.76
CA PRO I 521 23.79 19.81 -59.88
C PRO I 521 25.26 20.16 -59.64
N LEU I 522 25.93 19.31 -58.86
CA LEU I 522 27.31 19.57 -58.48
C LEU I 522 28.24 19.33 -59.65
N THR I 523 29.28 20.16 -59.75
CA THR I 523 30.33 19.99 -60.75
C THR I 523 31.68 20.24 -60.10
N PRO I 524 32.62 19.27 -60.12
CA PRO I 524 32.53 17.89 -60.61
C PRO I 524 31.68 17.00 -59.71
N ASP I 525 31.48 15.74 -60.09
CA ASP I 525 30.51 14.88 -59.44
C ASP I 525 30.94 14.53 -58.02
N ALA I 526 29.98 14.02 -57.25
CA ALA I 526 30.25 13.66 -55.87
C ALA I 526 31.16 12.44 -55.76
N SER I 527 31.11 11.55 -56.74
CA SER I 527 31.99 10.40 -56.75
C SER I 527 33.37 10.71 -57.33
N GLU I 528 33.55 11.91 -57.88
CA GLU I 528 34.85 12.31 -58.40
C GLU I 528 35.65 13.12 -57.40
N SER I 529 34.98 13.90 -56.54
CA SER I 529 35.69 14.65 -55.51
C SER I 529 36.08 13.76 -54.33
N VAL I 530 35.42 12.63 -54.15
CA VAL I 530 35.77 11.72 -53.07
C VAL I 530 37.00 10.90 -53.44
N ASN I 531 37.12 10.51 -54.71
CA ASN I 531 38.28 9.76 -55.16
C ASN I 531 39.57 10.58 -55.15
N ASN I 532 39.47 11.91 -55.11
CA ASN I 532 40.65 12.74 -54.93
C ASN I 532 40.99 12.95 -53.47
N ILE I 533 40.01 12.81 -52.57
CA ILE I 533 40.29 12.90 -51.13
C ILE I 533 40.98 11.63 -50.65
N LEU I 534 40.50 10.47 -51.10
CA LEU I 534 41.07 9.20 -50.66
C LEU I 534 42.48 8.99 -51.21
N LYS I 535 42.77 9.51 -52.39
CA LYS I 535 44.11 9.36 -52.94
C LYS I 535 45.11 10.30 -52.28
N GLN I 536 44.66 11.49 -51.86
CA GLN I 536 45.58 12.44 -51.25
C GLN I 536 45.87 12.09 -49.79
N SER I 537 44.83 11.71 -49.03
CA SER I 537 45.03 11.39 -47.63
C SER I 537 45.62 10.00 -47.42
N GLY I 538 45.64 9.16 -48.45
CA GLY I 538 46.23 7.84 -48.33
C GLY I 538 45.30 6.75 -47.84
N ALA I 539 44.00 7.01 -47.78
CA ALA I 539 43.03 6.01 -47.33
C ALA I 539 42.42 5.22 -48.48
N TRP I 540 42.93 5.38 -49.70
CA TRP I 540 42.34 4.76 -50.88
C TRP I 540 42.70 3.28 -50.94
N SER I 541 41.70 2.44 -51.21
CA SER I 541 41.92 1.00 -51.33
C SER I 541 41.12 0.44 -52.51
N GLY I 542 41.14 1.16 -53.63
CA GLY I 542 40.54 0.63 -54.85
C GLY I 542 41.48 -0.21 -55.68
N ASP I 543 42.75 -0.30 -55.28
CA ASP I 543 43.74 -1.09 -55.97
C ASP I 543 44.02 -2.43 -55.27
N ASP I 544 43.20 -2.79 -54.29
CA ASP I 544 43.42 -4.01 -53.53
C ASP I 544 43.08 -5.23 -54.38
N LYS I 545 43.85 -6.30 -54.17
CA LYS I 545 43.64 -7.51 -54.95
C LYS I 545 42.41 -8.29 -54.49
N LEU I 546 42.09 -8.20 -53.21
CA LEU I 546 41.00 -8.98 -52.62
C LEU I 546 39.67 -8.23 -52.60
N GLN I 547 39.69 -6.93 -52.39
CA GLN I 547 38.45 -6.16 -52.27
C GLN I 547 37.94 -5.62 -53.60
N LYS I 548 38.68 -5.80 -54.69
CA LYS I 548 38.22 -5.32 -55.99
C LYS I 548 37.17 -6.23 -56.62
N TRP I 549 36.97 -7.44 -56.10
CA TRP I 549 35.96 -8.33 -56.64
C TRP I 549 34.55 -7.89 -56.25
N VAL I 550 34.41 -7.14 -55.16
CA VAL I 550 33.12 -6.70 -54.70
C VAL I 550 32.92 -5.18 -54.88
N ARG I 551 33.97 -4.39 -54.69
CA ARG I 551 33.91 -2.94 -54.93
C ARG I 551 33.75 -2.57 -56.40
N VAL I 552 33.80 -3.54 -57.33
CA VAL I 552 33.55 -3.23 -58.73
C VAL I 552 32.06 -3.11 -59.02
N TYR I 553 31.20 -3.56 -58.10
CA TYR I 553 29.77 -3.36 -58.26
C TYR I 553 29.36 -1.96 -57.82
N LEU I 554 29.96 -1.46 -56.74
CA LEU I 554 29.56 -0.19 -56.17
C LEU I 554 30.14 1.00 -56.94
N ASP I 555 31.34 0.84 -57.48
CA ASP I 555 32.05 1.89 -58.22
C ASP I 555 31.88 1.73 -59.72
N ARG I 556 30.67 1.31 -60.14
CA ARG I 556 30.40 1.03 -61.54
C ARG I 556 30.43 2.29 -62.39
N GLY I 557 30.03 3.43 -61.83
CA GLY I 557 30.07 4.69 -62.56
C GLY I 557 31.37 5.45 -62.33
N LEU J 175 -33.69 -8.30 -64.74
CA LEU J 175 -32.77 -8.48 -63.62
C LEU J 175 -31.42 -8.95 -64.10
N GLY J 176 -30.41 -8.83 -63.24
CA GLY J 176 -29.06 -9.27 -63.58
C GLY J 176 -28.55 -10.37 -62.68
N ARG J 177 -28.04 -11.44 -63.29
CA ARG J 177 -27.49 -12.54 -62.53
C ARG J 177 -26.13 -12.15 -61.95
N GLN J 178 -25.84 -12.67 -60.76
CA GLN J 178 -24.54 -12.45 -60.16
C GLN J 178 -23.48 -13.29 -60.85
N LYS J 179 -22.23 -12.87 -60.70
CA LYS J 179 -21.11 -13.49 -61.39
C LYS J 179 -19.84 -13.22 -60.59
N ILE J 180 -19.00 -14.24 -60.45
CA ILE J 180 -17.75 -14.13 -59.71
C ILE J 180 -16.60 -14.17 -60.72
N GLY J 181 -15.76 -13.15 -60.67
CA GLY J 181 -14.60 -13.06 -61.55
C GLY J 181 -13.31 -13.14 -60.75
N VAL J 182 -12.30 -13.78 -61.34
CA VAL J 182 -10.99 -13.94 -60.72
C VAL J 182 -9.98 -13.22 -61.61
N MET J 183 -9.28 -12.26 -61.03
CA MET J 183 -8.35 -11.39 -61.76
C MET J 183 -6.96 -11.55 -61.17
N ARG J 184 -6.08 -12.24 -61.89
CA ARG J 184 -4.71 -12.42 -61.40
C ARG J 184 -3.87 -11.19 -61.70
N LEU J 185 -3.08 -10.78 -60.72
CA LEU J 185 -2.21 -9.61 -60.83
C LEU J 185 -0.79 -10.08 -61.14
N ASN J 186 -0.20 -9.51 -62.17
CA ASN J 186 1.12 -9.95 -62.63
C ASN J 186 2.26 -9.05 -62.17
N ASN J 187 1.99 -7.79 -61.82
CA ASN J 187 3.06 -6.85 -61.55
C ASN J 187 2.93 -6.15 -60.20
N THR J 188 2.14 -6.69 -59.29
CA THR J 188 1.98 -6.09 -57.96
C THR J 188 1.56 -7.16 -56.96
N PHE J 189 1.45 -6.74 -55.71
CA PHE J 189 1.09 -7.62 -54.60
C PHE J 189 -0.27 -7.22 -54.04
N VAL J 190 -1.11 -8.21 -53.76
CA VAL J 190 -2.29 -8.01 -52.93
C VAL J 190 -1.83 -8.07 -51.48
N GLY J 191 -2.50 -7.34 -50.62
CA GLY J 191 -2.20 -7.37 -49.20
C GLY J 191 -1.18 -6.30 -48.81
N ASP J 192 -1.15 -6.03 -47.52
CA ASP J 192 -0.38 -4.93 -46.97
C ASP J 192 1.07 -5.34 -46.74
N ARG J 193 1.95 -4.34 -46.76
CA ARG J 193 3.36 -4.52 -46.48
C ARG J 193 3.70 -3.81 -45.17
N THR J 194 4.53 -4.45 -44.34
CA THR J 194 4.85 -3.95 -43.02
C THR J 194 6.36 -3.89 -42.83
N TYR J 195 6.83 -2.80 -42.22
CA TYR J 195 8.23 -2.66 -41.85
C TYR J 195 8.30 -1.86 -40.54
N ASN J 196 9.51 -1.69 -40.01
CA ASN J 196 9.70 -1.07 -38.70
C ASN J 196 10.79 -0.01 -38.76
N LEU J 197 10.62 1.05 -37.95
CA LEU J 197 11.71 2.00 -37.69
C LEU J 197 11.97 1.96 -36.18
N ARG J 198 12.68 0.92 -35.76
CA ARG J 198 13.33 0.71 -34.47
C ARG J 198 12.39 0.58 -33.27
N ASP J 199 11.15 1.06 -33.36
CA ASP J 199 10.15 0.77 -32.34
C ASP J 199 8.74 0.66 -32.90
N GLN J 200 8.48 1.33 -34.03
CA GLN J 200 7.13 1.54 -34.51
C GLN J 200 6.92 0.84 -35.83
N LYS J 201 5.68 0.40 -36.06
CA LYS J 201 5.31 -0.36 -37.23
C LYS J 201 4.57 0.52 -38.22
N MET J 202 4.95 0.45 -39.49
CA MET J 202 4.28 1.16 -40.55
C MET J 202 3.59 0.15 -41.47
N VAL J 203 2.34 0.42 -41.82
CA VAL J 203 1.54 -0.46 -42.66
C VAL J 203 1.11 0.33 -43.89
N ILE J 204 1.39 -0.22 -45.06
CA ILE J 204 1.03 0.39 -46.34
C ILE J 204 -0.14 -0.39 -46.94
N PRO J 205 -1.24 0.27 -47.28
CA PRO J 205 -2.38 -0.46 -47.84
C PRO J 205 -2.13 -0.90 -49.27
N GLY J 206 -2.55 -2.13 -49.57
CA GLY J 206 -2.34 -2.73 -50.87
C GLY J 206 -3.42 -2.35 -51.86
N ILE J 207 -3.55 -3.17 -52.90
CA ILE J 207 -4.55 -2.90 -53.92
C ILE J 207 -5.94 -3.38 -53.47
N ALA J 208 -6.01 -4.31 -52.53
CA ALA J 208 -7.31 -4.84 -52.13
C ALA J 208 -7.96 -4.02 -51.03
N THR J 209 -7.22 -3.10 -50.41
CA THR J 209 -7.78 -2.19 -49.43
C THR J 209 -8.16 -0.86 -50.07
N ALA J 210 -7.50 -0.50 -51.18
CA ALA J 210 -7.80 0.76 -51.85
C ALA J 210 -9.10 0.69 -52.62
N ILE J 211 -9.37 -0.42 -53.30
CA ILE J 211 -10.63 -0.53 -54.05
C ILE J 211 -11.78 -0.88 -53.12
N GLU J 212 -11.49 -1.49 -51.97
CA GLU J 212 -12.56 -1.81 -51.02
C GLU J 212 -13.08 -0.55 -50.34
N ARG J 213 -12.20 0.42 -50.08
CA ARG J 213 -12.65 1.70 -49.53
C ARG J 213 -13.26 2.60 -50.59
N LEU J 214 -13.01 2.33 -51.86
CA LEU J 214 -13.60 3.15 -52.92
C LEU J 214 -15.06 2.80 -53.11
N LEU J 215 -15.41 1.53 -52.90
CA LEU J 215 -16.77 1.03 -53.11
C LEU J 215 -17.52 0.87 -51.79
N GLN J 216 -17.10 1.61 -50.76
CA GLN J 216 -17.71 1.50 -49.44
C GLN J 216 -18.90 2.44 -49.35
N GLY J 217 -19.99 1.97 -48.74
CA GLY J 217 -21.23 2.71 -48.74
C GLY J 217 -21.80 2.72 -50.15
N GLU J 218 -21.76 3.89 -50.80
CA GLU J 218 -21.88 4.04 -52.25
C GLU J 218 -23.19 3.52 -52.81
N GLU J 219 -24.28 4.18 -52.42
CA GLU J 219 -25.58 3.89 -53.03
C GLU J 219 -25.68 4.59 -54.38
N GLN J 220 -24.96 4.07 -55.39
CA GLN J 220 -24.82 4.74 -56.67
C GLN J 220 -25.09 3.76 -57.81
N PRO J 221 -25.79 4.20 -58.87
CA PRO J 221 -26.15 3.28 -59.96
C PRO J 221 -24.98 2.95 -60.88
N LEU J 222 -24.12 2.04 -60.45
CA LEU J 222 -22.98 1.65 -61.28
C LEU J 222 -23.40 0.58 -62.28
N GLY J 223 -23.01 0.79 -63.54
CA GLY J 223 -23.26 -0.16 -64.60
C GLY J 223 -22.07 -0.33 -65.52
N ALA J 262 -27.28 -3.08 -60.82
CA ALA J 262 -27.76 -2.73 -59.49
C ALA J 262 -27.06 -1.47 -58.98
N ALA J 263 -26.58 -1.51 -57.73
CA ALA J 263 -25.94 -0.38 -57.10
C ALA J 263 -24.44 -0.59 -57.06
N ALA J 264 -23.72 0.45 -56.61
CA ALA J 264 -22.28 0.32 -56.46
C ALA J 264 -21.91 -0.20 -55.07
N GLY J 265 -22.89 -0.29 -54.18
CA GLY J 265 -22.67 -0.69 -52.81
C GLY J 265 -22.79 -2.16 -52.52
N ASN J 266 -23.20 -2.98 -53.49
CA ASN J 266 -23.31 -4.41 -53.29
C ASN J 266 -22.20 -5.19 -53.98
N ILE J 267 -21.12 -4.53 -54.39
CA ILE J 267 -19.97 -5.23 -54.93
C ILE J 267 -19.05 -5.65 -53.80
N LYS J 268 -18.67 -6.92 -53.78
CA LYS J 268 -17.79 -7.47 -52.76
C LYS J 268 -16.43 -7.77 -53.39
N ILE J 269 -15.37 -7.30 -52.76
CA ILE J 269 -14.00 -7.51 -53.23
C ILE J 269 -13.21 -8.12 -52.09
N VAL J 270 -12.67 -9.31 -52.32
CA VAL J 270 -11.95 -10.08 -51.30
C VAL J 270 -10.61 -10.50 -51.89
N ALA J 271 -9.53 -10.22 -51.15
CA ALA J 271 -8.19 -10.60 -51.56
C ALA J 271 -7.98 -12.09 -51.32
N TYR J 272 -7.42 -12.76 -52.32
CA TYR J 272 -7.03 -14.16 -52.19
C TYR J 272 -5.53 -14.27 -52.41
N PRO J 273 -4.72 -14.25 -51.35
CA PRO J 273 -3.26 -14.17 -51.54
C PRO J 273 -2.62 -15.47 -51.95
N ASP J 274 -3.35 -16.58 -51.97
CA ASP J 274 -2.72 -17.87 -52.21
C ASP J 274 -2.39 -18.06 -53.69
N THR J 275 -3.07 -17.32 -54.57
CA THR J 275 -2.71 -17.29 -55.98
C THR J 275 -2.53 -15.86 -56.49
N ASN J 276 -2.49 -14.87 -55.58
CA ASN J 276 -2.24 -13.46 -55.88
C ASN J 276 -3.27 -12.90 -56.87
N SER J 277 -4.53 -12.90 -56.43
CA SER J 277 -5.62 -12.52 -57.31
C SER J 277 -6.77 -11.98 -56.49
N LEU J 278 -7.59 -11.15 -57.14
CA LEU J 278 -8.76 -10.55 -56.53
C LEU J 278 -10.00 -11.38 -56.86
N LEU J 279 -10.98 -11.34 -55.96
CA LEU J 279 -12.26 -12.00 -56.15
C LEU J 279 -13.35 -10.93 -56.11
N VAL J 280 -14.00 -10.70 -57.24
CA VAL J 280 -15.04 -9.69 -57.37
C VAL J 280 -16.37 -10.40 -57.62
N LYS J 281 -17.39 -10.03 -56.84
CA LYS J 281 -18.73 -10.60 -56.99
C LYS J 281 -19.70 -9.47 -57.29
N GLY J 282 -20.34 -9.56 -58.45
CA GLY J 282 -21.33 -8.56 -58.82
C GLY J 282 -22.06 -9.02 -60.06
N THR J 283 -22.71 -8.08 -60.74
CA THR J 283 -23.38 -8.38 -61.98
C THR J 283 -22.36 -8.54 -63.11
N ALA J 284 -22.85 -8.87 -64.31
CA ALA J 284 -21.95 -9.06 -65.44
C ALA J 284 -21.39 -7.75 -65.97
N GLU J 285 -21.97 -6.61 -65.59
CA GLU J 285 -21.46 -5.31 -66.01
C GLU J 285 -20.55 -4.68 -64.98
N GLN J 286 -20.72 -5.02 -63.70
CA GLN J 286 -19.83 -4.48 -62.67
C GLN J 286 -18.53 -5.26 -62.60
N VAL J 287 -18.53 -6.54 -62.97
CA VAL J 287 -17.31 -7.32 -62.98
C VAL J 287 -16.38 -6.85 -64.09
N HIS J 288 -16.94 -6.56 -65.26
CA HIS J 288 -16.18 -5.97 -66.35
C HIS J 288 -15.74 -4.54 -66.04
N PHE J 289 -16.41 -3.87 -65.11
CA PHE J 289 -16.05 -2.50 -64.78
C PHE J 289 -14.82 -2.45 -63.89
N ILE J 290 -14.66 -3.45 -63.00
CA ILE J 290 -13.48 -3.49 -62.14
C ILE J 290 -12.30 -4.11 -62.87
N GLU J 291 -12.56 -4.97 -63.86
CA GLU J 291 -11.48 -5.60 -64.61
C GLU J 291 -10.75 -4.58 -65.50
N MET J 292 -11.43 -3.53 -65.94
CA MET J 292 -10.76 -2.48 -66.69
C MET J 292 -10.00 -1.51 -65.80
N LEU J 293 -10.37 -1.40 -64.53
CA LEU J 293 -9.63 -0.56 -63.60
C LEU J 293 -8.34 -1.23 -63.15
N VAL J 294 -8.39 -2.56 -62.95
CA VAL J 294 -7.25 -3.31 -62.46
C VAL J 294 -6.11 -3.33 -63.48
N LYS J 295 -6.45 -3.43 -64.77
CA LYS J 295 -5.43 -3.44 -65.81
C LYS J 295 -4.78 -2.08 -66.03
N ALA J 296 -5.30 -1.02 -65.41
CA ALA J 296 -4.66 0.29 -65.45
C ALA J 296 -3.78 0.55 -64.24
N LEU J 297 -4.02 -0.16 -63.14
CA LEU J 297 -3.19 -0.05 -61.94
C LEU J 297 -2.10 -1.11 -61.89
N ASP J 298 -1.98 -1.96 -62.91
CA ASP J 298 -1.06 -3.09 -62.89
C ASP J 298 0.02 -2.86 -63.94
N VAL J 299 1.08 -2.16 -63.54
CA VAL J 299 2.20 -1.84 -64.42
C VAL J 299 3.50 -2.28 -63.77
N ALA J 300 4.50 -2.53 -64.60
CA ALA J 300 5.81 -2.94 -64.12
C ALA J 300 6.60 -1.73 -63.65
N LYS J 301 7.39 -1.94 -62.60
CA LYS J 301 8.13 -0.87 -61.94
C LYS J 301 9.59 -0.87 -62.37
N ARG J 302 10.27 0.22 -62.05
CA ARG J 302 11.68 0.41 -62.34
C ARG J 302 12.47 0.45 -61.04
N HIS J 303 13.76 0.16 -61.14
CA HIS J 303 14.62 0.05 -59.97
C HIS J 303 15.46 1.31 -59.80
N VAL J 304 15.58 1.76 -58.55
CA VAL J 304 16.41 2.90 -58.18
C VAL J 304 17.43 2.43 -57.17
N GLU J 305 18.70 2.76 -57.39
CA GLU J 305 19.76 2.49 -56.44
C GLU J 305 20.26 3.81 -55.88
N LEU J 306 20.17 3.97 -54.57
CA LEU J 306 20.50 5.22 -53.90
C LEU J 306 21.83 5.07 -53.18
N SER J 307 22.77 5.97 -53.48
CA SER J 307 24.09 5.98 -52.87
C SER J 307 24.28 7.31 -52.14
N LEU J 308 24.65 7.23 -50.86
CA LEU J 308 24.80 8.39 -50.01
C LEU J 308 26.24 8.47 -49.51
N TRP J 309 26.87 9.63 -49.68
CA TRP J 309 28.25 9.84 -49.26
C TRP J 309 28.27 10.68 -48.00
N ILE J 310 29.07 10.26 -47.02
CA ILE J 310 29.28 11.00 -45.78
C ILE J 310 30.78 11.23 -45.64
N VAL J 311 31.24 12.44 -45.93
CA VAL J 311 32.65 12.79 -45.89
C VAL J 311 32.91 13.59 -44.61
N ASP J 312 33.97 13.24 -43.90
CA ASP J 312 34.28 13.85 -42.61
C ASP J 312 35.78 14.08 -42.52
N LEU J 313 36.18 15.33 -42.40
CA LEU J 313 37.59 15.69 -42.32
C LEU J 313 37.86 16.47 -41.04
N ASN J 314 39.10 16.38 -40.56
CA ASN J 314 39.54 17.08 -39.38
C ASN J 314 40.96 17.58 -39.57
N LYS J 315 41.38 18.47 -38.68
CA LYS J 315 42.70 19.05 -38.65
C LYS J 315 42.86 19.74 -37.31
N SER J 316 44.09 19.81 -36.81
CA SER J 316 44.31 20.39 -35.50
C SER J 316 45.73 20.90 -35.38
N ASP J 317 45.98 21.63 -34.30
CA ASP J 317 47.28 22.21 -33.99
C ASP J 317 47.25 22.61 -32.53
N LEU J 318 48.39 22.54 -31.85
CA LEU J 318 48.47 22.81 -30.42
C LEU J 318 49.92 23.04 -30.05
N GLU J 319 50.16 24.00 -29.14
CA GLU J 319 51.51 24.26 -28.64
C GLU J 319 51.41 24.95 -27.29
N ARG J 320 51.99 24.33 -26.26
CA ARG J 320 52.13 24.95 -24.95
C ARG J 320 53.60 25.04 -24.58
N LEU J 321 54.01 26.15 -23.98
CA LEU J 321 55.40 26.33 -23.58
C LEU J 321 55.47 27.38 -22.48
N GLY J 322 55.82 26.98 -21.28
CA GLY J 322 55.99 27.93 -20.19
C GLY J 322 55.75 27.26 -18.85
N THR J 323 55.97 28.04 -17.80
CA THR J 323 55.83 27.60 -16.42
C THR J 323 54.71 28.35 -15.72
N SER J 324 54.38 27.90 -14.51
CA SER J 324 53.33 28.51 -13.71
C SER J 324 53.58 28.18 -12.25
N TRP J 325 53.85 29.20 -11.44
CA TRP J 325 54.25 29.03 -10.05
C TRP J 325 53.04 29.13 -9.13
N SER J 326 52.89 28.15 -8.23
CA SER J 326 51.77 28.14 -7.28
C SER J 326 52.17 27.24 -6.11
N GLY J 327 52.38 27.82 -4.94
CA GLY J 327 52.78 27.04 -3.78
C GLY J 327 52.72 27.82 -2.49
N SER J 328 52.99 27.13 -1.40
CA SER J 328 53.03 27.71 -0.06
C SER J 328 54.38 27.46 0.59
N ILE J 329 54.61 28.14 1.72
CA ILE J 329 55.87 28.04 2.44
C ILE J 329 55.58 28.34 3.90
N THR J 330 56.52 28.00 4.78
CA THR J 330 56.45 28.31 6.20
C THR J 330 57.79 28.84 6.67
N ILE J 331 57.79 30.05 7.22
CA ILE J 331 59.02 30.76 7.55
C ILE J 331 59.06 30.92 9.08
N GLY J 332 59.76 30.02 9.75
CA GLY J 332 60.08 30.16 11.16
C GLY J 332 58.90 30.14 12.11
N ASP J 333 57.87 29.34 11.79
CA ASP J 333 56.66 29.03 12.60
C ASP J 333 55.98 30.26 13.22
N LYS J 334 56.14 31.43 12.59
CA LYS J 334 55.48 32.65 13.01
C LYS J 334 54.85 33.44 11.86
N LEU J 335 55.31 33.23 10.63
CA LEU J 335 54.69 33.87 9.46
C LEU J 335 54.88 32.96 8.26
N GLY J 336 53.85 32.92 7.41
CA GLY J 336 53.89 32.09 6.23
C GLY J 336 53.47 32.89 5.02
N VAL J 337 54.01 32.49 3.87
CA VAL J 337 53.79 33.19 2.60
C VAL J 337 53.15 32.23 1.62
N SER J 338 52.02 32.62 1.05
CA SER J 338 51.38 31.87 -0.02
C SER J 338 51.67 32.56 -1.34
N LEU J 339 51.30 31.89 -2.44
CA LEU J 339 51.50 32.44 -3.78
C LEU J 339 50.47 31.81 -4.72
N ASN J 340 49.55 32.66 -5.22
CA ASN J 340 48.56 32.30 -6.24
C ASN J 340 47.67 31.14 -5.81
N GLN J 341 47.20 31.17 -4.57
CA GLN J 341 46.37 30.10 -4.02
C GLN J 341 45.16 30.68 -3.32
N SER J 342 44.25 29.79 -2.93
CA SER J 342 43.09 30.16 -2.13
C SER J 342 43.10 29.49 -0.76
N SER J 343 43.41 28.19 -0.72
CA SER J 343 43.54 27.45 0.52
C SER J 343 45.00 27.26 0.86
N ILE J 344 45.37 27.57 2.09
CA ILE J 344 46.78 27.59 2.50
C ILE J 344 46.96 26.56 3.63
N SER J 345 45.89 26.33 4.40
CA SER J 345 46.00 25.52 5.61
C SER J 345 46.21 24.04 5.29
N THR J 346 45.45 23.50 4.33
CA THR J 346 45.62 22.11 3.95
C THR J 346 46.83 21.88 3.06
N LEU J 347 47.45 22.95 2.54
CA LEU J 347 48.72 22.87 1.84
C LEU J 347 49.83 23.56 2.62
N ASP J 348 49.76 23.52 3.96
CA ASP J 348 50.76 24.21 4.78
C ASP J 348 52.08 23.44 4.85
N GLY J 349 52.04 22.12 4.86
CA GLY J 349 53.24 21.32 4.89
C GLY J 349 53.89 21.07 3.55
N SER J 350 53.34 21.63 2.48
CA SER J 350 53.87 21.43 1.14
C SER J 350 54.88 22.54 0.80
N ARG J 351 55.23 22.63 -0.47
CA ARG J 351 56.26 23.56 -0.92
C ARG J 351 55.81 24.31 -2.18
N PHE J 352 56.73 25.04 -2.81
CA PHE J 352 56.42 25.70 -4.07
C PHE J 352 56.40 24.69 -5.21
N ILE J 353 55.49 24.89 -6.15
CA ILE J 353 55.35 24.02 -7.31
C ILE J 353 55.53 24.87 -8.56
N ALA J 354 56.43 24.43 -9.45
CA ALA J 354 56.68 25.11 -10.72
C ALA J 354 56.25 24.15 -11.83
N ALA J 355 54.97 24.21 -12.20
CA ALA J 355 54.43 23.30 -13.21
C ALA J 355 54.88 23.76 -14.59
N VAL J 356 55.68 22.93 -15.27
CA VAL J 356 56.23 23.23 -16.58
C VAL J 356 55.43 22.46 -17.62
N ASN J 357 55.16 23.10 -18.75
CA ASN J 357 54.47 22.46 -19.86
C ASN J 357 55.28 22.64 -21.14
N ALA J 358 55.40 21.57 -21.92
CA ALA J 358 56.08 21.64 -23.21
C ALA J 358 55.45 20.59 -24.12
N LEU J 359 54.88 21.05 -25.23
CA LEU J 359 54.13 20.18 -26.13
C LEU J 359 53.99 20.88 -27.48
N GLU J 360 53.90 20.09 -28.53
CA GLU J 360 53.70 20.61 -29.88
C GLU J 360 53.07 19.50 -30.71
N GLU J 361 51.78 19.65 -31.03
CA GLU J 361 50.99 18.55 -31.56
C GLU J 361 50.38 18.92 -32.90
N LYS J 362 50.40 17.98 -33.85
CA LYS J 362 49.67 18.07 -35.10
C LYS J 362 48.71 16.88 -35.20
N LYS J 363 47.70 17.02 -36.06
CA LYS J 363 46.69 15.98 -36.15
C LYS J 363 45.98 16.10 -37.50
N GLN J 364 45.41 14.99 -37.96
CA GLN J 364 44.64 14.94 -39.19
C GLN J 364 43.86 13.64 -39.19
N ALA J 365 42.62 13.69 -39.71
CA ALA J 365 41.76 12.51 -39.73
C ALA J 365 40.72 12.66 -40.83
N THR J 366 40.63 11.65 -41.69
CA THR J 366 39.63 11.61 -42.76
C THR J 366 38.80 10.35 -42.60
N VAL J 367 37.50 10.45 -42.81
CA VAL J 367 36.58 9.31 -42.76
C VAL J 367 35.58 9.48 -43.90
N VAL J 368 35.48 8.48 -44.77
CA VAL J 368 34.51 8.47 -45.87
C VAL J 368 33.67 7.21 -45.75
N SER J 369 32.39 7.37 -45.45
CA SER J 369 31.47 6.25 -45.32
C SER J 369 30.38 6.36 -46.37
N ARG J 370 29.82 5.22 -46.79
CA ARG J 370 28.89 5.18 -47.91
C ARG J 370 27.94 4.00 -47.79
N PRO J 371 26.66 4.25 -47.48
CA PRO J 371 25.65 3.18 -47.60
C PRO J 371 24.96 3.17 -48.96
N VAL J 372 24.65 1.96 -49.43
CA VAL J 372 24.01 1.74 -50.72
C VAL J 372 22.73 0.94 -50.50
N LEU J 373 21.66 1.32 -51.18
CA LEU J 373 20.36 0.68 -51.01
C LEU J 373 19.64 0.63 -52.36
N LEU J 374 18.93 -0.46 -52.61
CA LEU J 374 18.22 -0.67 -53.88
C LEU J 374 16.74 -0.90 -53.61
N THR J 375 15.88 -0.20 -54.35
CA THR J 375 14.44 -0.34 -54.22
C THR J 375 13.78 -0.01 -55.55
N GLN J 376 12.46 0.01 -55.55
CA GLN J 376 11.65 0.27 -56.73
C GLN J 376 10.98 1.64 -56.62
N GLU J 377 10.22 1.99 -57.65
CA GLU J 377 9.43 3.22 -57.62
C GLU J 377 8.34 3.13 -56.56
N ASN J 378 8.13 4.24 -55.84
CA ASN J 378 7.01 4.44 -54.91
C ASN J 378 6.97 3.40 -53.79
N VAL J 379 8.13 2.86 -53.42
CA VAL J 379 8.23 1.83 -52.39
C VAL J 379 9.18 2.34 -51.31
N PRO J 380 8.75 2.44 -50.06
CA PRO J 380 9.66 2.87 -49.00
C PRO J 380 10.63 1.77 -48.63
N ALA J 381 11.91 2.13 -48.50
CA ALA J 381 12.96 1.18 -48.16
C ALA J 381 13.73 1.71 -46.96
N ILE J 382 14.41 0.80 -46.26
CA ILE J 382 15.16 1.13 -45.05
C ILE J 382 16.50 0.42 -45.08
N PHE J 383 17.58 1.17 -44.89
CA PHE J 383 18.87 0.64 -44.52
C PHE J 383 19.17 1.08 -43.11
N ASP J 384 19.70 0.18 -42.30
CA ASP J 384 19.93 0.46 -40.88
C ASP J 384 21.18 -0.28 -40.43
N ASN J 385 22.06 0.42 -39.73
CA ASN J 385 23.29 -0.17 -39.18
C ASN J 385 23.49 0.44 -37.80
N ASN J 386 22.96 -0.21 -36.78
CA ASN J 386 22.86 0.39 -35.47
C ASN J 386 23.63 -0.42 -34.43
N ARG J 387 23.52 0.03 -33.17
CA ARG J 387 24.18 -0.58 -32.02
C ARG J 387 23.30 -0.35 -30.81
N THR J 388 23.06 -1.41 -30.03
CA THR J 388 22.13 -1.35 -28.92
C THR J 388 22.91 -1.51 -27.61
N PHE J 389 22.53 -0.73 -26.61
CA PHE J 389 23.19 -0.72 -25.31
C PHE J 389 22.17 -1.04 -24.24
N TYR J 390 22.31 -2.19 -23.59
CA TYR J 390 21.34 -2.66 -22.62
C TYR J 390 21.79 -2.33 -21.21
N THR J 391 20.85 -1.86 -20.38
CA THR J 391 21.13 -1.50 -19.01
C THR J 391 20.17 -2.20 -18.07
N LYS J 392 20.57 -2.32 -16.81
CA LYS J 392 19.81 -3.08 -15.80
C LYS J 392 19.26 -2.09 -14.78
N LEU J 393 18.02 -1.68 -14.98
CA LEU J 393 17.31 -0.82 -14.03
C LEU J 393 16.72 -1.74 -12.96
N ILE J 394 17.37 -1.80 -11.80
CA ILE J 394 16.98 -2.74 -10.75
C ILE J 394 15.84 -2.12 -9.96
N GLY J 395 14.62 -2.30 -10.48
CA GLY J 395 13.41 -1.94 -9.78
C GLY J 395 12.80 -3.16 -9.13
N GLU J 396 11.52 -3.02 -8.74
CA GLU J 396 10.82 -4.14 -8.14
C GLU J 396 9.56 -4.56 -8.90
N ARG J 397 8.86 -3.64 -9.56
CA ARG J 397 7.56 -3.94 -10.14
C ARG J 397 7.60 -4.07 -11.65
N ASN J 398 7.94 -2.96 -12.29
CA ASN J 398 7.96 -2.87 -13.74
C ASN J 398 9.43 -2.95 -14.14
N VAL J 399 10.06 -4.06 -13.76
CA VAL J 399 11.44 -4.33 -14.09
C VAL J 399 11.55 -4.48 -15.59
N ALA J 400 12.56 -3.85 -16.18
CA ALA J 400 12.63 -3.79 -17.63
C ALA J 400 14.09 -3.68 -18.04
N LEU J 401 14.36 -4.15 -19.24
CA LEU J 401 15.64 -3.94 -19.90
C LEU J 401 15.45 -2.72 -20.79
N GLU J 402 15.98 -1.59 -20.36
CA GLU J 402 15.91 -0.38 -21.15
C GLU J 402 17.13 -0.30 -22.05
N HIS J 403 16.96 0.29 -23.23
CA HIS J 403 18.02 0.28 -24.23
C HIS J 403 18.03 1.58 -25.01
N VAL J 404 19.21 1.94 -25.49
CA VAL J 404 19.39 3.05 -26.41
C VAL J 404 19.94 2.48 -27.71
N THR J 405 19.80 3.23 -28.79
CA THR J 405 20.16 2.77 -30.12
C THR J 405 20.74 3.93 -30.91
N TYR J 406 21.85 3.69 -31.60
CA TYR J 406 22.47 4.73 -32.41
C TYR J 406 23.18 4.09 -33.59
N GLY J 407 23.13 4.76 -34.74
CA GLY J 407 23.83 4.26 -35.91
C GLY J 407 23.32 4.93 -37.16
N THR J 408 23.85 4.48 -38.30
CA THR J 408 23.50 5.02 -39.60
C THR J 408 22.15 4.47 -40.02
N MET J 409 21.32 5.31 -40.65
CA MET J 409 19.96 4.92 -41.00
C MET J 409 19.46 5.81 -42.12
N ILE J 410 18.95 5.20 -43.20
CA ILE J 410 18.34 5.91 -44.32
C ILE J 410 16.94 5.36 -44.52
N ARG J 411 15.97 6.24 -44.75
CA ARG J 411 14.64 5.85 -45.20
C ARG J 411 14.26 6.73 -46.36
N VAL J 412 14.08 6.13 -47.54
CA VAL J 412 13.91 6.87 -48.78
C VAL J 412 12.63 6.40 -49.46
N LEU J 413 12.07 7.28 -50.30
CA LEU J 413 10.86 6.97 -51.06
C LEU J 413 11.05 7.58 -52.45
N PRO J 414 11.62 6.83 -53.38
CA PRO J 414 11.96 7.39 -54.69
C PRO J 414 10.75 7.42 -55.61
N ARG J 415 10.84 8.29 -56.61
CA ARG J 415 9.74 8.53 -57.54
C ARG J 415 10.29 9.23 -58.77
N PHE J 416 9.92 8.74 -59.95
CA PHE J 416 10.36 9.36 -61.19
C PHE J 416 9.43 10.49 -61.60
N SER J 417 10.01 11.60 -62.03
CA SER J 417 9.23 12.73 -62.50
C SER J 417 8.91 12.55 -63.98
N ALA J 418 8.37 13.59 -64.61
CA ALA J 418 8.00 13.49 -66.02
C ALA J 418 9.18 13.66 -66.96
N ASP J 419 10.25 14.31 -66.50
CA ASP J 419 11.41 14.57 -67.33
C ASP J 419 12.48 13.51 -67.23
N GLY J 420 12.36 12.59 -66.27
CA GLY J 420 13.39 11.60 -66.02
C GLY J 420 14.24 11.86 -64.79
N GLN J 421 13.88 12.84 -63.98
CA GLN J 421 14.59 13.12 -62.74
C GLN J 421 13.95 12.32 -61.60
N ILE J 422 14.74 12.11 -60.55
CA ILE J 422 14.34 11.26 -59.43
C ILE J 422 14.17 12.13 -58.20
N GLU J 423 12.93 12.24 -57.71
CA GLU J 423 12.65 12.96 -56.47
C GLU J 423 12.59 11.97 -55.31
N MET J 424 13.17 12.39 -54.18
CA MET J 424 13.32 11.52 -53.03
C MET J 424 12.85 12.22 -51.78
N SER J 425 12.31 11.46 -50.84
CA SER J 425 11.88 11.96 -49.53
C SER J 425 12.77 11.31 -48.48
N LEU J 426 13.74 12.07 -47.98
CA LEU J 426 14.86 11.52 -47.22
C LEU J 426 14.63 11.65 -45.72
N ASP J 427 15.21 10.72 -44.97
CA ASP J 427 15.26 10.74 -43.51
C ASP J 427 16.59 10.11 -43.10
N ILE J 428 17.61 10.95 -42.90
CA ILE J 428 18.98 10.49 -42.70
C ILE J 428 19.35 10.68 -41.24
N GLU J 429 19.96 9.66 -40.64
CA GLU J 429 20.52 9.74 -39.30
C GLU J 429 21.91 9.12 -39.32
N ASP J 430 22.89 9.84 -38.75
CA ASP J 430 24.25 9.33 -38.64
C ASP J 430 24.75 9.65 -37.24
N GLY J 431 24.85 8.64 -36.39
CA GLY J 431 25.25 8.82 -35.01
C GLY J 431 26.44 7.94 -34.67
N ASN J 432 27.14 8.30 -33.61
CA ASN J 432 28.24 7.52 -33.07
C ASN J 432 28.33 7.77 -31.58
N ASP J 433 29.31 7.15 -30.93
CA ASP J 433 29.43 7.16 -29.48
C ASP J 433 30.58 8.07 -29.09
N LYS J 434 30.27 9.16 -28.40
CA LYS J 434 31.27 10.05 -27.85
C LYS J 434 31.74 9.51 -26.51
N THR J 435 33.05 9.56 -26.28
CA THR J 435 33.63 8.96 -25.10
C THR J 435 34.17 10.04 -24.18
N PRO J 436 33.75 10.06 -22.91
CA PRO J 436 34.41 10.92 -21.92
C PRO J 436 35.72 10.33 -21.43
N GLN J 437 36.30 10.95 -20.39
CA GLN J 437 37.59 10.51 -19.86
C GLN J 437 37.46 9.12 -19.23
N SER J 438 38.38 8.22 -19.59
CA SER J 438 38.30 6.83 -19.16
C SER J 438 38.75 6.63 -17.71
N ASP J 439 39.52 7.55 -17.14
CA ASP J 439 40.08 7.36 -15.82
C ASP J 439 39.07 7.55 -14.69
N THR J 440 37.98 8.30 -14.93
CA THR J 440 36.98 8.56 -13.91
C THR J 440 35.93 7.46 -13.91
N THR J 441 35.19 7.38 -12.80
CA THR J 441 34.27 6.29 -12.48
C THR J 441 33.09 6.19 -13.45
N THR J 442 32.70 7.28 -14.12
CA THR J 442 31.52 7.28 -15.00
C THR J 442 31.72 6.52 -16.31
N SER J 443 32.85 5.84 -16.51
CA SER J 443 33.05 4.99 -17.67
C SER J 443 32.57 3.57 -17.46
N VAL J 444 32.18 3.19 -16.24
CA VAL J 444 31.71 1.83 -15.97
C VAL J 444 30.19 1.75 -15.80
N ASP J 445 29.50 2.87 -15.65
CA ASP J 445 28.06 2.85 -15.57
C ASP J 445 27.44 3.08 -16.95
N ALA J 446 26.11 3.21 -16.98
CA ALA J 446 25.36 3.33 -18.24
C ALA J 446 25.33 4.78 -18.70
N LEU J 447 26.50 5.28 -19.09
CA LEU J 447 26.63 6.61 -19.69
C LEU J 447 27.40 6.50 -21.00
N PRO J 448 26.76 6.03 -22.07
CA PRO J 448 27.31 6.26 -23.41
C PRO J 448 26.80 7.58 -23.99
N GLU J 449 27.52 8.69 -23.80
CA GLU J 449 27.13 9.96 -24.43
C GLU J 449 27.04 9.82 -25.95
N VAL J 450 25.81 9.85 -26.47
CA VAL J 450 25.54 9.65 -27.89
C VAL J 450 25.42 11.00 -28.57
N GLY J 451 26.12 11.17 -29.69
CA GLY J 451 25.94 12.32 -30.55
C GLY J 451 25.40 11.89 -31.91
N ARG J 452 24.31 12.51 -32.33
CA ARG J 452 23.62 12.15 -33.56
C ARG J 452 23.63 13.32 -34.53
N THR J 453 23.13 13.06 -35.73
CA THR J 453 23.01 14.06 -36.78
C THR J 453 21.82 13.71 -37.64
N LEU J 454 20.78 14.53 -37.60
CA LEU J 454 19.51 14.22 -38.25
C LEU J 454 19.25 15.22 -39.37
N ILE J 455 18.75 14.73 -40.50
CA ILE J 455 18.43 15.54 -41.67
C ILE J 455 17.15 15.00 -42.26
N SER J 456 16.17 15.88 -42.50
CA SER J 456 14.89 15.49 -43.10
C SER J 456 14.50 16.56 -44.12
N THR J 457 14.45 16.19 -45.38
CA THR J 457 14.22 17.15 -46.46
C THR J 457 13.67 16.41 -47.67
N ILE J 458 13.53 17.13 -48.79
CA ILE J 458 13.09 16.57 -50.07
C ILE J 458 13.95 17.19 -51.17
N ALA J 459 14.57 16.34 -51.99
CA ALA J 459 15.42 16.82 -53.07
C ALA J 459 15.07 16.10 -54.37
N ARG J 460 15.50 16.68 -55.49
CA ARG J 460 15.20 16.15 -56.81
C ARG J 460 16.43 16.24 -57.69
N VAL J 461 17.00 15.09 -58.03
CA VAL J 461 18.28 15.00 -58.74
C VAL J 461 18.02 14.38 -60.11
N PRO J 462 18.72 14.80 -61.16
CA PRO J 462 18.68 14.04 -62.42
C PRO J 462 19.35 12.68 -62.30
N HIS J 463 19.21 11.88 -63.35
CA HIS J 463 19.75 10.52 -63.32
C HIS J 463 21.25 10.55 -63.53
N GLY J 464 21.99 10.16 -62.50
CA GLY J 464 23.43 10.12 -62.57
C GLY J 464 24.16 11.30 -61.99
N LYS J 465 23.47 12.41 -61.74
CA LYS J 465 24.09 13.58 -61.15
C LYS J 465 23.97 13.51 -59.63
N SER J 466 24.33 14.59 -58.95
CA SER J 466 24.40 14.56 -57.49
C SER J 466 24.00 15.91 -56.92
N LEU J 467 23.66 15.92 -55.64
CA LEU J 467 23.26 17.12 -54.92
C LEU J 467 23.82 17.08 -53.50
N LEU J 468 24.10 18.27 -52.97
CA LEU J 468 24.55 18.41 -51.58
C LEU J 468 23.35 18.68 -50.70
N VAL J 469 23.07 17.79 -49.76
CA VAL J 469 21.88 17.88 -48.94
C VAL J 469 22.16 18.61 -47.63
N GLY J 470 23.17 18.20 -46.89
CA GLY J 470 23.49 18.84 -45.63
C GLY J 470 24.90 19.38 -45.61
N GLY J 471 25.40 19.72 -44.43
CA GLY J 471 26.75 20.24 -44.33
C GLY J 471 26.96 20.90 -42.98
N TYR J 472 28.24 21.04 -42.63
CA TYR J 472 28.68 21.66 -41.38
C TYR J 472 30.16 21.97 -41.43
N THR J 473 30.55 23.22 -41.14
CA THR J 473 31.94 23.59 -40.97
C THR J 473 32.13 24.27 -39.63
N ARG J 474 33.37 24.28 -39.15
CA ARG J 474 33.70 24.95 -37.91
C ARG J 474 35.19 25.28 -37.88
N ASP J 475 35.51 26.53 -37.58
CA ASP J 475 36.89 27.01 -37.47
C ASP J 475 37.09 27.67 -36.12
N ALA J 476 38.28 27.52 -35.55
CA ALA J 476 38.55 28.08 -34.23
C ALA J 476 40.04 28.40 -34.10
N ASN J 477 40.34 29.38 -33.26
CA ASN J 477 41.72 29.78 -32.99
C ASN J 477 41.75 30.54 -31.66
N THR J 478 42.34 29.94 -30.63
CA THR J 478 42.51 30.59 -29.34
C THR J 478 44.00 30.69 -29.02
N ASP J 479 44.33 31.66 -28.16
CA ASP J 479 45.70 31.82 -27.67
C ASP J 479 45.71 32.63 -26.39
N THR J 480 46.39 32.13 -25.35
CA THR J 480 46.52 32.81 -24.07
C THR J 480 47.99 33.14 -23.82
N VAL J 481 48.21 34.17 -23.01
CA VAL J 481 49.55 34.58 -22.59
C VAL J 481 49.48 34.96 -21.12
N GLN J 482 50.24 34.27 -20.27
CA GLN J 482 50.36 34.61 -18.87
C GLN J 482 51.81 34.93 -18.54
N SER J 483 52.01 35.71 -17.48
CA SER J 483 53.36 36.07 -17.04
C SER J 483 53.31 36.54 -15.60
N ILE J 484 54.50 36.68 -15.01
CA ILE J 484 54.71 37.40 -13.76
C ILE J 484 54.94 38.85 -14.19
N PRO J 485 54.41 39.85 -13.47
CA PRO J 485 54.44 41.23 -13.99
C PRO J 485 55.82 41.84 -14.21
N PHE J 486 56.77 41.64 -13.29
CA PHE J 486 58.09 42.22 -13.47
C PHE J 486 59.14 41.20 -13.90
N LEU J 487 59.09 39.98 -13.36
CA LEU J 487 60.10 38.99 -13.68
C LEU J 487 59.95 38.41 -15.07
N GLY J 488 58.80 38.61 -15.71
CA GLY J 488 58.58 38.07 -17.04
C GLY J 488 59.20 38.87 -18.17
N LYS J 489 59.86 39.98 -17.87
CA LYS J 489 60.50 40.81 -18.88
C LYS J 489 62.02 40.82 -18.77
N LEU J 490 62.59 39.92 -17.98
CA LEU J 490 64.03 39.80 -17.90
C LEU J 490 64.59 39.21 -19.19
N PRO J 491 65.83 39.59 -19.59
CA PRO J 491 66.37 39.15 -20.89
C PRO J 491 66.59 37.64 -21.03
N LEU J 492 67.35 37.04 -20.11
CA LEU J 492 67.69 35.63 -20.22
C LEU J 492 67.10 34.79 -19.08
N ILE J 493 66.59 35.43 -18.03
CA ILE J 493 65.94 34.71 -16.94
C ILE J 493 64.42 34.71 -17.08
N GLY J 494 63.84 35.66 -17.81
CA GLY J 494 62.40 35.85 -17.88
C GLY J 494 61.64 34.76 -18.62
N SER J 495 62.32 33.80 -19.23
CA SER J 495 61.62 32.70 -19.90
C SER J 495 61.06 31.70 -18.91
N LEU J 496 61.54 31.71 -17.66
CA LEU J 496 61.08 30.78 -16.64
C LEU J 496 59.79 31.22 -15.98
N PHE J 497 59.21 32.35 -16.38
CA PHE J 497 58.01 32.88 -15.74
C PHE J 497 56.86 33.11 -16.70
N ARG J 498 57.09 33.18 -18.00
CA ARG J 498 56.01 33.38 -18.96
C ARG J 498 55.30 32.06 -19.25
N TYR J 499 54.21 32.15 -20.00
CA TYR J 499 53.43 31.00 -20.42
C TYR J 499 52.63 31.42 -21.64
N SER J 500 52.45 30.50 -22.59
CA SER J 500 51.74 30.80 -23.82
C SER J 500 51.22 29.53 -24.44
N SER J 501 49.95 29.56 -24.85
CA SER J 501 49.32 28.41 -25.48
C SER J 501 48.67 28.84 -26.78
N LYS J 502 48.35 27.86 -27.63
CA LYS J 502 47.67 28.08 -28.89
C LYS J 502 46.74 26.91 -29.15
N ASN J 503 45.84 27.08 -30.12
CA ASN J 503 44.91 26.05 -30.53
C ASN J 503 44.35 26.41 -31.89
N LYS J 504 43.96 25.41 -32.67
CA LYS J 504 43.39 25.60 -33.99
C LYS J 504 42.70 24.33 -34.42
N SER J 505 41.55 24.45 -35.08
CA SER J 505 40.83 23.29 -35.57
C SER J 505 40.02 23.66 -36.80
N ASN J 506 39.80 22.69 -37.67
CA ASN J 506 39.01 22.89 -38.89
C ASN J 506 38.26 21.59 -39.19
N VAL J 507 36.94 21.61 -39.03
CA VAL J 507 36.10 20.43 -39.18
C VAL J 507 35.18 20.66 -40.38
N VAL J 508 35.00 19.63 -41.20
CA VAL J 508 34.10 19.67 -42.36
C VAL J 508 33.32 18.36 -42.41
N ARG J 509 32.00 18.44 -42.41
CA ARG J 509 31.13 17.30 -42.66
C ARG J 509 30.15 17.65 -43.76
N VAL J 510 29.93 16.74 -44.71
CA VAL J 510 28.95 16.94 -45.79
C VAL J 510 28.18 15.66 -46.02
N PHE J 511 27.00 15.81 -46.63
CA PHE J 511 26.13 14.69 -47.00
C PHE J 511 25.75 14.88 -48.46
N MET J 512 26.00 13.87 -49.28
CA MET J 512 25.72 13.96 -50.71
C MET J 512 24.89 12.77 -51.16
N ILE J 513 24.06 13.00 -52.17
CA ILE J 513 23.10 12.03 -52.67
C ILE J 513 23.36 11.82 -54.17
N GLU J 514 23.42 10.57 -54.60
CA GLU J 514 23.66 10.24 -56.01
C GLU J 514 22.81 9.06 -56.40
N PRO J 515 21.62 9.28 -56.96
CA PRO J 515 20.78 8.17 -57.39
C PRO J 515 20.99 7.81 -58.86
N LYS J 516 20.66 6.57 -59.18
CA LYS J 516 20.75 6.09 -60.55
C LYS J 516 19.75 4.95 -60.73
N GLU J 517 19.51 4.59 -61.99
CA GLU J 517 18.49 3.62 -62.36
C GLU J 517 19.13 2.31 -62.78
N ILE J 518 18.60 1.20 -62.26
CA ILE J 518 19.14 -0.13 -62.50
C ILE J 518 18.25 -0.82 -63.52
N VAL J 519 18.84 -1.26 -64.63
CA VAL J 519 18.12 -1.99 -65.65
C VAL J 519 18.68 -3.38 -65.92
N ASP J 520 19.93 -3.65 -65.54
CA ASP J 520 20.59 -4.91 -65.83
C ASP J 520 21.05 -5.60 -64.54
N PRO J 521 21.10 -6.92 -64.53
CA PRO J 521 21.65 -7.63 -63.36
C PRO J 521 23.17 -7.52 -63.30
N LEU J 522 23.74 -8.15 -62.28
CA LEU J 522 25.17 -8.05 -62.05
C LEU J 522 25.95 -8.86 -63.09
N THR J 523 27.10 -8.33 -63.51
CA THR J 523 28.01 -9.04 -64.40
C THR J 523 29.43 -8.85 -63.92
N PRO J 524 30.18 -9.93 -63.61
CA PRO J 524 29.81 -11.35 -63.57
C PRO J 524 28.91 -11.69 -62.39
N ASP J 525 28.46 -12.94 -62.30
CA ASP J 525 27.42 -13.31 -61.37
C ASP J 525 27.91 -13.22 -59.92
N ALA J 526 26.95 -13.24 -58.99
CA ALA J 526 27.27 -13.15 -57.58
C ALA J 526 27.97 -14.39 -57.07
N SER J 527 27.67 -15.55 -57.67
CA SER J 527 28.33 -16.79 -57.29
C SER J 527 29.67 -16.97 -57.96
N GLU J 528 30.03 -16.09 -58.91
CA GLU J 528 31.32 -16.16 -59.57
C GLU J 528 32.34 -15.22 -58.94
N SER J 529 31.89 -14.08 -58.41
CA SER J 529 32.81 -13.18 -57.73
C SER J 529 33.16 -13.66 -56.32
N VAL J 530 32.33 -14.51 -55.74
CA VAL J 530 32.61 -15.03 -54.41
C VAL J 530 33.64 -16.16 -54.49
N ASN J 531 33.57 -16.98 -55.54
CA ASN J 531 34.54 -18.05 -55.72
C ASN J 531 35.94 -17.54 -56.03
N ASN J 532 36.08 -16.29 -56.47
CA ASN J 532 37.40 -15.69 -56.63
C ASN J 532 37.91 -15.06 -55.34
N ILE J 533 37.00 -14.69 -54.43
CA ILE J 533 37.42 -14.17 -53.14
C ILE J 533 37.93 -15.29 -52.25
N LEU J 534 37.22 -16.42 -52.24
CA LEU J 534 37.59 -17.55 -51.39
C LEU J 534 38.88 -18.21 -51.86
N LYS J 535 39.15 -18.20 -53.16
CA LYS J 535 40.39 -18.79 -53.65
C LYS J 535 41.59 -17.89 -53.40
N GLN J 536 41.40 -16.57 -53.42
CA GLN J 536 42.52 -15.66 -53.20
C GLN J 536 42.87 -15.53 -51.73
N SER J 537 41.87 -15.41 -50.86
CA SER J 537 42.13 -15.27 -49.43
C SER J 537 42.49 -16.58 -48.76
N GLY J 538 42.26 -17.72 -49.42
CA GLY J 538 42.62 -18.99 -48.85
C GLY J 538 41.57 -19.64 -47.98
N ALA J 539 40.34 -19.15 -47.99
CA ALA J 539 39.27 -19.71 -47.20
C ALA J 539 38.42 -20.71 -47.97
N TRP J 540 38.84 -21.09 -49.17
CA TRP J 540 38.03 -21.95 -50.03
C TRP J 540 38.13 -23.39 -49.58
N SER J 541 36.98 -24.07 -49.49
CA SER J 541 36.93 -25.47 -49.11
C SER J 541 35.96 -26.23 -49.99
N GLY J 542 35.99 -25.98 -51.29
CA GLY J 542 35.20 -26.76 -52.22
C GLY J 542 35.89 -28.01 -52.73
N ASP J 543 37.16 -28.20 -52.36
CA ASP J 543 37.93 -29.36 -52.73
C ASP J 543 38.03 -30.38 -51.61
N ASP J 544 37.26 -30.22 -50.54
CA ASP J 544 37.33 -31.12 -49.41
C ASP J 544 36.72 -32.47 -49.75
N LYS J 545 37.30 -33.54 -49.20
CA LYS J 545 36.81 -34.88 -49.50
C LYS J 545 35.52 -35.18 -48.76
N LEU J 546 35.33 -34.60 -47.57
CA LEU J 546 34.19 -34.89 -46.74
C LEU J 546 33.02 -33.95 -46.94
N GLN J 547 33.27 -32.67 -47.21
CA GLN J 547 32.21 -31.69 -47.35
C GLN J 547 31.68 -31.56 -48.76
N LYS J 548 32.27 -32.24 -49.74
CA LYS J 548 31.78 -32.17 -51.10
C LYS J 548 30.54 -33.01 -51.35
N TRP J 549 30.18 -33.90 -50.43
CA TRP J 549 28.98 -34.71 -50.59
C TRP J 549 27.71 -33.90 -50.34
N VAL J 550 27.81 -32.81 -49.59
CA VAL J 550 26.65 -31.98 -49.29
C VAL J 550 26.71 -30.62 -49.99
N ARG J 551 27.90 -30.02 -50.13
CA ARG J 551 28.08 -28.78 -50.87
C ARG J 551 27.84 -28.91 -52.37
N VAL J 552 27.63 -30.13 -52.89
CA VAL J 552 27.31 -30.29 -54.30
C VAL J 552 25.85 -29.98 -54.57
N TYR J 553 25.01 -29.92 -53.54
CA TYR J 553 23.63 -29.49 -53.72
C TYR J 553 23.51 -27.99 -53.80
N LEU J 554 24.29 -27.27 -52.99
CA LEU J 554 24.17 -25.82 -52.90
C LEU J 554 24.87 -25.12 -54.06
N ASP J 555 25.97 -25.69 -54.53
CA ASP J 555 26.78 -25.11 -55.61
C ASP J 555 26.45 -25.76 -56.95
N ARG J 556 25.16 -26.04 -57.16
CA ARG J 556 24.71 -26.73 -58.38
C ARG J 556 24.88 -25.86 -59.62
N GLY J 557 24.74 -24.55 -59.49
CA GLY J 557 24.93 -23.66 -60.62
C GLY J 557 26.35 -23.14 -60.71
N LEU K 175 -40.04 -23.71 -56.96
CA LEU K 175 -39.07 -23.66 -55.86
C LEU K 175 -37.86 -24.54 -56.15
N GLY K 176 -36.79 -24.32 -55.41
CA GLY K 176 -35.58 -25.11 -55.58
C GLY K 176 -35.20 -25.91 -54.36
N ARG K 177 -34.94 -27.19 -54.55
CA ARG K 177 -34.53 -28.04 -53.44
C ARG K 177 -33.08 -27.76 -53.05
N GLN K 178 -32.80 -27.86 -51.76
CA GLN K 178 -31.43 -27.70 -51.29
C GLN K 178 -30.60 -28.92 -51.66
N LYS K 179 -29.28 -28.74 -51.68
CA LYS K 179 -28.35 -29.77 -52.11
C LYS K 179 -27.00 -29.49 -51.48
N ILE K 180 -26.35 -30.54 -50.99
CA ILE K 180 -25.04 -30.44 -50.35
C ILE K 180 -24.01 -31.04 -51.30
N GLY K 181 -22.98 -30.27 -51.64
CA GLY K 181 -21.92 -30.72 -52.49
C GLY K 181 -20.60 -30.77 -51.74
N VAL K 182 -19.78 -31.76 -52.07
CA VAL K 182 -18.47 -31.95 -51.46
C VAL K 182 -17.43 -31.81 -52.55
N MET K 183 -16.51 -30.86 -52.38
CA MET K 183 -15.51 -30.52 -53.39
C MET K 183 -14.12 -30.72 -52.79
N ARG K 184 -13.44 -31.78 -53.21
CA ARG K 184 -12.10 -32.05 -52.72
C ARG K 184 -11.08 -31.19 -53.45
N LEU K 185 -10.15 -30.62 -52.69
CA LEU K 185 -9.10 -29.78 -53.24
C LEU K 185 -7.81 -30.59 -53.37
N ASN K 186 -7.21 -30.56 -54.55
CA ASN K 186 -6.04 -31.38 -54.83
C ASN K 186 -4.73 -30.62 -54.74
N ASN K 187 -4.73 -29.30 -54.87
CA ASN K 187 -3.48 -28.55 -54.98
C ASN K 187 -3.37 -27.41 -53.97
N THR K 188 -4.18 -27.41 -52.92
CA THR K 188 -4.10 -26.38 -51.90
C THR K 188 -4.62 -26.92 -50.57
N PHE K 189 -4.56 -26.07 -49.55
CA PHE K 189 -4.97 -26.40 -48.20
C PHE K 189 -6.19 -25.58 -47.80
N VAL K 190 -7.17 -26.22 -47.18
CA VAL K 190 -8.21 -25.50 -46.45
C VAL K 190 -7.66 -25.14 -45.08
N GLY K 191 -8.10 -24.02 -44.54
CA GLY K 191 -7.70 -23.61 -43.22
C GLY K 191 -6.48 -22.70 -43.26
N ASP K 192 -6.29 -22.00 -42.14
CA ASP K 192 -5.30 -20.96 -42.05
C ASP K 192 -3.93 -21.53 -41.71
N ARG K 193 -2.88 -20.81 -42.10
CA ARG K 193 -1.51 -21.15 -41.79
C ARG K 193 -0.94 -20.11 -40.83
N THR K 194 -0.18 -20.57 -39.84
CA THR K 194 0.34 -19.70 -38.79
C THR K 194 1.85 -19.88 -38.67
N TYR K 195 2.56 -18.76 -38.49
CA TYR K 195 3.99 -18.77 -38.20
C TYR K 195 4.30 -17.60 -37.29
N ASN K 196 5.56 -17.50 -36.87
CA ASN K 196 5.97 -16.50 -35.88
C ASN K 196 7.23 -15.77 -36.32
N LEU K 197 7.32 -14.49 -35.96
CA LEU K 197 8.58 -13.74 -36.07
C LEU K 197 8.97 -13.30 -34.66
N ARG K 198 9.51 -14.25 -33.89
CA ARG K 198 10.21 -14.10 -32.63
C ARG K 198 9.36 -13.61 -31.45
N ASP K 199 8.23 -12.95 -31.68
CA ASP K 199 7.29 -12.66 -30.62
C ASP K 199 5.83 -12.68 -31.09
N GLN K 200 5.61 -12.42 -32.37
CA GLN K 200 4.29 -12.12 -32.89
C GLN K 200 3.83 -13.19 -33.86
N LYS K 201 2.53 -13.42 -33.89
CA LYS K 201 1.92 -14.46 -34.70
C LYS K 201 1.28 -13.86 -35.94
N MET K 202 1.52 -14.46 -37.09
CA MET K 202 0.90 -14.05 -38.34
C MET K 202 -0.02 -15.16 -38.83
N VAL K 203 -1.23 -14.79 -39.23
CA VAL K 203 -2.25 -15.73 -39.69
C VAL K 203 -2.63 -15.36 -41.10
N ILE K 204 -2.56 -16.33 -42.01
CA ILE K 204 -2.90 -16.15 -43.41
C ILE K 204 -4.24 -16.84 -43.67
N PRO K 205 -5.23 -16.14 -44.22
CA PRO K 205 -6.53 -16.78 -44.47
C PRO K 205 -6.47 -17.75 -45.63
N GLY K 206 -7.12 -18.89 -45.46
CA GLY K 206 -7.15 -19.93 -46.46
C GLY K 206 -8.22 -19.72 -47.50
N ILE K 207 -8.57 -20.81 -48.17
CA ILE K 207 -9.60 -20.74 -49.21
C ILE K 207 -11.01 -20.74 -48.60
N ALA K 208 -11.16 -21.23 -47.38
CA ALA K 208 -12.50 -21.32 -46.80
C ALA K 208 -12.90 -20.05 -46.07
N THR K 209 -11.96 -19.15 -45.83
CA THR K 209 -12.26 -17.86 -45.24
C THR K 209 -12.44 -16.79 -46.31
N ALA K 210 -11.82 -16.99 -47.48
CA ALA K 210 -11.95 -16.01 -48.56
C ALA K 210 -13.30 -16.09 -49.25
N ILE K 211 -13.82 -17.30 -49.47
CA ILE K 211 -15.14 -17.41 -50.11
C ILE K 211 -16.25 -17.17 -49.10
N GLU K 212 -15.98 -17.38 -47.81
CA GLU K 212 -17.00 -17.12 -46.79
C GLU K 212 -17.24 -15.62 -46.62
N ARG K 213 -16.17 -14.82 -46.74
CA ARG K 213 -16.34 -13.38 -46.68
C ARG K 213 -16.87 -12.80 -47.99
N LEU K 214 -16.76 -13.54 -49.08
CA LEU K 214 -17.29 -13.05 -50.35
C LEU K 214 -18.81 -13.16 -50.39
N LEU K 215 -19.36 -14.17 -49.73
CA LEU K 215 -20.80 -14.43 -49.72
C LEU K 215 -21.45 -13.95 -48.43
N GLN K 216 -20.82 -13.01 -47.74
CA GLN K 216 -21.33 -12.52 -46.47
C GLN K 216 -22.31 -11.39 -46.71
N GLY K 217 -23.42 -11.39 -45.95
CA GLY K 217 -24.50 -10.46 -46.22
C GLY K 217 -25.18 -10.84 -47.51
N GLU K 218 -24.98 -10.01 -48.53
CA GLU K 218 -25.18 -10.36 -49.95
C GLU K 218 -26.62 -10.78 -50.26
N GLU K 219 -27.54 -9.82 -50.13
CA GLU K 219 -28.91 -10.04 -50.58
C GLU K 219 -29.00 -9.86 -52.09
N GLN K 220 -28.47 -10.83 -52.84
CA GLN K 220 -28.32 -10.71 -54.28
C GLN K 220 -28.84 -11.95 -54.99
N PRO K 221 -29.55 -11.78 -56.12
CA PRO K 221 -30.15 -12.93 -56.81
C PRO K 221 -29.15 -13.80 -57.56
N LEU K 222 -28.43 -14.64 -56.84
CA LEU K 222 -27.45 -15.51 -57.48
C LEU K 222 -28.14 -16.77 -58.03
N GLY K 223 -27.82 -17.10 -59.27
CA GLY K 223 -28.34 -18.29 -59.91
C GLY K 223 -27.27 -19.01 -60.72
N ALA K 262 -32.48 -18.82 -55.28
CA ALA K 262 -32.77 -17.94 -54.16
C ALA K 262 -31.83 -16.74 -54.15
N ALA K 263 -31.27 -16.44 -52.98
CA ALA K 263 -30.37 -15.30 -52.82
C ALA K 263 -28.93 -15.78 -52.72
N ALA K 264 -28.00 -14.82 -52.69
CA ALA K 264 -26.60 -15.17 -52.51
C ALA K 264 -26.22 -15.23 -51.04
N GLY K 265 -27.12 -14.80 -50.17
CA GLY K 265 -26.87 -14.72 -48.75
C GLY K 265 -27.22 -15.94 -47.94
N ASN K 266 -27.86 -16.94 -48.54
CA ASN K 266 -28.20 -18.17 -47.83
C ASN K 266 -27.31 -19.35 -48.21
N ILE K 267 -26.17 -19.10 -48.84
CA ILE K 267 -25.21 -20.16 -49.11
C ILE K 267 -24.29 -20.32 -47.91
N LYS K 268 -24.15 -21.55 -47.43
CA LYS K 268 -23.30 -21.88 -46.31
C LYS K 268 -22.08 -22.64 -46.80
N ILE K 269 -20.89 -22.19 -46.40
CA ILE K 269 -19.63 -22.83 -46.77
C ILE K 269 -18.86 -23.13 -45.49
N VAL K 270 -18.57 -24.42 -45.28
CA VAL K 270 -17.92 -24.90 -44.07
C VAL K 270 -16.73 -25.76 -44.47
N ALA K 271 -15.57 -25.46 -43.91
CA ALA K 271 -14.35 -26.22 -44.16
C ALA K 271 -14.39 -27.54 -43.41
N TYR K 272 -14.05 -28.62 -44.10
CA TYR K 272 -13.91 -29.92 -43.47
C TYR K 272 -12.48 -30.39 -43.65
N PRO K 273 -11.59 -30.16 -42.69
CA PRO K 273 -10.16 -30.44 -42.91
C PRO K 273 -9.80 -31.91 -42.84
N ASP K 274 -10.72 -32.79 -42.44
CA ASP K 274 -10.35 -34.18 -42.20
C ASP K 274 -10.19 -34.93 -43.51
N THR K 275 -10.80 -34.44 -44.59
CA THR K 275 -10.56 -34.97 -45.93
C THR K 275 -10.16 -33.89 -46.92
N ASN K 276 -9.87 -32.67 -46.43
CA ASN K 276 -9.40 -31.53 -47.23
C ASN K 276 -10.39 -31.18 -48.33
N SER K 277 -11.59 -30.77 -47.92
CA SER K 277 -12.67 -30.51 -48.85
C SER K 277 -13.63 -29.49 -48.27
N LEU K 278 -14.33 -28.81 -49.17
CA LEU K 278 -15.32 -27.82 -48.80
C LEU K 278 -16.71 -28.44 -48.79
N LEU K 279 -17.59 -27.89 -47.96
CA LEU K 279 -18.98 -28.31 -47.88
C LEU K 279 -19.86 -27.11 -48.21
N VAL K 280 -20.54 -27.16 -49.34
CA VAL K 280 -21.39 -26.08 -49.82
C VAL K 280 -22.84 -26.55 -49.76
N LYS K 281 -23.71 -25.74 -49.17
CA LYS K 281 -25.14 -26.04 -49.08
C LYS K 281 -25.92 -24.92 -49.77
N GLY K 282 -26.66 -25.29 -50.80
CA GLY K 282 -27.47 -24.32 -51.51
C GLY K 282 -28.37 -25.03 -52.48
N THR K 283 -28.90 -24.27 -53.44
CA THR K 283 -29.71 -24.86 -54.49
C THR K 283 -28.83 -25.60 -55.49
N ALA K 284 -29.47 -26.23 -56.48
CA ALA K 284 -28.72 -26.98 -57.48
C ALA K 284 -27.99 -26.09 -58.46
N GLU K 285 -28.30 -24.80 -58.50
CA GLU K 285 -27.62 -23.86 -59.38
C GLU K 285 -26.53 -23.09 -58.66
N GLN K 286 -26.64 -22.92 -57.34
CA GLN K 286 -25.59 -22.25 -56.59
C GLN K 286 -24.44 -23.18 -56.25
N VAL K 287 -24.71 -24.48 -56.14
CA VAL K 287 -23.65 -25.45 -55.87
C VAL K 287 -22.75 -25.60 -57.10
N HIS K 288 -23.36 -25.63 -58.28
CA HIS K 288 -22.58 -25.63 -59.53
C HIS K 288 -21.87 -24.31 -59.75
N PHE K 289 -22.33 -23.23 -59.14
CA PHE K 289 -21.70 -21.92 -59.32
C PHE K 289 -20.41 -21.81 -58.52
N ILE K 290 -20.36 -22.43 -57.34
CA ILE K 290 -19.14 -22.40 -56.54
C ILE K 290 -18.16 -23.47 -57.01
N GLU K 291 -18.65 -24.55 -57.61
CA GLU K 291 -17.76 -25.60 -58.10
C GLU K 291 -16.94 -25.14 -59.30
N MET K 292 -17.46 -24.19 -60.08
CA MET K 292 -16.67 -23.64 -61.17
C MET K 292 -15.69 -22.58 -60.72
N LEU K 293 -15.92 -21.96 -59.55
CA LEU K 293 -14.96 -21.01 -59.01
C LEU K 293 -13.78 -21.72 -58.36
N VAL K 294 -14.05 -22.85 -57.70
CA VAL K 294 -13.03 -23.59 -56.98
C VAL K 294 -12.01 -24.19 -57.94
N LYS K 295 -12.46 -24.68 -59.09
CA LYS K 295 -11.54 -25.25 -60.07
C LYS K 295 -10.69 -24.21 -60.79
N ALA K 296 -10.96 -22.92 -60.59
CA ALA K 296 -10.08 -21.87 -61.11
C ALA K 296 -9.08 -21.38 -60.09
N LEU K 297 -9.35 -21.59 -58.80
CA LEU K 297 -8.43 -21.24 -57.74
C LEU K 297 -7.54 -22.40 -57.31
N ASP K 298 -7.66 -23.55 -57.96
CA ASP K 298 -6.96 -24.77 -57.54
C ASP K 298 -5.94 -25.14 -58.62
N VAL K 299 -4.75 -24.56 -58.52
CA VAL K 299 -3.68 -24.82 -59.47
C VAL K 299 -2.42 -25.25 -58.71
N ALA K 300 -1.55 -25.96 -59.41
CA ALA K 300 -0.31 -26.42 -58.84
C ALA K 300 0.74 -25.32 -58.84
N LYS K 301 1.56 -25.29 -57.80
CA LYS K 301 2.53 -24.23 -57.57
C LYS K 301 3.93 -24.67 -57.99
N ARG K 302 4.81 -23.69 -58.11
CA ARG K 302 6.20 -23.91 -58.46
C ARG K 302 7.09 -23.55 -57.28
N HIS K 303 8.30 -24.12 -57.28
CA HIS K 303 9.22 -23.97 -56.16
C HIS K 303 10.28 -22.93 -56.47
N VAL K 304 10.59 -22.10 -55.47
CA VAL K 304 11.64 -21.09 -55.55
C VAL K 304 12.63 -21.37 -54.45
N GLU K 305 13.91 -21.40 -54.80
CA GLU K 305 14.99 -21.52 -53.82
C GLU K 305 15.77 -20.22 -53.79
N LEU K 306 15.82 -19.58 -52.62
CA LEU K 306 16.43 -18.27 -52.46
C LEU K 306 17.76 -18.41 -51.75
N SER K 307 18.81 -17.88 -52.37
CA SER K 307 20.16 -17.91 -51.82
C SER K 307 20.65 -16.49 -51.61
N LEU K 308 21.10 -16.18 -50.40
CA LEU K 308 21.53 -14.85 -50.03
C LEU K 308 23.00 -14.89 -49.62
N TRP K 309 23.81 -14.01 -50.21
CA TRP K 309 25.24 -13.94 -49.91
C TRP K 309 25.51 -12.73 -49.04
N ILE K 310 26.30 -12.93 -48.00
CA ILE K 310 26.75 -11.85 -47.11
C ILE K 310 28.27 -11.90 -47.07
N VAL K 311 28.91 -10.98 -47.78
CA VAL K 311 30.36 -10.92 -47.89
C VAL K 311 30.86 -9.80 -46.99
N ASP K 312 31.91 -10.07 -46.22
CA ASP K 312 32.43 -9.13 -45.25
C ASP K 312 33.94 -9.18 -45.28
N LEU K 313 34.58 -8.06 -45.62
CA LEU K 313 36.02 -7.99 -45.68
C LEU K 313 36.53 -6.89 -44.77
N ASN K 314 37.77 -7.05 -44.32
CA ASN K 314 38.43 -6.07 -43.47
C ASN K 314 39.90 -5.96 -43.86
N LYS K 315 40.54 -4.92 -43.36
CA LYS K 315 41.95 -4.63 -43.56
C LYS K 315 42.34 -3.55 -42.56
N SER K 316 43.60 -3.57 -42.13
CA SER K 316 44.03 -2.61 -41.12
C SER K 316 45.52 -2.39 -41.22
N ASP K 317 45.98 -1.39 -40.48
CA ASP K 317 47.39 -1.00 -40.43
C ASP K 317 47.56 -0.11 -39.21
N LEU K 318 48.72 -0.17 -38.56
CA LEU K 318 48.97 0.56 -37.33
C LEU K 318 50.46 0.63 -37.07
N GLU K 319 50.94 1.77 -36.58
CA GLU K 319 52.35 1.92 -36.24
C GLU K 319 52.49 3.05 -35.22
N ARG K 320 53.04 2.74 -34.05
CA ARG K 320 53.40 3.74 -33.06
C ARG K 320 54.89 3.64 -32.76
N LEU K 321 55.53 4.80 -32.61
CA LEU K 321 56.97 4.83 -32.32
C LEU K 321 57.32 6.17 -31.69
N GLY K 322 57.70 6.15 -30.42
CA GLY K 322 58.12 7.37 -29.75
C GLY K 322 57.87 7.28 -28.26
N THR K 323 58.32 8.33 -27.57
CA THR K 323 58.22 8.43 -26.11
C THR K 323 57.31 9.59 -25.73
N SER K 324 57.02 9.67 -24.43
CA SER K 324 56.15 10.72 -23.89
C SER K 324 56.46 10.89 -22.41
N TRP K 325 56.98 12.05 -22.04
CA TRP K 325 57.46 12.31 -20.67
C TRP K 325 56.37 12.97 -19.85
N SER K 326 56.12 12.42 -18.65
CA SER K 326 55.10 12.96 -17.75
C SER K 326 55.42 12.47 -16.34
N GLY K 327 55.84 13.39 -15.45
CA GLY K 327 56.17 13.00 -14.10
C GLY K 327 56.37 14.19 -13.19
N SER K 328 56.61 13.88 -11.92
CA SER K 328 56.85 14.88 -10.89
C SER K 328 58.19 14.61 -10.19
N ILE K 329 58.63 15.58 -9.40
CA ILE K 329 59.92 15.50 -8.72
C ILE K 329 59.80 16.35 -7.45
N THR K 330 60.75 16.16 -6.52
CA THR K 330 60.83 16.97 -5.31
C THR K 330 62.29 17.35 -5.08
N ILE K 331 62.56 18.64 -5.01
CA ILE K 331 63.92 19.17 -4.97
C ILE K 331 64.11 19.85 -3.61
N GLY K 332 64.69 19.11 -2.67
CA GLY K 332 65.15 19.69 -1.41
C GLY K 332 64.07 20.23 -0.50
N ASP K 333 62.89 19.60 -0.49
CA ASP K 333 61.71 19.85 0.38
C ASP K 333 61.32 21.33 0.52
N LYS K 334 61.65 22.14 -0.49
CA LYS K 334 61.24 23.54 -0.53
C LYS K 334 60.67 23.96 -1.88
N LEU K 335 60.99 23.25 -2.96
CA LEU K 335 60.40 23.54 -4.26
C LEU K 335 60.32 22.25 -5.06
N GLY K 336 59.23 22.11 -5.82
CA GLY K 336 59.01 20.93 -6.63
C GLY K 336 58.66 21.32 -8.04
N VAL K 337 59.02 20.45 -8.97
CA VAL K 337 58.82 20.68 -10.40
C VAL K 337 57.93 19.58 -10.96
N SER K 338 56.84 19.96 -11.61
CA SER K 338 56.00 19.03 -12.33
C SER K 338 56.29 19.12 -13.82
N LEU K 339 55.72 18.21 -14.59
CA LEU K 339 55.90 18.19 -16.04
C LEU K 339 54.70 17.49 -16.68
N ASN K 340 53.91 18.27 -17.44
CA ASN K 340 52.78 17.78 -18.25
C ASN K 340 51.74 17.04 -17.42
N GLN K 341 51.39 17.60 -16.26
CA GLN K 341 50.43 16.99 -15.36
C GLN K 341 49.41 18.00 -14.90
N SER K 342 48.39 17.51 -14.19
CA SER K 342 47.38 18.35 -13.57
C SER K 342 47.40 18.22 -12.06
N SER K 343 47.46 16.99 -11.55
CA SER K 343 47.56 16.73 -10.12
C SER K 343 49.00 16.38 -9.76
N ILE K 344 49.51 17.03 -8.72
CA ILE K 344 50.92 16.92 -8.36
C ILE K 344 51.02 16.34 -6.95
N SER K 345 50.00 16.61 -6.14
CA SER K 345 50.04 16.27 -4.71
C SER K 345 49.96 14.77 -4.48
N THR K 346 49.03 14.09 -5.16
CA THR K 346 48.92 12.64 -5.02
C THR K 346 50.00 11.89 -5.77
N LEU K 347 50.75 12.55 -6.65
CA LEU K 347 51.93 11.97 -7.30
C LEU K 347 53.21 12.67 -6.84
N ASP K 348 53.25 13.12 -5.57
CA ASP K 348 54.41 13.84 -5.08
C ASP K 348 55.58 12.90 -4.75
N GLY K 349 55.30 11.71 -4.25
CA GLY K 349 56.33 10.73 -3.95
C GLY K 349 56.81 9.91 -5.11
N SER K 350 56.28 10.16 -6.31
CA SER K 350 56.65 9.39 -7.50
C SER K 350 57.80 10.09 -8.22
N ARG K 351 58.07 9.65 -9.46
CA ARG K 351 59.21 10.14 -10.23
C ARG K 351 58.80 10.46 -11.65
N PHE K 352 59.77 10.73 -12.52
CA PHE K 352 59.49 10.96 -13.93
C PHE K 352 59.19 9.63 -14.62
N ILE K 353 58.25 9.66 -15.56
CA ILE K 353 57.85 8.48 -16.33
C ILE K 353 58.09 8.78 -17.80
N ALA K 354 58.81 7.90 -18.48
CA ALA K 354 59.07 8.00 -19.91
C ALA K 354 58.39 6.82 -20.60
N ALA K 355 57.12 7.00 -20.94
CA ALA K 355 56.34 5.92 -21.55
C ALA K 355 56.75 5.76 -23.02
N VAL K 356 57.33 4.62 -23.35
CA VAL K 356 57.80 4.31 -24.69
C VAL K 356 56.80 3.39 -25.36
N ASN K 357 56.55 3.63 -26.65
CA ASN K 357 55.66 2.79 -27.44
C ASN K 357 56.39 2.34 -28.71
N ALA K 358 56.25 1.07 -29.05
CA ALA K 358 56.82 0.53 -30.28
C ALA K 358 55.93 -0.62 -30.74
N LEU K 359 55.36 -0.49 -31.93
CA LEU K 359 54.40 -1.45 -32.45
C LEU K 359 54.28 -1.25 -33.95
N GLU K 360 53.95 -2.34 -34.65
CA GLU K 360 53.74 -2.29 -36.09
C GLU K 360 52.85 -3.47 -36.45
N GLU K 361 51.59 -3.20 -36.79
CA GLU K 361 50.58 -4.24 -36.88
C GLU K 361 49.93 -4.25 -38.26
N LYS K 362 49.71 -5.44 -38.79
CA LYS K 362 48.90 -5.66 -39.99
C LYS K 362 47.74 -6.59 -39.63
N LYS K 363 46.70 -6.58 -40.46
CA LYS K 363 45.51 -7.35 -40.17
C LYS K 363 44.73 -7.56 -41.45
N GLN K 364 43.94 -8.64 -41.48
CA GLN K 364 43.07 -8.98 -42.60
C GLN K 364 42.05 -10.00 -42.11
N ALA K 365 40.82 -9.90 -42.60
CA ALA K 365 39.76 -10.80 -42.18
C ALA K 365 38.68 -10.85 -43.24
N THR K 366 38.33 -12.06 -43.68
CA THR K 366 37.25 -12.28 -44.63
C THR K 366 36.23 -13.23 -44.02
N VAL K 367 34.94 -12.93 -44.25
CA VAL K 367 33.85 -13.78 -43.78
C VAL K 367 32.81 -13.83 -44.88
N VAL K 368 32.44 -15.03 -45.33
CA VAL K 368 31.41 -15.24 -46.33
C VAL K 368 30.37 -16.17 -45.76
N SER K 369 29.17 -15.68 -45.52
CA SER K 369 28.07 -16.46 -44.97
C SER K 369 26.94 -16.52 -45.98
N ARG K 370 26.15 -17.60 -45.95
CA ARG K 370 25.13 -17.85 -46.97
C ARG K 370 23.99 -18.70 -46.41
N PRO K 371 22.82 -18.12 -46.20
CA PRO K 371 21.63 -18.92 -45.91
C PRO K 371 20.83 -19.28 -47.16
N VAL K 372 20.28 -20.49 -47.16
CA VAL K 372 19.51 -21.02 -48.28
C VAL K 372 18.13 -21.42 -47.77
N LEU K 373 17.07 -21.09 -48.52
CA LEU K 373 15.71 -21.38 -48.12
C LEU K 373 14.88 -21.74 -49.34
N LEU K 374 13.96 -22.69 -49.17
CA LEU K 374 13.12 -23.19 -50.26
C LEU K 374 11.65 -23.02 -49.92
N THR K 375 10.88 -22.47 -50.85
CA THR K 375 9.45 -22.26 -50.66
C THR K 375 8.75 -22.30 -52.01
N GLN K 376 7.45 -22.02 -52.00
CA GLN K 376 6.61 -22.04 -53.18
C GLN K 376 6.22 -20.62 -53.57
N GLU K 377 5.44 -20.51 -54.64
CA GLU K 377 4.91 -19.21 -55.05
C GLU K 377 3.90 -18.71 -54.02
N ASN K 378 3.95 -17.40 -53.75
CA ASN K 378 2.98 -16.67 -52.95
C ASN K 378 2.84 -17.21 -51.52
N VAL K 379 3.91 -17.81 -51.00
CA VAL K 379 3.91 -18.41 -49.67
C VAL K 379 5.02 -17.74 -48.86
N PRO K 380 4.73 -17.12 -47.72
CA PRO K 380 5.78 -16.53 -46.90
C PRO K 380 6.57 -17.61 -46.17
N ALA K 381 7.89 -17.48 -46.19
CA ALA K 381 8.79 -18.43 -45.54
C ALA K 381 9.74 -17.68 -44.63
N ILE K 382 10.29 -18.40 -43.65
CA ILE K 382 11.19 -17.82 -42.67
C ILE K 382 12.37 -18.75 -42.45
N PHE K 383 13.58 -18.20 -42.55
CA PHE K 383 14.79 -18.83 -42.04
C PHE K 383 15.28 -17.97 -40.88
N ASP K 384 15.70 -18.61 -39.80
CA ASP K 384 16.08 -17.91 -38.59
C ASP K 384 17.22 -18.66 -37.91
N ASN K 385 18.28 -17.95 -37.53
CA ASN K 385 19.41 -18.54 -36.83
C ASN K 385 19.84 -17.54 -35.76
N ASN K 386 19.28 -17.67 -34.56
CA ASN K 386 19.41 -16.63 -33.56
C ASN K 386 20.10 -17.16 -32.31
N ARG K 387 20.18 -16.30 -31.31
CA ARG K 387 20.80 -16.57 -30.02
C ARG K 387 20.09 -15.75 -28.95
N THR K 388 19.73 -16.40 -27.85
CA THR K 388 18.92 -15.77 -26.82
C THR K 388 19.77 -15.61 -25.56
N PHE K 389 19.62 -14.47 -24.90
CA PHE K 389 20.38 -14.12 -23.70
C PHE K 389 19.40 -13.83 -22.58
N TYR K 390 19.40 -14.68 -21.55
CA TYR K 390 18.44 -14.57 -20.46
C TYR K 390 19.06 -13.86 -19.28
N THR K 391 18.29 -12.97 -18.67
CA THR K 391 18.75 -12.19 -17.52
C THR K 391 17.75 -12.32 -16.38
N LYS K 392 18.23 -12.07 -15.16
CA LYS K 392 17.45 -12.24 -13.95
C LYS K 392 17.16 -10.88 -13.34
N LEU K 393 16.00 -10.32 -13.66
CA LEU K 393 15.54 -9.06 -13.07
C LEU K 393 14.89 -9.40 -11.75
N ILE K 394 15.61 -9.17 -10.65
CA ILE K 394 15.15 -9.59 -9.33
C ILE K 394 14.20 -8.52 -8.80
N GLY K 395 12.93 -8.63 -9.19
CA GLY K 395 11.87 -7.81 -8.66
C GLY K 395 11.10 -8.57 -7.59
N GLU K 396 9.92 -8.05 -7.28
CA GLU K 396 9.08 -8.73 -6.31
C GLU K 396 7.70 -9.13 -6.84
N ARG K 397 7.13 -8.37 -7.79
CA ARG K 397 5.74 -8.61 -8.19
C ARG K 397 5.64 -9.27 -9.55
N ASN K 398 6.12 -8.54 -10.56
CA ASN K 398 6.03 -8.98 -11.95
C ASN K 398 7.42 -9.49 -12.31
N VAL K 399 7.87 -10.49 -11.56
CA VAL K 399 9.16 -11.13 -11.78
C VAL K 399 9.10 -11.82 -13.13
N ALA K 400 10.16 -11.65 -13.92
CA ALA K 400 10.12 -12.11 -15.29
C ALA K 400 11.54 -12.46 -15.74
N LEU K 401 11.61 -13.36 -16.69
CA LEU K 401 12.85 -13.66 -17.40
C LEU K 401 12.81 -12.82 -18.66
N GLU K 402 13.58 -11.74 -18.68
CA GLU K 402 13.65 -10.89 -19.86
C GLU K 402 14.80 -11.38 -20.74
N HIS K 403 14.63 -11.23 -22.05
CA HIS K 403 15.57 -11.81 -22.98
C HIS K 403 15.75 -10.89 -24.19
N VAL K 404 16.95 -10.96 -24.78
CA VAL K 404 17.24 -10.32 -26.04
C VAL K 404 17.56 -11.40 -27.05
N THR K 405 17.49 -11.07 -28.33
CA THR K 405 17.64 -12.04 -29.41
C THR K 405 18.35 -11.36 -30.57
N TYR K 406 19.33 -12.05 -31.15
CA TYR K 406 20.06 -11.50 -32.29
C TYR K 406 20.54 -12.65 -33.16
N GLY K 407 20.53 -12.44 -34.47
CA GLY K 407 21.02 -13.45 -35.39
C GLY K 407 20.53 -13.18 -36.79
N THR K 408 20.88 -14.09 -37.70
CA THR K 408 20.51 -13.99 -39.10
C THR K 408 19.05 -14.38 -39.28
N MET K 409 18.35 -13.66 -40.15
CA MET K 409 16.91 -13.87 -40.33
C MET K 409 16.49 -13.35 -41.70
N ILE K 410 15.79 -14.19 -42.46
CA ILE K 410 15.22 -13.82 -43.75
C ILE K 410 13.74 -14.12 -43.72
N ARG K 411 12.93 -13.21 -44.25
CA ARG K 411 11.52 -13.46 -44.50
C ARG K 411 11.20 -12.99 -45.90
N VAL K 412 10.82 -13.91 -46.78
CA VAL K 412 10.69 -13.64 -48.20
C VAL K 412 9.29 -14.06 -48.66
N LEU K 413 8.83 -13.44 -49.74
CA LEU K 413 7.53 -13.75 -50.33
C LEU K 413 7.71 -13.73 -51.84
N PRO K 414 8.06 -14.86 -52.44
CA PRO K 414 8.37 -14.87 -53.86
C PRO K 414 7.11 -14.92 -54.73
N ARG K 415 7.28 -14.51 -55.98
CA ARG K 415 6.17 -14.40 -56.92
C ARG K 415 6.73 -14.30 -58.33
N PHE K 416 6.18 -15.09 -59.24
CA PHE K 416 6.62 -15.06 -60.63
C PHE K 416 5.87 -13.98 -61.40
N SER K 417 6.61 -13.22 -62.21
CA SER K 417 6.02 -12.21 -63.06
C SER K 417 5.54 -12.84 -64.37
N ALA K 418 5.14 -12.00 -65.33
CA ALA K 418 4.64 -12.52 -66.59
C ALA K 418 5.76 -12.93 -67.54
N ASP K 419 6.96 -12.38 -67.36
CA ASP K 419 8.08 -12.66 -68.25
C ASP K 419 8.94 -13.83 -67.77
N GLY K 420 8.73 -14.29 -66.55
CA GLY K 420 9.58 -15.30 -65.97
C GLY K 420 10.57 -14.80 -64.94
N GLN K 421 10.46 -13.55 -64.53
CA GLN K 421 11.31 -13.01 -63.48
C GLN K 421 10.64 -13.20 -62.12
N ILE K 422 11.45 -13.17 -61.07
CA ILE K 422 11.00 -13.48 -59.72
C ILE K 422 11.09 -12.22 -58.88
N GLU K 423 9.95 -11.70 -58.45
CA GLU K 423 9.90 -10.56 -57.57
C GLU K 423 9.77 -11.02 -56.12
N MET K 424 10.51 -10.36 -55.23
CA MET K 424 10.59 -10.79 -53.84
C MET K 424 10.37 -9.60 -52.92
N SER K 425 9.77 -9.87 -51.77
CA SER K 425 9.55 -8.86 -50.73
C SER K 425 10.39 -9.25 -49.52
N LEU K 426 11.52 -8.57 -49.35
CA LEU K 426 12.58 -9.02 -48.45
C LEU K 426 12.51 -8.33 -47.10
N ASP K 427 12.98 -9.03 -46.06
CA ASP K 427 13.16 -8.51 -44.72
C ASP K 427 14.38 -9.20 -44.13
N ILE K 428 15.55 -8.57 -44.26
CA ILE K 428 16.82 -9.20 -43.92
C ILE K 428 17.33 -8.57 -42.62
N GLU K 429 17.80 -9.41 -41.71
CA GLU K 429 18.48 -8.98 -40.50
C GLU K 429 19.73 -9.82 -40.31
N ASP K 430 20.86 -9.17 -40.05
CA ASP K 430 22.12 -9.86 -39.78
C ASP K 430 22.78 -9.17 -38.60
N GLY K 431 22.76 -9.81 -37.43
CA GLY K 431 23.32 -9.24 -36.23
C GLY K 431 24.34 -10.16 -35.61
N ASN K 432 25.19 -9.58 -34.76
CA ASN K 432 26.17 -10.34 -33.99
C ASN K 432 26.41 -9.60 -32.69
N ASP K 433 27.32 -10.13 -31.88
CA ASP K 433 27.56 -9.63 -30.52
C ASP K 433 28.89 -8.89 -30.51
N LYS K 434 28.83 -7.58 -30.26
CA LYS K 434 30.02 -6.78 -30.08
C LYS K 434 30.50 -6.88 -28.64
N THR K 435 31.81 -7.03 -28.47
CA THR K 435 32.38 -7.28 -27.15
C THR K 435 33.18 -6.07 -26.69
N PRO K 436 32.88 -5.51 -25.51
CA PRO K 436 33.75 -4.50 -24.91
C PRO K 436 34.98 -5.13 -24.25
N GLN K 437 35.75 -4.32 -23.52
CA GLN K 437 36.97 -4.78 -22.88
C GLN K 437 36.64 -5.81 -21.80
N SER K 438 37.36 -6.94 -21.80
CA SER K 438 37.07 -8.03 -20.91
C SER K 438 37.59 -7.80 -19.48
N ASP K 439 38.56 -6.91 -19.30
CA ASP K 439 39.19 -6.72 -18.00
C ASP K 439 38.32 -5.95 -17.01
N THR K 440 37.38 -5.14 -17.50
CA THR K 440 36.53 -4.35 -16.63
C THR K 440 35.29 -5.14 -16.22
N THR K 441 34.64 -4.67 -15.14
CA THR K 441 33.57 -5.37 -14.43
C THR K 441 32.32 -5.58 -15.29
N THR K 442 32.08 -4.75 -16.30
CA THR K 442 30.85 -4.82 -17.10
C THR K 442 30.80 -6.01 -18.06
N SER K 443 31.76 -6.93 -18.01
CA SER K 443 31.71 -8.16 -18.78
C SER K 443 30.99 -9.29 -18.06
N VAL K 444 30.65 -9.12 -16.78
CA VAL K 444 29.97 -10.18 -16.04
C VAL K 444 28.49 -9.90 -15.83
N ASP K 445 28.02 -8.68 -16.10
CA ASP K 445 26.61 -8.37 -15.98
C ASP K 445 25.93 -8.53 -17.35
N ALA K 446 24.65 -8.16 -17.41
CA ALA K 446 23.84 -8.36 -18.61
C ALA K 446 24.03 -7.19 -19.57
N LEU K 447 25.23 -7.10 -20.12
CA LEU K 447 25.55 -6.12 -21.16
C LEU K 447 26.17 -6.83 -22.36
N PRO K 448 25.36 -7.52 -23.19
CA PRO K 448 25.83 -7.89 -24.52
C PRO K 448 25.52 -6.79 -25.53
N GLU K 449 26.44 -5.85 -25.77
CA GLU K 449 26.23 -4.83 -26.80
C GLU K 449 26.00 -5.48 -28.18
N VAL K 450 24.76 -5.39 -28.66
CA VAL K 450 24.33 -6.02 -29.90
C VAL K 450 24.41 -5.00 -31.02
N GLY K 451 25.03 -5.38 -32.14
CA GLY K 451 24.99 -4.60 -33.35
C GLY K 451 24.27 -5.37 -34.45
N ARG K 452 23.27 -4.73 -35.05
CA ARG K 452 22.43 -5.35 -36.06
C ARG K 452 22.57 -4.64 -37.39
N THR K 453 21.93 -5.20 -38.41
CA THR K 453 21.91 -4.63 -39.75
C THR K 453 20.60 -5.03 -40.41
N LEU K 454 19.73 -4.06 -40.67
CA LEU K 454 18.38 -4.31 -41.14
C LEU K 454 18.21 -3.74 -42.53
N ILE K 455 17.54 -4.50 -43.40
CA ILE K 455 17.28 -4.09 -44.78
C ILE K 455 15.87 -4.54 -45.13
N SER K 456 15.05 -3.63 -45.65
CA SER K 456 13.68 -3.94 -46.06
C SER K 456 13.40 -3.25 -47.38
N THR K 457 13.19 -4.04 -48.43
CA THR K 457 13.03 -3.48 -49.78
C THR K 457 12.27 -4.49 -50.64
N ILE K 458 12.16 -4.20 -51.93
CA ILE K 458 11.52 -5.07 -52.91
C ILE K 458 12.39 -5.07 -54.18
N ALA K 459 12.78 -6.25 -54.65
CA ALA K 459 13.61 -6.36 -55.83
C ALA K 459 13.02 -7.41 -56.77
N ARG K 460 13.44 -7.36 -58.03
CA ARG K 460 12.95 -8.26 -59.07
C ARG K 460 14.10 -8.73 -59.94
N VAL K 461 14.43 -10.02 -59.84
CA VAL K 461 15.60 -10.60 -60.48
C VAL K 461 15.12 -11.59 -61.54
N PRO K 462 15.80 -11.74 -62.68
CA PRO K 462 15.51 -12.86 -63.58
C PRO K 462 15.93 -14.18 -62.97
N HIS K 463 15.57 -15.26 -63.66
CA HIS K 463 15.85 -16.61 -63.16
C HIS K 463 17.31 -16.95 -63.38
N GLY K 464 18.06 -17.09 -62.29
CA GLY K 464 19.45 -17.44 -62.35
C GLY K 464 20.43 -16.29 -62.25
N LYS K 465 19.97 -15.06 -62.41
CA LYS K 465 20.83 -13.90 -62.29
C LYS K 465 20.84 -13.41 -60.85
N SER K 466 21.44 -12.25 -60.61
CA SER K 466 21.62 -11.77 -59.25
C SER K 466 21.52 -10.25 -59.21
N LEU K 467 21.30 -9.74 -58.00
CA LEU K 467 21.19 -8.30 -57.76
C LEU K 467 21.85 -7.95 -56.45
N LEU K 468 22.37 -6.73 -56.37
CA LEU K 468 22.96 -6.20 -55.15
C LEU K 468 21.91 -5.39 -54.40
N VAL K 469 21.55 -5.83 -53.20
CA VAL K 469 20.47 -5.21 -52.45
C VAL K 469 20.98 -4.14 -51.50
N GLY K 470 21.97 -4.46 -50.68
CA GLY K 470 22.51 -3.50 -49.73
C GLY K 470 23.98 -3.27 -49.93
N GLY K 471 24.63 -2.64 -48.97
CA GLY K 471 26.05 -2.39 -49.07
C GLY K 471 26.50 -1.35 -48.05
N TYR K 472 27.80 -1.36 -47.81
CA TYR K 472 28.44 -0.43 -46.87
C TYR K 472 29.95 -0.46 -47.06
N THR K 473 30.58 0.70 -47.23
CA THR K 473 32.03 0.82 -47.23
C THR K 473 32.44 1.88 -46.23
N ARG K 474 33.70 1.82 -45.80
CA ARG K 474 34.26 2.81 -44.89
C ARG K 474 35.78 2.82 -45.01
N ASP K 475 36.34 4.01 -45.18
CA ASP K 475 37.79 4.21 -45.27
C ASP K 475 38.22 5.25 -44.26
N ALA K 476 39.40 5.08 -43.69
CA ALA K 476 39.88 6.00 -42.67
C ALA K 476 41.39 6.05 -42.68
N ASN K 477 41.94 7.19 -42.25
CA ASN K 477 43.39 7.37 -42.16
C ASN K 477 43.67 8.53 -41.21
N THR K 478 44.22 8.22 -40.04
CA THR K 478 44.62 9.24 -39.07
C THR K 478 46.11 9.15 -38.83
N ASP K 479 46.70 10.27 -38.37
CA ASP K 479 48.10 10.32 -38.00
C ASP K 479 48.38 11.52 -37.10
N THR K 480 49.03 11.28 -35.97
CA THR K 480 49.39 12.33 -35.02
C THR K 480 50.90 12.44 -34.93
N VAL K 481 51.38 13.63 -34.55
CA VAL K 481 52.81 13.87 -34.32
C VAL K 481 52.92 14.76 -33.09
N GLN K 482 53.62 14.27 -32.06
CA GLN K 482 53.92 15.06 -30.88
C GLN K 482 55.42 15.19 -30.70
N SER K 483 55.85 16.23 -30.01
CA SER K 483 57.26 16.45 -29.73
C SER K 483 57.42 17.40 -28.56
N ILE K 484 58.65 17.50 -28.09
CA ILE K 484 59.10 18.56 -27.19
C ILE K 484 59.56 19.68 -28.11
N PRO K 485 59.28 20.96 -27.80
CA PRO K 485 59.51 22.03 -28.78
C PRO K 485 60.96 22.24 -29.23
N PHE K 486 61.93 22.19 -28.32
CA PHE K 486 63.31 22.39 -28.71
C PHE K 486 64.13 21.11 -28.75
N LEU K 487 63.90 20.19 -27.81
CA LEU K 487 64.68 18.97 -27.75
C LEU K 487 64.31 17.98 -28.85
N GLY K 488 63.17 18.16 -29.50
CA GLY K 488 62.75 17.25 -30.54
C GLY K 488 63.41 17.45 -31.88
N LYS K 489 64.27 18.45 -32.02
CA LYS K 489 64.96 18.72 -33.27
C LYS K 489 66.46 18.46 -33.19
N LEU K 490 66.93 17.80 -32.13
CA LEU K 490 68.33 17.44 -32.03
C LEU K 490 68.66 16.34 -33.03
N PRO K 491 69.91 16.29 -33.56
CA PRO K 491 70.25 15.33 -34.61
C PRO K 491 70.18 13.86 -34.19
N LEU K 492 70.90 13.48 -33.14
CA LEU K 492 70.96 12.08 -32.72
C LEU K 492 70.33 11.84 -31.35
N ILE K 493 70.04 12.88 -30.59
CA ILE K 493 69.36 12.74 -29.31
C ILE K 493 67.86 13.00 -29.42
N GLY K 494 67.40 13.72 -30.44
CA GLY K 494 66.02 14.15 -30.55
C GLY K 494 65.02 13.05 -30.85
N SER K 495 65.46 11.82 -31.07
CA SER K 495 64.53 10.73 -31.28
C SER K 495 63.87 10.27 -29.99
N LEU K 496 64.46 10.62 -28.84
CA LEU K 496 63.92 10.22 -27.55
C LEU K 496 62.78 11.12 -27.07
N PHE K 497 62.39 12.12 -27.86
CA PHE K 497 61.36 13.07 -27.44
C PHE K 497 60.18 13.18 -28.39
N ARG K 498 60.32 12.73 -29.63
CA ARG K 498 59.23 12.79 -30.58
C ARG K 498 58.26 11.62 -30.37
N TYR K 499 57.15 11.66 -31.09
CA TYR K 499 56.14 10.61 -31.05
C TYR K 499 55.33 10.72 -32.33
N SER K 500 54.91 9.58 -32.87
CA SER K 500 54.17 9.56 -34.12
C SER K 500 53.37 8.28 -34.23
N SER K 501 52.11 8.41 -34.61
CA SER K 501 51.22 7.27 -34.77
C SER K 501 50.55 7.33 -36.13
N LYS K 502 50.00 6.19 -36.55
CA LYS K 502 49.26 6.09 -37.81
C LYS K 502 48.11 5.11 -37.61
N ASN K 503 47.19 5.10 -38.56
CA ASN K 503 46.06 4.19 -38.55
C ASN K 503 45.45 4.16 -39.95
N LYS K 504 44.83 3.05 -40.31
CA LYS K 504 44.20 2.87 -41.61
C LYS K 504 43.25 1.68 -41.54
N SER K 505 42.09 1.79 -42.17
CA SER K 505 41.14 0.70 -42.20
C SER K 505 40.31 0.77 -43.47
N ASN K 506 39.84 -0.39 -43.93
CA ASN K 506 39.00 -0.49 -45.12
C ASN K 506 38.01 -1.62 -44.92
N VAL K 507 36.73 -1.28 -44.76
CA VAL K 507 35.68 -2.25 -44.47
C VAL K 507 34.73 -2.29 -45.66
N VAL K 508 34.28 -3.48 -46.04
CA VAL K 508 33.32 -3.68 -47.12
C VAL K 508 32.31 -4.74 -46.70
N ARG K 509 31.03 -4.40 -46.71
CA ARG K 509 29.96 -5.37 -46.50
C ARG K 509 28.97 -5.23 -47.66
N VAL K 510 28.50 -6.36 -48.20
CA VAL K 510 27.50 -6.36 -49.26
C VAL K 510 26.48 -7.46 -49.00
N PHE K 511 25.31 -7.31 -49.61
CA PHE K 511 24.22 -8.28 -49.54
C PHE K 511 23.76 -8.55 -50.97
N MET K 512 23.75 -9.82 -51.36
CA MET K 512 23.38 -10.18 -52.72
C MET K 512 22.32 -11.27 -52.71
N ILE K 513 21.45 -11.26 -53.73
CA ILE K 513 20.29 -12.13 -53.82
C ILE K 513 20.39 -12.89 -55.14
N GLU K 514 20.18 -14.21 -55.09
CA GLU K 514 20.25 -15.05 -56.28
C GLU K 514 19.16 -16.11 -56.22
N PRO K 515 17.99 -15.86 -56.79
CA PRO K 515 16.93 -16.85 -56.79
C PRO K 515 16.94 -17.75 -58.02
N LYS K 516 16.38 -18.94 -57.87
CA LYS K 516 16.26 -19.88 -58.96
C LYS K 516 15.06 -20.79 -58.72
N GLU K 517 14.66 -21.50 -59.75
CA GLU K 517 13.45 -22.32 -59.73
C GLU K 517 13.81 -23.80 -59.65
N ILE K 518 13.14 -24.52 -58.77
CA ILE K 518 13.40 -25.92 -58.52
C ILE K 518 12.32 -26.75 -59.20
N VAL K 519 12.73 -27.66 -60.08
CA VAL K 519 11.80 -28.54 -60.76
C VAL K 519 12.09 -30.02 -60.51
N ASP K 520 13.29 -30.39 -60.07
CA ASP K 520 13.68 -31.77 -59.90
C ASP K 520 14.11 -32.03 -58.45
N PRO K 521 13.94 -33.25 -57.95
CA PRO K 521 14.43 -33.59 -56.62
C PRO K 521 15.95 -33.77 -56.62
N LEU K 522 16.49 -34.10 -55.45
CA LEU K 522 17.92 -34.21 -55.29
C LEU K 522 18.45 -35.47 -55.98
N THR K 523 19.64 -35.36 -56.56
CA THR K 523 20.33 -36.51 -57.15
C THR K 523 21.80 -36.45 -56.80
N PRO K 524 22.37 -37.47 -56.13
CA PRO K 524 21.75 -38.69 -55.57
C PRO K 524 20.90 -38.39 -54.34
N ASP K 525 20.25 -39.42 -53.80
CA ASP K 525 19.23 -39.22 -52.77
C ASP K 525 19.85 -38.73 -51.47
N ALA K 526 18.99 -38.22 -50.58
CA ALA K 526 19.44 -37.71 -49.30
C ALA K 526 19.94 -38.81 -48.39
N SER K 527 19.39 -40.01 -48.51
CA SER K 527 19.84 -41.13 -47.72
C SER K 527 21.07 -41.81 -48.31
N GLU K 528 21.50 -41.42 -49.50
CA GLU K 528 22.70 -41.96 -50.12
C GLU K 528 23.92 -41.09 -49.89
N SER K 529 23.74 -39.77 -49.79
CA SER K 529 24.85 -38.88 -49.50
C SER K 529 25.22 -38.90 -48.03
N VAL K 530 24.29 -39.30 -47.16
CA VAL K 530 24.59 -39.37 -45.73
C VAL K 530 25.39 -40.62 -45.40
N ASN K 531 25.10 -41.73 -46.09
CA ASN K 531 25.83 -42.97 -45.88
C ASN K 531 27.27 -42.89 -46.38
N ASN K 532 27.60 -41.94 -47.24
CA ASN K 532 28.99 -41.71 -47.62
C ASN K 532 29.70 -40.77 -46.66
N ILE K 533 28.97 -39.93 -45.93
CA ILE K 533 29.57 -39.08 -44.92
C ILE K 533 29.94 -39.89 -43.69
N LEU K 534 29.04 -40.78 -43.26
CA LEU K 534 29.28 -41.58 -42.07
C LEU K 534 30.38 -42.61 -42.27
N LYS K 535 30.54 -43.11 -43.50
CA LYS K 535 31.61 -44.07 -43.77
C LYS K 535 32.97 -43.40 -43.87
N GLN K 536 33.02 -42.16 -44.37
CA GLN K 536 34.30 -41.48 -44.51
C GLN K 536 34.78 -40.91 -43.18
N SER K 537 33.90 -40.29 -42.40
CA SER K 537 34.31 -39.71 -41.14
C SER K 537 34.47 -40.75 -40.04
N GLY K 538 33.98 -41.97 -40.23
CA GLY K 538 34.16 -43.01 -39.25
C GLY K 538 33.09 -43.09 -38.18
N ALA K 539 31.97 -42.39 -38.36
CA ALA K 539 30.88 -42.41 -37.40
C ALA K 539 29.81 -43.43 -37.74
N TRP K 540 30.05 -44.28 -38.73
CA TRP K 540 29.04 -45.21 -39.21
C TRP K 540 28.90 -46.39 -38.27
N SER K 541 27.67 -46.75 -37.93
CA SER K 541 27.40 -47.89 -37.06
C SER K 541 26.23 -48.70 -37.59
N GLY K 542 26.20 -48.93 -38.90
CA GLY K 542 25.21 -49.83 -39.47
C GLY K 542 25.62 -51.27 -39.50
N ASP K 543 26.85 -51.57 -39.10
CA ASP K 543 27.37 -52.92 -39.04
C ASP K 543 27.38 -53.48 -37.62
N ASP K 544 26.73 -52.81 -36.68
CA ASP K 544 26.74 -53.25 -35.29
C ASP K 544 25.86 -54.48 -35.12
N LYS K 545 26.29 -55.36 -34.22
CA LYS K 545 25.55 -56.60 -34.00
C LYS K 545 24.29 -56.36 -33.19
N LEU K 546 24.31 -55.37 -32.29
CA LEU K 546 23.20 -55.12 -31.39
C LEU K 546 22.21 -54.09 -31.90
N GLN K 547 22.68 -53.08 -32.63
CA GLN K 547 21.80 -52.02 -33.10
C GLN K 547 21.18 -52.30 -34.45
N LYS K 548 21.56 -53.38 -35.12
CA LYS K 548 20.97 -53.69 -36.43
C LYS K 548 19.58 -54.30 -36.33
N TRP K 549 19.15 -54.72 -35.14
CA TRP K 549 17.81 -55.27 -34.98
C TRP K 549 16.73 -54.20 -35.03
N VAL K 550 17.09 -52.96 -34.73
CA VAL K 550 16.13 -51.87 -34.73
C VAL K 550 16.38 -50.89 -35.88
N ARG K 551 17.63 -50.62 -36.24
CA ARG K 551 17.97 -49.78 -37.38
C ARG K 551 17.59 -50.39 -38.73
N VAL K 552 17.13 -51.64 -38.77
CA VAL K 552 16.66 -52.22 -40.03
C VAL K 552 15.27 -51.75 -40.37
N TYR K 553 14.54 -51.15 -39.42
CA TYR K 553 13.24 -50.56 -39.72
C TYR K 553 13.40 -49.18 -40.35
N LEU K 554 14.35 -48.39 -39.86
CA LEU K 554 14.51 -47.02 -40.30
C LEU K 554 15.22 -46.92 -41.64
N ASP K 555 16.17 -47.83 -41.89
CA ASP K 555 16.96 -47.85 -43.12
C ASP K 555 16.41 -48.84 -44.13
N ARG K 556 15.08 -48.92 -44.20
CA ARG K 556 14.41 -49.89 -45.08
C ARG K 556 14.63 -49.58 -46.55
N GLY K 557 14.74 -48.30 -46.91
CA GLY K 557 15.00 -47.92 -48.29
C GLY K 557 16.48 -47.75 -48.58
N LEU L 175 -48.39 -33.81 -43.88
CA LEU L 175 -47.35 -33.56 -42.90
C LEU L 175 -46.35 -34.71 -42.88
N GLY L 176 -45.18 -34.47 -42.27
CA GLY L 176 -44.15 -35.49 -42.17
C GLY L 176 -43.82 -35.86 -40.74
N ARG L 177 -43.82 -37.16 -40.46
CA ARG L 177 -43.46 -37.63 -39.12
C ARG L 177 -41.97 -37.51 -38.90
N GLN L 178 -41.59 -37.22 -37.65
CA GLN L 178 -40.18 -37.17 -37.29
C GLN L 178 -39.62 -38.58 -37.20
N LYS L 179 -38.30 -38.69 -37.31
CA LYS L 179 -37.61 -39.96 -37.36
C LYS L 179 -36.18 -39.75 -36.90
N ILE L 180 -35.68 -40.67 -36.07
CA ILE L 180 -34.33 -40.60 -35.54
C ILE L 180 -33.51 -41.70 -36.21
N GLY L 181 -32.40 -41.31 -36.82
CA GLY L 181 -31.50 -42.24 -37.47
C GLY L 181 -30.15 -42.28 -36.78
N VAL L 182 -29.56 -43.46 -36.73
CA VAL L 182 -28.26 -43.68 -36.11
C VAL L 182 -27.30 -44.14 -37.21
N MET L 183 -26.22 -43.39 -37.39
CA MET L 183 -25.27 -43.64 -38.47
C MET L 183 -23.90 -43.89 -37.87
N ARG L 184 -23.45 -45.14 -37.89
CA ARG L 184 -22.14 -45.48 -37.36
C ARG L 184 -21.05 -45.15 -38.36
N LEU L 185 -19.97 -44.55 -37.88
CA LEU L 185 -18.83 -44.18 -38.71
C LEU L 185 -17.73 -45.21 -38.55
N ASN L 186 -17.23 -45.72 -39.69
CA ASN L 186 -16.27 -46.81 -39.66
C ASN L 186 -14.83 -46.34 -39.88
N ASN L 187 -14.61 -45.18 -40.47
CA ASN L 187 -13.26 -44.77 -40.87
C ASN L 187 -12.87 -43.40 -40.34
N THR L 188 -13.57 -42.88 -39.33
CA THR L 188 -13.22 -41.58 -38.77
C THR L 188 -13.71 -41.50 -37.34
N PHE L 189 -13.40 -40.38 -36.69
CA PHE L 189 -13.76 -40.13 -35.30
C PHE L 189 -14.77 -38.99 -35.22
N VAL L 190 -15.78 -39.16 -34.38
CA VAL L 190 -16.62 -38.05 -33.94
C VAL L 190 -15.90 -37.35 -32.82
N GLY L 191 -16.09 -36.04 -32.70
CA GLY L 191 -15.50 -35.28 -31.63
C GLY L 191 -14.14 -34.71 -32.01
N ASP L 192 -13.74 -33.71 -31.23
CA ASP L 192 -12.57 -32.92 -31.54
C ASP L 192 -11.30 -33.59 -31.03
N ARG L 193 -10.18 -33.28 -31.67
CA ARG L 193 -8.87 -33.75 -31.28
C ARG L 193 -8.05 -32.57 -30.77
N THR L 194 -7.29 -32.80 -29.70
CA THR L 194 -6.54 -31.74 -29.04
C THR L 194 -5.08 -32.15 -28.88
N TYR L 195 -4.17 -31.21 -29.13
CA TYR L 195 -2.74 -31.40 -28.89
C TYR L 195 -2.16 -30.07 -28.46
N ASN L 196 -0.86 -30.08 -28.13
CA ASN L 196 -0.20 -28.90 -27.57
C ASN L 196 1.13 -28.64 -28.28
N LEU L 197 1.48 -27.36 -28.40
CA LEU L 197 2.84 -26.96 -28.79
C LEU L 197 3.41 -26.13 -27.65
N ARG L 198 3.84 -26.83 -26.59
CA ARG L 198 4.66 -26.40 -25.48
C ARG L 198 4.02 -25.37 -24.55
N ASP L 199 3.01 -24.62 -24.99
CA ASP L 199 2.22 -23.80 -24.08
C ASP L 199 0.76 -23.69 -24.49
N GLN L 200 0.48 -23.86 -25.77
CA GLN L 200 -0.81 -23.50 -26.35
C GLN L 200 -1.53 -24.74 -26.86
N LYS L 201 -2.86 -24.70 -26.79
CA LYS L 201 -3.70 -25.83 -27.16
C LYS L 201 -4.33 -25.57 -28.51
N MET L 202 -4.30 -26.57 -29.37
CA MET L 202 -4.94 -26.52 -30.68
C MET L 202 -6.09 -27.52 -30.71
N VAL L 203 -7.24 -27.08 -31.21
CA VAL L 203 -8.44 -27.91 -31.27
C VAL L 203 -8.87 -27.99 -32.72
N ILE L 204 -9.06 -29.22 -33.22
CA ILE L 204 -9.48 -29.47 -34.58
C ILE L 204 -10.93 -29.93 -34.56
N PRO L 205 -11.83 -29.29 -35.30
CA PRO L 205 -13.23 -29.70 -35.28
C PRO L 205 -13.45 -31.01 -36.02
N GLY L 206 -14.29 -31.86 -35.43
CA GLY L 206 -14.57 -33.17 -35.98
C GLY L 206 -15.68 -33.13 -37.01
N ILE L 207 -16.28 -34.30 -37.24
CA ILE L 207 -17.37 -34.38 -38.21
C ILE L 207 -18.69 -33.90 -37.63
N ALA L 208 -18.83 -33.89 -36.30
CA ALA L 208 -20.11 -33.50 -35.71
C ALA L 208 -20.21 -32.00 -35.49
N THR L 209 -19.10 -31.27 -35.60
CA THR L 209 -19.11 -29.83 -35.53
C THR L 209 -19.19 -29.20 -36.91
N ALA L 210 -18.73 -29.91 -37.93
CA ALA L 210 -18.77 -29.37 -39.29
C ALA L 210 -20.17 -29.40 -39.87
N ILE L 211 -20.91 -30.50 -39.65
CA ILE L 211 -22.27 -30.57 -40.17
C ILE L 211 -23.23 -29.77 -39.30
N GLU L 212 -22.91 -29.55 -38.03
CA GLU L 212 -23.77 -28.77 -37.16
C GLU L 212 -23.71 -27.29 -37.53
N ARG L 213 -22.53 -26.80 -37.96
CA ARG L 213 -22.44 -25.43 -38.42
C ARG L 213 -22.96 -25.25 -39.84
N LEU L 214 -23.09 -26.34 -40.59
CA LEU L 214 -23.63 -26.23 -41.95
C LEU L 214 -25.14 -26.05 -41.92
N LEU L 215 -25.80 -26.63 -40.93
CA LEU L 215 -27.26 -26.58 -40.81
C LEU L 215 -27.70 -25.56 -39.77
N GLN L 216 -26.85 -24.58 -39.47
CA GLN L 216 -27.15 -23.59 -38.45
C GLN L 216 -27.93 -22.44 -39.07
N GLY L 217 -28.95 -21.95 -38.35
CA GLY L 217 -29.87 -20.99 -38.92
C GLY L 217 -30.71 -21.65 -39.98
N GLU L 218 -30.47 -21.30 -41.24
CA GLU L 218 -30.85 -22.07 -42.42
C GLU L 218 -32.36 -22.28 -42.55
N GLU L 219 -33.07 -21.17 -42.76
CA GLU L 219 -34.50 -21.26 -43.07
C GLU L 219 -34.67 -21.61 -44.54
N GLN L 220 -34.40 -22.87 -44.89
CA GLN L 220 -34.35 -23.29 -46.28
C GLN L 220 -35.15 -24.57 -46.50
N PRO L 221 -35.91 -24.67 -47.60
CA PRO L 221 -36.76 -25.86 -47.80
C PRO L 221 -36.00 -27.11 -48.21
N LEU L 222 -35.38 -27.77 -47.24
CA LEU L 222 -34.64 -28.99 -47.54
C LEU L 222 -35.58 -30.19 -47.59
N GLY L 223 -35.43 -31.00 -48.63
CA GLY L 223 -36.21 -32.21 -48.79
C GLY L 223 -35.37 -33.36 -49.30
N ALA L 262 -39.97 -30.25 -44.21
CA ALA L 262 -40.00 -28.99 -43.48
C ALA L 262 -38.86 -28.07 -43.92
N ALA L 263 -38.16 -27.49 -42.95
CA ALA L 263 -37.06 -26.58 -43.22
C ALA L 263 -35.73 -27.27 -42.99
N ALA L 264 -34.64 -26.55 -43.31
CA ALA L 264 -33.32 -27.09 -43.05
C ALA L 264 -32.83 -26.69 -41.66
N GLY L 265 -33.56 -25.83 -40.98
CA GLY L 265 -33.17 -25.31 -39.69
C GLY L 265 -33.67 -26.07 -38.48
N ASN L 266 -34.52 -27.08 -38.68
CA ASN L 266 -35.01 -27.88 -37.57
C ASN L 266 -34.39 -29.25 -37.51
N ILE L 267 -33.27 -29.48 -38.21
CA ILE L 267 -32.55 -30.73 -38.09
C ILE L 267 -31.58 -30.64 -36.93
N LYS L 268 -31.62 -31.63 -36.04
CA LYS L 268 -30.74 -31.69 -34.88
C LYS L 268 -29.73 -32.81 -35.09
N ILE L 269 -28.45 -32.49 -34.89
CA ILE L 269 -27.36 -33.45 -35.03
C ILE L 269 -26.56 -33.44 -33.74
N VAL L 270 -26.48 -34.59 -33.09
CA VAL L 270 -25.83 -34.74 -31.79
C VAL L 270 -24.85 -35.90 -31.87
N ALA L 271 -23.60 -35.66 -31.47
CA ALA L 271 -22.56 -36.67 -31.45
C ALA L 271 -22.78 -37.62 -30.27
N TYR L 272 -22.70 -38.91 -30.54
CA TYR L 272 -22.74 -39.91 -29.48
C TYR L 272 -21.44 -40.70 -29.50
N PRO L 273 -20.45 -40.32 -28.70
CA PRO L 273 -19.12 -40.93 -28.82
C PRO L 273 -19.01 -42.32 -28.23
N ASP L 274 -20.03 -42.80 -27.53
CA ASP L 274 -19.90 -44.07 -26.81
C ASP L 274 -19.99 -45.25 -27.77
N THR L 275 -20.60 -45.06 -28.94
CA THR L 275 -20.57 -46.07 -29.99
C THR L 275 -20.07 -45.50 -31.31
N ASN L 276 -19.53 -44.28 -31.30
CA ASN L 276 -18.93 -43.60 -32.47
C ASN L 276 -19.93 -43.47 -33.61
N SER L 277 -21.00 -42.72 -33.35
CA SER L 277 -22.09 -42.61 -34.30
C SER L 277 -22.80 -41.27 -34.11
N LEU L 278 -23.44 -40.82 -35.18
CA LEU L 278 -24.20 -39.58 -35.19
C LEU L 278 -25.68 -39.88 -34.93
N LEU L 279 -26.36 -38.90 -34.34
CA LEU L 279 -27.80 -38.99 -34.10
C LEU L 279 -28.47 -37.83 -34.82
N VAL L 280 -29.26 -38.15 -35.85
CA VAL L 280 -29.93 -37.15 -36.67
C VAL L 280 -31.43 -37.28 -36.43
N LYS L 281 -32.08 -36.16 -36.15
CA LYS L 281 -33.53 -36.12 -35.94
C LYS L 281 -34.15 -35.19 -36.96
N GLY L 282 -35.04 -35.74 -37.79
CA GLY L 282 -35.72 -34.93 -38.78
C GLY L 282 -36.82 -35.75 -39.42
N THR L 283 -37.27 -35.29 -40.58
CA THR L 283 -38.27 -36.04 -41.33
C THR L 283 -37.63 -37.24 -42.00
N ALA L 284 -38.45 -38.04 -42.69
CA ALA L 284 -37.94 -39.22 -43.36
C ALA L 284 -37.13 -38.90 -44.61
N GLU L 285 -37.23 -37.67 -45.12
CA GLU L 285 -36.46 -37.26 -46.28
C GLU L 285 -35.18 -36.52 -45.91
N GLN L 286 -35.15 -35.87 -44.74
CA GLN L 286 -33.94 -35.20 -44.30
C GLN L 286 -32.96 -36.17 -43.66
N VAL L 287 -33.44 -37.26 -43.08
CA VAL L 287 -32.56 -38.27 -42.50
C VAL L 287 -31.81 -39.01 -43.60
N HIS L 288 -32.51 -39.34 -44.69
CA HIS L 288 -31.85 -39.93 -45.86
C HIS L 288 -30.93 -38.94 -46.57
N PHE L 289 -31.14 -37.64 -46.37
CA PHE L 289 -30.30 -36.64 -47.03
C PHE L 289 -28.95 -36.51 -46.33
N ILE L 290 -28.91 -36.68 -45.01
CA ILE L 290 -27.65 -36.60 -44.30
C ILE L 290 -26.91 -37.94 -44.37
N GLU L 291 -27.64 -39.04 -44.52
CA GLU L 291 -27.01 -40.35 -44.61
C GLU L 291 -26.22 -40.51 -45.91
N MET L 292 -26.61 -39.82 -46.98
CA MET L 292 -25.84 -39.85 -48.22
C MET L 292 -24.65 -38.92 -48.18
N LEU L 293 -24.67 -37.90 -47.32
CA LEU L 293 -23.51 -37.03 -47.17
C LEU L 293 -22.43 -37.68 -46.33
N VAL L 294 -22.84 -38.43 -45.31
CA VAL L 294 -21.91 -39.06 -44.37
C VAL L 294 -21.10 -40.15 -45.06
N LYS L 295 -21.72 -40.91 -45.95
CA LYS L 295 -21.01 -41.96 -46.69
C LYS L 295 -20.05 -41.42 -47.74
N ALA L 296 -20.05 -40.13 -48.01
CA ALA L 296 -19.07 -39.52 -48.90
C ALA L 296 -17.90 -38.91 -48.13
N LEU L 297 -18.10 -38.59 -46.86
CA LEU L 297 -17.03 -38.07 -46.00
C LEU L 297 -16.35 -39.17 -45.20
N ASP L 298 -16.73 -40.43 -45.39
CA ASP L 298 -16.21 -41.53 -44.57
C ASP L 298 -15.38 -42.45 -45.46
N VAL L 299 -14.10 -42.13 -45.59
CA VAL L 299 -13.17 -42.90 -46.40
C VAL L 299 -11.96 -43.28 -45.55
N ALA L 300 -11.30 -44.36 -45.96
CA ALA L 300 -10.10 -44.82 -45.27
C ALA L 300 -8.88 -44.02 -45.70
N LYS L 301 -7.99 -43.78 -44.75
CA LYS L 301 -6.82 -42.93 -44.95
C LYS L 301 -5.58 -43.75 -45.19
N ARG L 302 -4.53 -43.07 -45.67
CA ARG L 302 -3.24 -43.67 -45.94
C ARG L 302 -2.20 -43.12 -44.98
N HIS L 303 -1.12 -43.86 -44.80
CA HIS L 303 -0.09 -43.52 -43.83
C HIS L 303 1.10 -42.88 -44.51
N VAL L 304 1.64 -41.83 -43.88
CA VAL L 304 2.84 -41.14 -44.34
C VAL L 304 3.87 -41.21 -43.22
N GLU L 305 5.08 -41.61 -43.55
CA GLU L 305 6.20 -41.60 -42.62
C GLU L 305 7.19 -40.55 -43.07
N LEU L 306 7.45 -39.56 -42.22
CA LEU L 306 8.30 -38.42 -42.56
C LEU L 306 9.65 -38.57 -41.86
N SER L 307 10.72 -38.51 -42.65
CA SER L 307 12.08 -38.62 -42.13
C SER L 307 12.83 -37.34 -42.48
N LEU L 308 13.44 -36.72 -41.46
CA LEU L 308 14.14 -35.45 -41.62
C LEU L 308 15.59 -35.63 -41.24
N TRP L 309 16.50 -35.20 -42.12
CA TRP L 309 17.93 -35.32 -41.89
C TRP L 309 18.50 -33.95 -41.52
N ILE L 310 19.33 -33.92 -40.48
CA ILE L 310 20.03 -32.72 -40.05
C ILE L 310 21.52 -33.04 -40.02
N VAL L 311 22.24 -32.58 -41.03
CA VAL L 311 23.67 -32.86 -41.17
C VAL L 311 24.44 -31.61 -40.76
N ASP L 312 25.48 -31.79 -39.96
CA ASP L 312 26.24 -30.68 -39.39
C ASP L 312 27.72 -31.04 -39.43
N LEU L 313 28.51 -30.27 -40.16
CA LEU L 313 29.93 -30.52 -40.27
C LEU L 313 30.70 -29.28 -39.83
N ASN L 314 31.94 -29.52 -39.37
CA ASN L 314 32.83 -28.46 -38.94
C ASN L 314 34.24 -28.79 -39.37
N LYS L 315 35.10 -27.78 -39.28
CA LYS L 315 36.53 -27.87 -39.60
C LYS L 315 37.19 -26.61 -39.06
N SER L 316 38.45 -26.72 -38.68
CA SER L 316 39.14 -25.57 -38.09
C SER L 316 40.63 -25.69 -38.29
N ASP L 317 41.32 -24.61 -37.97
CA ASP L 317 42.78 -24.52 -38.07
C ASP L 317 43.20 -23.31 -37.26
N LEU L 318 44.39 -23.37 -36.67
CA LEU L 318 44.87 -22.32 -35.78
C LEU L 318 46.37 -22.47 -35.59
N GLU L 319 47.09 -21.34 -35.55
CA GLU L 319 48.52 -21.35 -35.31
C GLU L 319 48.96 -20.00 -34.77
N ARG L 320 49.54 -19.98 -33.58
CA ARG L 320 50.15 -18.78 -33.02
C ARG L 320 51.62 -19.05 -32.73
N LEU L 321 52.47 -18.07 -33.02
CA LEU L 321 53.91 -18.22 -32.78
C LEU L 321 54.54 -16.85 -32.68
N GLY L 322 55.01 -16.49 -31.50
CA GLY L 322 55.71 -15.23 -31.33
C GLY L 322 55.58 -14.73 -29.89
N THR L 323 56.26 -13.62 -29.64
CA THR L 323 56.31 -13.00 -28.32
C THR L 323 55.66 -11.62 -28.37
N SER L 324 55.49 -11.03 -27.18
CA SER L 324 54.89 -9.71 -27.05
C SER L 324 55.35 -9.10 -25.74
N TRP L 325 56.10 -8.00 -25.82
CA TRP L 325 56.72 -7.38 -24.66
C TRP L 325 55.84 -6.27 -24.09
N SER L 326 55.61 -6.30 -22.78
CA SER L 326 54.79 -5.28 -22.12
C SER L 326 55.13 -5.30 -20.63
N GLY L 327 55.78 -4.24 -20.15
CA GLY L 327 56.17 -4.19 -18.75
C GLY L 327 56.64 -2.81 -18.34
N SER L 328 56.93 -2.69 -17.04
CA SER L 328 57.44 -1.46 -16.44
C SER L 328 58.75 -1.74 -15.72
N ILE L 329 59.44 -0.64 -15.34
CA ILE L 329 60.73 -0.73 -14.69
C ILE L 329 60.89 0.50 -13.82
N THR L 330 61.85 0.48 -12.90
CA THR L 330 62.19 1.62 -12.06
C THR L 330 63.71 1.76 -12.02
N ILE L 331 64.21 2.92 -12.42
CA ILE L 331 65.64 3.15 -12.59
C ILE L 331 66.07 4.21 -11.58
N GLY L 332 66.59 3.75 -10.44
CA GLY L 332 67.24 4.63 -9.48
C GLY L 332 66.37 5.66 -8.82
N ASP L 333 65.08 5.32 -8.56
CA ASP L 333 64.06 6.09 -7.82
C ASP L 333 63.95 7.57 -8.21
N LYS L 334 64.33 7.89 -9.45
CA LYS L 334 64.17 9.23 -10.00
C LYS L 334 63.58 9.26 -11.39
N LEU L 335 63.67 8.17 -12.15
CA LEU L 335 63.03 8.09 -13.46
C LEU L 335 62.65 6.65 -13.73
N GLY L 336 61.50 6.47 -14.38
CA GLY L 336 61.00 5.14 -14.70
C GLY L 336 60.60 5.07 -16.15
N VAL L 337 60.72 3.88 -16.72
CA VAL L 337 60.44 3.63 -18.12
C VAL L 337 59.33 2.60 -18.23
N SER L 338 58.27 2.92 -18.96
CA SER L 338 57.22 1.98 -19.28
C SER L 338 57.39 1.50 -20.71
N LEU L 339 56.60 0.50 -21.09
CA LEU L 339 56.64 -0.06 -22.43
C LEU L 339 55.29 -0.69 -22.76
N ASN L 340 54.59 -0.09 -23.73
CA ASN L 340 53.33 -0.60 -24.29
C ASN L 340 52.24 -0.77 -23.23
N GLN L 341 52.10 0.22 -22.36
CA GLN L 341 51.14 0.15 -21.28
C GLN L 341 50.35 1.46 -21.19
N SER L 342 49.33 1.45 -20.35
CA SER L 342 48.54 2.64 -20.06
C SER L 342 48.67 3.06 -18.60
N SER L 343 48.56 2.10 -17.68
CA SER L 343 48.72 2.33 -16.25
C SER L 343 50.10 1.86 -15.82
N ILE L 344 50.81 2.72 -15.09
CA ILE L 344 52.20 2.46 -14.74
C ILE L 344 52.31 2.41 -13.22
N SER L 345 51.43 3.14 -12.54
CA SER L 345 51.55 3.33 -11.08
C SER L 345 51.20 2.06 -10.33
N THR L 346 50.13 1.38 -10.70
CA THR L 346 49.76 0.13 -10.04
C THR L 346 50.62 -1.05 -10.49
N LEU L 347 51.39 -0.89 -11.56
CA LEU L 347 52.40 -1.88 -11.96
C LEU L 347 53.81 -1.34 -11.80
N ASP L 348 54.04 -0.49 -10.80
CA ASP L 348 55.35 0.12 -10.62
C ASP L 348 56.36 -0.85 -9.99
N GLY L 349 55.91 -1.72 -9.08
CA GLY L 349 56.77 -2.70 -8.47
C GLY L 349 56.99 -3.97 -9.27
N SER L 350 56.42 -4.06 -10.46
CA SER L 350 56.55 -5.25 -11.30
C SER L 350 57.74 -5.09 -12.24
N ARG L 351 57.81 -5.97 -13.24
CA ARG L 351 58.95 -6.03 -14.15
C ARG L 351 58.48 -6.15 -15.59
N PHE L 352 59.41 -6.41 -16.51
CA PHE L 352 59.04 -6.64 -17.90
C PHE L 352 58.46 -8.04 -18.06
N ILE L 353 57.47 -8.16 -18.93
CA ILE L 353 56.80 -9.43 -19.22
C ILE L 353 56.95 -9.72 -20.69
N ALA L 354 57.45 -10.92 -21.03
CA ALA L 354 57.60 -11.37 -22.41
C ALA L 354 56.66 -12.55 -22.60
N ALA L 355 55.42 -12.27 -22.97
CA ALA L 355 54.42 -13.31 -23.13
C ALA L 355 54.66 -14.05 -24.44
N VAL L 356 54.99 -15.34 -24.35
CA VAL L 356 55.29 -16.18 -25.49
C VAL L 356 54.08 -17.06 -25.77
N ASN L 357 53.76 -17.25 -27.05
CA ASN L 357 52.68 -18.12 -27.48
C ASN L 357 53.20 -19.11 -28.51
N ALA L 358 52.81 -20.37 -28.36
CA ALA L 358 53.16 -21.41 -29.33
C ALA L 358 52.06 -22.45 -29.33
N LEU L 359 51.42 -22.63 -30.47
CA LEU L 359 50.26 -23.51 -30.59
C LEU L 359 50.04 -23.84 -32.06
N GLU L 360 49.47 -25.00 -32.32
CA GLU L 360 49.14 -25.43 -33.67
C GLU L 360 48.03 -26.46 -33.56
N GLU L 361 46.81 -26.08 -33.96
CA GLU L 361 45.63 -26.86 -33.65
C GLU L 361 44.87 -27.22 -34.92
N LYS L 362 44.39 -28.46 -34.99
CA LYS L 362 43.46 -28.92 -36.00
C LYS L 362 42.19 -29.41 -35.31
N LYS L 363 41.11 -29.49 -36.08
CA LYS L 363 39.81 -29.87 -35.51
C LYS L 363 38.90 -30.36 -36.62
N GLN L 364 37.93 -31.20 -36.24
CA GLN L 364 36.93 -31.73 -37.14
C GLN L 364 35.79 -32.29 -36.31
N ALA L 365 34.56 -32.13 -36.78
CA ALA L 365 33.40 -32.59 -36.04
C ALA L 365 32.23 -32.81 -37.00
N THR L 366 31.64 -33.99 -36.97
CA THR L 366 30.46 -34.31 -37.75
C THR L 366 29.34 -34.76 -36.83
N VAL L 367 28.12 -34.32 -37.12
CA VAL L 367 26.93 -34.71 -36.36
C VAL L 367 25.80 -34.93 -37.35
N VAL L 368 25.20 -36.12 -37.32
CA VAL L 368 24.06 -36.46 -38.18
C VAL L 368 22.92 -36.92 -37.28
N SER L 369 21.85 -36.12 -37.22
CA SER L 369 20.68 -36.44 -36.41
C SER L 369 19.47 -36.62 -37.32
N ARG L 370 18.51 -37.44 -36.88
CA ARG L 370 17.39 -37.84 -37.72
C ARG L 370 16.17 -38.19 -36.88
N PRO L 371 15.14 -37.35 -36.88
CA PRO L 371 13.85 -37.75 -36.29
C PRO L 371 12.90 -38.35 -37.32
N VAL L 372 12.14 -39.35 -36.87
CA VAL L 372 11.19 -40.08 -37.71
C VAL L 372 9.81 -40.00 -37.06
N LEU L 373 8.78 -39.75 -37.87
CA LEU L 373 7.42 -39.59 -37.37
C LEU L 373 6.44 -40.19 -38.36
N LEU L 374 5.38 -40.83 -37.85
CA LEU L 374 4.37 -41.49 -38.67
C LEU L 374 3.00 -40.92 -38.38
N THR L 375 2.26 -40.60 -39.44
CA THR L 375 0.92 -40.06 -39.32
C THR L 375 0.10 -40.43 -40.55
N GLN L 376 -1.12 -39.92 -40.62
CA GLN L 376 -2.05 -40.19 -41.71
C GLN L 376 -2.22 -38.95 -42.58
N GLU L 377 -3.05 -39.07 -43.61
CA GLU L 377 -3.38 -37.92 -44.44
C GLU L 377 -4.18 -36.90 -43.65
N ASN L 378 -3.87 -35.62 -43.88
CA ASN L 378 -4.63 -34.47 -43.37
C ASN L 378 -4.73 -34.44 -41.85
N VAL L 379 -3.75 -35.01 -41.16
CA VAL L 379 -3.75 -35.09 -39.71
C VAL L 379 -2.47 -34.42 -39.21
N PRO L 380 -2.55 -33.39 -38.36
CA PRO L 380 -1.34 -32.77 -37.84
C PRO L 380 -0.69 -33.66 -36.78
N ALA L 381 0.62 -33.81 -36.87
CA ALA L 381 1.38 -34.63 -35.93
C ALA L 381 2.53 -33.81 -35.36
N ILE L 382 3.02 -34.23 -34.20
CA ILE L 382 4.10 -33.53 -33.50
C ILE L 382 5.11 -34.53 -32.98
N PHE L 383 6.38 -34.32 -33.30
CA PHE L 383 7.49 -34.94 -32.61
C PHE L 383 8.23 -33.85 -31.85
N ASP L 384 8.61 -34.15 -30.62
CA ASP L 384 9.23 -33.14 -29.75
C ASP L 384 10.26 -33.82 -28.87
N ASN L 385 11.46 -33.24 -28.79
CA ASN L 385 12.53 -33.77 -27.93
C ASN L 385 13.21 -32.55 -27.31
N ASN L 386 12.75 -32.15 -26.14
CA ASN L 386 13.15 -30.87 -25.58
C ASN L 386 13.84 -31.04 -24.23
N ARG L 387 14.16 -29.91 -23.61
CA ARG L 387 14.83 -29.83 -22.33
C ARG L 387 14.37 -28.57 -21.62
N THR L 388 14.00 -28.70 -20.35
CA THR L 388 13.40 -27.61 -19.59
C THR L 388 14.37 -27.19 -18.49
N PHE L 389 14.49 -25.88 -18.29
CA PHE L 389 15.40 -25.29 -17.31
C PHE L 389 14.58 -24.43 -16.36
N TYR L 390 14.51 -24.85 -15.09
CA TYR L 390 13.69 -24.17 -14.10
C TYR L 390 14.53 -23.23 -13.26
N THR L 391 13.99 -22.04 -13.01
CA THR L 391 14.68 -21.03 -12.22
C THR L 391 13.77 -20.54 -11.09
N LYS L 392 14.39 -19.98 -10.07
CA LYS L 392 13.69 -19.55 -8.85
C LYS L 392 13.71 -18.03 -8.78
N LEU L 393 12.65 -17.41 -9.26
CA LEU L 393 12.48 -15.96 -9.16
C LEU L 393 11.89 -15.67 -7.79
N ILE L 394 12.74 -15.22 -6.86
CA ILE L 394 12.32 -15.05 -5.48
C ILE L 394 11.63 -13.69 -5.36
N GLY L 395 10.33 -13.68 -5.67
CA GLY L 395 9.48 -12.53 -5.45
C GLY L 395 8.68 -12.71 -4.17
N GLU L 396 7.65 -11.89 -4.04
CA GLU L 396 6.78 -11.98 -2.88
C GLU L 396 5.32 -12.28 -3.21
N ARG L 397 4.80 -11.81 -4.35
CA ARG L 397 3.37 -11.89 -4.63
C ARG L 397 3.05 -12.95 -5.66
N ASN L 398 3.55 -12.73 -6.86
CA ASN L 398 3.27 -13.60 -7.99
C ASN L 398 4.50 -14.47 -8.16
N VAL L 399 4.83 -15.21 -7.11
CA VAL L 399 5.95 -16.13 -7.11
C VAL L 399 5.66 -17.23 -8.12
N ALA L 400 6.66 -17.56 -8.93
CA ALA L 400 6.42 -18.46 -10.04
C ALA L 400 7.71 -19.21 -10.35
N LEU L 401 7.54 -20.39 -10.92
CA LEU L 401 8.64 -21.15 -11.48
C LEU L 401 8.64 -20.83 -12.98
N GLU L 402 9.59 -19.99 -13.39
CA GLU L 402 9.71 -19.65 -14.80
C GLU L 402 10.67 -20.63 -15.46
N HIS L 403 10.42 -20.92 -16.73
CA HIS L 403 11.17 -21.96 -17.41
C HIS L 403 11.39 -21.59 -18.86
N VAL L 404 12.50 -22.10 -19.41
CA VAL L 404 12.80 -22.01 -20.83
C VAL L 404 12.83 -23.43 -21.37
N THR L 405 12.71 -23.55 -22.69
CA THR L 405 12.59 -24.84 -23.35
C THR L 405 13.31 -24.78 -24.69
N TYR L 406 14.10 -25.80 -24.99
CA TYR L 406 14.81 -25.85 -26.26
C TYR L 406 15.00 -27.30 -26.66
N GLY L 407 14.91 -27.57 -27.96
CA GLY L 407 15.14 -28.92 -28.45
C GLY L 407 14.59 -29.07 -29.86
N THR L 408 14.68 -30.29 -30.38
CA THR L 408 14.23 -30.61 -31.72
C THR L 408 12.72 -30.74 -31.72
N MET L 409 12.07 -30.26 -32.78
CA MET L 409 10.62 -30.23 -32.85
C MET L 409 10.18 -30.15 -34.30
N ILE L 410 9.28 -31.05 -34.70
CA ILE L 410 8.68 -31.05 -36.03
C ILE L 410 7.16 -31.02 -35.87
N ARG L 411 6.50 -30.21 -36.67
CA ARG L 411 5.04 -30.25 -36.80
C ARG L 411 4.69 -30.24 -38.28
N VAL L 412 4.07 -31.32 -38.74
CA VAL L 412 3.88 -31.56 -40.17
C VAL L 412 2.40 -31.82 -40.42
N LEU L 413 1.95 -31.55 -41.65
CA LEU L 413 0.58 -31.77 -42.06
C LEU L 413 0.63 -32.32 -43.48
N PRO L 414 0.71 -33.64 -43.64
CA PRO L 414 0.89 -34.22 -44.97
C PRO L 414 -0.42 -34.31 -45.73
N ARG L 415 -0.29 -34.41 -47.05
CA ARG L 415 -1.44 -34.42 -47.95
C ARG L 415 -0.99 -34.94 -49.30
N PHE L 416 -1.75 -35.87 -49.86
CA PHE L 416 -1.44 -36.42 -51.17
C PHE L 416 -2.04 -35.56 -52.28
N SER L 417 -1.25 -35.30 -53.31
CA SER L 417 -1.74 -34.54 -54.46
C SER L 417 -2.41 -35.50 -55.44
N ALA L 418 -2.73 -34.99 -56.64
CA ALA L 418 -3.44 -35.80 -57.62
C ALA L 418 -2.49 -36.73 -58.38
N ASP L 419 -1.21 -36.42 -58.43
CA ASP L 419 -0.23 -37.20 -59.16
C ASP L 419 0.45 -38.26 -58.32
N GLY L 420 0.26 -38.23 -57.01
CA GLY L 420 0.96 -39.12 -56.11
C GLY L 420 2.11 -38.50 -55.35
N GLN L 421 2.26 -37.17 -55.41
CA GLN L 421 3.28 -36.47 -54.65
C GLN L 421 2.70 -36.05 -53.30
N ILE L 422 3.60 -35.81 -52.35
CA ILE L 422 3.22 -35.52 -50.97
C ILE L 422 3.62 -34.09 -50.65
N GLU L 423 2.62 -33.24 -50.42
CA GLU L 423 2.85 -31.88 -50.00
C GLU L 423 2.77 -31.77 -48.49
N MET L 424 3.68 -30.99 -47.90
CA MET L 424 3.81 -30.91 -46.46
C MET L 424 3.87 -29.45 -46.03
N SER L 425 3.34 -29.17 -44.85
CA SER L 425 3.40 -27.85 -44.24
C SER L 425 4.25 -27.94 -42.99
N LEU L 426 5.50 -27.49 -43.08
CA LEU L 426 6.53 -27.80 -42.11
C LEU L 426 6.70 -26.67 -41.09
N ASP L 427 7.13 -27.04 -39.89
CA ASP L 427 7.52 -26.12 -38.82
C ASP L 427 8.64 -26.79 -38.03
N ILE L 428 9.88 -26.49 -38.41
CA ILE L 428 11.05 -27.19 -37.88
C ILE L 428 11.78 -26.27 -36.91
N GLU L 429 12.16 -26.81 -35.76
CA GLU L 429 13.01 -26.12 -34.80
C GLU L 429 14.10 -27.07 -34.34
N ASP L 430 15.35 -26.61 -34.36
CA ASP L 430 16.47 -27.40 -33.87
C ASP L 430 17.36 -26.48 -33.03
N GLY L 431 17.31 -26.65 -31.71
CA GLY L 431 18.06 -25.82 -30.80
C GLY L 431 18.96 -26.65 -29.90
N ASN L 432 19.97 -25.98 -29.34
CA ASN L 432 20.86 -26.59 -28.36
C ASN L 432 21.35 -25.50 -27.42
N ASP L 433 22.21 -25.89 -26.48
CA ASP L 433 22.65 -25.01 -25.42
C ASP L 433 24.09 -24.57 -25.69
N LYS L 434 24.28 -23.29 -25.92
CA LYS L 434 25.62 -22.72 -26.07
C LYS L 434 26.19 -22.41 -24.69
N THR L 435 27.46 -22.74 -24.49
CA THR L 435 28.09 -22.61 -23.20
C THR L 435 29.13 -21.51 -23.21
N PRO L 436 29.02 -20.52 -22.31
CA PRO L 436 30.13 -19.56 -22.14
C PRO L 436 31.27 -20.14 -21.31
N GLN L 437 32.22 -19.30 -20.94
CA GLN L 437 33.39 -19.74 -20.19
C GLN L 437 32.99 -20.23 -18.80
N SER L 438 33.49 -21.41 -18.42
CA SER L 438 33.08 -22.03 -17.17
C SER L 438 33.76 -21.43 -15.94
N ASP L 439 34.87 -20.74 -16.11
CA ASP L 439 35.64 -20.23 -14.98
C ASP L 439 35.00 -19.00 -14.33
N THR L 440 34.19 -18.24 -15.05
CA THR L 440 33.57 -17.05 -14.51
C THR L 440 32.26 -17.39 -13.82
N THR L 441 31.80 -16.46 -12.98
CA THR L 441 30.69 -16.63 -12.06
C THR L 441 29.35 -16.87 -12.75
N THR L 442 29.17 -16.41 -14.00
CA THR L 442 27.89 -16.52 -14.70
C THR L 442 27.54 -17.95 -15.15
N SER L 443 28.33 -18.96 -14.79
CA SER L 443 27.99 -20.35 -15.06
C SER L 443 27.15 -20.98 -13.97
N VAL L 444 26.96 -20.30 -12.83
CA VAL L 444 26.16 -20.88 -11.74
C VAL L 444 24.77 -20.26 -11.63
N ASP L 445 24.51 -19.14 -12.31
CA ASP L 445 23.19 -18.54 -12.30
C ASP L 445 22.38 -19.04 -13.50
N ALA L 446 21.19 -18.47 -13.68
CA ALA L 446 20.25 -18.91 -14.70
C ALA L 446 20.56 -18.21 -16.03
N LEU L 447 21.72 -18.56 -16.60
CA LEU L 447 22.10 -18.09 -17.93
C LEU L 447 22.49 -19.29 -18.80
N PRO L 448 21.51 -20.04 -19.30
CA PRO L 448 21.78 -20.95 -20.43
C PRO L 448 21.59 -20.24 -21.76
N GLU L 449 22.64 -19.65 -22.33
CA GLU L 449 22.52 -19.04 -23.66
C GLU L 449 22.06 -20.07 -24.70
N VAL L 450 20.83 -19.91 -25.17
CA VAL L 450 20.19 -20.85 -26.09
C VAL L 450 20.34 -20.32 -27.50
N GLY L 451 20.78 -21.18 -28.41
CA GLY L 451 20.78 -20.89 -29.83
C GLY L 451 19.85 -21.84 -30.56
N ARG L 452 18.93 -21.27 -31.33
CA ARG L 452 17.91 -22.03 -32.04
C ARG L 452 18.06 -21.86 -33.54
N THR L 453 17.24 -22.62 -34.28
CA THR L 453 17.21 -22.56 -35.73
C THR L 453 15.81 -22.89 -36.19
N LEU L 454 15.11 -21.93 -36.76
CA LEU L 454 13.69 -22.06 -37.08
C LEU L 454 13.50 -21.99 -38.59
N ILE L 455 12.64 -22.86 -39.12
CA ILE L 455 12.34 -22.92 -40.54
C ILE L 455 10.84 -23.18 -40.68
N SER L 456 10.16 -22.37 -41.49
CA SER L 456 8.73 -22.52 -41.73
C SER L 456 8.46 -22.31 -43.21
N THR L 457 8.02 -23.34 -43.90
CA THR L 457 7.86 -23.29 -45.36
C THR L 457 6.84 -24.35 -45.77
N ILE L 458 6.69 -24.53 -47.09
CA ILE L 458 5.82 -25.55 -47.68
C ILE L 458 6.56 -26.15 -48.87
N ALA L 459 6.69 -27.48 -48.89
CA ALA L 459 7.38 -28.16 -49.97
C ALA L 459 6.55 -29.34 -50.45
N ARG L 460 6.86 -29.82 -51.65
CA ARG L 460 6.11 -30.91 -52.29
C ARG L 460 7.09 -31.87 -52.94
N VAL L 461 7.19 -33.08 -52.38
CA VAL L 461 8.18 -34.08 -52.79
C VAL L 461 7.43 -35.26 -53.40
N PRO L 462 7.98 -35.92 -54.43
CA PRO L 462 7.41 -37.20 -54.86
C PRO L 462 7.65 -38.29 -53.82
N HIS L 463 7.04 -39.45 -54.06
CA HIS L 463 7.11 -40.56 -53.11
C HIS L 463 8.47 -41.23 -53.22
N GLY L 464 9.27 -41.12 -52.16
CA GLY L 464 10.57 -41.75 -52.12
C GLY L 464 11.75 -40.86 -52.45
N LYS L 465 11.50 -39.70 -53.04
CA LYS L 465 12.56 -38.75 -53.37
C LYS L 465 12.77 -37.80 -52.20
N SER L 466 13.60 -36.78 -52.41
CA SER L 466 13.97 -35.89 -51.32
C SER L 466 14.15 -34.47 -51.82
N LEU L 467 14.13 -33.53 -50.88
CA LEU L 467 14.29 -32.12 -51.18
C LEU L 467 15.13 -31.46 -50.09
N LEU L 468 15.86 -30.42 -50.47
CA LEU L 468 16.63 -29.62 -49.53
C LEU L 468 15.80 -28.41 -49.11
N VAL L 469 15.49 -28.32 -47.83
CA VAL L 469 14.60 -27.27 -47.33
C VAL L 469 15.38 -26.06 -46.84
N GLY L 470 16.36 -26.26 -45.98
CA GLY L 470 17.14 -25.15 -45.46
C GLY L 470 18.62 -25.31 -45.75
N GLY L 471 19.45 -24.52 -45.08
CA GLY L 471 20.88 -24.61 -45.29
C GLY L 471 21.57 -23.40 -44.74
N TYR L 472 22.88 -23.57 -44.52
CA TYR L 472 23.75 -22.53 -43.99
C TYR L 472 25.21 -22.91 -44.17
N THR L 473 26.02 -22.03 -44.77
CA THR L 473 27.46 -22.21 -44.84
C THR L 473 28.15 -20.96 -44.30
N ARG L 474 29.40 -21.13 -43.89
CA ARG L 474 30.20 -20.01 -43.41
C ARG L 474 31.68 -20.34 -43.55
N ASP L 475 32.44 -19.42 -44.16
CA ASP L 475 33.88 -19.56 -44.33
C ASP L 475 34.57 -18.33 -43.77
N ALA L 476 35.76 -18.52 -43.19
CA ALA L 476 36.48 -17.42 -42.58
C ALA L 476 37.97 -17.68 -42.63
N ASN L 477 38.75 -16.59 -42.66
CA ASN L 477 40.21 -16.68 -42.67
C ASN L 477 40.76 -15.34 -42.20
N THR L 478 41.36 -15.32 -41.01
CA THR L 478 42.01 -14.13 -40.48
C THR L 478 43.48 -14.41 -40.24
N ASP L 479 44.29 -13.35 -40.23
CA ASP L 479 45.72 -13.45 -39.92
C ASP L 479 46.27 -12.09 -39.53
N THR L 480 46.96 -12.03 -38.40
CA THR L 480 47.59 -10.81 -37.90
C THR L 480 49.10 -10.98 -37.87
N VAL L 481 49.82 -9.85 -37.96
CA VAL L 481 51.28 -9.83 -37.86
C VAL L 481 51.65 -8.61 -37.03
N GLN L 482 52.33 -8.84 -35.91
CA GLN L 482 52.87 -7.76 -35.09
C GLN L 482 54.38 -7.88 -35.00
N SER L 483 55.05 -6.75 -34.74
CA SER L 483 56.50 -6.75 -34.59
C SER L 483 56.93 -5.49 -33.85
N ILE L 484 58.19 -5.48 -33.45
CA ILE L 484 58.90 -4.29 -33.00
C ILE L 484 59.46 -3.67 -34.28
N PRO L 485 59.45 -2.34 -34.44
CA PRO L 485 59.79 -1.75 -35.76
C PRO L 485 61.19 -2.00 -36.27
N PHE L 486 62.22 -1.91 -35.42
CA PHE L 486 63.58 -2.14 -35.88
C PHE L 486 64.14 -3.50 -35.46
N LEU L 487 63.83 -3.95 -34.25
CA LEU L 487 64.39 -5.21 -33.76
C LEU L 487 63.76 -6.43 -34.42
N GLY L 488 62.61 -6.27 -35.07
CA GLY L 488 61.95 -7.38 -35.71
C GLY L 488 62.51 -7.81 -37.04
N LYS L 489 63.53 -7.11 -37.54
CA LYS L 489 64.15 -7.43 -38.83
C LYS L 489 65.58 -7.94 -38.68
N LEU L 490 66.00 -8.26 -37.47
CA LEU L 490 67.32 -8.83 -37.26
C LEU L 490 67.36 -10.27 -37.80
N PRO L 491 68.54 -10.73 -38.29
CA PRO L 491 68.60 -12.06 -38.92
C PRO L 491 68.31 -13.24 -38.01
N LEU L 492 69.04 -13.36 -36.89
CA LEU L 492 68.88 -14.50 -36.00
C LEU L 492 68.35 -14.12 -34.63
N ILE L 493 68.30 -12.83 -34.30
CA ILE L 493 67.73 -12.39 -33.04
C ILE L 493 66.29 -11.89 -33.21
N GLY L 494 65.89 -11.50 -34.42
CA GLY L 494 64.60 -10.87 -34.66
C GLY L 494 63.40 -11.78 -34.52
N SER L 495 63.60 -13.07 -34.29
CA SER L 495 62.46 -13.95 -34.08
C SER L 495 61.85 -13.80 -32.69
N LEU L 496 62.58 -13.19 -31.76
CA LEU L 496 62.08 -12.99 -30.40
C LEU L 496 61.18 -11.78 -30.26
N PHE L 497 60.91 -11.06 -31.35
CA PHE L 497 60.11 -9.84 -31.28
C PHE L 497 58.89 -9.85 -32.19
N ARG L 498 58.84 -10.72 -33.19
CA ARG L 498 57.68 -10.78 -34.08
C ARG L 498 56.56 -11.59 -33.44
N TYR L 499 55.41 -11.58 -34.10
CA TYR L 499 54.24 -12.33 -33.69
C TYR L 499 53.35 -12.52 -34.90
N SER L 500 52.69 -13.67 -34.99
CA SER L 500 51.85 -13.97 -36.13
C SER L 500 50.83 -15.03 -35.76
N SER L 501 49.58 -14.79 -36.14
CA SER L 501 48.50 -15.73 -35.86
C SER L 501 47.73 -16.02 -37.15
N LYS L 502 46.95 -17.09 -37.12
CA LYS L 502 46.10 -17.48 -38.23
C LYS L 502 44.82 -18.08 -37.68
N ASN L 503 43.84 -18.24 -38.55
CA ASN L 503 42.56 -18.84 -38.19
C ASN L 503 41.84 -19.24 -39.47
N LYS L 504 41.00 -20.27 -39.39
CA LYS L 504 40.24 -20.77 -40.53
C LYS L 504 39.10 -21.64 -40.02
N SER L 505 37.93 -21.52 -40.64
CA SER L 505 36.80 -22.35 -40.25
C SER L 505 35.89 -22.57 -41.44
N ASN L 506 35.19 -23.70 -41.44
CA ASN L 506 34.24 -24.04 -42.50
C ASN L 506 33.08 -24.81 -41.90
N VAL L 507 31.91 -24.20 -41.84
CA VAL L 507 30.73 -24.77 -41.21
C VAL L 507 29.68 -25.03 -42.29
N VAL L 508 29.00 -26.17 -42.21
CA VAL L 508 27.94 -26.54 -43.13
C VAL L 508 26.80 -27.16 -42.33
N ARG L 509 25.59 -26.60 -42.44
CA ARG L 509 24.38 -27.20 -41.89
C ARG L 509 23.34 -27.29 -43.00
N VAL L 510 22.63 -28.42 -43.08
CA VAL L 510 21.56 -28.60 -44.06
C VAL L 510 20.40 -29.31 -43.40
N PHE L 511 19.22 -29.16 -44.01
CA PHE L 511 17.98 -29.80 -43.57
C PHE L 511 17.36 -30.46 -44.79
N MET L 512 17.09 -31.76 -44.71
CA MET L 512 16.55 -32.50 -45.84
C MET L 512 15.31 -33.27 -45.41
N ILE L 513 14.38 -33.45 -46.35
CA ILE L 513 13.07 -34.05 -46.11
C ILE L 513 12.92 -35.23 -47.05
N GLU L 514 12.48 -36.38 -46.54
CA GLU L 514 12.30 -37.58 -47.34
C GLU L 514 11.05 -38.31 -46.88
N PRO L 515 9.90 -38.06 -47.49
CA PRO L 515 8.67 -38.76 -47.11
C PRO L 515 8.43 -40.01 -47.93
N LYS L 516 7.67 -40.94 -47.34
CA LYS L 516 7.29 -42.16 -48.03
C LYS L 516 5.99 -42.66 -47.45
N GLU L 517 5.36 -43.60 -48.15
CA GLU L 517 4.04 -44.10 -47.82
C GLU L 517 4.13 -45.49 -47.21
N ILE L 518 3.43 -45.71 -46.11
CA ILE L 518 3.45 -46.97 -45.38
C ILE L 518 2.18 -47.75 -45.70
N VAL L 519 2.35 -48.97 -46.20
CA VAL L 519 1.22 -49.83 -46.49
C VAL L 519 1.25 -51.15 -45.73
N ASP L 520 2.40 -51.57 -45.20
CA ASP L 520 2.55 -52.85 -44.54
C ASP L 520 3.06 -52.66 -43.12
N PRO L 521 2.72 -53.57 -42.21
CA PRO L 521 3.25 -53.50 -40.85
C PRO L 521 4.70 -53.97 -40.82
N LEU L 522 5.27 -53.97 -39.61
CA LEU L 522 6.68 -54.31 -39.44
C LEU L 522 6.91 -55.79 -39.63
N THR L 523 8.04 -56.14 -40.24
CA THR L 523 8.46 -57.54 -40.39
C THR L 523 9.95 -57.64 -40.10
N PRO L 524 10.37 -58.46 -39.11
CA PRO L 524 9.60 -59.24 -38.14
C PRO L 524 8.93 -58.38 -37.08
N ASP L 525 8.15 -58.99 -36.20
CA ASP L 525 7.28 -58.26 -35.30
C ASP L 525 8.08 -57.47 -34.26
N ALA L 526 7.41 -56.53 -33.62
CA ALA L 526 8.06 -55.68 -32.62
C ALA L 526 8.42 -56.48 -31.37
N SER L 527 7.66 -57.51 -31.05
CA SER L 527 7.98 -58.35 -29.91
C SER L 527 9.01 -59.42 -30.23
N GLU L 528 9.38 -59.56 -31.49
CA GLU L 528 10.41 -60.52 -31.89
C GLU L 528 11.79 -59.87 -32.01
N SER L 529 11.85 -58.60 -32.40
CA SER L 529 13.13 -57.91 -32.46
C SER L 529 13.62 -57.47 -31.09
N VAL L 530 12.71 -57.36 -30.12
CA VAL L 530 13.12 -56.97 -28.77
C VAL L 530 13.70 -58.16 -28.03
N ASN L 531 13.15 -59.36 -28.26
CA ASN L 531 13.67 -60.57 -27.63
C ASN L 531 15.06 -60.96 -28.13
N ASN L 532 15.47 -60.44 -29.30
CA ASN L 532 16.84 -60.64 -29.75
C ASN L 532 17.79 -59.60 -29.20
N ILE L 533 17.28 -58.43 -28.82
CA ILE L 533 18.12 -57.41 -28.21
C ILE L 533 18.43 -57.80 -26.76
N LEU L 534 17.43 -58.28 -26.03
CA LEU L 534 17.62 -58.64 -24.63
C LEU L 534 18.50 -59.87 -24.47
N LYS L 535 18.46 -60.79 -25.42
CA LYS L 535 19.32 -61.97 -25.34
C LYS L 535 20.76 -61.66 -25.71
N GLN L 536 20.98 -60.71 -26.62
CA GLN L 536 22.35 -60.40 -27.02
C GLN L 536 23.04 -59.50 -26.00
N SER L 537 22.35 -58.49 -25.48
CA SER L 537 22.96 -57.59 -24.52
C SER L 537 23.04 -58.18 -23.11
N GLY L 538 22.33 -59.27 -22.85
CA GLY L 538 22.39 -59.91 -21.56
C GLY L 538 21.42 -59.40 -20.52
N ALA L 539 20.44 -58.60 -20.92
CA ALA L 539 19.45 -58.06 -19.99
C ALA L 539 18.19 -58.91 -19.93
N TRP L 540 18.18 -60.08 -20.55
CA TRP L 540 16.98 -60.90 -20.65
C TRP L 540 16.73 -61.62 -19.33
N SER L 541 15.48 -61.59 -18.87
CA SER L 541 15.08 -62.27 -17.65
C SER L 541 13.74 -62.97 -17.83
N GLY L 542 13.56 -63.63 -18.97
CA GLY L 542 12.38 -64.46 -19.16
C GLY L 542 12.53 -65.87 -18.66
N ASP L 543 13.72 -66.24 -18.21
CA ASP L 543 13.99 -67.57 -17.66
C ASP L 543 14.01 -67.58 -16.14
N ASP L 544 13.59 -66.50 -15.50
CA ASP L 544 13.63 -66.42 -14.05
C ASP L 544 12.57 -67.30 -13.43
N LYS L 545 12.91 -67.89 -12.27
CA LYS L 545 11.97 -68.79 -11.62
C LYS L 545 10.86 -68.04 -10.92
N LEU L 546 11.13 -66.83 -10.44
CA LEU L 546 10.16 -66.06 -9.67
C LEU L 546 9.33 -65.11 -10.52
N GLN L 547 9.91 -64.52 -11.57
CA GLN L 547 9.20 -63.54 -12.37
C GLN L 547 8.42 -64.15 -13.52
N LYS L 548 8.54 -65.46 -13.76
CA LYS L 548 7.80 -66.08 -14.85
C LYS L 548 6.34 -66.33 -14.52
N TRP L 549 5.95 -66.21 -13.26
CA TRP L 549 4.55 -66.40 -12.89
C TRP L 549 3.68 -65.22 -13.30
N VAL L 550 4.27 -64.04 -13.48
CA VAL L 550 3.53 -62.86 -13.86
C VAL L 550 3.85 -62.41 -15.28
N ARG L 551 5.10 -62.55 -15.75
CA ARG L 551 5.48 -62.25 -17.12
C ARG L 551 4.88 -63.20 -18.14
N VAL L 552 4.20 -64.27 -17.72
CA VAL L 552 3.53 -65.15 -18.68
C VAL L 552 2.21 -64.56 -19.15
N TYR L 553 1.70 -63.55 -18.46
CA TYR L 553 0.50 -62.86 -18.94
C TYR L 553 0.85 -61.84 -20.02
N LEU L 554 1.97 -61.14 -19.86
CA LEU L 554 2.32 -60.06 -20.79
C LEU L 554 2.92 -60.59 -22.08
N ASP L 555 3.67 -61.69 -22.00
CA ASP L 555 4.34 -62.30 -23.15
C ASP L 555 3.53 -63.45 -23.72
N ARG L 556 2.21 -63.29 -23.75
CA ARG L 556 1.31 -64.35 -24.20
C ARG L 556 1.45 -64.63 -25.68
N GLY L 557 1.75 -63.61 -26.48
CA GLY L 557 1.96 -63.79 -27.90
C GLY L 557 3.41 -64.05 -28.26
N LEU M 175 -57.27 -36.80 -27.89
CA LEU M 175 -56.11 -36.45 -27.07
C LEU M 175 -55.33 -37.69 -26.66
N GLY M 176 -54.09 -37.48 -26.20
CA GLY M 176 -53.26 -38.58 -25.76
C GLY M 176 -52.87 -38.49 -24.30
N ARG M 177 -53.08 -39.56 -23.55
CA ARG M 177 -52.71 -39.59 -22.15
C ARG M 177 -51.19 -39.70 -22.00
N GLN M 178 -50.67 -39.08 -20.96
CA GLN M 178 -49.25 -39.18 -20.67
C GLN M 178 -48.94 -40.56 -20.07
N LYS M 179 -47.68 -40.95 -20.17
CA LYS M 179 -47.24 -42.27 -19.75
C LYS M 179 -45.75 -42.20 -19.43
N ILE M 180 -45.36 -42.85 -18.33
CA ILE M 180 -43.97 -42.87 -17.87
C ILE M 180 -43.42 -44.27 -18.11
N GLY M 181 -42.32 -44.34 -18.85
CA GLY M 181 -41.65 -45.61 -19.14
C GLY M 181 -40.28 -45.66 -18.49
N VAL M 182 -39.91 -46.85 -18.03
CA VAL M 182 -38.62 -47.09 -17.40
C VAL M 182 -37.86 -48.08 -18.27
N MET M 183 -36.68 -47.68 -18.73
CA MET M 183 -35.88 -48.46 -19.66
C MET M 183 -34.53 -48.76 -19.03
N ARG M 184 -34.32 -50.00 -18.60
CA ARG M 184 -33.06 -50.38 -18.01
C ARG M 184 -32.01 -50.65 -19.08
N LEU M 185 -30.81 -50.15 -18.86
CA LEU M 185 -29.69 -50.32 -19.79
C LEU M 185 -28.79 -51.43 -19.29
N ASN M 186 -28.49 -52.38 -20.16
CA ASN M 186 -27.73 -53.57 -19.76
C ASN M 186 -26.26 -53.50 -20.16
N ASN M 187 -25.88 -52.69 -21.14
CA ASN M 187 -24.53 -52.72 -21.68
C ASN M 187 -23.85 -51.36 -21.69
N THR M 188 -24.36 -50.39 -20.94
CA THR M 188 -23.74 -49.07 -20.88
C THR M 188 -24.08 -48.40 -19.56
N PHE M 189 -23.53 -47.21 -19.37
CA PHE M 189 -23.70 -46.41 -18.16
C PHE M 189 -24.48 -45.15 -18.47
N VAL M 190 -25.44 -44.81 -17.61
CA VAL M 190 -26.02 -43.48 -17.61
C VAL M 190 -25.08 -42.57 -16.81
N GLY M 191 -25.03 -41.30 -17.18
CA GLY M 191 -24.23 -40.34 -16.46
C GLY M 191 -22.83 -40.22 -17.06
N ASP M 192 -22.19 -39.12 -16.69
CA ASP M 192 -20.92 -38.73 -17.28
C ASP M 192 -19.76 -39.42 -16.58
N ARG M 193 -18.66 -39.58 -17.32
CA ARG M 193 -17.42 -40.14 -16.81
C ARG M 193 -16.37 -39.04 -16.76
N THR M 194 -15.57 -39.02 -15.69
CA THR M 194 -14.59 -37.96 -15.48
C THR M 194 -13.23 -38.58 -15.20
N TYR M 195 -12.18 -37.99 -15.79
CA TYR M 195 -10.80 -38.35 -15.52
C TYR M 195 -9.94 -37.10 -15.61
N ASN M 196 -8.65 -37.24 -15.32
CA ASN M 196 -7.74 -36.10 -15.24
C ASN M 196 -6.46 -36.38 -16.01
N LEU M 197 -5.89 -35.31 -16.60
CA LEU M 197 -4.52 -35.35 -17.14
C LEU M 197 -3.71 -34.31 -16.38
N ARG M 198 -3.33 -34.67 -15.15
CA ARG M 198 -2.35 -34.03 -14.28
C ARG M 198 -2.71 -32.63 -13.76
N ASP M 199 -3.61 -31.92 -14.43
CA ASP M 199 -4.15 -30.68 -13.87
C ASP M 199 -5.61 -30.45 -14.26
N GLN M 200 -6.02 -30.99 -15.41
CA GLN M 200 -7.27 -30.61 -16.04
C GLN M 200 -8.24 -31.78 -16.05
N LYS M 201 -9.53 -31.46 -15.98
CA LYS M 201 -10.59 -32.45 -15.91
C LYS M 201 -11.28 -32.57 -17.25
N MET M 202 -11.49 -33.80 -17.70
CA MET M 202 -12.23 -34.08 -18.92
C MET M 202 -13.53 -34.78 -18.57
N VAL M 203 -14.63 -34.33 -19.17
CA VAL M 203 -15.96 -34.87 -18.92
C VAL M 203 -16.53 -35.37 -20.23
N ILE M 204 -16.96 -36.63 -20.24
CA ILE M 204 -17.54 -37.26 -21.42
C ILE M 204 -19.04 -37.38 -21.20
N PRO M 205 -19.88 -36.88 -22.12
CA PRO M 205 -21.33 -36.97 -21.92
C PRO M 205 -21.84 -38.38 -22.14
N GLY M 206 -22.76 -38.80 -21.27
CA GLY M 206 -23.32 -40.13 -21.30
C GLY M 206 -24.49 -40.24 -22.26
N ILE M 207 -25.31 -41.26 -22.04
CA ILE M 207 -26.47 -41.47 -22.90
C ILE M 207 -27.63 -40.57 -22.50
N ALA M 208 -27.65 -40.06 -21.28
CA ALA M 208 -28.77 -39.24 -20.85
C ALA M 208 -28.59 -37.78 -21.17
N THR M 209 -27.38 -37.36 -21.56
CA THR M 209 -27.13 -36.01 -22.02
C THR M 209 -27.21 -35.91 -23.53
N ALA M 210 -26.97 -37.01 -24.24
CA ALA M 210 -27.03 -36.99 -25.69
C ALA M 210 -28.46 -36.95 -26.20
N ILE M 211 -29.36 -37.72 -25.59
CA ILE M 211 -30.75 -37.70 -26.03
C ILE M 211 -31.49 -36.47 -25.48
N GLU M 212 -31.01 -35.90 -24.39
CA GLU M 212 -31.64 -34.69 -23.85
C GLU M 212 -31.36 -33.49 -24.73
N ARG M 213 -30.16 -33.42 -25.32
CA ARG M 213 -29.85 -32.35 -26.26
C ARG M 213 -30.45 -32.58 -27.63
N LEU M 214 -30.84 -33.82 -27.94
CA LEU M 214 -31.47 -34.09 -29.23
C LEU M 214 -32.91 -33.61 -29.25
N LEU M 215 -33.58 -33.67 -28.10
CA LEU M 215 -34.99 -33.29 -27.98
C LEU M 215 -35.15 -31.91 -27.37
N GLN M 216 -34.12 -31.06 -27.47
CA GLN M 216 -34.15 -29.74 -26.87
C GLN M 216 -34.76 -28.75 -27.85
N GLY M 217 -35.60 -27.86 -27.34
CA GLY M 217 -36.38 -26.99 -28.20
C GLY M 217 -37.43 -27.80 -28.94
N GLU M 218 -37.23 -27.97 -30.25
CA GLU M 218 -37.84 -29.02 -31.07
C GLU M 218 -39.36 -28.95 -31.07
N GLU M 219 -39.89 -27.87 -31.66
CA GLU M 219 -41.32 -27.79 -31.90
C GLU M 219 -41.70 -28.60 -33.14
N GLN M 220 -41.68 -29.92 -33.02
CA GLN M 220 -41.83 -30.81 -34.16
C GLN M 220 -42.86 -31.89 -33.88
N PRO M 221 -43.71 -32.22 -34.86
CA PRO M 221 -44.78 -33.20 -34.60
C PRO M 221 -44.29 -34.64 -34.55
N LEU M 222 -43.72 -35.04 -33.41
CA LEU M 222 -43.23 -36.41 -33.26
C LEU M 222 -44.38 -37.34 -32.85
N GLY M 223 -44.47 -38.46 -33.54
CA GLY M 223 -45.46 -39.48 -33.23
C GLY M 223 -44.88 -40.88 -33.30
N ALA M 262 -48.40 -35.33 -29.63
CA ALA M 262 -48.14 -33.92 -29.40
C ALA M 262 -46.89 -33.46 -30.15
N ALA M 263 -46.02 -32.73 -29.48
CA ALA M 263 -44.80 -32.20 -30.08
C ALA M 263 -43.60 -33.01 -29.62
N ALA M 264 -42.45 -32.69 -30.20
CA ALA M 264 -41.21 -33.35 -29.78
C ALA M 264 -40.55 -32.60 -28.65
N GLY M 265 -41.05 -31.42 -28.32
CA GLY M 265 -40.46 -30.57 -27.30
C GLY M 265 -40.98 -30.74 -25.90
N ASN M 266 -42.01 -31.56 -25.70
CA ASN M 266 -42.54 -31.80 -24.37
C ASN M 266 -42.17 -33.17 -23.82
N ILE M 267 -41.18 -33.84 -24.41
CA ILE M 267 -40.69 -35.08 -23.85
C ILE M 267 -39.61 -34.79 -22.82
N LYS M 268 -39.75 -35.37 -21.64
CA LYS M 268 -38.80 -35.19 -20.55
C LYS M 268 -38.03 -36.49 -20.35
N ILE M 269 -36.70 -36.39 -20.31
CA ILE M 269 -35.82 -37.52 -20.11
C ILE M 269 -34.92 -37.22 -18.93
N VAL M 270 -34.99 -38.06 -17.89
CA VAL M 270 -34.26 -37.86 -16.65
C VAL M 270 -33.52 -39.16 -16.32
N ALA M 271 -32.23 -39.03 -16.05
CA ALA M 271 -31.38 -40.16 -15.68
C ALA M 271 -31.67 -40.57 -14.24
N TYR M 272 -31.84 -41.86 -14.02
CA TYR M 272 -31.97 -42.39 -12.67
C TYR M 272 -30.84 -43.37 -12.43
N PRO M 273 -29.72 -42.94 -11.83
CA PRO M 273 -28.54 -43.81 -11.75
C PRO M 273 -28.63 -44.90 -10.70
N ASP M 274 -29.66 -44.88 -9.84
CA ASP M 274 -29.70 -45.81 -8.72
C ASP M 274 -30.08 -47.21 -9.18
N THR M 275 -30.74 -47.33 -10.34
CA THR M 275 -30.98 -48.63 -10.95
C THR M 275 -30.51 -48.68 -12.40
N ASN M 276 -29.75 -47.66 -12.84
CA ASN M 276 -29.15 -47.57 -14.18
C ASN M 276 -30.21 -47.65 -15.28
N SER M 277 -31.09 -46.67 -15.29
CA SER M 277 -32.22 -46.68 -16.19
C SER M 277 -32.66 -45.26 -16.49
N LEU M 278 -33.31 -45.09 -17.64
CA LEU M 278 -33.83 -43.81 -18.09
C LEU M 278 -35.30 -43.70 -17.72
N LEU M 279 -35.76 -42.47 -17.51
CA LEU M 279 -37.16 -42.17 -17.22
C LEU M 279 -37.67 -41.24 -18.31
N VAL M 280 -38.58 -41.74 -19.14
CA VAL M 280 -39.14 -40.98 -20.26
C VAL M 280 -40.61 -40.72 -19.96
N LYS M 281 -41.03 -39.46 -20.10
CA LYS M 281 -42.41 -39.06 -19.89
C LYS M 281 -42.96 -38.45 -21.17
N GLY M 282 -43.98 -39.07 -21.72
CA GLY M 282 -44.60 -38.55 -22.93
C GLY M 282 -45.87 -39.30 -23.21
N THR M 283 -46.35 -39.20 -24.45
CA THR M 283 -47.52 -39.95 -24.87
C THR M 283 -47.17 -41.42 -25.07
N ALA M 284 -48.17 -42.23 -25.41
CA ALA M 284 -47.93 -43.65 -25.62
C ALA M 284 -47.20 -43.95 -26.91
N GLU M 285 -47.11 -42.98 -27.82
CA GLU M 285 -46.38 -43.17 -29.07
C GLU M 285 -44.98 -42.61 -29.01
N GLN M 286 -44.73 -41.61 -28.16
CA GLN M 286 -43.38 -41.08 -28.01
C GLN M 286 -42.53 -41.94 -27.08
N VAL M 287 -43.15 -42.64 -26.14
CA VAL M 287 -42.41 -43.53 -25.25
C VAL M 287 -41.90 -44.74 -26.02
N HIS M 288 -42.75 -45.30 -26.90
CA HIS M 288 -42.31 -46.37 -27.78
C HIS M 288 -41.29 -45.90 -28.82
N PHE M 289 -41.25 -44.60 -29.10
CA PHE M 289 -40.31 -44.08 -30.08
C PHE M 289 -38.90 -43.99 -29.51
N ILE M 290 -38.77 -43.68 -28.22
CA ILE M 290 -37.46 -43.61 -27.60
C ILE M 290 -36.98 -45.00 -27.19
N GLU M 291 -37.91 -45.93 -26.93
CA GLU M 291 -37.53 -47.28 -26.55
C GLU M 291 -36.89 -48.04 -27.71
N MET M 292 -37.26 -47.70 -28.96
CA MET M 292 -36.62 -48.32 -30.10
C MET M 292 -35.27 -47.69 -30.42
N LEU M 293 -35.03 -46.45 -29.99
CA LEU M 293 -33.73 -45.83 -30.19
C LEU M 293 -32.71 -46.34 -29.19
N VAL M 294 -33.17 -46.59 -27.95
CA VAL M 294 -32.28 -47.01 -26.87
C VAL M 294 -31.74 -48.42 -27.14
N LYS M 295 -32.57 -49.30 -27.68
CA LYS M 295 -32.13 -50.66 -27.99
C LYS M 295 -31.18 -50.74 -29.18
N ALA M 296 -30.97 -49.63 -29.91
CA ALA M 296 -29.97 -49.60 -30.96
C ALA M 296 -28.66 -49.00 -30.50
N LEU M 297 -28.68 -48.22 -29.42
CA LEU M 297 -27.47 -47.66 -28.83
C LEU M 297 -26.92 -48.50 -27.69
N ASP M 298 -27.53 -49.65 -27.40
CA ASP M 298 -27.15 -50.48 -26.25
C ASP M 298 -26.58 -51.79 -26.76
N VAL M 299 -25.27 -51.80 -27.01
CA VAL M 299 -24.58 -52.97 -27.50
C VAL M 299 -23.38 -53.26 -26.61
N ALA M 300 -22.96 -54.52 -26.61
CA ALA M 300 -21.82 -54.94 -25.82
C ALA M 300 -20.52 -54.59 -26.52
N LYS M 301 -19.51 -54.22 -25.73
CA LYS M 301 -18.24 -53.74 -26.25
C LYS M 301 -17.18 -54.83 -26.20
N ARG M 302 -16.09 -54.57 -26.91
CA ARG M 302 -14.95 -55.48 -26.97
C ARG M 302 -13.74 -54.83 -26.29
N HIS M 303 -12.80 -55.67 -25.87
CA HIS M 303 -11.66 -55.22 -25.10
C HIS M 303 -10.42 -55.11 -25.99
N VAL M 304 -9.66 -54.04 -25.78
CA VAL M 304 -8.40 -53.81 -26.48
C VAL M 304 -7.31 -53.68 -25.43
N GLU M 305 -6.21 -54.41 -25.62
CA GLU M 305 -5.03 -54.28 -24.78
C GLU M 305 -3.91 -53.68 -25.60
N LEU M 306 -3.40 -52.53 -25.15
CA LEU M 306 -2.40 -51.77 -25.89
C LEU M 306 -1.04 -51.93 -25.21
N SER M 307 -0.05 -52.36 -25.98
CA SER M 307 1.30 -52.54 -25.50
C SER M 307 2.24 -51.65 -26.28
N LEU M 308 3.04 -50.84 -25.59
CA LEU M 308 3.92 -49.87 -26.19
C LEU M 308 5.36 -50.19 -25.80
N TRP M 309 6.25 -50.29 -26.78
CA TRP M 309 7.65 -50.59 -26.55
C TRP M 309 8.48 -49.33 -26.71
N ILE M 310 9.39 -49.10 -25.77
CA ILE M 310 10.33 -47.98 -25.81
C ILE M 310 11.73 -48.57 -25.70
N VAL M 311 12.44 -48.65 -26.81
CA VAL M 311 13.78 -49.22 -26.87
C VAL M 311 14.79 -48.09 -26.94
N ASP M 312 15.85 -48.19 -26.15
CA ASP M 312 16.84 -47.12 -26.04
C ASP M 312 18.21 -47.76 -25.96
N LEU M 313 19.07 -47.46 -26.94
CA LEU M 313 20.41 -48.01 -26.97
C LEU M 313 21.43 -46.88 -27.02
N ASN M 314 22.63 -47.17 -26.52
CA ASN M 314 23.74 -46.23 -26.53
C ASN M 314 25.03 -46.96 -26.83
N LYS M 315 26.05 -46.18 -27.12
CA LYS M 315 27.40 -46.65 -27.42
C LYS M 315 28.32 -45.45 -27.37
N SER M 316 29.57 -45.66 -27.00
CA SER M 316 30.50 -44.54 -26.88
C SER M 316 31.93 -45.01 -27.04
N ASP M 317 32.83 -44.05 -27.15
CA ASP M 317 34.26 -44.29 -27.31
C ASP M 317 34.96 -42.98 -26.99
N LEU M 318 36.17 -43.06 -26.44
CA LEU M 318 36.90 -41.87 -26.00
C LEU M 318 38.37 -42.24 -25.79
N GLU M 319 39.26 -41.34 -26.18
CA GLU M 319 40.69 -41.55 -25.97
C GLU M 319 41.41 -40.21 -25.96
N ARG M 320 42.09 -39.89 -24.87
CA ARG M 320 42.95 -38.71 -24.79
C ARG M 320 44.36 -39.15 -24.45
N LEU M 321 45.35 -38.53 -25.09
CA LEU M 321 46.75 -38.87 -24.83
C LEU M 321 47.63 -37.69 -25.24
N GLY M 322 48.26 -37.05 -24.28
CA GLY M 322 49.17 -35.97 -24.59
C GLY M 322 49.26 -34.99 -23.44
N THR M 323 50.15 -34.01 -23.60
CA THR M 323 50.42 -32.99 -22.61
C THR M 323 50.03 -31.62 -23.14
N SER M 324 50.07 -30.63 -22.24
CA SER M 324 49.72 -29.25 -22.59
C SER M 324 50.40 -28.32 -21.59
N TRP M 325 51.33 -27.49 -22.08
CA TRP M 325 52.15 -26.64 -21.23
C TRP M 325 51.52 -25.25 -21.09
N SER M 326 51.41 -24.78 -19.85
CA SER M 326 50.85 -23.44 -19.59
C SER M 326 51.31 -23.00 -18.20
N GLY M 327 52.17 -21.99 -18.14
CA GLY M 327 52.68 -21.53 -16.87
C GLY M 327 53.42 -20.22 -16.98
N SER M 328 53.84 -19.71 -15.84
CA SER M 328 54.62 -18.48 -15.72
C SER M 328 55.92 -18.72 -14.98
N ILE M 329 56.81 -17.74 -15.03
CA ILE M 329 58.12 -17.84 -14.41
C ILE M 329 58.57 -16.43 -14.05
N THR M 330 59.59 -16.33 -13.20
CA THR M 330 60.20 -15.06 -12.84
C THR M 330 61.71 -15.21 -12.87
N ILE M 331 62.38 -14.39 -13.68
CA ILE M 331 63.81 -14.52 -13.94
C ILE M 331 64.51 -13.28 -13.38
N GLY M 332 65.03 -13.40 -12.16
CA GLY M 332 65.91 -12.39 -11.61
C GLY M 332 65.28 -11.03 -11.34
N ASP M 333 64.00 -11.01 -10.96
CA ASP M 333 63.19 -9.84 -10.53
C ASP M 333 63.32 -8.61 -11.44
N LYS M 334 63.64 -8.82 -12.71
CA LYS M 334 63.67 -7.76 -13.70
C LYS M 334 62.98 -8.10 -15.00
N LEU M 335 62.81 -9.39 -15.32
CA LEU M 335 62.05 -9.79 -16.50
C LEU M 335 61.40 -11.14 -16.22
N GLY M 336 60.19 -11.29 -16.74
CA GLY M 336 59.44 -12.52 -16.55
C GLY M 336 58.90 -13.02 -17.87
N VAL M 337 58.75 -14.34 -17.96
CA VAL M 337 58.32 -15.00 -19.19
C VAL M 337 57.03 -15.76 -18.89
N SER M 338 56.00 -15.51 -19.67
CA SER M 338 54.76 -16.27 -19.61
C SER M 338 54.73 -17.26 -20.77
N LEU M 339 53.74 -18.15 -20.75
CA LEU M 339 53.57 -19.15 -21.81
C LEU M 339 52.10 -19.57 -21.85
N ASN M 340 51.43 -19.23 -22.97
CA ASN M 340 50.06 -19.64 -23.29
C ASN M 340 49.07 -19.21 -22.22
N GLN M 341 49.17 -17.97 -21.76
CA GLN M 341 48.31 -17.45 -20.72
C GLN M 341 47.78 -16.07 -21.10
N SER M 342 46.84 -15.59 -20.28
CA SER M 342 46.31 -14.24 -20.45
C SER M 342 46.63 -13.37 -19.23
N SER M 343 46.43 -13.89 -18.03
CA SER M 343 46.76 -13.21 -16.79
C SER M 343 48.06 -13.76 -16.23
N ILE M 344 48.98 -12.86 -15.88
CA ILE M 344 50.33 -13.25 -15.48
C ILE M 344 50.56 -12.78 -14.04
N SER M 345 49.88 -11.69 -13.65
CA SER M 345 50.16 -11.04 -12.38
C SER M 345 49.66 -11.87 -11.20
N THR M 346 48.45 -12.41 -11.29
CA THR M 346 47.93 -13.25 -10.21
C THR M 346 48.52 -14.65 -10.22
N LEU M 347 49.21 -15.05 -11.29
CA LEU M 347 49.98 -16.29 -11.32
C LEU M 347 51.48 -16.02 -11.39
N ASP M 348 51.94 -14.94 -10.76
CA ASP M 348 53.36 -14.57 -10.83
C ASP M 348 54.22 -15.43 -9.92
N GLY M 349 53.70 -15.82 -8.75
CA GLY M 349 54.43 -16.67 -7.84
C GLY M 349 54.35 -18.16 -8.12
N SER M 350 53.67 -18.55 -9.20
CA SER M 350 53.50 -19.95 -9.55
C SER M 350 54.62 -20.38 -10.50
N ARG M 351 54.45 -21.55 -11.11
CA ARG M 351 55.48 -22.14 -11.96
C ARG M 351 54.87 -22.68 -13.25
N PHE M 352 55.66 -23.42 -14.03
CA PHE M 352 55.14 -24.05 -15.23
C PHE M 352 54.30 -25.27 -14.87
N ILE M 353 53.23 -25.49 -15.63
CA ILE M 353 52.33 -26.62 -15.42
C ILE M 353 52.29 -27.44 -16.69
N ALA M 354 52.54 -28.73 -16.57
CA ALA M 354 52.49 -29.66 -17.69
C ALA M 354 51.34 -30.64 -17.44
N ALA M 355 50.14 -30.26 -17.86
CA ALA M 355 48.95 -31.08 -17.62
C ALA M 355 48.95 -32.27 -18.58
N VAL M 356 49.05 -33.47 -18.03
CA VAL M 356 49.10 -34.70 -18.80
C VAL M 356 47.73 -35.36 -18.72
N ASN M 357 47.27 -35.92 -19.84
CA ASN M 357 46.03 -36.66 -19.90
C ASN M 357 46.27 -38.03 -20.52
N ALA M 358 45.67 -39.05 -19.92
CA ALA M 358 45.74 -40.42 -20.44
C ALA M 358 44.47 -41.14 -20.05
N LEU M 359 43.72 -41.59 -21.04
CA LEU M 359 42.42 -42.21 -20.82
C LEU M 359 42.02 -42.98 -22.06
N GLU M 360 41.22 -44.03 -21.87
CA GLU M 360 40.72 -44.82 -22.97
C GLU M 360 39.45 -45.51 -22.49
N GLU M 361 38.29 -45.06 -22.97
CA GLU M 361 37.01 -45.43 -22.37
C GLU M 361 36.10 -46.07 -23.41
N LYS M 362 35.40 -47.12 -23.02
CA LYS M 362 34.32 -47.72 -23.79
C LYS M 362 33.05 -47.69 -22.95
N LYS M 363 31.91 -47.80 -23.62
CA LYS M 363 30.62 -47.69 -22.93
C LYS M 363 29.55 -48.36 -23.77
N GLN M 364 28.48 -48.79 -23.09
CA GLN M 364 27.32 -49.39 -23.73
C GLN M 364 26.17 -49.40 -22.73
N ALA M 365 24.96 -49.16 -23.21
CA ALA M 365 23.80 -49.11 -22.33
C ALA M 365 22.54 -49.40 -23.13
N THR M 366 21.75 -50.36 -22.65
CA THR M 366 20.46 -50.70 -23.26
C THR M 366 19.37 -50.56 -22.22
N VAL M 367 18.23 -50.02 -22.63
CA VAL M 367 17.05 -49.87 -21.76
C VAL M 367 15.82 -50.21 -22.59
N VAL M 368 15.02 -51.16 -22.12
CA VAL M 368 13.78 -51.54 -22.78
C VAL M 368 12.65 -51.42 -21.76
N SER M 369 11.75 -50.47 -21.97
CA SER M 369 10.61 -50.24 -21.09
C SER M 369 9.32 -50.50 -21.84
N ARG M 370 8.28 -50.89 -21.11
CA ARG M 370 7.02 -51.33 -21.75
C ARG M 370 5.84 -51.11 -20.81
N PRO M 371 4.98 -50.14 -21.11
CA PRO M 371 3.70 -50.04 -20.39
C PRO M 371 2.58 -50.78 -21.11
N VAL M 372 1.68 -51.37 -20.33
CA VAL M 372 0.55 -52.15 -20.82
C VAL M 372 -0.73 -51.57 -20.22
N LEU M 373 -1.77 -51.43 -21.05
CA LEU M 373 -3.03 -50.84 -20.62
C LEU M 373 -4.19 -51.55 -21.32
N LEU M 374 -5.29 -51.74 -20.59
CA LEU M 374 -6.46 -52.44 -21.10
C LEU M 374 -7.69 -51.54 -21.02
N THR M 375 -8.45 -51.47 -22.11
CA THR M 375 -9.65 -50.67 -22.16
C THR M 375 -10.63 -51.29 -23.16
N GLN M 376 -11.74 -50.59 -23.39
CA GLN M 376 -12.79 -51.03 -24.29
C GLN M 376 -12.81 -50.18 -25.55
N GLU M 377 -13.74 -50.48 -26.46
CA GLU M 377 -13.93 -49.67 -27.65
C GLU M 377 -14.46 -48.30 -27.27
N ASN M 378 -13.94 -47.26 -27.94
CA ASN M 378 -14.45 -45.88 -27.87
C ASN M 378 -14.41 -45.30 -26.47
N VAL M 379 -13.49 -45.78 -25.63
CA VAL M 379 -13.37 -45.33 -24.25
C VAL M 379 -11.96 -44.81 -24.05
N PRO M 380 -11.78 -43.55 -23.64
CA PRO M 380 -10.43 -43.03 -23.39
C PRO M 380 -9.87 -43.59 -22.08
N ALA M 381 -8.61 -44.03 -22.14
CA ALA M 381 -7.93 -44.60 -20.99
C ALA M 381 -6.61 -43.88 -20.77
N ILE M 382 -6.10 -43.95 -19.55
CA ILE M 382 -4.87 -43.28 -19.16
C ILE M 382 -4.01 -44.22 -18.33
N PHE M 383 -2.76 -44.38 -18.72
CA PHE M 383 -1.71 -44.92 -17.88
C PHE M 383 -0.73 -43.81 -17.58
N ASP M 384 -0.29 -43.71 -16.32
CA ASP M 384 0.56 -42.61 -15.88
C ASP M 384 1.52 -43.13 -14.83
N ASN M 385 2.80 -42.80 -14.98
CA ASN M 385 3.84 -43.20 -14.02
C ASN M 385 4.78 -42.01 -13.89
N ASN M 386 4.49 -41.12 -12.94
CA ASN M 386 5.17 -39.84 -12.88
C ASN M 386 5.92 -39.66 -11.58
N ARG M 387 6.49 -38.47 -11.41
CA ARG M 387 7.28 -38.09 -10.25
C ARG M 387 7.11 -36.58 -10.04
N THR M 388 6.84 -36.18 -8.81
CA THR M 388 6.52 -34.80 -8.49
C THR M 388 7.63 -34.22 -7.64
N PHE M 389 7.99 -32.97 -7.92
CA PHE M 389 9.08 -32.27 -7.24
C PHE M 389 8.52 -30.99 -6.64
N TYR M 390 8.48 -30.91 -5.31
CA TYR M 390 7.88 -29.78 -4.62
C TYR M 390 8.94 -28.79 -4.19
N THR M 391 8.65 -27.50 -4.37
CA THR M 391 9.57 -26.43 -4.03
C THR M 391 8.87 -25.42 -3.14
N LYS M 392 9.67 -24.66 -2.40
CA LYS M 392 9.16 -23.72 -1.40
C LYS M 392 9.46 -22.29 -1.87
N LEU M 393 8.49 -21.68 -2.54
CA LEU M 393 8.57 -20.29 -2.97
C LEU M 393 8.18 -19.42 -1.79
N ILE M 394 9.17 -18.86 -1.10
CA ILE M 394 8.90 -18.13 0.14
C ILE M 394 8.48 -16.70 -0.22
N GLY M 395 7.19 -16.55 -0.50
CA GLY M 395 6.58 -15.26 -0.71
C GLY M 395 5.88 -14.81 0.57
N GLU M 396 5.01 -13.81 0.41
CA GLU M 396 4.25 -13.32 1.54
C GLU M 396 2.73 -13.41 1.36
N ARG M 397 2.22 -13.27 0.14
CA ARG M 397 0.78 -13.17 -0.08
C ARG M 397 0.17 -14.43 -0.65
N ASN M 398 0.61 -14.76 -1.85
CA ASN M 398 0.08 -15.91 -2.58
C ASN M 398 1.12 -16.99 -2.45
N VAL M 399 1.40 -17.37 -1.21
CA VAL M 399 2.34 -18.43 -0.89
C VAL M 399 1.77 -19.73 -1.44
N ALA M 400 2.62 -20.52 -2.08
CA ALA M 400 2.14 -21.69 -2.78
C ALA M 400 3.23 -22.73 -2.83
N LEU M 401 2.80 -23.98 -2.92
CA LEU M 401 3.70 -25.10 -3.19
C LEU M 401 3.63 -25.33 -4.70
N GLU M 402 4.66 -24.89 -5.41
CA GLU M 402 4.73 -25.10 -6.84
C GLU M 402 5.43 -26.42 -7.12
N HIS M 403 5.03 -27.08 -8.20
CA HIS M 403 5.52 -28.43 -8.46
C HIS M 403 5.68 -28.64 -9.95
N VAL M 404 6.63 -29.51 -10.30
CA VAL M 404 6.81 -29.99 -11.65
C VAL M 404 6.55 -31.49 -11.65
N THR M 405 6.29 -32.04 -12.83
CA THR M 405 5.89 -33.43 -12.98
C THR M 405 6.48 -33.98 -14.26
N TYR M 406 7.05 -35.18 -14.18
CA TYR M 406 7.63 -35.82 -15.36
C TYR M 406 7.53 -37.33 -15.21
N GLY M 407 7.27 -38.02 -16.32
CA GLY M 407 7.21 -39.46 -16.31
C GLY M 407 6.53 -39.98 -17.54
N THR M 408 6.36 -41.30 -17.59
CA THR M 408 5.74 -41.99 -18.72
C THR M 408 4.23 -41.80 -18.65
N MET M 409 3.60 -41.60 -19.80
CA MET M 409 2.17 -41.30 -19.85
C MET M 409 1.62 -41.66 -21.22
N ILE M 410 0.55 -42.45 -21.25
CA ILE M 410 -0.16 -42.80 -22.49
C ILE M 410 -1.62 -42.42 -22.32
N ARG M 411 -2.20 -41.83 -23.36
CA ARG M 411 -3.64 -41.62 -23.44
C ARG M 411 -4.11 -42.07 -24.81
N VAL M 412 -4.95 -43.10 -24.84
CA VAL M 412 -5.31 -43.77 -26.09
C VAL M 412 -6.83 -43.81 -26.19
N LEU M 413 -7.31 -43.91 -27.43
CA LEU M 413 -8.74 -43.98 -27.72
C LEU M 413 -8.92 -45.00 -28.84
N PRO M 414 -9.08 -46.27 -28.50
CA PRO M 414 -9.12 -47.30 -29.55
C PRO M 414 -10.49 -47.40 -30.20
N ARG M 415 -10.49 -47.98 -31.40
CA ARG M 415 -11.69 -48.08 -32.21
C ARG M 415 -11.48 -49.12 -33.29
N PHE M 416 -12.43 -50.02 -33.46
CA PHE M 416 -12.33 -51.05 -34.50
C PHE M 416 -12.86 -50.52 -35.81
N SER M 417 -12.14 -50.81 -36.90
CA SER M 417 -12.57 -50.43 -38.23
C SER M 417 -13.50 -51.50 -38.79
N ALA M 418 -13.82 -51.40 -40.08
CA ALA M 418 -14.74 -52.36 -40.69
C ALA M 418 -14.05 -53.66 -41.08
N ASP M 419 -12.73 -53.63 -41.26
CA ASP M 419 -11.99 -54.81 -41.68
C ASP M 419 -11.44 -55.62 -40.51
N GLY M 420 -11.49 -55.09 -39.30
CA GLY M 420 -10.88 -55.73 -38.16
C GLY M 420 -9.59 -55.11 -37.69
N GLN M 421 -9.21 -53.96 -38.23
CA GLN M 421 -8.02 -53.26 -37.79
C GLN M 421 -8.39 -52.28 -36.68
N ILE M 422 -7.39 -51.90 -35.89
CA ILE M 422 -7.59 -51.09 -34.70
C ILE M 422 -6.93 -49.73 -34.93
N GLU M 423 -7.72 -48.68 -35.00
CA GLU M 423 -7.22 -47.32 -35.12
C GLU M 423 -7.15 -46.67 -33.74
N MET M 424 -6.06 -45.95 -33.49
CA MET M 424 -5.80 -45.38 -32.18
C MET M 424 -5.44 -43.91 -32.30
N SER M 425 -5.81 -43.13 -31.30
CA SER M 425 -5.47 -41.72 -31.21
C SER M 425 -4.53 -41.54 -30.02
N LEU M 426 -3.24 -41.40 -30.30
CA LEU M 426 -2.20 -41.54 -29.29
C LEU M 426 -1.74 -40.19 -28.77
N ASP M 427 -1.29 -40.18 -27.51
CA ASP M 427 -0.66 -39.04 -26.85
C ASP M 427 0.39 -39.60 -25.90
N ILE M 428 1.64 -39.70 -26.37
CA ILE M 428 2.69 -40.39 -25.65
C ILE M 428 3.66 -39.35 -25.09
N GLU M 429 4.04 -39.51 -23.82
CA GLU M 429 5.08 -38.71 -23.19
C GLU M 429 6.02 -39.64 -22.43
N ASP M 430 7.32 -39.47 -22.64
CA ASP M 430 8.33 -40.24 -21.92
C ASP M 430 9.43 -39.27 -21.49
N GLY M 431 9.47 -38.97 -20.19
CA GLY M 431 10.43 -38.03 -19.66
C GLY M 431 11.24 -38.63 -18.54
N ASN M 432 12.40 -38.04 -18.26
CA ASN M 432 13.24 -38.43 -17.15
C ASN M 432 14.00 -37.20 -16.67
N ASP M 433 14.86 -37.40 -15.68
CA ASP M 433 15.54 -36.30 -15.01
C ASP M 433 17.00 -36.28 -15.44
N LYS M 434 17.41 -35.23 -16.13
CA LYS M 434 18.80 -35.02 -16.49
C LYS M 434 19.53 -34.37 -15.34
N THR M 435 20.73 -34.85 -15.05
CA THR M 435 21.48 -34.40 -13.90
C THR M 435 22.70 -33.60 -14.32
N PRO M 436 22.85 -32.37 -13.84
CA PRO M 436 24.12 -31.64 -14.04
C PRO M 436 25.20 -32.11 -13.08
N GLN M 437 26.33 -31.39 -13.05
CA GLN M 437 27.46 -31.77 -12.21
C GLN M 437 27.09 -31.64 -10.73
N SER M 438 27.40 -32.69 -9.96
CA SER M 438 27.00 -32.74 -8.56
C SER M 438 27.87 -31.88 -7.65
N ASP M 439 29.09 -31.53 -8.08
CA ASP M 439 30.02 -30.82 -7.22
C ASP M 439 29.68 -29.35 -7.04
N THR M 440 28.95 -28.75 -7.97
CA THR M 440 28.60 -27.35 -7.90
C THR M 440 27.31 -27.15 -7.11
N THR M 441 27.10 -25.91 -6.67
CA THR M 441 26.07 -25.52 -5.71
C THR M 441 24.64 -25.72 -6.26
N THR M 442 24.46 -25.71 -7.59
CA THR M 442 23.11 -25.80 -8.17
C THR M 442 22.48 -27.19 -8.08
N SER M 443 23.10 -28.14 -7.39
CA SER M 443 22.49 -29.44 -7.13
C SER M 443 21.65 -29.48 -5.87
N VAL M 444 21.68 -28.42 -5.05
CA VAL M 444 20.90 -28.40 -3.82
C VAL M 444 19.66 -27.52 -3.92
N ASP M 445 19.55 -26.69 -4.95
CA ASP M 445 18.36 -25.87 -5.13
C ASP M 445 17.37 -26.58 -6.06
N ALA M 446 16.29 -25.88 -6.41
CA ALA M 446 15.20 -26.47 -7.19
C ALA M 446 15.51 -26.36 -8.69
N LEU M 447 16.53 -27.11 -9.11
CA LEU M 447 16.88 -27.23 -10.52
C LEU M 447 16.97 -28.71 -10.90
N PRO M 448 15.83 -29.38 -11.08
CA PRO M 448 15.84 -30.66 -11.81
C PRO M 448 15.67 -30.44 -13.30
N GLU M 449 16.75 -30.31 -14.07
CA GLU M 449 16.63 -30.20 -15.53
C GLU M 449 15.91 -31.41 -16.11
N VAL M 450 14.68 -31.19 -16.59
CA VAL M 450 13.81 -32.24 -17.10
C VAL M 450 13.93 -32.29 -18.61
N GLY M 451 14.13 -33.48 -19.15
CA GLY M 451 14.06 -33.72 -20.58
C GLY M 451 12.92 -34.66 -20.90
N ARG M 452 12.06 -34.23 -21.82
CA ARG M 452 10.85 -34.96 -22.18
C ARG M 452 10.90 -35.37 -23.64
N THR M 453 9.91 -36.16 -24.04
CA THR M 453 9.75 -36.62 -25.42
C THR M 453 8.27 -36.81 -25.70
N LEU M 454 7.72 -35.98 -26.58
CA LEU M 454 6.27 -35.94 -26.81
C LEU M 454 5.98 -36.37 -28.23
N ILE M 455 4.93 -37.18 -28.39
CA ILE M 455 4.49 -37.68 -29.69
C ILE M 455 2.97 -37.67 -29.70
N SER M 456 2.38 -37.07 -30.74
CA SER M 456 0.93 -37.02 -30.89
C SER M 456 0.58 -37.28 -32.34
N THR M 457 -0.10 -38.39 -32.60
CA THR M 457 -0.38 -38.82 -33.97
C THR M 457 -1.59 -39.74 -33.97
N ILE M 458 -1.89 -40.33 -35.12
CA ILE M 458 -2.97 -41.29 -35.29
C ILE M 458 -2.47 -42.42 -36.19
N ALA M 459 -2.58 -43.66 -35.74
CA ALA M 459 -2.11 -44.81 -36.51
C ALA M 459 -3.19 -45.89 -36.51
N ARG M 460 -3.07 -46.82 -37.47
CA ARG M 460 -4.04 -47.89 -37.65
C ARG M 460 -3.31 -49.19 -37.93
N VAL M 461 -3.38 -50.12 -36.97
CA VAL M 461 -2.63 -51.37 -37.00
C VAL M 461 -3.62 -52.53 -37.14
N PRO M 462 -3.30 -53.60 -37.86
CA PRO M 462 -4.11 -54.81 -37.79
C PRO M 462 -3.99 -55.49 -36.43
N HIS M 463 -4.81 -56.51 -36.23
CA HIS M 463 -4.86 -57.21 -34.94
C HIS M 463 -3.66 -58.13 -34.82
N GLY M 464 -2.76 -57.82 -33.88
CA GLY M 464 -1.60 -58.64 -33.63
C GLY M 464 -0.32 -58.16 -34.29
N LYS M 465 -0.39 -57.26 -35.26
CA LYS M 465 0.78 -56.73 -35.93
C LYS M 465 1.26 -55.48 -35.18
N SER M 466 2.23 -54.78 -35.75
CA SER M 466 2.85 -53.66 -35.06
C SER M 466 3.23 -52.57 -36.05
N LEU M 467 3.46 -51.37 -35.51
CA LEU M 467 3.85 -50.22 -36.31
C LEU M 467 4.88 -49.40 -35.54
N LEU M 468 5.75 -48.73 -36.29
CA LEU M 468 6.74 -47.82 -35.71
C LEU M 468 6.18 -46.40 -35.75
N VAL M 469 5.99 -45.80 -34.58
CA VAL M 469 5.36 -44.49 -34.49
C VAL M 469 6.37 -43.37 -34.47
N GLY M 470 7.38 -43.45 -33.61
CA GLY M 470 8.37 -42.40 -33.55
C GLY M 470 9.77 -42.93 -33.78
N GLY M 471 10.78 -42.14 -33.46
CA GLY M 471 12.15 -42.58 -33.65
C GLY M 471 13.10 -41.41 -33.58
N TYR M 472 14.37 -41.75 -33.34
CA TYR M 472 15.46 -40.78 -33.24
C TYR M 472 16.80 -41.49 -33.29
N THR M 473 17.70 -41.05 -34.18
CA THR M 473 19.07 -41.53 -34.20
C THR M 473 20.01 -40.33 -34.15
N ARG M 474 21.25 -40.59 -33.73
CA ARG M 474 22.28 -39.55 -33.71
C ARG M 474 23.65 -40.20 -33.75
N ASP M 475 24.51 -39.72 -34.65
CA ASP M 475 25.88 -40.20 -34.78
C ASP M 475 26.83 -39.01 -34.73
N ALA M 476 28.01 -39.21 -34.13
CA ALA M 476 28.96 -38.13 -33.97
C ALA M 476 30.37 -38.69 -33.96
N ASN M 477 31.32 -37.86 -34.38
CA ASN M 477 32.74 -38.22 -34.38
C ASN M 477 33.57 -36.94 -34.44
N THR M 478 34.26 -36.62 -33.34
CA THR M 478 35.15 -35.47 -33.29
C THR M 478 36.57 -35.94 -32.99
N ASP M 479 37.55 -35.13 -33.39
CA ASP M 479 38.95 -35.39 -33.08
C ASP M 479 39.77 -34.12 -33.22
N THR M 480 40.57 -33.81 -32.19
CA THR M 480 41.43 -32.63 -32.18
C THR M 480 42.89 -33.08 -32.12
N VAL M 481 43.78 -32.22 -32.62
CA VAL M 481 45.22 -32.45 -32.56
C VAL M 481 45.89 -31.12 -32.24
N GLN M 482 46.61 -31.06 -31.12
CA GLN M 482 47.41 -29.89 -30.76
C GLN M 482 48.87 -30.28 -30.65
N SER M 483 49.74 -29.29 -30.82
CA SER M 483 51.18 -29.51 -30.71
C SER M 483 51.89 -28.19 -30.48
N ILE M 484 53.17 -28.29 -30.14
CA ILE M 484 54.11 -27.18 -30.16
C ILE M 484 54.66 -27.18 -31.59
N PRO M 485 54.87 -26.01 -32.22
CA PRO M 485 55.19 -26.00 -33.66
C PRO M 485 56.49 -26.69 -34.07
N PHE M 486 57.58 -26.52 -33.32
CA PHE M 486 58.83 -27.16 -33.69
C PHE M 486 59.18 -28.35 -32.83
N LEU M 487 58.90 -28.29 -31.52
CA LEU M 487 59.26 -29.37 -30.63
C LEU M 487 58.37 -30.59 -30.79
N GLY M 488 57.21 -30.45 -31.44
CA GLY M 488 56.31 -31.57 -31.61
C GLY M 488 56.67 -32.53 -32.72
N LYS M 489 57.76 -32.28 -33.45
CA LYS M 489 58.18 -33.15 -34.53
C LYS M 489 59.51 -33.84 -34.24
N LEU M 490 59.98 -33.79 -33.00
CA LEU M 490 61.19 -34.50 -32.62
C LEU M 490 60.92 -36.01 -32.60
N PRO M 491 61.95 -36.84 -32.91
CA PRO M 491 61.72 -38.30 -33.02
C PRO M 491 61.31 -38.99 -31.73
N LEU M 492 62.09 -38.84 -30.67
CA LEU M 492 61.81 -39.55 -29.42
C LEU M 492 61.47 -38.61 -28.27
N ILE M 493 61.69 -37.31 -28.42
CA ILE M 493 61.31 -36.34 -27.41
C ILE M 493 59.99 -35.66 -27.72
N GLY M 494 59.56 -35.65 -28.98
CA GLY M 494 58.38 -34.90 -29.41
C GLY M 494 57.04 -35.45 -28.93
N SER M 495 57.03 -36.59 -28.25
CA SER M 495 55.78 -37.11 -27.71
C SER M 495 55.33 -36.35 -26.47
N LEU M 496 56.23 -35.61 -25.83
CA LEU M 496 55.90 -34.86 -24.64
C LEU M 496 55.24 -33.52 -24.93
N PHE M 497 55.01 -33.18 -26.20
CA PHE M 497 54.45 -31.89 -26.57
C PHE M 497 53.17 -31.98 -27.40
N ARG M 498 52.89 -33.12 -28.01
CA ARG M 498 51.67 -33.25 -28.79
C ARG M 498 50.48 -33.55 -27.89
N TYR M 499 49.29 -33.55 -28.49
CA TYR M 499 48.05 -33.85 -27.81
C TYR M 499 47.03 -34.28 -28.86
N SER M 500 46.18 -35.24 -28.51
CA SER M 500 45.20 -35.75 -29.46
C SER M 500 44.05 -36.38 -28.71
N SER M 501 42.83 -36.05 -29.13
CA SER M 501 41.63 -36.60 -28.51
C SER M 501 40.72 -37.16 -29.59
N LYS M 502 39.76 -37.99 -29.17
CA LYS M 502 38.76 -38.56 -30.05
C LYS M 502 37.45 -38.66 -29.30
N ASN M 503 36.37 -38.92 -30.04
CA ASN M 503 35.05 -39.09 -29.47
C ASN M 503 34.16 -39.76 -30.51
N LYS M 504 33.17 -40.51 -30.05
CA LYS M 504 32.23 -41.21 -30.91
C LYS M 504 31.01 -41.60 -30.10
N SER M 505 29.82 -41.49 -30.70
CA SER M 505 28.60 -41.88 -30.02
C SER M 505 27.57 -42.32 -31.04
N ASN M 506 26.67 -43.23 -30.62
CA ASN M 506 25.60 -43.72 -31.47
C ASN M 506 24.38 -43.98 -30.60
N VAL M 507 23.33 -43.17 -30.76
CA VAL M 507 22.13 -43.24 -29.94
C VAL M 507 20.97 -43.65 -30.84
N VAL M 508 20.10 -44.53 -30.33
CA VAL M 508 18.91 -44.98 -31.05
C VAL M 508 17.76 -45.04 -30.06
N ARG M 509 16.66 -44.33 -30.34
CA ARG M 509 15.42 -44.45 -29.59
C ARG M 509 14.29 -44.71 -30.57
N VAL M 510 13.39 -45.64 -30.24
CA VAL M 510 12.22 -45.93 -31.06
C VAL M 510 11.01 -46.12 -30.18
N PHE M 511 9.83 -45.96 -30.78
CA PHE M 511 8.54 -46.16 -30.12
C PHE M 511 7.71 -47.06 -31.00
N MET M 512 7.22 -48.16 -30.44
CA MET M 512 6.45 -49.14 -31.23
C MET M 512 5.14 -49.45 -30.53
N ILE M 513 4.12 -49.75 -31.33
CA ILE M 513 2.75 -49.96 -30.86
C ILE M 513 2.30 -51.35 -31.32
N GLU M 514 1.73 -52.13 -30.41
CA GLU M 514 1.26 -53.48 -30.72
C GLU M 514 -0.06 -53.73 -30.00
N PRO M 515 -1.20 -53.48 -30.65
CA PRO M 515 -2.48 -53.74 -30.02
C PRO M 515 -3.02 -55.14 -30.34
N LYS M 516 -3.87 -55.62 -29.44
CA LYS M 516 -4.53 -56.92 -29.63
C LYS M 516 -5.85 -56.91 -28.89
N GLU M 517 -6.69 -57.89 -29.18
CA GLU M 517 -8.05 -57.98 -28.68
C GLU M 517 -8.15 -59.05 -27.61
N ILE M 518 -8.80 -58.72 -26.49
CA ILE M 518 -8.93 -59.62 -25.35
C ILE M 518 -10.33 -60.20 -25.34
N VAL M 519 -10.43 -61.52 -25.37
CA VAL M 519 -11.72 -62.19 -25.32
C VAL M 519 -11.86 -63.14 -24.14
N ASP M 520 -10.76 -63.56 -23.51
CA ASP M 520 -10.78 -64.53 -22.43
C ASP M 520 -10.13 -63.96 -21.18
N PRO M 521 -10.55 -64.40 -20.00
CA PRO M 521 -9.89 -63.97 -18.76
C PRO M 521 -8.55 -64.68 -18.59
N LEU M 522 -7.89 -64.36 -17.48
CA LEU M 522 -6.56 -64.88 -17.22
C LEU M 522 -6.62 -66.36 -16.85
N THR M 523 -5.62 -67.11 -17.32
CA THR M 523 -5.48 -68.52 -16.95
C THR M 523 -4.01 -68.82 -16.67
N PRO M 524 -3.66 -69.30 -15.47
CA PRO M 524 -4.46 -69.52 -14.26
C PRO M 524 -4.88 -68.23 -13.57
N ASP M 525 -5.68 -68.32 -12.52
CA ASP M 525 -6.32 -67.16 -11.93
C ASP M 525 -5.29 -66.24 -11.26
N ALA M 526 -5.74 -65.00 -11.00
CA ALA M 526 -4.86 -64.02 -10.38
C ALA M 526 -4.54 -64.37 -8.93
N SER M 527 -5.45 -65.06 -8.25
CA SER M 527 -5.19 -65.49 -6.88
C SER M 527 -4.40 -66.78 -6.81
N GLU M 528 -4.16 -67.43 -7.95
CA GLU M 528 -3.36 -68.64 -7.99
C GLU M 528 -1.90 -68.38 -8.35
N SER M 529 -1.65 -67.35 -9.17
CA SER M 529 -0.28 -67.00 -9.51
C SER M 529 0.39 -66.21 -8.40
N VAL M 530 -0.39 -65.59 -7.52
CA VAL M 530 0.19 -64.84 -6.41
C VAL M 530 0.62 -65.79 -5.30
N ASN M 531 -0.15 -66.85 -5.07
CA ASN M 531 0.20 -67.84 -4.04
C ASN M 531 1.43 -68.64 -4.40
N ASN M 532 1.83 -68.67 -5.67
CA ASN M 532 3.11 -69.28 -6.05
C ASN M 532 4.27 -68.32 -5.94
N ILE M 533 4.01 -67.01 -6.00
CA ILE M 533 5.06 -66.02 -5.80
C ILE M 533 5.44 -65.93 -4.32
N LEU M 534 4.42 -65.92 -3.44
CA LEU M 534 4.67 -65.79 -2.01
C LEU M 534 5.32 -67.04 -1.44
N LYS M 535 5.04 -68.22 -1.99
CA LYS M 535 5.67 -69.43 -1.51
C LYS M 535 7.11 -69.56 -1.97
N GLN M 536 7.43 -69.06 -3.17
CA GLN M 536 8.79 -69.17 -3.69
C GLN M 536 9.72 -68.14 -3.07
N SER M 537 9.26 -66.90 -2.94
CA SER M 537 10.11 -65.85 -2.38
C SER M 537 10.19 -65.92 -0.86
N GLY M 538 9.32 -66.68 -0.21
CA GLY M 538 9.38 -66.83 1.23
C GLY M 538 8.61 -65.80 2.02
N ALA M 539 7.75 -65.01 1.38
CA ALA M 539 6.96 -64.00 2.06
C ALA M 539 5.57 -64.50 2.45
N TRP M 540 5.32 -65.80 2.30
CA TRP M 540 3.98 -66.34 2.53
C TRP M 540 3.72 -66.49 4.02
N SER M 541 2.54 -66.04 4.45
CA SER M 541 2.13 -66.16 5.85
C SER M 541 0.69 -66.60 5.95
N GLY M 542 0.29 -67.57 5.14
CA GLY M 542 -1.04 -68.15 5.28
C GLY M 542 -1.10 -69.31 6.25
N ASP M 543 0.04 -69.72 6.79
CA ASP M 543 0.12 -70.80 7.77
C ASP M 543 0.27 -70.28 9.19
N ASP M 544 0.09 -68.98 9.40
CA ASP M 544 0.28 -68.40 10.73
C ASP M 544 -0.86 -68.79 11.65
N LYS M 545 -0.54 -68.98 12.93
CA LYS M 545 -1.55 -69.39 13.88
C LYS M 545 -2.46 -68.23 14.28
N LEU M 546 -1.93 -67.01 14.27
CA LEU M 546 -2.68 -65.85 14.73
C LEU M 546 -3.40 -65.11 13.61
N GLN M 547 -2.82 -65.06 12.41
CA GLN M 547 -3.41 -64.30 11.32
C GLN M 547 -4.37 -65.12 10.48
N LYS M 548 -4.51 -66.41 10.72
CA LYS M 548 -5.44 -67.22 9.95
C LYS M 548 -6.89 -67.05 10.37
N TRP M 549 -7.15 -66.41 11.52
CA TRP M 549 -8.51 -66.18 11.95
C TRP M 549 -9.19 -65.07 11.15
N VAL M 550 -8.42 -64.19 10.55
CA VAL M 550 -8.96 -63.08 9.77
C VAL M 550 -8.70 -63.24 8.28
N ARG M 551 -7.54 -63.77 7.89
CA ARG M 551 -7.23 -64.05 6.49
C ARG M 551 -8.07 -65.18 5.88
N VAL M 552 -8.89 -65.86 6.67
CA VAL M 552 -9.79 -66.87 6.12
C VAL M 552 -11.02 -66.24 5.48
N TYR M 553 -11.29 -64.96 5.76
CA TYR M 553 -12.38 -64.27 5.08
C TYR M 553 -11.94 -63.79 3.71
N LEU M 554 -10.71 -63.32 3.58
CA LEU M 554 -10.25 -62.72 2.33
C LEU M 554 -9.86 -63.78 1.31
N ASP M 555 -9.33 -64.90 1.77
CA ASP M 555 -8.88 -66.00 0.91
C ASP M 555 -9.92 -67.09 0.80
N ARG M 556 -11.19 -66.69 0.74
CA ARG M 556 -12.30 -67.64 0.72
C ARG M 556 -12.34 -68.45 -0.57
N GLY M 557 -11.92 -67.86 -1.68
CA GLY M 557 -11.88 -68.57 -2.95
C GLY M 557 -10.54 -69.21 -3.21
N LEU N 175 -65.11 -32.16 -11.75
CA LEU N 175 -63.84 -31.77 -11.15
C LEU N 175 -63.26 -32.91 -10.32
N GLY N 176 -61.98 -32.81 -9.99
CA GLY N 176 -61.32 -33.82 -9.19
C GLY N 176 -60.80 -33.30 -7.87
N ARG N 177 -61.13 -33.99 -6.78
CA ARG N 177 -60.64 -33.59 -5.48
C ARG N 177 -59.17 -33.95 -5.32
N GLN N 178 -58.46 -33.10 -4.58
CA GLN N 178 -57.06 -33.38 -4.28
C GLN N 178 -56.94 -34.49 -3.25
N LYS N 179 -55.78 -35.13 -3.22
CA LYS N 179 -55.55 -36.28 -2.35
C LYS N 179 -54.06 -36.40 -2.10
N ILE N 180 -53.69 -36.67 -0.85
CA ILE N 180 -52.30 -36.81 -0.45
C ILE N 180 -52.03 -38.28 -0.17
N GLY N 181 -51.03 -38.84 -0.85
CA GLY N 181 -50.63 -40.22 -0.66
C GLY N 181 -49.24 -40.31 -0.07
N VAL N 182 -49.04 -41.31 0.79
CA VAL N 182 -47.77 -41.56 1.45
C VAL N 182 -47.28 -42.92 0.98
N MET N 183 -46.09 -42.96 0.38
CA MET N 183 -45.53 -44.16 -0.21
C MET N 183 -44.20 -44.47 0.46
N ARG N 184 -44.17 -45.50 1.30
CA ARG N 184 -42.95 -45.89 1.97
C ARG N 184 -42.07 -46.72 1.06
N LEU N 185 -40.78 -46.41 1.06
CA LEU N 185 -39.80 -47.12 0.24
C LEU N 185 -39.07 -48.14 1.10
N ASN N 186 -39.03 -49.39 0.62
CA ASN N 186 -38.46 -50.48 1.40
C ASN N 186 -37.03 -50.84 1.00
N ASN N 187 -36.61 -50.53 -0.22
CA ASN N 187 -35.33 -51.02 -0.73
C ASN N 187 -34.42 -49.90 -1.25
N THR N 188 -34.68 -48.65 -0.88
CA THR N 188 -33.83 -47.55 -1.32
C THR N 188 -33.93 -46.40 -0.34
N PHE N 189 -33.16 -45.35 -0.59
CA PHE N 189 -33.10 -44.17 0.25
C PHE N 189 -33.65 -42.96 -0.49
N VAL N 190 -34.46 -42.16 0.20
CA VAL N 190 -34.79 -40.82 -0.26
C VAL N 190 -33.65 -39.90 0.14
N GLY N 191 -33.39 -38.88 -0.66
CA GLY N 191 -32.37 -37.91 -0.36
C GLY N 191 -31.03 -38.27 -0.97
N ASP N 192 -30.18 -37.27 -1.04
CA ASP N 192 -28.91 -37.38 -1.75
C ASP N 192 -27.84 -37.99 -0.87
N ARG N 193 -26.86 -38.61 -1.52
CA ARG N 193 -25.70 -39.19 -0.85
C ARG N 193 -24.47 -38.38 -1.24
N THR N 194 -23.59 -38.14 -0.26
CA THR N 194 -22.42 -37.30 -0.46
C THR N 194 -21.16 -38.03 0.00
N TYR N 195 -20.10 -37.90 -0.78
CA TYR N 195 -18.78 -38.42 -0.41
C TYR N 195 -17.71 -37.47 -0.96
N ASN N 196 -16.45 -37.76 -0.66
CA ASN N 196 -15.35 -36.87 -1.01
C ASN N 196 -14.21 -37.63 -1.66
N LEU N 197 -13.51 -36.99 -2.60
CA LEU N 197 -12.23 -37.48 -3.11
C LEU N 197 -11.18 -36.41 -2.78
N ARG N 198 -10.76 -36.39 -1.52
CA ARG N 198 -9.62 -35.69 -0.96
C ARG N 198 -9.68 -34.17 -0.97
N ASP N 199 -10.48 -33.56 -1.85
CA ASP N 199 -10.75 -32.13 -1.75
C ASP N 199 -12.16 -31.76 -2.20
N GLN N 200 -12.76 -32.59 -3.04
CA GLN N 200 -13.98 -32.21 -3.76
C GLN N 200 -15.14 -33.10 -3.34
N LYS N 201 -16.34 -32.53 -3.36
CA LYS N 201 -17.55 -33.19 -2.91
C LYS N 201 -18.36 -33.64 -4.11
N MET N 202 -18.83 -34.88 -4.08
CA MET N 202 -19.71 -35.42 -5.10
C MET N 202 -21.09 -35.68 -4.51
N VAL N 203 -22.13 -35.25 -5.21
CA VAL N 203 -23.50 -35.40 -4.76
C VAL N 203 -24.26 -36.21 -5.79
N ILE N 204 -24.92 -37.28 -5.34
CA ILE N 204 -25.70 -38.15 -6.20
C ILE N 204 -27.18 -37.90 -5.93
N PRO N 205 -27.98 -37.59 -6.95
CA PRO N 205 -29.40 -37.32 -6.71
C PRO N 205 -30.17 -38.59 -6.39
N GLY N 206 -31.08 -38.48 -5.42
CA GLY N 206 -31.86 -39.59 -4.96
C GLY N 206 -33.11 -39.80 -5.79
N ILE N 207 -34.08 -40.50 -5.21
CA ILE N 207 -35.33 -40.76 -5.91
C ILE N 207 -36.27 -39.57 -5.86
N ALA N 208 -36.09 -38.67 -4.89
CA ALA N 208 -37.02 -37.55 -4.77
C ALA N 208 -36.60 -36.35 -5.61
N THR N 209 -35.38 -36.36 -6.13
CA THR N 209 -34.92 -35.32 -7.05
C THR N 209 -35.12 -35.74 -8.49
N ALA N 210 -35.15 -37.05 -8.76
CA ALA N 210 -35.32 -37.53 -10.13
C ALA N 210 -36.76 -37.40 -10.59
N ILE N 211 -37.73 -37.70 -9.73
CA ILE N 211 -39.13 -37.56 -10.13
C ILE N 211 -39.58 -36.11 -10.06
N GLU N 212 -38.92 -35.29 -9.24
CA GLU N 212 -39.27 -33.87 -9.17
C GLU N 212 -38.85 -33.14 -10.44
N ARG N 213 -37.71 -33.52 -11.02
CA ARG N 213 -37.30 -32.93 -12.29
C ARG N 213 -38.05 -33.51 -13.47
N LEU N 214 -38.68 -34.67 -13.30
CA LEU N 214 -39.45 -35.25 -14.40
C LEU N 214 -40.78 -34.53 -14.57
N LEU N 215 -41.35 -34.05 -13.47
CA LEU N 215 -42.65 -33.38 -13.47
C LEU N 215 -42.52 -31.87 -13.41
N GLN N 216 -41.37 -31.35 -13.81
CA GLN N 216 -41.10 -29.91 -13.74
C GLN N 216 -41.62 -29.23 -15.00
N GLY N 217 -42.24 -28.06 -14.83
CA GLY N 217 -42.92 -27.41 -15.94
C GLY N 217 -44.14 -28.22 -16.31
N GLU N 218 -44.09 -28.86 -17.47
CA GLU N 218 -44.95 -30.00 -17.84
C GLU N 218 -46.44 -29.64 -17.85
N GLU N 219 -46.81 -28.75 -18.78
CA GLU N 219 -48.22 -28.47 -19.01
C GLU N 219 -48.83 -29.57 -19.86
N GLN N 220 -49.04 -30.75 -19.28
CA GLN N 220 -49.45 -31.92 -20.02
C GLN N 220 -50.62 -32.62 -19.35
N PRO N 221 -51.60 -33.10 -20.13
CA PRO N 221 -52.81 -33.71 -19.52
C PRO N 221 -52.58 -35.10 -18.95
N LEU N 222 -52.00 -35.17 -17.76
CA LEU N 222 -51.75 -36.47 -17.13
C LEU N 222 -53.00 -36.94 -16.40
N GLY N 223 -53.35 -38.20 -16.63
CA GLY N 223 -54.47 -38.82 -15.96
C GLY N 223 -54.17 -40.24 -15.52
N ALA N 262 -56.30 -33.17 -14.05
CA ALA N 262 -55.78 -31.85 -14.35
C ALA N 262 -54.54 -31.94 -15.25
N ALA N 263 -53.50 -31.21 -14.89
CA ALA N 263 -52.27 -31.18 -15.67
C ALA N 263 -51.19 -32.00 -14.96
N ALA N 264 -50.04 -32.14 -15.64
CA ALA N 264 -48.92 -32.84 -15.03
C ALA N 264 -48.04 -31.88 -14.25
N GLY N 265 -48.29 -30.58 -14.37
CA GLY N 265 -47.47 -29.57 -13.74
C GLY N 265 -47.90 -29.13 -12.37
N ASN N 266 -49.03 -29.60 -11.87
CA ASN N 266 -49.49 -29.26 -10.53
C ASN N 266 -49.32 -30.39 -9.53
N ILE N 267 -48.51 -31.40 -9.85
CA ILE N 267 -48.21 -32.45 -8.88
C ILE N 267 -47.01 -32.02 -8.04
N LYS N 268 -47.15 -32.11 -6.73
CA LYS N 268 -46.09 -31.76 -5.80
C LYS N 268 -45.55 -33.02 -5.16
N ILE N 269 -44.23 -33.18 -5.18
CA ILE N 269 -43.55 -34.32 -4.59
C ILE N 269 -42.50 -33.80 -3.61
N VAL N 270 -42.65 -34.19 -2.34
CA VAL N 270 -41.78 -33.72 -1.27
C VAL N 270 -41.26 -34.93 -0.50
N ALA N 271 -39.95 -34.98 -0.32
CA ALA N 271 -39.30 -36.06 0.43
C ALA N 271 -39.51 -35.86 1.91
N TYR N 272 -39.90 -36.94 2.59
CA TYR N 272 -40.01 -36.92 4.05
C TYR N 272 -39.04 -37.96 4.61
N PRO N 273 -37.82 -37.57 4.99
CA PRO N 273 -36.81 -38.58 5.37
C PRO N 273 -37.01 -39.18 6.75
N ASP N 274 -37.94 -38.66 7.54
CA ASP N 274 -38.04 -39.11 8.93
C ASP N 274 -38.71 -40.48 9.01
N THR N 275 -39.48 -40.86 7.99
CA THR N 275 -40.00 -42.22 7.88
C THR N 275 -39.67 -42.87 6.55
N ASN N 276 -38.78 -42.24 5.76
CA ASN N 276 -38.29 -42.75 4.47
C ASN N 276 -39.44 -43.00 3.50
N SER N 277 -40.13 -41.93 3.14
CA SER N 277 -41.32 -42.03 2.31
C SER N 277 -41.52 -40.75 1.53
N LEU N 278 -42.22 -40.87 0.40
CA LEU N 278 -42.55 -39.75 -0.46
C LEU N 278 -43.94 -39.24 -0.13
N LEU N 279 -44.15 -37.94 -0.37
CA LEU N 279 -45.44 -37.29 -0.19
C LEU N 279 -45.87 -36.73 -1.54
N VAL N 280 -46.92 -37.28 -2.11
CA VAL N 280 -47.43 -36.87 -3.42
C VAL N 280 -48.80 -36.24 -3.21
N LYS N 281 -49.00 -35.05 -3.79
CA LYS N 281 -50.27 -34.35 -3.72
C LYS N 281 -50.80 -34.13 -5.13
N GLY N 282 -51.97 -34.68 -5.41
CA GLY N 282 -52.58 -34.51 -6.70
C GLY N 282 -53.99 -35.05 -6.68
N THR N 283 -54.53 -35.31 -7.87
CA THR N 283 -55.86 -35.90 -7.96
C THR N 283 -55.79 -37.39 -7.62
N ALA N 284 -56.94 -38.04 -7.64
CA ALA N 284 -56.99 -39.47 -7.31
C ALA N 284 -56.44 -40.34 -8.42
N GLU N 285 -56.25 -39.80 -9.62
CA GLU N 285 -55.69 -40.55 -10.73
C GLU N 285 -54.20 -40.30 -10.89
N GLN N 286 -53.71 -39.13 -10.47
CA GLN N 286 -52.28 -38.86 -10.54
C GLN N 286 -51.52 -39.49 -9.38
N VAL N 287 -52.17 -39.67 -8.24
CA VAL N 287 -51.53 -40.32 -7.10
C VAL N 287 -51.32 -41.80 -7.38
N HIS N 288 -52.31 -42.45 -7.99
CA HIS N 288 -52.16 -43.83 -8.43
C HIS N 288 -51.16 -43.97 -9.58
N PHE N 289 -50.91 -42.88 -10.32
CA PHE N 289 -49.98 -42.94 -11.44
C PHE N 289 -48.53 -42.93 -10.97
N ILE N 290 -48.25 -42.22 -9.87
CA ILE N 290 -46.89 -42.19 -9.33
C ILE N 290 -46.63 -43.42 -8.47
N GLU N 291 -47.69 -43.99 -7.87
CA GLU N 291 -47.53 -45.18 -7.03
C GLU N 291 -47.13 -46.40 -7.85
N MET N 292 -47.54 -46.46 -9.12
CA MET N 292 -47.12 -47.56 -9.99
C MET N 292 -45.71 -47.36 -10.54
N LEU N 293 -45.23 -46.13 -10.59
CA LEU N 293 -43.85 -45.89 -11.02
C LEU N 293 -42.86 -46.20 -9.90
N VAL N 294 -43.24 -45.89 -8.66
CA VAL N 294 -42.36 -46.08 -7.51
C VAL N 294 -42.10 -47.57 -7.26
N LYS N 295 -43.13 -48.41 -7.43
CA LYS N 295 -42.96 -49.85 -7.24
C LYS N 295 -42.14 -50.52 -8.34
N ALA N 296 -41.81 -49.81 -9.42
CA ALA N 296 -40.91 -50.34 -10.43
C ALA N 296 -39.48 -49.89 -10.23
N LEU N 297 -39.27 -48.79 -9.51
CA LEU N 297 -37.93 -48.31 -9.18
C LEU N 297 -37.44 -48.80 -7.82
N ASP N 298 -38.22 -49.63 -7.13
CA ASP N 298 -37.90 -50.05 -5.77
C ASP N 298 -37.62 -51.55 -5.77
N VAL N 299 -36.37 -51.89 -6.03
CA VAL N 299 -35.93 -53.28 -6.07
C VAL N 299 -34.73 -53.46 -5.16
N ALA N 300 -34.54 -54.70 -4.70
CA ALA N 300 -33.43 -55.04 -3.83
C ALA N 300 -32.16 -55.22 -4.64
N LYS N 301 -31.03 -54.80 -4.05
CA LYS N 301 -29.75 -54.79 -4.73
C LYS N 301 -28.90 -55.99 -4.30
N ARG N 302 -27.84 -56.22 -5.07
CA ARG N 302 -26.89 -57.29 -4.81
C ARG N 302 -25.54 -56.70 -4.44
N HIS N 303 -24.73 -57.50 -3.75
CA HIS N 303 -23.46 -57.05 -3.22
C HIS N 303 -22.30 -57.50 -4.10
N VAL N 304 -21.35 -56.60 -4.32
CA VAL N 304 -20.13 -56.89 -5.07
C VAL N 304 -18.94 -56.61 -4.16
N GLU N 305 -18.02 -57.56 -4.09
CA GLU N 305 -16.77 -57.38 -3.36
C GLU N 305 -15.63 -57.34 -4.37
N LEU N 306 -14.89 -56.24 -4.39
CA LEU N 306 -13.84 -56.00 -5.36
C LEU N 306 -12.49 -56.18 -4.70
N SER N 307 -11.65 -57.04 -5.27
CA SER N 307 -10.31 -57.30 -4.77
C SER N 307 -9.30 -56.94 -5.85
N LEU N 308 -8.33 -56.12 -5.49
CA LEU N 308 -7.32 -55.62 -6.43
C LEU N 308 -5.94 -56.06 -5.97
N TRP N 309 -5.18 -56.67 -6.87
CA TRP N 309 -3.83 -57.14 -6.56
C TRP N 309 -2.81 -56.20 -7.18
N ILE N 310 -1.79 -55.84 -6.41
CA ILE N 310 -0.68 -55.02 -6.86
C ILE N 310 0.60 -55.79 -6.56
N VAL N 311 1.19 -56.40 -7.59
CA VAL N 311 2.39 -57.22 -7.45
C VAL N 311 3.57 -56.40 -7.95
N ASP N 312 4.67 -56.42 -7.19
CA ASP N 312 5.84 -55.60 -7.49
C ASP N 312 7.08 -56.43 -7.20
N LEU N 313 7.88 -56.67 -8.23
CA LEU N 313 9.09 -57.46 -8.10
C LEU N 313 10.29 -56.64 -8.56
N ASN N 314 11.46 -56.97 -8.01
CA ASN N 314 12.71 -56.32 -8.37
C ASN N 314 13.82 -57.35 -8.42
N LYS N 315 14.95 -56.95 -8.99
CA LYS N 315 16.16 -57.74 -9.11
C LYS N 315 17.27 -56.81 -9.52
N SER N 316 18.50 -57.12 -9.12
CA SER N 316 19.61 -56.23 -9.42
C SER N 316 20.92 -57.02 -9.43
N ASP N 317 21.96 -56.35 -9.89
CA ASP N 317 23.31 -56.91 -9.97
C ASP N 317 24.25 -55.73 -10.16
N LEU N 318 25.47 -55.85 -9.64
CA LEU N 318 26.44 -54.76 -9.67
C LEU N 318 27.82 -55.31 -9.37
N GLU N 319 28.83 -54.80 -10.07
CA GLU N 319 30.22 -55.21 -9.82
C GLU N 319 31.16 -54.11 -10.32
N ARG N 320 31.97 -53.57 -9.43
CA ARG N 320 33.04 -52.64 -9.78
C ARG N 320 34.37 -53.20 -9.33
N LEU N 321 35.40 -53.05 -10.17
CA LEU N 321 36.73 -53.54 -9.82
C LEU N 321 37.76 -52.79 -10.65
N GLY N 322 38.58 -51.98 -10.00
CA GLY N 322 39.65 -51.28 -10.70
C GLY N 322 40.01 -50.00 -9.97
N THR N 323 41.03 -49.34 -10.50
CA THR N 323 41.57 -48.11 -9.94
C THR N 323 41.39 -46.96 -10.93
N SER N 324 41.69 -45.75 -10.45
CA SER N 324 41.56 -44.55 -11.26
C SER N 324 42.47 -43.48 -10.68
N TRP N 325 43.48 -43.08 -11.45
CA TRP N 325 44.52 -42.16 -10.98
C TRP N 325 44.16 -40.72 -11.34
N SER N 326 44.24 -39.82 -10.36
CA SER N 326 43.95 -38.40 -10.59
C SER N 326 44.61 -37.60 -9.47
N GLY N 327 45.64 -36.82 -9.80
CA GLY N 327 46.32 -36.05 -8.78
C GLY N 327 47.29 -35.05 -9.37
N SER N 328 47.89 -34.26 -8.49
CA SER N 328 48.87 -33.25 -8.85
C SER N 328 50.17 -33.47 -8.08
N ILE N 329 51.22 -32.76 -8.50
CA ILE N 329 52.53 -32.90 -7.91
C ILE N 329 53.26 -31.57 -8.09
N THR N 330 54.35 -31.37 -7.35
CA THR N 330 55.21 -30.20 -7.49
C THR N 330 56.66 -30.65 -7.48
N ILE N 331 57.39 -30.31 -8.54
CA ILE N 331 58.74 -30.81 -8.76
C ILE N 331 59.70 -29.63 -8.71
N GLY N 332 60.30 -29.40 -7.54
CA GLY N 332 61.38 -28.46 -7.39
C GLY N 332 61.04 -27.00 -7.63
N ASP N 333 59.82 -26.58 -7.26
CA ASP N 333 59.27 -25.21 -7.27
C ASP N 333 59.53 -24.42 -8.56
N LYS N 334 59.70 -25.13 -9.67
CA LYS N 334 59.85 -24.51 -10.99
C LYS N 334 58.99 -25.16 -12.07
N LEU N 335 58.55 -26.41 -11.89
CA LEU N 335 57.65 -27.04 -12.83
C LEU N 335 56.79 -28.04 -12.08
N GLY N 336 55.53 -28.13 -12.48
CA GLY N 336 54.59 -29.04 -11.85
C GLY N 336 53.86 -29.85 -12.90
N VAL N 337 53.47 -31.06 -12.50
CA VAL N 337 52.82 -32.02 -13.39
C VAL N 337 51.45 -32.35 -12.82
N SER N 338 50.41 -32.19 -13.62
CA SER N 338 49.07 -32.62 -13.26
C SER N 338 48.76 -33.93 -13.99
N LEU N 339 47.64 -34.53 -13.64
CA LEU N 339 47.20 -35.78 -14.25
C LEU N 339 45.68 -35.90 -14.13
N ASN N 340 45.00 -35.84 -15.28
CA ASN N 340 43.55 -36.07 -15.40
C ASN N 340 42.73 -35.10 -14.55
N GLN N 341 43.11 -33.82 -14.57
CA GLN N 341 42.45 -32.81 -13.77
C GLN N 341 42.13 -31.59 -14.62
N SER N 342 41.38 -30.67 -14.03
CA SER N 342 41.09 -29.38 -14.64
C SER N 342 41.65 -28.22 -13.84
N SER N 343 41.47 -28.25 -12.52
CA SER N 343 42.02 -27.24 -11.62
C SER N 343 43.25 -27.81 -10.91
N ILE N 344 44.34 -27.05 -10.93
CA ILE N 344 45.63 -27.52 -10.43
C ILE N 344 46.06 -26.64 -9.27
N SER N 345 45.62 -25.37 -9.30
CA SER N 345 46.11 -24.37 -8.35
C SER N 345 45.59 -24.63 -6.94
N THR N 346 44.29 -24.91 -6.81
CA THR N 346 43.73 -25.20 -5.50
C THR N 346 44.06 -26.60 -5.00
N LEU N 347 44.57 -27.47 -5.86
CA LEU N 347 45.10 -28.77 -5.46
C LEU N 347 46.61 -28.84 -5.66
N ASP N 348 47.31 -27.72 -5.46
CA ASP N 348 48.75 -27.70 -5.68
C ASP N 348 49.52 -28.34 -4.52
N GLY N 349 49.05 -28.18 -3.30
CA GLY N 349 49.68 -28.78 -2.15
C GLY N 349 49.32 -30.22 -1.88
N SER N 350 48.49 -30.82 -2.72
CA SER N 350 48.06 -32.19 -2.54
C SER N 350 48.99 -33.14 -3.29
N ARG N 351 48.56 -34.40 -3.44
CA ARG N 351 49.38 -35.45 -4.03
C ARG N 351 48.59 -36.27 -5.02
N PHE N 352 49.15 -37.37 -5.50
CA PHE N 352 48.43 -38.27 -6.38
C PHE N 352 47.42 -39.09 -5.59
N ILE N 353 46.27 -39.35 -6.19
CA ILE N 353 45.20 -40.12 -5.58
C ILE N 353 44.91 -41.32 -6.47
N ALA N 354 44.92 -42.51 -5.89
CA ALA N 354 44.62 -43.75 -6.60
C ALA N 354 43.34 -44.33 -5.99
N ALA N 355 42.19 -43.89 -6.50
CA ALA N 355 40.91 -44.31 -5.97
C ALA N 355 40.61 -45.74 -6.43
N VAL N 356 40.54 -46.67 -5.48
CA VAL N 356 40.30 -48.08 -5.75
C VAL N 356 38.84 -48.38 -5.42
N ASN N 357 38.20 -49.20 -6.25
CA ASN N 357 36.84 -49.65 -6.02
C ASN N 357 36.79 -51.17 -6.10
N ALA N 358 36.07 -51.77 -5.16
CA ALA N 358 35.86 -53.22 -5.17
C ALA N 358 34.51 -53.49 -4.51
N LEU N 359 33.60 -54.11 -5.27
CA LEU N 359 32.23 -54.33 -4.81
C LEU N 359 31.60 -55.39 -5.69
N GLU N 360 30.65 -56.13 -5.12
CA GLU N 360 29.91 -57.15 -5.84
C GLU N 360 28.59 -57.35 -5.12
N GLU N 361 27.49 -56.89 -5.72
CA GLU N 361 26.23 -56.76 -5.01
C GLU N 361 25.12 -57.53 -5.73
N LYS N 362 24.29 -58.22 -4.97
CA LYS N 362 23.05 -58.82 -5.45
C LYS N 362 21.89 -58.24 -4.67
N LYS N 363 20.69 -58.36 -5.23
CA LYS N 363 19.51 -57.76 -4.61
C LYS N 363 18.26 -58.44 -5.13
N GLN N 364 17.20 -58.40 -4.33
CA GLN N 364 15.90 -58.95 -4.68
C GLN N 364 14.87 -58.37 -3.73
N ALA N 365 13.67 -58.08 -4.24
CA ALA N 365 12.62 -57.50 -3.43
C ALA N 365 11.26 -57.79 -4.05
N THR N 366 10.36 -58.35 -3.24
CA THR N 366 8.99 -58.62 -3.66
C THR N 366 8.04 -57.90 -2.73
N VAL N 367 6.97 -57.33 -3.29
CA VAL N 367 5.92 -56.66 -2.51
C VAL N 367 4.59 -57.01 -3.14
N VAL N 368 3.66 -57.56 -2.35
CA VAL N 368 2.32 -57.90 -2.80
C VAL N 368 1.33 -57.21 -1.87
N SER N 369 0.60 -56.23 -2.40
CA SER N 369 -0.39 -55.49 -1.64
C SER N 369 -1.77 -55.72 -2.23
N ARG N 370 -2.81 -55.62 -1.39
CA ARG N 370 -4.16 -56.00 -1.80
C ARG N 370 -5.21 -55.24 -1.00
N PRO N 371 -5.90 -54.28 -1.61
CA PRO N 371 -7.08 -53.69 -0.96
C PRO N 371 -8.38 -54.39 -1.35
N VAL N 372 -9.29 -54.49 -0.37
CA VAL N 372 -10.58 -55.15 -0.54
C VAL N 372 -11.68 -54.15 -0.18
N LEU N 373 -12.74 -54.11 -0.98
CA LEU N 373 -13.83 -53.17 -0.78
C LEU N 373 -15.15 -53.84 -1.14
N LEU N 374 -16.21 -53.53 -0.38
CA LEU N 374 -17.53 -54.13 -0.58
C LEU N 374 -18.57 -53.03 -0.81
N THR N 375 -19.39 -53.20 -1.85
CA THR N 375 -20.43 -52.24 -2.17
C THR N 375 -21.58 -52.97 -2.86
N GLN N 376 -22.56 -52.20 -3.31
CA GLN N 376 -23.76 -52.71 -3.96
C GLN N 376 -23.73 -52.37 -5.45
N GLU N 377 -24.77 -52.79 -6.17
CA GLU N 377 -24.91 -52.41 -7.57
C GLU N 377 -25.15 -50.92 -7.70
N ASN N 378 -24.53 -50.31 -8.72
CA ASN N 378 -24.77 -48.93 -9.15
C ASN N 378 -24.50 -47.91 -8.04
N VAL N 379 -23.61 -48.22 -7.11
CA VAL N 379 -23.30 -47.37 -5.99
C VAL N 379 -21.80 -47.09 -6.01
N PRO N 380 -21.36 -45.83 -6.08
CA PRO N 380 -19.93 -45.54 -6.06
C PRO N 380 -19.37 -45.71 -4.65
N ALA N 381 -18.22 -46.37 -4.56
CA ALA N 381 -17.56 -46.61 -3.29
C ALA N 381 -16.12 -46.14 -3.37
N ILE N 382 -15.53 -45.88 -2.22
CA ILE N 382 -14.16 -45.37 -2.12
C ILE N 382 -13.42 -46.10 -1.02
N PHE N 383 -12.25 -46.64 -1.35
CA PHE N 383 -11.25 -47.06 -0.38
C PHE N 383 -10.06 -46.12 -0.51
N ASP N 384 -9.51 -45.67 0.61
CA ASP N 384 -8.44 -44.70 0.61
C ASP N 384 -7.50 -44.98 1.76
N ASN N 385 -6.20 -44.99 1.48
CA ASN N 385 -5.17 -45.21 2.51
C ASN N 385 -4.02 -44.26 2.18
N ASN N 386 -4.06 -43.06 2.75
CA ASN N 386 -3.17 -41.99 2.32
C ASN N 386 -2.28 -41.53 3.47
N ARG N 387 -1.50 -40.50 3.18
CA ARG N 387 -0.55 -39.89 4.11
C ARG N 387 -0.43 -38.42 3.77
N THR N 388 -0.52 -37.56 4.78
CA THR N 388 -0.57 -36.12 4.58
C THR N 388 0.71 -35.50 5.14
N PHE N 389 1.26 -34.53 4.42
CA PHE N 389 2.50 -33.87 4.79
C PHE N 389 2.23 -32.37 4.89
N TYR N 390 2.34 -31.83 6.10
CA TYR N 390 2.00 -30.43 6.34
C TYR N 390 3.26 -29.59 6.37
N THR N 391 3.18 -28.41 5.74
CA THR N 391 4.32 -27.50 5.66
C THR N 391 3.88 -26.12 6.13
N LYS N 392 4.86 -25.32 6.54
CA LYS N 392 4.62 -24.00 7.13
C LYS N 392 5.12 -22.94 6.16
N LEU N 393 4.22 -22.40 5.34
CA LEU N 393 4.53 -21.31 4.44
C LEU N 393 4.38 -20.02 5.24
N ILE N 394 5.51 -19.45 5.65
CA ILE N 394 5.50 -18.30 6.54
C ILE N 394 5.30 -17.04 5.70
N GLY N 395 4.04 -16.74 5.41
CA GLY N 395 3.66 -15.51 4.76
C GLY N 395 3.17 -14.51 5.80
N GLU N 396 2.48 -13.48 5.30
CA GLU N 396 1.92 -12.48 6.18
C GLU N 396 0.40 -12.34 6.08
N ARG N 397 -0.18 -12.54 4.89
CA ARG N 397 -1.59 -12.22 4.68
C ARG N 397 -2.46 -13.47 4.62
N ASN N 398 -2.20 -14.28 3.61
CA ASN N 398 -2.99 -15.47 3.34
C ASN N 398 -2.15 -16.63 3.85
N VAL N 399 -1.83 -16.60 5.13
CA VAL N 399 -1.08 -17.65 5.81
C VAL N 399 -1.91 -18.91 5.78
N ALA N 400 -1.28 -20.03 5.44
CA ALA N 400 -2.02 -21.25 5.22
C ALA N 400 -1.14 -22.44 5.54
N LEU N 401 -1.79 -23.53 5.92
CA LEU N 401 -1.13 -24.82 6.05
C LEU N 401 -1.37 -25.54 4.73
N GLU N 402 -0.35 -25.60 3.89
CA GLU N 402 -0.45 -26.31 2.64
C GLU N 402 -0.01 -27.75 2.84
N HIS N 403 -0.61 -28.66 2.08
CA HIS N 403 -0.41 -30.08 2.31
C HIS N 403 -0.41 -30.83 0.99
N VAL N 404 0.33 -31.94 0.98
CA VAL N 404 0.31 -32.89 -0.12
C VAL N 404 -0.21 -34.20 0.43
N THR N 405 -0.67 -35.08 -0.47
CA THR N 405 -1.33 -36.31 -0.09
C THR N 405 -0.95 -37.39 -1.10
N TYR N 406 -0.61 -38.58 -0.60
CA TYR N 406 -0.25 -39.69 -1.47
C TYR N 406 -0.61 -40.99 -0.79
N GLY N 407 -1.07 -41.96 -1.57
CA GLY N 407 -1.39 -43.27 -1.03
C GLY N 407 -2.26 -44.05 -2.00
N THR N 408 -2.67 -45.23 -1.55
CA THR N 408 -3.50 -46.13 -2.35
C THR N 408 -4.93 -45.64 -2.32
N MET N 409 -5.62 -45.75 -3.46
CA MET N 409 -6.96 -45.21 -3.59
C MET N 409 -7.69 -45.90 -4.73
N ILE N 410 -8.88 -46.42 -4.46
CA ILE N 410 -9.73 -47.04 -5.47
C ILE N 410 -11.09 -46.34 -5.44
N ARG N 411 -11.65 -46.06 -6.60
CA ARG N 411 -13.02 -45.60 -6.73
C ARG N 411 -13.68 -46.41 -7.83
N VAL N 412 -14.69 -47.20 -7.48
CA VAL N 412 -15.27 -48.17 -8.39
C VAL N 412 -16.77 -47.95 -8.45
N LEU N 413 -17.38 -48.37 -9.56
CA LEU N 413 -18.82 -48.27 -9.78
C LEU N 413 -19.27 -49.55 -10.46
N PRO N 414 -19.63 -50.58 -9.68
CA PRO N 414 -19.94 -51.87 -10.27
C PRO N 414 -21.35 -51.92 -10.83
N ARG N 415 -21.57 -52.88 -11.73
CA ARG N 415 -22.84 -53.01 -12.43
C ARG N 415 -22.90 -54.39 -13.07
N PHE N 416 -24.01 -55.09 -12.88
CA PHE N 416 -24.19 -56.40 -13.48
C PHE N 416 -24.72 -56.28 -14.90
N SER N 417 -24.16 -57.07 -15.81
CA SER N 417 -24.63 -57.10 -17.18
C SER N 417 -25.78 -58.10 -17.30
N ALA N 418 -26.19 -58.39 -18.53
CA ALA N 418 -27.31 -59.31 -18.75
C ALA N 418 -26.90 -60.77 -18.64
N ASP N 419 -25.63 -61.08 -18.84
CA ASP N 419 -25.14 -62.45 -18.82
C ASP N 419 -24.65 -62.88 -17.45
N GLY N 420 -24.50 -61.96 -16.52
CA GLY N 420 -23.92 -62.26 -15.22
C GLY N 420 -22.50 -61.79 -15.03
N GLN N 421 -21.96 -61.00 -15.96
CA GLN N 421 -20.64 -60.43 -15.82
C GLN N 421 -20.73 -59.07 -15.13
N ILE N 422 -19.62 -58.65 -14.55
CA ILE N 422 -19.56 -57.44 -13.74
C ILE N 422 -18.68 -56.42 -14.44
N GLU N 423 -19.29 -55.32 -14.89
CA GLU N 423 -18.55 -54.23 -15.49
C GLU N 423 -18.26 -53.16 -14.44
N MET N 424 -17.04 -52.63 -14.49
CA MET N 424 -16.57 -51.70 -13.48
C MET N 424 -15.96 -50.47 -14.14
N SER N 425 -16.10 -49.32 -13.47
CA SER N 425 -15.50 -48.07 -13.91
C SER N 425 -14.46 -47.67 -12.88
N LEU N 426 -13.18 -47.90 -13.21
CA LEU N 426 -12.10 -47.87 -12.23
C LEU N 426 -11.37 -46.54 -12.23
N ASP N 427 -10.81 -46.19 -11.08
CA ASP N 427 -9.93 -45.04 -10.89
C ASP N 427 -8.93 -45.43 -9.82
N ILE N 428 -7.77 -45.92 -10.23
CA ILE N 428 -6.78 -46.51 -9.33
C ILE N 428 -5.61 -45.55 -9.20
N GLU N 429 -5.16 -45.33 -7.97
CA GLU N 429 -3.95 -44.58 -7.69
C GLU N 429 -3.12 -45.35 -6.66
N ASP N 430 -1.83 -45.53 -6.94
CA ASP N 430 -0.91 -46.17 -6.00
C ASP N 430 0.36 -45.36 -5.97
N GLY N 431 0.58 -44.63 -4.88
CA GLY N 431 1.74 -43.78 -4.73
C GLY N 431 2.51 -44.10 -3.47
N ASN N 432 3.78 -43.68 -3.45
CA ASN N 432 4.63 -43.82 -2.29
C ASN N 432 5.63 -42.68 -2.30
N ASP N 433 6.52 -42.67 -1.31
CA ASP N 433 7.46 -41.56 -1.10
C ASP N 433 8.85 -42.00 -1.53
N LYS N 434 9.37 -41.34 -2.57
CA LYS N 434 10.74 -41.57 -3.00
C LYS N 434 11.68 -40.70 -2.17
N THR N 435 12.80 -41.29 -1.75
CA THR N 435 13.71 -40.61 -0.85
C THR N 435 15.01 -40.27 -1.56
N PRO N 436 15.42 -39.00 -1.56
CA PRO N 436 16.77 -38.66 -2.02
C PRO N 436 17.83 -38.96 -0.97
N GLN N 437 19.07 -38.52 -1.23
CA GLN N 437 20.19 -38.79 -0.33
C GLN N 437 19.97 -38.09 1.01
N SER N 438 20.15 -38.83 2.11
CA SER N 438 19.88 -38.31 3.44
C SER N 438 20.96 -37.38 3.96
N ASP N 439 22.18 -37.45 3.42
CA ASP N 439 23.30 -36.68 3.95
C ASP N 439 23.24 -35.20 3.58
N THR N 440 22.56 -34.84 2.50
CA THR N 440 22.47 -33.45 2.06
C THR N 440 21.30 -32.74 2.75
N THR N 441 21.36 -31.41 2.73
CA THR N 441 20.49 -30.51 3.49
C THR N 441 19.02 -30.61 3.08
N THR N 442 18.72 -31.02 1.84
CA THR N 442 17.34 -31.04 1.35
C THR N 442 16.47 -32.16 1.95
N SER N 443 16.97 -32.92 2.93
CA SER N 443 16.17 -33.89 3.65
C SER N 443 15.45 -33.32 4.85
N VAL N 444 15.74 -32.07 5.23
CA VAL N 444 15.08 -31.46 6.39
C VAL N 444 14.02 -30.44 5.99
N ASP N 445 13.96 -30.02 4.73
CA ASP N 445 12.92 -29.11 4.29
C ASP N 445 11.75 -29.89 3.70
N ALA N 446 10.79 -29.15 3.13
CA ALA N 446 9.55 -29.75 2.63
C ALA N 446 9.75 -30.24 1.20
N LEU N 447 10.57 -31.28 1.06
CA LEU N 447 10.77 -31.96 -0.23
C LEU N 447 10.57 -33.46 -0.04
N PRO N 448 9.31 -33.91 0.05
CA PRO N 448 9.03 -35.34 -0.16
C PRO N 448 8.77 -35.63 -1.63
N GLU N 449 9.78 -36.00 -2.42
CA GLU N 449 9.56 -36.38 -3.81
C GLU N 449 8.59 -37.55 -3.91
N VAL N 450 7.38 -37.28 -4.40
CA VAL N 450 6.30 -38.24 -4.48
C VAL N 450 6.28 -38.85 -5.88
N GLY N 451 6.22 -40.17 -5.96
CA GLY N 451 5.98 -40.87 -7.21
C GLY N 451 4.66 -41.62 -7.15
N ARG N 452 3.81 -41.38 -8.15
CA ARG N 452 2.48 -41.94 -8.19
C ARG N 452 2.32 -42.83 -9.41
N THR N 453 1.17 -43.50 -9.49
CA THR N 453 0.82 -44.37 -10.60
C THR N 453 -0.69 -44.35 -10.77
N LEU N 454 -1.16 -43.79 -11.87
CA LEU N 454 -2.58 -43.55 -12.08
C LEU N 454 -3.07 -44.39 -13.24
N ILE N 455 -4.27 -44.98 -13.10
CA ILE N 455 -4.89 -45.80 -14.11
C ILE N 455 -6.39 -45.50 -14.10
N SER N 456 -6.95 -45.20 -15.27
CA SER N 456 -8.37 -44.92 -15.41
C SER N 456 -8.88 -45.60 -16.66
N THR N 457 -9.77 -46.58 -16.49
CA THR N 457 -10.24 -47.39 -17.61
C THR N 457 -11.59 -47.99 -17.25
N ILE N 458 -12.09 -48.88 -18.12
CA ILE N 458 -13.34 -49.61 -17.90
C ILE N 458 -13.11 -51.06 -18.35
N ALA N 459 -13.41 -52.01 -17.46
CA ALA N 459 -13.23 -53.42 -17.77
C ALA N 459 -14.47 -54.20 -17.37
N ARG N 460 -14.61 -55.41 -17.93
CA ARG N 460 -15.76 -56.26 -17.70
C ARG N 460 -15.31 -57.69 -17.49
N VAL N 461 -15.46 -58.19 -16.27
CA VAL N 461 -14.95 -59.50 -15.86
C VAL N 461 -16.14 -60.40 -15.56
N PRO N 462 -16.07 -61.70 -15.84
CA PRO N 462 -17.08 -62.63 -15.31
C PRO N 462 -16.97 -62.79 -13.81
N HIS N 463 -17.95 -63.50 -13.24
CA HIS N 463 -18.00 -63.66 -11.79
C HIS N 463 -16.98 -64.71 -11.36
N GLY N 464 -15.97 -64.27 -10.62
CA GLY N 464 -14.94 -65.17 -10.10
C GLY N 464 -13.66 -65.21 -10.90
N LYS N 465 -13.66 -64.71 -12.14
CA LYS N 465 -12.48 -64.70 -12.97
C LYS N 465 -11.71 -63.39 -12.73
N SER N 466 -10.68 -63.14 -13.53
CA SER N 466 -9.82 -62.00 -13.31
C SER N 466 -9.34 -61.42 -14.63
N LEU N 467 -8.84 -60.19 -14.57
CA LEU N 467 -8.33 -59.48 -15.73
C LEU N 467 -7.11 -58.67 -15.33
N LEU N 468 -6.20 -58.49 -16.28
CA LEU N 468 -5.03 -57.64 -16.09
C LEU N 468 -5.33 -56.26 -16.62
N VAL N 469 -5.29 -55.26 -15.76
CA VAL N 469 -5.68 -53.91 -16.13
C VAL N 469 -4.48 -53.07 -16.54
N GLY N 470 -3.43 -53.03 -15.73
CA GLY N 470 -2.26 -52.25 -16.06
C GLY N 470 -1.01 -53.10 -16.10
N GLY N 471 0.16 -52.46 -16.11
CA GLY N 471 1.40 -53.20 -16.15
C GLY N 471 2.55 -52.30 -16.52
N TYR N 472 3.75 -52.77 -16.19
CA TYR N 472 5.00 -52.06 -16.46
C TYR N 472 6.18 -53.00 -16.28
N THR N 473 7.06 -53.08 -17.28
CA THR N 473 8.32 -53.80 -17.16
C THR N 473 9.47 -52.88 -17.56
N ARG N 474 10.67 -53.21 -17.10
CA ARG N 474 11.86 -52.45 -17.47
C ARG N 474 13.09 -53.33 -17.29
N ASP N 475 13.93 -53.38 -18.32
CA ASP N 475 15.19 -54.13 -18.29
C ASP N 475 16.33 -53.21 -18.68
N ALA N 476 17.49 -53.42 -18.07
CA ALA N 476 18.64 -52.57 -18.33
C ALA N 476 19.93 -53.34 -18.14
N ASN N 477 20.97 -52.92 -18.86
CA ASN N 477 22.30 -53.54 -18.74
C ASN N 477 23.33 -52.56 -19.26
N THR N 478 24.16 -52.01 -18.37
CA THR N 478 25.24 -51.13 -18.76
C THR N 478 26.58 -51.73 -18.33
N ASP N 479 27.64 -51.31 -19.02
CA ASP N 479 29.00 -51.72 -18.65
C ASP N 479 30.02 -50.77 -19.26
N THR N 480 30.94 -50.29 -18.42
CA THR N 480 32.01 -49.38 -18.84
C THR N 480 33.35 -50.05 -18.66
N VAL N 481 34.34 -49.62 -19.44
CA VAL N 481 35.71 -50.09 -19.32
C VAL N 481 36.63 -48.89 -19.52
N GLN N 482 37.45 -48.58 -18.52
CA GLN N 482 38.46 -47.55 -18.62
C GLN N 482 39.84 -48.16 -18.40
N SER N 483 40.87 -47.48 -18.92
CA SER N 483 42.24 -47.93 -18.77
C SER N 483 43.19 -46.77 -19.04
N ILE N 484 44.46 -47.00 -18.71
CA ILE N 484 45.57 -46.17 -19.15
C ILE N 484 45.99 -46.79 -20.48
N PRO N 485 46.35 -45.98 -21.51
CA PRO N 485 46.55 -46.54 -22.86
C PRO N 485 47.66 -47.58 -23.00
N PHE N 486 48.82 -47.37 -22.39
CA PHE N 486 49.91 -48.34 -22.52
C PHE N 486 50.10 -49.19 -21.29
N LEU N 487 49.96 -48.62 -20.09
CA LEU N 487 50.19 -49.38 -18.86
C LEU N 487 49.08 -50.37 -18.56
N GLY N 488 47.92 -50.24 -19.19
CA GLY N 488 46.82 -51.14 -18.95
C GLY N 488 46.90 -52.49 -19.63
N LYS N 489 47.95 -52.73 -20.42
CA LYS N 489 48.13 -53.99 -21.12
C LYS N 489 49.33 -54.78 -20.62
N LEU N 490 49.90 -54.39 -19.49
CA LEU N 490 50.99 -55.15 -18.90
C LEU N 490 50.46 -56.46 -18.33
N PRO N 491 51.30 -57.54 -18.33
CA PRO N 491 50.80 -58.87 -17.91
C PRO N 491 50.38 -58.97 -16.45
N LEU N 492 51.27 -58.62 -15.52
CA LEU N 492 50.98 -58.76 -14.09
C LEU N 492 50.91 -57.43 -13.36
N ILE N 493 51.35 -56.33 -13.98
CA ILE N 493 51.24 -55.02 -13.38
C ILE N 493 50.02 -54.25 -13.90
N GLY N 494 49.50 -54.59 -15.07
CA GLY N 494 48.44 -53.83 -15.72
C GLY N 494 47.08 -53.90 -15.06
N SER N 495 46.92 -54.71 -14.00
CA SER N 495 45.65 -54.74 -13.30
C SER N 495 45.45 -53.51 -12.41
N LEU N 496 46.52 -52.79 -12.09
CA LEU N 496 46.44 -51.61 -11.24
C LEU N 496 46.00 -50.37 -12.00
N PHE N 497 45.73 -50.46 -13.29
CA PHE N 497 45.38 -49.31 -14.09
C PHE N 497 44.04 -49.42 -14.81
N ARG N 498 43.50 -50.62 -14.97
CA ARG N 498 42.22 -50.78 -15.63
C ARG N 498 41.08 -50.50 -14.66
N TYR N 499 39.86 -50.48 -15.21
CA TYR N 499 38.65 -50.27 -14.44
C TYR N 499 37.49 -50.82 -15.25
N SER N 500 36.51 -51.40 -14.57
CA SER N 500 35.37 -52.01 -15.25
C SER N 500 34.19 -52.10 -14.30
N SER N 501 33.02 -51.71 -14.79
CA SER N 501 31.80 -51.75 -14.01
C SER N 501 30.72 -52.46 -14.79
N LYS N 502 29.67 -52.88 -14.08
CA LYS N 502 28.51 -53.51 -14.68
C LYS N 502 27.27 -53.09 -13.91
N ASN N 503 26.11 -53.37 -14.50
CA ASN N 503 24.82 -53.06 -13.87
C ASN N 503 23.75 -53.87 -14.59
N LYS N 504 22.67 -54.19 -13.87
CA LYS N 504 21.56 -54.95 -14.42
C LYS N 504 20.36 -54.79 -13.50
N SER N 505 19.17 -54.66 -14.08
CA SER N 505 17.96 -54.54 -13.28
C SER N 505 16.78 -55.10 -14.06
N ASN N 506 15.78 -55.59 -13.33
CA ASN N 506 14.56 -56.14 -13.92
C ASN N 506 13.39 -55.83 -13.00
N VAL N 507 12.51 -54.94 -13.43
CA VAL N 507 11.38 -54.47 -12.62
C VAL N 507 10.09 -54.93 -13.29
N VAL N 508 9.14 -55.40 -12.48
CA VAL N 508 7.82 -55.82 -12.97
C VAL N 508 6.76 -55.30 -12.00
N ARG N 509 5.80 -54.53 -12.50
CA ARG N 509 4.62 -54.13 -11.75
C ARG N 509 3.38 -54.49 -12.55
N VAL N 510 2.36 -55.04 -11.88
CA VAL N 510 1.09 -55.37 -12.52
C VAL N 510 -0.06 -54.99 -11.61
N PHE N 511 -1.23 -54.82 -12.21
CA PHE N 511 -2.47 -54.52 -11.51
C PHE N 511 -3.53 -55.49 -11.99
N MET N 512 -4.16 -56.21 -11.07
CA MET N 512 -5.15 -57.21 -11.43
C MET N 512 -6.43 -57.00 -10.64
N ILE N 513 -7.56 -57.36 -11.25
CA ILE N 513 -8.89 -57.12 -10.73
C ILE N 513 -9.62 -58.45 -10.64
N GLU N 514 -10.25 -58.73 -9.51
CA GLU N 514 -10.97 -59.98 -9.31
C GLU N 514 -12.25 -59.71 -8.52
N PRO N 515 -13.38 -59.49 -9.19
CA PRO N 515 -14.64 -59.24 -8.48
C PRO N 515 -15.43 -60.53 -8.27
N LYS N 516 -16.28 -60.48 -7.24
CA LYS N 516 -17.16 -61.60 -6.95
C LYS N 516 -18.40 -61.07 -6.23
N GLU N 517 -19.41 -61.92 -6.14
CA GLU N 517 -20.73 -61.54 -5.61
C GLU N 517 -20.92 -62.13 -4.23
N ILE N 518 -21.40 -61.31 -3.30
CA ILE N 518 -21.59 -61.70 -1.91
C ILE N 518 -23.07 -61.95 -1.67
N VAL N 519 -23.40 -63.15 -1.22
CA VAL N 519 -24.79 -63.49 -0.91
C VAL N 519 -24.99 -63.92 0.54
N ASP N 520 -23.94 -64.29 1.26
CA ASP N 520 -24.03 -64.80 2.61
C ASP N 520 -23.19 -63.97 3.57
N PRO N 521 -23.57 -63.86 4.84
CA PRO N 521 -22.75 -63.17 5.82
C PRO N 521 -21.54 -64.02 6.22
N LEU N 522 -20.75 -63.47 7.14
CA LEU N 522 -19.51 -64.12 7.55
C LEU N 522 -19.80 -65.34 8.41
N THR N 523 -19.00 -66.38 8.24
CA THR N 523 -19.07 -67.58 9.08
C THR N 523 -17.66 -68.04 9.43
N PRO N 524 -17.30 -68.12 10.72
CA PRO N 524 -18.03 -67.75 11.94
C PRO N 524 -18.15 -66.23 12.12
N ASP N 525 -18.85 -65.79 13.15
CA ASP N 525 -19.22 -64.40 13.29
C ASP N 525 -18.01 -63.51 13.56
N ALA N 526 -18.20 -62.21 13.37
CA ALA N 526 -17.11 -61.26 13.57
C ALA N 526 -16.73 -61.13 15.04
N SER N 527 -17.68 -61.35 15.95
CA SER N 527 -17.38 -61.31 17.36
C SER N 527 -16.83 -62.62 17.88
N GLU N 528 -16.82 -63.67 17.06
CA GLU N 528 -16.25 -64.95 17.46
C GLU N 528 -14.81 -65.12 16.99
N SER N 529 -14.45 -64.53 15.85
CA SER N 529 -13.07 -64.59 15.39
C SER N 529 -12.18 -63.61 16.13
N VAL N 530 -12.75 -62.58 16.74
CA VAL N 530 -11.95 -61.62 17.49
C VAL N 530 -11.61 -62.17 18.87
N ASN N 531 -12.54 -62.92 19.47
CA ASN N 531 -12.28 -63.53 20.78
C ASN N 531 -11.24 -64.64 20.72
N ASN N 532 -10.97 -65.18 19.54
CA ASN N 532 -9.86 -66.13 19.38
C ASN N 532 -8.53 -65.44 19.12
N ILE N 533 -8.57 -64.21 18.60
CA ILE N 533 -7.33 -63.45 18.41
C ILE N 533 -6.84 -62.92 19.75
N LEU N 534 -7.74 -62.41 20.57
CA LEU N 534 -7.35 -61.83 21.86
C LEU N 534 -6.88 -62.90 22.84
N LYS N 535 -7.42 -64.11 22.74
CA LYS N 535 -6.98 -65.17 23.64
C LYS N 535 -5.63 -65.75 23.22
N GLN N 536 -5.34 -65.76 21.92
CA GLN N 536 -4.07 -66.33 21.46
C GLN N 536 -2.92 -65.34 21.64
N SER N 537 -3.13 -64.07 21.32
CA SER N 537 -2.07 -63.08 21.45
C SER N 537 -1.87 -62.62 22.89
N GLY N 538 -2.80 -62.92 23.79
CA GLY N 538 -2.64 -62.57 25.18
C GLY N 538 -3.14 -61.20 25.56
N ALA N 539 -3.89 -60.52 24.69
CA ALA N 539 -4.44 -59.21 24.97
C ALA N 539 -5.85 -59.25 25.53
N TRP N 540 -6.35 -60.43 25.87
CA TRP N 540 -7.73 -60.59 26.30
C TRP N 540 -7.89 -60.16 27.75
N SER N 541 -8.93 -59.36 28.01
CA SER N 541 -9.23 -58.89 29.36
C SER N 541 -10.72 -58.97 29.64
N GLY N 542 -11.35 -60.07 29.24
CA GLY N 542 -12.74 -60.30 29.60
C GLY N 542 -12.93 -61.00 30.93
N ASP N 543 -11.84 -61.41 31.55
CA ASP N 543 -11.87 -62.06 32.86
C ASP N 543 -11.50 -61.12 34.00
N ASP N 544 -11.42 -59.82 33.73
CA ASP N 544 -11.02 -58.86 34.74
C ASP N 544 -12.14 -58.67 35.76
N LYS N 545 -11.74 -58.45 37.02
CA LYS N 545 -12.72 -58.29 38.08
C LYS N 545 -13.38 -56.92 38.04
N LEU N 546 -12.64 -55.91 37.59
CA LEU N 546 -13.12 -54.53 37.61
C LEU N 546 -13.79 -54.11 36.30
N GLN N 547 -13.31 -54.59 35.16
CA GLN N 547 -13.86 -54.18 33.88
C GLN N 547 -15.02 -55.02 33.40
N LYS N 548 -15.37 -56.09 34.10
CA LYS N 548 -16.49 -56.93 33.69
C LYS N 548 -17.84 -56.33 34.05
N TRP N 549 -17.88 -55.30 34.88
CA TRP N 549 -19.15 -54.66 35.22
C TRP N 549 -19.68 -53.80 34.10
N VAL N 550 -18.81 -53.34 33.20
CA VAL N 550 -19.22 -52.50 32.08
C VAL N 550 -19.11 -53.22 30.74
N ARG N 551 -18.10 -54.08 30.55
CA ARG N 551 -17.97 -54.89 29.34
C ARG N 551 -19.06 -55.96 29.20
N VAL N 552 -19.91 -56.15 30.20
CA VAL N 552 -21.02 -57.10 30.07
C VAL N 552 -22.16 -56.50 29.26
N TYR N 553 -22.17 -55.18 29.06
CA TYR N 553 -23.17 -54.57 28.20
C TYR N 553 -22.79 -54.70 26.73
N LEU N 554 -21.50 -54.55 26.42
CA LEU N 554 -21.05 -54.54 25.03
C LEU N 554 -20.95 -55.94 24.46
N ASP N 555 -20.59 -56.92 25.28
CA ASP N 555 -20.41 -58.31 24.87
C ASP N 555 -21.64 -59.14 25.19
N ARG N 556 -22.83 -58.54 25.01
CA ARG N 556 -24.09 -59.19 25.35
C ARG N 556 -24.37 -60.39 24.44
N GLY N 557 -23.96 -60.32 23.18
CA GLY N 557 -24.16 -61.43 22.25
C GLY N 557 -22.97 -62.37 22.22
N LEU O 175 -70.58 -20.68 1.72
CA LEU O 175 -69.21 -20.36 2.13
C LEU O 175 -68.77 -21.23 3.31
N GLY O 176 -67.47 -21.27 3.56
CA GLY O 176 -66.93 -22.05 4.66
C GLY O 176 -66.22 -21.21 5.69
N ARG O 177 -66.57 -21.40 6.96
CA ARG O 177 -65.91 -20.67 8.03
C ARG O 177 -64.52 -21.23 8.28
N GLN O 178 -63.60 -20.33 8.65
CA GLN O 178 -62.25 -20.76 9.00
C GLN O 178 -62.26 -21.44 10.37
N LYS O 179 -61.23 -22.25 10.61
CA LYS O 179 -61.13 -23.03 11.82
C LYS O 179 -59.67 -23.34 12.09
N ILE O 180 -59.26 -23.23 13.35
CA ILE O 180 -57.88 -23.49 13.75
C ILE O 180 -57.85 -24.80 14.53
N GLY O 181 -57.02 -25.74 14.09
CA GLY O 181 -56.87 -27.02 14.75
C GLY O 181 -55.47 -27.17 15.31
N VAL O 182 -55.38 -27.82 16.47
CA VAL O 182 -54.12 -28.07 17.16
C VAL O 182 -53.92 -29.58 17.21
N MET O 183 -52.81 -30.04 16.64
CA MET O 183 -52.54 -31.48 16.51
C MET O 183 -51.22 -31.79 17.23
N ARG O 184 -51.31 -32.44 18.38
CA ARG O 184 -50.12 -32.80 19.14
C ARG O 184 -49.49 -34.06 18.56
N LEU O 185 -48.17 -34.04 18.44
CA LEU O 185 -47.41 -35.16 17.92
C LEU O 185 -46.80 -35.94 19.07
N ASN O 186 -47.02 -37.25 19.08
CA ASN O 186 -46.58 -38.09 20.20
C ASN O 186 -45.30 -38.85 19.92
N ASN O 187 -44.93 -39.07 18.67
CA ASN O 187 -43.81 -39.94 18.34
C ASN O 187 -42.77 -39.29 17.45
N THR O 188 -42.76 -37.96 17.34
CA THR O 188 -41.77 -37.28 16.52
C THR O 188 -41.59 -35.86 17.03
N PHE O 189 -40.65 -35.15 16.39
CA PHE O 189 -40.31 -33.78 16.75
C PHE O 189 -40.70 -32.83 15.63
N VAL O 190 -41.30 -31.69 16.00
CA VAL O 190 -41.42 -30.56 15.09
C VAL O 190 -40.09 -29.81 15.11
N GLY O 191 -39.74 -29.21 13.99
CA GLY O 191 -38.54 -28.41 13.91
C GLY O 191 -37.35 -29.23 13.45
N ASP O 192 -36.33 -28.50 13.00
CA ASP O 192 -35.17 -29.10 12.36
C ASP O 192 -34.15 -29.57 13.38
N ARG O 193 -33.36 -30.55 12.99
CA ARG O 193 -32.26 -31.07 13.80
C ARG O 193 -30.95 -30.71 13.13
N THR O 194 -29.95 -30.33 13.94
CA THR O 194 -28.67 -29.85 13.44
C THR O 194 -27.54 -30.60 14.10
N TYR O 195 -26.53 -30.98 13.31
CA TYR O 195 -25.31 -31.58 13.82
C TYR O 195 -24.14 -31.11 12.95
N ASN O 196 -22.92 -31.52 13.32
CA ASN O 196 -21.73 -31.05 12.64
C ASN O 196 -20.80 -32.21 12.30
N LEU O 197 -20.08 -32.08 11.18
CA LEU O 197 -18.95 -32.97 10.87
C LEU O 197 -17.71 -32.09 10.76
N ARG O 198 -17.19 -31.70 11.92
CA ARG O 198 -15.88 -31.09 12.19
C ARG O 198 -15.67 -29.69 11.62
N ASP O 199 -16.43 -29.29 10.59
CA ASP O 199 -16.43 -27.89 10.16
C ASP O 199 -17.78 -27.43 9.65
N GLN O 200 -18.60 -28.36 9.16
CA GLN O 200 -19.79 -28.04 8.39
C GLN O 200 -21.05 -28.46 9.11
N LYS O 201 -22.12 -27.70 8.90
CA LYS O 201 -23.39 -27.92 9.59
C LYS O 201 -24.36 -28.59 8.64
N MET O 202 -25.04 -29.62 9.12
CA MET O 202 -26.09 -30.31 8.38
C MET O 202 -27.42 -30.07 9.05
N VAL O 203 -28.44 -29.71 8.26
CA VAL O 203 -29.78 -29.42 8.76
C VAL O 203 -30.76 -30.36 8.10
N ILE O 204 -31.54 -31.06 8.91
CA ILE O 204 -32.54 -32.01 8.44
C ILE O 204 -33.92 -31.39 8.63
N PRO O 205 -34.73 -31.31 7.58
CA PRO O 205 -36.06 -30.69 7.72
C PRO O 205 -37.02 -31.59 8.49
N GLY O 206 -37.79 -30.96 9.37
CA GLY O 206 -38.73 -31.67 10.21
C GLY O 206 -40.06 -31.90 9.53
N ILE O 207 -41.09 -32.15 10.35
CA ILE O 207 -42.42 -32.39 9.81
C ILE O 207 -43.12 -31.08 9.44
N ALA O 208 -42.70 -29.96 10.01
CA ALA O 208 -43.39 -28.71 9.74
C ALA O 208 -42.85 -27.99 8.52
N THR O 209 -41.70 -28.43 8.01
CA THR O 209 -41.15 -27.90 6.78
C THR O 209 -41.54 -28.75 5.58
N ALA O 210 -41.82 -30.03 5.80
CA ALA O 210 -42.20 -30.91 4.71
C ALA O 210 -43.63 -30.67 4.25
N ILE O 211 -44.55 -30.46 5.18
CA ILE O 211 -45.94 -30.20 4.79
C ILE O 211 -46.11 -28.74 4.33
N GLU O 212 -45.24 -27.84 4.79
CA GLU O 212 -45.33 -26.45 4.34
C GLU O 212 -44.90 -26.30 2.90
N ARG O 213 -43.91 -27.09 2.46
CA ARG O 213 -43.50 -27.07 1.07
C ARG O 213 -44.45 -27.87 0.18
N LEU O 214 -45.26 -28.75 0.76
CA LEU O 214 -46.21 -29.52 -0.03
C LEU O 214 -47.40 -28.65 -0.43
N LEU O 215 -47.78 -27.71 0.43
CA LEU O 215 -48.93 -26.84 0.21
C LEU O 215 -48.52 -25.46 -0.27
N GLN O 216 -47.33 -25.35 -0.87
CA GLN O 216 -46.81 -24.07 -1.32
C GLN O 216 -47.31 -23.79 -2.73
N GLY O 217 -47.69 -22.53 -2.99
CA GLY O 217 -48.34 -22.19 -4.24
C GLY O 217 -49.71 -22.82 -4.28
N GLU O 218 -49.89 -23.84 -5.13
CA GLU O 218 -50.96 -24.83 -5.05
C GLU O 218 -52.35 -24.21 -5.17
N GLU O 219 -52.63 -23.65 -6.35
CA GLU O 219 -53.99 -23.20 -6.64
C GLU O 219 -54.86 -24.38 -7.03
N GLN O 220 -55.23 -25.21 -6.05
CA GLN O 220 -55.89 -26.47 -6.31
C GLN O 220 -57.12 -26.64 -5.42
N PRO O 221 -58.23 -27.16 -5.95
CA PRO O 221 -59.46 -27.26 -5.15
C PRO O 221 -59.44 -28.37 -4.12
N LEU O 222 -58.77 -28.14 -3.00
CA LEU O 222 -58.72 -29.14 -1.95
C LEU O 222 -59.96 -29.08 -1.06
N GLY O 223 -60.55 -30.25 -0.82
CA GLY O 223 -61.71 -30.36 0.04
C GLY O 223 -61.62 -31.57 0.96
N ALA O 262 -62.32 -24.16 -0.18
CA ALA O 262 -61.60 -23.16 -0.96
C ALA O 262 -60.48 -23.80 -1.77
N ALA O 263 -59.28 -23.21 -1.72
CA ALA O 263 -58.14 -23.70 -2.48
C ALA O 263 -57.17 -24.41 -1.55
N ALA O 264 -56.14 -25.01 -2.14
CA ALA O 264 -55.11 -25.66 -1.34
C ALA O 264 -54.00 -24.68 -0.97
N GLY O 265 -54.03 -23.49 -1.55
CA GLY O 265 -53.00 -22.50 -1.34
C GLY O 265 -53.21 -21.53 -0.21
N ASN O 266 -54.36 -21.56 0.44
CA ASN O 266 -54.63 -20.68 1.57
C ASN O 266 -54.58 -21.40 2.92
N ILE O 267 -54.01 -22.60 2.97
CA ILE O 267 -53.82 -23.27 4.24
C ILE O 267 -52.49 -22.83 4.84
N LYS O 268 -52.53 -22.42 6.11
CA LYS O 268 -51.35 -21.98 6.83
C LYS O 268 -50.99 -23.02 7.87
N ILE O 269 -49.72 -23.42 7.89
CA ILE O 269 -49.21 -24.40 8.84
C ILE O 269 -48.01 -23.79 9.55
N VAL O 270 -48.10 -23.68 10.87
CA VAL O 270 -47.08 -23.04 11.70
C VAL O 270 -46.73 -23.97 12.84
N ALA O 271 -45.42 -24.22 13.00
CA ALA O 271 -44.92 -25.07 14.08
C ALA O 271 -44.97 -24.33 15.40
N TYR O 272 -45.48 -24.99 16.42
CA TYR O 272 -45.46 -24.44 17.77
C TYR O 272 -44.65 -25.39 18.66
N PRO O 273 -43.35 -25.14 18.86
CA PRO O 273 -42.51 -26.12 19.55
C PRO O 273 -42.70 -26.16 21.06
N ASP O 274 -43.44 -25.21 21.63
CA ASP O 274 -43.51 -25.12 23.09
C ASP O 274 -44.39 -26.21 23.66
N THR O 275 -45.30 -26.77 22.87
CA THR O 275 -46.07 -27.95 23.28
C THR O 275 -45.97 -29.07 22.25
N ASN O 276 -45.07 -28.96 21.27
CA ASN O 276 -44.78 -29.97 20.26
C ASN O 276 -46.04 -30.32 19.45
N SER O 277 -46.55 -29.32 18.74
CA SER O 277 -47.81 -29.48 18.03
C SER O 277 -47.85 -28.53 16.84
N LEU O 278 -48.65 -28.91 15.85
CA LEU O 278 -48.85 -28.12 14.64
C LEU O 278 -50.09 -27.25 14.78
N LEU O 279 -50.08 -26.12 14.09
CA LEU O 279 -51.21 -25.20 14.05
C LEU O 279 -51.65 -25.07 12.60
N VAL O 280 -52.83 -25.58 12.28
CA VAL O 280 -53.37 -25.56 10.92
C VAL O 280 -54.59 -24.64 10.90
N LYS O 281 -54.61 -23.71 9.94
CA LYS O 281 -55.73 -22.80 9.77
C LYS O 281 -56.33 -22.98 8.38
N GLY O 282 -57.59 -23.36 8.34
CA GLY O 282 -58.28 -23.54 7.09
C GLY O 282 -59.75 -23.74 7.32
N THR O 283 -60.44 -24.28 6.33
CA THR O 283 -61.85 -24.60 6.47
C THR O 283 -62.02 -25.86 7.32
N ALA O 284 -63.27 -26.23 7.57
CA ALA O 284 -63.53 -27.41 8.38
C ALA O 284 -63.25 -28.71 7.66
N GLU O 285 -63.08 -28.67 6.34
CA GLU O 285 -62.75 -29.86 5.57
C GLU O 285 -61.26 -29.98 5.30
N GLN O 286 -60.53 -28.86 5.26
CA GLN O 286 -59.09 -28.93 5.08
C GLN O 286 -58.36 -29.24 6.37
N VAL O 287 -58.93 -28.88 7.52
CA VAL O 287 -58.32 -29.19 8.80
C VAL O 287 -58.40 -30.69 9.07
N HIS O 288 -59.54 -31.30 8.75
CA HIS O 288 -59.68 -32.76 8.83
C HIS O 288 -58.82 -33.48 7.80
N PHE O 289 -58.45 -32.80 6.71
CA PHE O 289 -57.64 -33.42 5.68
C PHE O 289 -56.18 -33.54 6.09
N ILE O 290 -55.68 -32.56 6.85
CA ILE O 290 -54.30 -32.61 7.32
C ILE O 290 -54.20 -33.49 8.58
N GLU O 291 -55.28 -33.58 9.35
CA GLU O 291 -55.26 -34.41 10.55
C GLU O 291 -55.17 -35.89 10.23
N MET O 292 -55.68 -36.31 9.08
CA MET O 292 -55.54 -37.70 8.67
C MET O 292 -54.18 -38.00 8.05
N LEU O 293 -53.48 -36.98 7.55
CA LEU O 293 -52.13 -37.18 7.04
C LEU O 293 -51.12 -37.27 8.18
N VAL O 294 -51.33 -36.49 9.24
CA VAL O 294 -50.40 -36.43 10.36
C VAL O 294 -50.39 -37.75 11.12
N LYS O 295 -51.56 -38.38 11.28
CA LYS O 295 -51.62 -39.66 11.98
C LYS O 295 -51.05 -40.82 11.19
N ALA O 296 -50.69 -40.62 9.92
CA ALA O 296 -50.00 -41.64 9.15
C ALA O 296 -48.48 -41.44 9.15
N LEU O 297 -48.02 -40.22 9.42
CA LEU O 297 -46.60 -39.93 9.54
C LEU O 297 -46.09 -40.00 10.97
N ASP O 298 -46.94 -40.36 11.92
CA ASP O 298 -46.59 -40.32 13.34
C ASP O 298 -46.58 -41.75 13.88
N VAL O 299 -45.44 -42.41 13.75
CA VAL O 299 -45.26 -43.78 14.20
C VAL O 299 -44.04 -43.86 15.11
N ALA O 300 -44.03 -44.87 15.97
CA ALA O 300 -42.93 -45.09 16.88
C ALA O 300 -41.78 -45.80 16.18
N LYS O 301 -40.56 -45.43 16.56
CA LYS O 301 -39.36 -45.91 15.90
C LYS O 301 -38.69 -47.02 16.71
N ARG O 302 -37.76 -47.72 16.06
CA ARG O 302 -37.00 -48.79 16.68
C ARG O 302 -35.54 -48.39 16.79
N HIS O 303 -34.84 -49.04 17.71
CA HIS O 303 -33.46 -48.69 18.02
C HIS O 303 -32.49 -49.65 17.34
N VAL O 304 -31.41 -49.09 16.80
CA VAL O 304 -30.34 -49.85 16.18
C VAL O 304 -29.05 -49.52 16.91
N GLU O 305 -28.30 -50.54 17.30
CA GLU O 305 -26.98 -50.37 17.90
C GLU O 305 -25.94 -50.91 16.93
N LEU O 306 -25.02 -50.05 16.50
CA LEU O 306 -24.03 -50.38 15.50
C LEU O 306 -22.68 -50.58 16.16
N SER O 307 -22.06 -51.73 15.91
CA SER O 307 -20.75 -52.07 16.45
C SER O 307 -19.80 -52.32 15.30
N LEU O 308 -18.66 -51.63 15.32
CA LEU O 308 -17.67 -51.70 14.25
C LEU O 308 -16.36 -52.22 14.82
N TRP O 309 -15.80 -53.24 14.19
CA TRP O 309 -14.54 -53.83 14.62
C TRP O 309 -13.42 -53.39 13.69
N ILE O 310 -12.29 -52.99 14.27
CA ILE O 310 -11.09 -52.62 13.53
C ILE O 310 -9.95 -53.48 14.06
N VAL O 311 -9.57 -54.51 13.32
CA VAL O 311 -8.53 -55.45 13.72
C VAL O 311 -7.26 -55.11 12.94
N ASP O 312 -6.13 -55.07 13.64
CA ASP O 312 -4.87 -54.67 13.05
C ASP O 312 -3.77 -55.57 13.60
N LEU O 313 -3.12 -56.31 12.71
CA LEU O 313 -2.05 -57.21 13.10
C LEU O 313 -0.77 -56.87 12.35
N ASN O 314 0.36 -57.20 12.96
CA ASN O 314 1.67 -57.00 12.37
C ASN O 314 2.57 -58.17 12.69
N LYS O 315 3.70 -58.22 11.98
CA LYS O 315 4.73 -59.23 12.15
C LYS O 315 5.95 -58.75 11.40
N SER O 316 7.13 -59.13 11.87
CA SER O 316 8.35 -58.65 11.25
C SER O 316 9.49 -59.62 11.51
N ASP O 317 10.60 -59.37 10.82
CA ASP O 317 11.82 -60.19 10.92
C ASP O 317 12.94 -59.37 10.30
N LEU O 318 14.15 -59.53 10.82
CA LEU O 318 15.29 -58.73 10.37
C LEU O 318 16.58 -59.40 10.83
N GLU O 319 17.60 -59.38 9.98
CA GLU O 319 18.91 -59.95 10.34
C GLU O 319 19.98 -59.30 9.46
N ARG O 320 20.95 -58.65 10.09
CA ARG O 320 22.13 -58.14 9.40
C ARG O 320 23.38 -58.76 10.00
N LEU O 321 24.34 -59.12 9.15
CA LEU O 321 25.58 -59.71 9.62
C LEU O 321 26.66 -59.52 8.57
N GLY O 322 27.66 -58.71 8.87
CA GLY O 322 28.77 -58.52 7.95
C GLY O 322 29.42 -57.17 8.16
N THR O 323 30.50 -56.96 7.41
CA THR O 323 31.29 -55.74 7.48
C THR O 323 31.24 -55.00 6.15
N SER O 324 31.78 -53.79 6.15
CA SER O 324 31.80 -52.94 4.96
C SER O 324 32.94 -51.93 5.09
N TRP O 325 33.94 -52.03 4.22
CA TRP O 325 35.15 -51.24 4.31
C TRP O 325 35.03 -49.98 3.45
N SER O 326 35.36 -48.83 4.05
CA SER O 326 35.31 -47.55 3.33
C SER O 326 36.19 -46.56 4.08
N GLY O 327 37.30 -46.17 3.47
CA GLY O 327 38.21 -45.23 4.12
C GLY O 327 39.27 -44.71 3.18
N SER O 328 40.07 -43.80 3.72
CA SER O 328 41.19 -43.19 3.00
C SER O 328 42.49 -43.38 3.78
N ILE O 329 43.61 -43.09 3.11
CA ILE O 329 44.93 -43.27 3.69
C ILE O 329 45.86 -42.26 3.03
N THR O 330 47.03 -42.04 3.64
CA THR O 330 48.06 -41.18 3.07
C THR O 330 49.41 -41.88 3.21
N ILE O 331 50.09 -42.10 2.09
CA ILE O 331 51.31 -42.89 2.05
C ILE O 331 52.46 -41.97 1.65
N GLY O 332 53.20 -41.48 2.65
CA GLY O 332 54.44 -40.77 2.43
C GLY O 332 54.35 -39.46 1.69
N ASP O 333 53.25 -38.71 1.90
CA ASP O 333 52.96 -37.35 1.40
C ASP O 333 53.25 -37.14 -0.09
N LYS O 334 53.19 -38.20 -0.87
CA LYS O 334 53.33 -38.14 -2.32
C LYS O 334 52.28 -38.93 -3.08
N LEU O 335 51.65 -39.92 -2.46
CA LEU O 335 50.56 -40.65 -3.10
C LEU O 335 49.61 -41.14 -2.02
N GLY O 336 48.32 -41.12 -2.34
CA GLY O 336 47.30 -41.54 -1.41
C GLY O 336 46.35 -42.50 -2.07
N VAL O 337 45.79 -43.40 -1.26
CA VAL O 337 44.89 -44.45 -1.74
C VAL O 337 43.54 -44.28 -1.06
N SER O 338 42.49 -44.22 -1.86
CA SER O 338 41.12 -44.22 -1.34
C SER O 338 40.53 -45.61 -1.55
N LEU O 339 39.34 -45.82 -0.97
CA LEU O 339 38.63 -47.09 -1.09
C LEU O 339 37.14 -46.85 -0.91
N ASN O 340 36.38 -47.07 -1.99
CA ASN O 340 34.91 -47.03 -2.00
C ASN O 340 34.36 -45.69 -1.53
N GLN O 341 34.96 -44.60 -2.02
CA GLN O 341 34.55 -43.26 -1.64
C GLN O 341 34.40 -42.37 -2.86
N SER O 342 33.87 -41.17 -2.64
CA SER O 342 33.76 -40.15 -3.67
C SER O 342 34.59 -38.92 -3.35
N SER O 343 34.52 -38.45 -2.11
CA SER O 343 35.32 -37.32 -1.64
C SER O 343 36.48 -37.84 -0.80
N ILE O 344 37.68 -37.36 -1.10
CA ILE O 344 38.90 -37.88 -0.49
C ILE O 344 39.58 -36.74 0.26
N SER O 345 39.38 -35.51 -0.22
CA SER O 345 40.12 -34.36 0.30
C SER O 345 39.68 -33.99 1.72
N THR O 346 38.38 -33.96 1.96
CA THR O 346 37.88 -33.63 3.30
C THR O 346 38.00 -34.81 4.26
N LEU O 347 38.27 -36.02 3.76
CA LEU O 347 38.59 -37.17 4.60
C LEU O 347 40.05 -37.60 4.43
N ASP O 348 40.95 -36.64 4.19
CA ASP O 348 42.35 -36.99 3.95
C ASP O 348 43.09 -37.32 5.24
N GLY O 349 42.75 -36.64 6.34
CA GLY O 349 43.37 -36.92 7.62
C GLY O 349 42.78 -38.07 8.40
N SER O 350 41.79 -38.75 7.84
CA SER O 350 41.13 -39.86 8.52
C SER O 350 41.80 -41.17 8.15
N ARG O 351 41.15 -42.29 8.47
CA ARG O 351 41.72 -43.62 8.29
C ARG O 351 40.70 -44.56 7.66
N PHE O 352 41.02 -45.85 7.61
CA PHE O 352 40.07 -46.84 7.13
C PHE O 352 39.01 -47.11 8.18
N ILE O 353 37.78 -47.33 7.72
CA ILE O 353 36.65 -47.62 8.60
C ILE O 353 36.07 -48.97 8.20
N ALA O 354 35.93 -49.86 9.18
CA ALA O 354 35.34 -51.18 8.97
C ALA O 354 34.04 -51.23 9.77
N ALA O 355 32.95 -50.79 9.14
CA ALA O 355 31.66 -50.74 9.82
C ALA O 355 31.07 -52.15 9.91
N VAL O 356 30.93 -52.65 11.13
CA VAL O 356 30.41 -53.99 11.39
C VAL O 356 28.96 -53.86 11.84
N ASN O 357 28.11 -54.77 11.36
CA ASN O 357 26.72 -54.83 11.77
C ASN O 357 26.38 -56.24 12.24
N ALA O 358 25.65 -56.33 13.34
CA ALA O 358 25.18 -57.60 13.86
C ALA O 358 23.88 -57.36 14.60
N LEU O 359 22.80 -58.00 14.13
CA LEU O 359 21.48 -57.78 14.67
C LEU O 359 20.58 -58.93 14.23
N GLU O 360 19.57 -59.22 15.06
CA GLU O 360 18.59 -60.27 14.75
C GLU O 360 17.32 -59.93 15.52
N GLU O 361 16.29 -59.50 14.82
CA GLU O 361 15.13 -58.89 15.45
C GLU O 361 13.86 -59.62 15.06
N LYS O 362 12.97 -59.83 16.05
CA LYS O 362 11.62 -60.29 15.83
C LYS O 362 10.65 -59.26 16.37
N LYS O 363 9.39 -59.32 15.92
CA LYS O 363 8.41 -58.33 16.30
C LYS O 363 7.01 -58.89 16.07
N GLN O 364 6.05 -58.36 16.82
CA GLN O 364 4.64 -58.72 16.70
C GLN O 364 3.82 -57.66 17.41
N ALA O 365 2.66 -57.34 16.84
CA ALA O 365 1.80 -56.30 17.41
C ALA O 365 0.36 -56.53 16.96
N THR O 366 -0.56 -56.58 17.93
CA THR O 366 -1.98 -56.70 17.65
C THR O 366 -2.71 -55.53 18.28
N VAL O 367 -3.70 -54.99 17.58
CA VAL O 367 -4.54 -53.90 18.06
C VAL O 367 -5.97 -54.18 17.63
N VAL O 368 -6.90 -54.22 18.58
CA VAL O 368 -8.31 -54.42 18.30
C VAL O 368 -9.07 -53.27 18.93
N SER O 369 -9.66 -52.42 18.10
CA SER O 369 -10.44 -51.26 18.56
C SER O 369 -11.88 -51.42 18.12
N ARG O 370 -12.82 -50.84 18.87
CA ARG O 370 -14.25 -51.05 18.65
C ARG O 370 -15.06 -49.86 19.15
N PRO O 371 -15.62 -49.07 18.24
CA PRO O 371 -16.62 -48.07 18.66
C PRO O 371 -18.04 -48.58 18.57
N VAL O 372 -18.88 -48.16 19.52
CA VAL O 372 -20.27 -48.56 19.62
C VAL O 372 -21.13 -47.31 19.62
N LEU O 373 -22.24 -47.33 18.87
CA LEU O 373 -23.12 -46.19 18.74
C LEU O 373 -24.57 -46.66 18.66
N LEU O 374 -25.48 -45.91 19.27
CA LEU O 374 -26.90 -46.26 19.32
C LEU O 374 -27.74 -45.14 18.73
N THR O 375 -28.67 -45.49 17.85
CA THR O 375 -29.55 -44.52 17.21
C THR O 375 -30.87 -45.21 16.85
N GLN O 376 -31.73 -44.46 16.16
CA GLN O 376 -33.05 -44.93 15.76
C GLN O 376 -33.08 -45.14 14.25
N GLU O 377 -34.23 -45.57 13.75
CA GLU O 377 -34.43 -45.69 12.31
C GLU O 377 -34.42 -44.32 11.65
N ASN O 378 -33.78 -44.25 10.47
CA ASN O 378 -33.80 -43.09 9.57
C ASN O 378 -33.26 -41.82 10.23
N VAL O 379 -32.37 -41.96 11.21
CA VAL O 379 -31.82 -40.83 11.94
C VAL O 379 -30.30 -40.88 11.79
N PRO O 380 -29.66 -39.84 11.26
CA PRO O 380 -28.19 -39.85 11.15
C PRO O 380 -27.55 -39.62 12.51
N ALA O 381 -26.53 -40.42 12.81
CA ALA O 381 -25.82 -40.33 14.08
C ALA O 381 -24.33 -40.22 13.81
N ILE O 382 -23.60 -39.68 14.79
CA ILE O 382 -22.16 -39.46 14.67
C ILE O 382 -21.47 -39.89 15.96
N PHE O 383 -20.45 -40.73 15.82
CA PHE O 383 -19.46 -40.96 16.86
C PHE O 383 -18.15 -40.39 16.37
N ASP O 384 -17.43 -39.70 17.26
CA ASP O 384 -16.21 -39.01 16.87
C ASP O 384 -15.23 -39.05 18.04
N ASN O 385 -13.98 -39.41 17.76
CA ASN O 385 -12.93 -39.46 18.78
C ASN O 385 -11.67 -38.94 18.12
N ASN O 386 -11.44 -37.63 18.21
CA ASN O 386 -10.41 -36.98 17.41
C ASN O 386 -9.36 -36.33 18.31
N ARG O 387 -8.42 -35.63 17.64
CA ARG O 387 -7.32 -34.95 18.28
C ARG O 387 -6.96 -33.73 17.42
N THR O 388 -6.81 -32.58 18.06
CA THR O 388 -6.61 -31.32 17.34
C THR O 388 -5.20 -30.82 17.63
N PHE O 389 -4.55 -30.29 16.60
CA PHE O 389 -3.18 -29.79 16.68
C PHE O 389 -3.17 -28.35 16.24
N TYR O 390 -2.88 -27.44 17.16
CA TYR O 390 -2.93 -26.01 16.90
C TYR O 390 -1.55 -25.47 16.59
N THR O 391 -1.46 -24.60 15.58
CA THR O 391 -0.20 -24.02 15.16
C THR O 391 -0.33 -22.51 15.10
N LYS O 392 0.80 -21.83 15.18
CA LYS O 392 0.86 -20.37 15.26
C LYS O 392 1.46 -19.83 13.97
N LEU O 393 0.60 -19.46 13.03
CA LEU O 393 1.01 -18.83 11.78
C LEU O 393 1.17 -17.34 12.06
N ILE O 394 2.42 -16.90 12.22
CA ILE O 394 2.68 -15.53 12.64
C ILE O 394 2.65 -14.64 11.39
N GLY O 395 1.44 -14.21 11.04
CA GLY O 395 1.23 -13.24 10.00
C GLY O 395 1.01 -11.87 10.60
N GLU O 396 0.48 -10.96 9.78
CA GLU O 396 0.19 -9.62 10.26
C GLU O 396 -1.28 -9.23 10.13
N ARG O 397 -1.99 -9.72 9.11
CA ARG O 397 -3.34 -9.22 8.82
C ARG O 397 -4.41 -10.20 9.22
N ASN O 398 -4.40 -11.36 8.57
CA ASN O 398 -5.40 -12.39 8.77
C ASN O 398 -4.75 -13.44 9.64
N VAL O 399 -4.32 -13.02 10.83
CA VAL O 399 -3.70 -13.88 11.82
C VAL O 399 -4.75 -14.89 12.27
N ALA O 400 -4.37 -16.16 12.34
CA ALA O 400 -5.33 -17.21 12.59
C ALA O 400 -4.65 -18.36 13.30
N LEU O 401 -5.44 -19.09 14.06
CA LEU O 401 -5.03 -20.36 14.64
C LEU O 401 -5.50 -21.43 13.67
N GLU O 402 -4.58 -21.99 12.90
CA GLU O 402 -4.90 -23.05 11.98
C GLU O 402 -4.72 -24.39 12.69
N HIS O 403 -5.55 -25.37 12.33
CA HIS O 403 -5.57 -26.63 13.05
C HIS O 403 -5.82 -27.78 12.09
N VAL O 404 -5.29 -28.94 12.47
CA VAL O 404 -5.58 -30.20 11.78
C VAL O 404 -6.29 -31.11 12.78
N THR O 405 -6.96 -32.13 12.27
CA THR O 405 -7.79 -33.00 13.08
C THR O 405 -7.71 -34.41 12.52
N TYR O 406 -7.54 -35.40 13.41
CA TYR O 406 -7.47 -36.78 12.99
C TYR O 406 -7.99 -37.67 14.11
N GLY O 407 -8.69 -38.74 13.73
CA GLY O 407 -9.18 -39.68 14.71
C GLY O 407 -10.26 -40.55 14.13
N THR O 408 -10.83 -41.40 14.97
CA THR O 408 -11.87 -42.34 14.56
C THR O 408 -13.19 -41.60 14.44
N MET O 409 -13.98 -41.96 13.42
CA MET O 409 -15.21 -41.24 13.12
C MET O 409 -16.15 -42.14 12.33
N ILE O 410 -17.39 -42.29 12.79
CA ILE O 410 -18.42 -43.04 12.08
C ILE O 410 -19.61 -42.12 11.89
N ARG O 411 -20.22 -42.15 10.70
CA ARG O 411 -21.50 -41.51 10.45
C ARG O 411 -22.38 -42.51 9.72
N VAL O 412 -23.48 -42.91 10.35
CA VAL O 412 -24.30 -44.01 9.86
C VAL O 412 -25.74 -43.53 9.74
N LEU O 413 -26.51 -44.19 8.87
CA LEU O 413 -27.92 -43.87 8.66
C LEU O 413 -28.64 -45.20 8.50
N PRO O 414 -29.11 -45.80 9.59
CA PRO O 414 -29.70 -47.13 9.51
C PRO O 414 -31.14 -47.09 9.05
N ARG O 415 -31.60 -48.24 8.55
CA ARG O 415 -32.92 -48.35 7.96
C ARG O 415 -33.28 -49.83 7.86
N PHE O 416 -34.49 -50.18 8.31
CA PHE O 416 -34.95 -51.56 8.23
C PHE O 416 -35.58 -51.84 6.88
N SER O 417 -35.24 -53.00 6.30
CA SER O 417 -35.83 -53.42 5.04
C SER O 417 -37.14 -54.16 5.31
N ALA O 418 -37.71 -54.77 4.28
CA ALA O 418 -38.98 -55.46 4.42
C ALA O 418 -38.83 -56.83 5.04
N ASP O 419 -37.66 -57.44 4.95
CA ASP O 419 -37.41 -58.79 5.45
C ASP O 419 -36.90 -58.80 6.89
N GLY O 420 -36.51 -57.65 7.43
CA GLY O 420 -35.88 -57.59 8.72
C GLY O 420 -34.39 -57.36 8.70
N GLN O 421 -33.80 -57.09 7.55
CA GLN O 421 -32.39 -56.77 7.45
C GLN O 421 -32.18 -55.27 7.60
N ILE O 422 -30.96 -54.90 7.97
CA ILE O 422 -30.62 -53.52 8.30
C ILE O 422 -29.64 -53.01 7.25
N GLU O 423 -30.08 -52.04 6.45
CA GLU O 423 -29.21 -51.39 5.49
C GLU O 423 -28.64 -50.11 6.07
N MET O 424 -27.35 -49.87 5.81
CA MET O 424 -26.64 -48.77 6.41
C MET O 424 -25.88 -47.99 5.35
N SER O 425 -25.75 -46.68 5.56
CA SER O 425 -24.99 -45.81 4.68
C SER O 425 -23.80 -45.29 5.48
N LEU O 426 -22.62 -45.86 5.24
CA LEU O 426 -21.47 -45.71 6.12
C LEU O 426 -20.51 -44.64 5.62
N ASP O 427 -19.82 -44.02 6.57
CA ASP O 427 -18.73 -43.08 6.31
C ASP O 427 -17.71 -43.25 7.44
N ILE O 428 -16.70 -44.08 7.20
CA ILE O 428 -15.76 -44.50 8.24
C ILE O 428 -14.43 -43.81 8.00
N GLU O 429 -13.84 -43.27 9.06
CA GLU O 429 -12.49 -42.72 9.03
C GLU O 429 -11.74 -43.21 10.25
N ASP O 430 -10.52 -43.74 10.04
CA ASP O 430 -9.67 -44.18 11.13
C ASP O 430 -8.26 -43.67 10.86
N GLY O 431 -7.83 -42.66 11.60
CA GLY O 431 -6.53 -42.06 11.40
C GLY O 431 -5.71 -42.07 12.68
N ASN O 432 -4.41 -41.93 12.53
CA ASN O 432 -3.49 -41.81 13.65
C ASN O 432 -2.30 -40.97 13.21
N ASP O 433 -1.35 -40.79 14.11
CA ASP O 433 -0.22 -39.89 13.89
C ASP O 433 1.03 -40.71 13.63
N LYS O 434 1.57 -40.59 12.43
CA LYS O 434 2.84 -41.21 12.08
C LYS O 434 3.98 -40.31 12.52
N THR O 435 5.01 -40.92 13.10
CA THR O 435 6.10 -40.17 13.69
C THR O 435 7.37 -40.36 12.88
N PRO O 436 8.01 -39.28 12.42
CA PRO O 436 9.35 -39.40 11.84
C PRO O 436 10.43 -39.52 12.91
N GLN O 437 11.69 -39.45 12.49
CA GLN O 437 12.82 -39.60 13.41
C GLN O 437 12.86 -38.45 14.41
N SER O 438 13.00 -38.77 15.69
CA SER O 438 12.93 -37.77 16.75
C SER O 438 14.21 -36.96 16.88
N ASP O 439 15.34 -37.45 16.39
CA ASP O 439 16.62 -36.78 16.59
C ASP O 439 16.80 -35.54 15.71
N THR O 440 16.09 -35.46 14.58
CA THR O 440 16.22 -34.32 13.68
C THR O 440 15.27 -33.20 14.08
N THR O 441 15.56 -32.01 13.57
CA THR O 441 14.94 -30.75 13.98
C THR O 441 13.44 -30.69 13.65
N THR O 442 12.96 -31.44 12.66
CA THR O 442 11.57 -31.36 12.22
C THR O 442 10.57 -32.00 13.19
N SER O 443 11.01 -32.45 14.38
CA SER O 443 10.11 -32.93 15.41
C SER O 443 9.60 -31.83 16.34
N VAL O 444 10.14 -30.61 16.24
CA VAL O 444 9.70 -29.53 17.10
C VAL O 444 8.81 -28.51 16.39
N ASP O 445 8.73 -28.57 15.06
CA ASP O 445 7.83 -27.69 14.33
C ASP O 445 6.49 -28.38 14.07
N ALA O 446 5.63 -27.71 13.31
CA ALA O 446 4.27 -28.19 13.07
C ALA O 446 4.25 -29.18 11.90
N LEU O 447 4.86 -30.34 12.14
CA LEU O 447 4.83 -31.44 11.18
C LEU O 447 4.37 -32.72 11.90
N PRO O 448 3.07 -32.86 12.17
CA PRO O 448 2.52 -34.17 12.49
C PRO O 448 2.09 -34.91 11.23
N GLU O 449 2.95 -35.72 10.62
CA GLU O 449 2.55 -36.53 9.47
C GLU O 449 1.37 -37.43 9.82
N VAL O 450 0.20 -37.11 9.26
CA VAL O 450 -1.05 -37.82 9.56
C VAL O 450 -1.30 -38.86 8.48
N GLY O 451 -1.60 -40.08 8.88
CA GLY O 451 -2.06 -41.11 7.97
C GLY O 451 -3.48 -41.51 8.32
N ARG O 452 -4.35 -41.47 7.32
CA ARG O 452 -5.78 -41.75 7.50
C ARG O 452 -6.19 -42.96 6.70
N THR O 453 -7.45 -43.37 6.89
CA THR O 453 -8.04 -44.49 6.16
C THR O 453 -9.53 -44.24 6.02
N LEU O 454 -9.99 -44.01 4.80
CA LEU O 454 -11.35 -43.59 4.53
C LEU O 454 -12.09 -44.67 3.77
N ILE O 455 -13.34 -44.91 4.14
CA ILE O 455 -14.20 -45.91 3.50
C ILE O 455 -15.60 -45.33 3.42
N SER O 456 -16.20 -45.36 2.23
CA SER O 456 -17.55 -44.86 2.03
C SER O 456 -18.30 -45.83 1.12
N THR O 457 -19.33 -46.49 1.64
CA THR O 457 -20.02 -47.54 0.90
C THR O 457 -21.42 -47.69 1.48
N ILE O 458 -22.15 -48.70 1.00
CA ILE O 458 -23.48 -49.05 1.48
C ILE O 458 -23.56 -50.57 1.59
N ALA O 459 -23.94 -51.08 2.76
CA ALA O 459 -24.04 -52.51 2.98
C ALA O 459 -25.37 -52.85 3.65
N ARG O 460 -25.77 -54.11 3.57
CA ARG O 460 -27.03 -54.58 4.12
C ARG O 460 -26.83 -55.91 4.82
N VAL O 461 -26.96 -55.91 6.14
CA VAL O 461 -26.66 -57.06 6.99
C VAL O 461 -27.95 -57.54 7.62
N PRO O 462 -28.15 -58.86 7.82
CA PRO O 462 -29.26 -59.32 8.66
C PRO O 462 -29.04 -58.96 10.12
N HIS O 463 -30.07 -59.20 10.92
CA HIS O 463 -30.03 -58.84 12.33
C HIS O 463 -29.18 -59.85 13.10
N GLY O 464 -28.05 -59.38 13.62
CA GLY O 464 -27.16 -60.21 14.40
C GLY O 464 -25.99 -60.80 13.65
N LYS O 465 -26.00 -60.78 12.33
CA LYS O 465 -24.90 -61.29 11.53
C LYS O 465 -23.91 -60.16 11.26
N SER O 466 -22.92 -60.42 10.40
CA SER O 466 -21.85 -59.46 10.19
C SER O 466 -21.38 -59.50 8.74
N LEU O 467 -20.69 -58.44 8.34
CA LEU O 467 -20.15 -58.31 7.00
C LEU O 467 -18.78 -57.66 7.05
N LEU O 468 -17.93 -58.02 6.09
CA LEU O 468 -16.62 -57.41 5.94
C LEU O 468 -16.70 -56.27 4.94
N VAL O 469 -16.42 -55.05 5.40
CA VAL O 469 -16.59 -53.87 4.57
C VAL O 469 -15.30 -53.49 3.85
N GLY O 470 -14.20 -53.38 4.58
CA GLY O 470 -12.94 -53.01 3.98
C GLY O 470 -11.86 -54.04 4.21
N GLY O 471 -10.61 -53.70 3.97
CA GLY O 471 -9.54 -54.63 4.17
C GLY O 471 -8.27 -54.16 3.49
N TYR O 472 -7.15 -54.72 3.95
CA TYR O 472 -5.83 -54.41 3.41
C TYR O 472 -4.81 -55.44 3.89
N THR O 473 -4.05 -56.04 2.99
CA THR O 473 -2.94 -56.90 3.35
C THR O 473 -1.69 -56.44 2.62
N ARG O 474 -0.53 -56.81 3.14
CA ARG O 474 0.74 -56.48 2.51
C ARG O 474 1.81 -57.47 2.97
N ASP O 475 2.53 -58.04 2.02
CA ASP O 475 3.63 -58.96 2.29
C ASP O 475 4.89 -58.49 1.58
N ALA O 476 6.04 -58.70 2.20
CA ALA O 476 7.29 -58.23 1.63
C ALA O 476 8.43 -59.13 2.08
N ASN O 477 9.47 -59.20 1.24
CA ASN O 477 10.67 -59.98 1.55
C ASN O 477 11.82 -59.48 0.69
N THR O 478 12.80 -58.83 1.31
CA THR O 478 13.99 -58.37 0.61
C THR O 478 15.22 -59.03 1.20
N ASP O 479 16.28 -59.10 0.41
CA ASP O 479 17.58 -59.62 0.86
C ASP O 479 18.69 -59.16 -0.05
N THR O 480 19.76 -58.61 0.53
CA THR O 480 20.92 -58.14 -0.21
C THR O 480 22.14 -58.95 0.18
N VAL O 481 23.12 -59.03 -0.72
CA VAL O 481 24.39 -59.70 -0.46
C VAL O 481 25.49 -58.85 -1.08
N GLN O 482 26.43 -58.37 -0.27
CA GLN O 482 27.60 -57.66 -0.76
C GLN O 482 28.86 -58.42 -0.36
N SER O 483 29.94 -58.18 -1.11
CA SER O 483 31.22 -58.81 -0.82
C SER O 483 32.32 -58.04 -1.51
N ILE O 484 33.56 -58.38 -1.14
CA ILE O 484 34.77 -58.00 -1.86
C ILE O 484 34.95 -59.11 -2.90
N PRO O 485 35.36 -58.81 -4.15
CA PRO O 485 35.33 -59.84 -5.21
C PRO O 485 36.22 -61.05 -4.98
N PHE O 486 37.45 -60.88 -4.51
CA PHE O 486 38.33 -62.02 -4.30
C PHE O 486 38.48 -62.41 -2.84
N LEU O 487 38.53 -61.44 -1.93
CA LEU O 487 38.75 -61.74 -0.52
C LEU O 487 37.50 -62.32 0.14
N GLY O 488 36.34 -62.20 -0.48
CA GLY O 488 35.12 -62.72 0.10
C GLY O 488 34.90 -64.21 -0.06
N LYS O 489 35.81 -64.91 -0.72
CA LYS O 489 35.70 -66.35 -0.92
C LYS O 489 36.78 -67.13 -0.19
N LEU O 490 37.51 -66.49 0.71
CA LEU O 490 38.49 -67.20 1.52
C LEU O 490 37.79 -68.09 2.54
N PRO O 491 38.41 -69.24 2.90
CA PRO O 491 37.72 -70.21 3.79
C PRO O 491 37.42 -69.71 5.19
N LEU O 492 38.43 -69.23 5.92
CA LEU O 492 38.25 -68.81 7.30
C LEU O 492 38.48 -67.32 7.52
N ILE O 493 39.05 -66.63 6.53
CA ILE O 493 39.23 -65.18 6.62
C ILE O 493 38.13 -64.42 5.87
N GLY O 494 37.46 -65.04 4.92
CA GLY O 494 36.50 -64.37 4.06
C GLY O 494 35.21 -63.93 4.72
N SER O 495 35.00 -64.26 5.99
CA SER O 495 33.81 -63.79 6.68
C SER O 495 33.91 -62.32 7.07
N LEU O 496 35.11 -61.76 7.08
CA LEU O 496 35.32 -60.36 7.46
C LEU O 496 35.06 -59.40 6.31
N PHE O 497 34.66 -59.89 5.13
CA PHE O 497 34.45 -59.04 3.98
C PHE O 497 33.06 -59.14 3.37
N ARG O 498 32.30 -60.19 3.67
CA ARG O 498 30.96 -60.32 3.13
C ARG O 498 29.97 -59.48 3.94
N TYR O 499 28.73 -59.41 3.45
CA TYR O 499 27.65 -58.71 4.11
C TYR O 499 26.34 -59.27 3.57
N SER O 500 25.33 -59.37 4.44
CA SER O 500 24.06 -59.96 4.05
C SER O 500 22.96 -59.46 4.98
N SER O 501 21.85 -59.04 4.39
CA SER O 501 20.72 -58.56 5.17
C SER O 501 19.45 -59.28 4.70
N LYS O 502 18.41 -59.21 5.54
CA LYS O 502 17.11 -59.77 5.23
C LYS O 502 16.04 -58.86 5.80
N ASN O 503 14.80 -59.09 5.38
CA ASN O 503 13.65 -58.35 5.87
C ASN O 503 12.39 -59.12 5.51
N LYS O 504 11.34 -58.95 6.32
CA LYS O 504 10.06 -59.62 6.11
C LYS O 504 9.00 -58.91 6.92
N SER O 505 7.80 -58.76 6.35
CA SER O 505 6.70 -58.13 7.07
C SER O 505 5.38 -58.67 6.57
N ASN O 506 4.38 -58.67 7.44
CA ASN O 506 3.04 -59.14 7.11
C ASN O 506 2.03 -58.31 7.87
N VAL O 507 1.29 -57.46 7.17
CA VAL O 507 0.34 -56.54 7.76
C VAL O 507 -1.07 -56.93 7.34
N VAL O 508 -2.03 -56.88 8.26
CA VAL O 508 -3.43 -57.17 7.99
C VAL O 508 -4.28 -56.15 8.72
N ARG O 509 -5.14 -55.44 7.99
CA ARG O 509 -6.16 -54.58 8.56
C ARG O 509 -7.51 -54.94 7.97
N VAL O 510 -8.55 -55.02 8.80
CA VAL O 510 -9.91 -55.28 8.34
C VAL O 510 -10.89 -54.39 9.08
N PHE O 511 -12.06 -54.21 8.47
CA PHE O 511 -13.16 -53.44 9.04
C PHE O 511 -14.41 -54.29 8.96
N MET O 512 -15.08 -54.49 10.09
CA MET O 512 -16.25 -55.35 10.14
C MET O 512 -17.41 -54.63 10.81
N ILE O 513 -18.63 -54.95 10.38
CA ILE O 513 -19.85 -54.27 10.81
C ILE O 513 -20.79 -55.33 11.38
N GLU O 514 -21.36 -55.05 12.55
CA GLU O 514 -22.28 -55.99 13.20
C GLU O 514 -23.41 -55.20 13.86
N PRO O 515 -24.53 -55.02 13.17
CA PRO O 515 -25.66 -54.30 13.76
C PRO O 515 -26.66 -55.23 14.44
N LYS O 516 -27.39 -54.67 15.39
CA LYS O 516 -28.43 -55.41 16.09
C LYS O 516 -29.48 -54.43 16.58
N GLU O 517 -30.63 -54.97 16.99
CA GLU O 517 -31.79 -54.18 17.37
C GLU O 517 -31.98 -54.21 18.88
N ILE O 518 -32.21 -53.03 19.45
CA ILE O 518 -32.35 -52.85 20.89
C ILE O 518 -33.83 -52.70 21.23
N VAL O 519 -34.33 -53.58 22.09
CA VAL O 519 -35.72 -53.50 22.53
C VAL O 519 -35.86 -53.35 24.04
N ASP O 520 -34.83 -53.65 24.83
CA ASP O 520 -34.92 -53.61 26.27
C ASP O 520 -33.85 -52.69 26.85
N PRO O 521 -34.11 -52.07 28.00
CA PRO O 521 -33.08 -51.25 28.65
C PRO O 521 -32.02 -52.12 29.31
N LEU O 522 -31.06 -51.46 29.95
CA LEU O 522 -29.93 -52.17 30.54
C LEU O 522 -30.36 -52.91 31.80
N THR O 523 -29.77 -54.08 32.01
CA THR O 523 -29.99 -54.86 33.23
C THR O 523 -28.65 -55.43 33.69
N PRO O 524 -28.20 -55.14 34.93
CA PRO O 524 -28.75 -54.22 35.93
C PRO O 524 -28.58 -52.76 35.55
N ASP O 525 -29.11 -51.84 36.37
CA ASP O 525 -29.21 -50.44 35.99
C ASP O 525 -27.82 -49.79 35.90
N ALA O 526 -27.80 -48.62 35.27
CA ALA O 526 -26.54 -47.90 35.09
C ALA O 526 -26.02 -47.34 36.40
N SER O 527 -26.92 -47.03 37.34
CA SER O 527 -26.50 -46.55 38.65
C SER O 527 -26.14 -47.69 39.60
N GLU O 528 -26.39 -48.93 39.21
CA GLU O 528 -26.02 -50.07 40.04
C GLU O 528 -24.69 -50.68 39.63
N SER O 529 -24.32 -50.61 38.36
CA SER O 529 -23.03 -51.10 37.93
C SER O 529 -21.90 -50.12 38.26
N VAL O 530 -22.23 -48.85 38.45
CA VAL O 530 -21.22 -47.86 38.80
C VAL O 530 -20.87 -47.95 40.27
N ASN O 531 -21.85 -48.23 41.12
CA ASN O 531 -21.60 -48.39 42.56
C ASN O 531 -20.78 -49.63 42.88
N ASN O 532 -20.71 -50.61 41.97
CA ASN O 532 -19.82 -51.74 42.15
C ASN O 532 -18.41 -51.46 41.64
N ILE O 533 -18.27 -50.52 40.71
CA ILE O 533 -16.95 -50.13 40.24
C ILE O 533 -16.24 -49.27 41.28
N LEU O 534 -16.96 -48.33 41.89
CA LEU O 534 -16.38 -47.43 42.87
C LEU O 534 -16.02 -48.16 44.17
N LYS O 535 -16.77 -49.19 44.52
CA LYS O 535 -16.45 -49.94 45.73
C LYS O 535 -15.27 -50.88 45.53
N GLN O 536 -15.10 -51.41 44.32
CA GLN O 536 -13.99 -52.33 44.07
C GLN O 536 -12.67 -51.60 43.87
N SER O 537 -12.69 -50.51 43.11
CA SER O 537 -11.46 -49.77 42.86
C SER O 537 -11.05 -48.88 44.03
N GLY O 538 -11.93 -48.66 44.99
CA GLY O 538 -11.60 -47.86 46.16
C GLY O 538 -11.82 -46.39 46.02
N ALA O 539 -12.51 -45.93 44.97
CA ALA O 539 -12.78 -44.51 44.77
C ALA O 539 -14.12 -44.08 45.34
N TRP O 540 -14.79 -44.95 46.08
CA TRP O 540 -16.14 -44.67 46.57
C TRP O 540 -16.10 -43.72 47.76
N SER O 541 -16.94 -42.69 47.73
CA SER O 541 -17.04 -41.74 48.83
C SER O 541 -18.49 -41.42 49.14
N GLY O 542 -19.35 -42.43 49.18
CA GLY O 542 -20.71 -42.25 49.62
C GLY O 542 -20.91 -42.37 51.10
N ASP O 543 -19.86 -42.75 51.83
CA ASP O 543 -19.89 -42.89 53.28
C ASP O 543 -19.27 -41.69 54.00
N ASP O 544 -18.98 -40.62 53.27
CA ASP O 544 -18.33 -39.46 53.87
C ASP O 544 -19.30 -38.70 54.76
N LYS O 545 -18.76 -38.15 55.85
CA LYS O 545 -19.61 -37.43 56.79
C LYS O 545 -20.00 -36.06 56.27
N LEU O 546 -19.14 -35.44 55.47
CA LEU O 546 -19.36 -34.08 54.99
C LEU O 546 -20.05 -34.01 53.64
N GLN O 547 -19.77 -34.95 52.74
CA GLN O 547 -20.34 -34.91 51.40
C GLN O 547 -21.68 -35.63 51.29
N LYS O 548 -22.15 -36.29 52.34
CA LYS O 548 -23.43 -36.98 52.27
C LYS O 548 -24.62 -36.04 52.41
N TRP O 549 -24.40 -34.79 52.82
CA TRP O 549 -25.49 -33.83 52.92
C TRP O 549 -25.96 -33.34 51.57
N VAL O 550 -25.11 -33.42 50.54
CA VAL O 550 -25.45 -32.96 49.21
C VAL O 550 -25.59 -34.11 48.23
N ARG O 551 -24.78 -35.15 48.34
CA ARG O 551 -24.90 -36.35 47.51
C ARG O 551 -26.16 -37.17 47.77
N VAL O 552 -26.95 -36.82 48.79
CA VAL O 552 -28.21 -37.51 49.02
C VAL O 552 -29.30 -37.02 48.07
N TYR O 553 -29.09 -35.88 47.42
CA TYR O 553 -30.03 -35.43 46.40
C TYR O 553 -29.80 -36.13 45.08
N LEU O 554 -28.54 -36.37 44.71
CA LEU O 554 -28.22 -36.93 43.41
C LEU O 554 -28.43 -38.44 43.38
N ASP O 555 -28.17 -39.11 44.49
CA ASP O 555 -28.28 -40.56 44.61
C ASP O 555 -29.61 -40.98 45.23
N ARG O 556 -30.68 -40.26 44.87
CA ARG O 556 -32.00 -40.49 45.44
C ARG O 556 -32.58 -41.84 45.03
N GLY O 557 -32.27 -42.30 43.82
CA GLY O 557 -32.74 -43.60 43.36
C GLY O 557 -31.75 -44.71 43.64
#